data_4UBU
#
_entry.id   4UBU
#
_cell.length_a   127.610
_cell.length_b   105.160
_cell.length_c   147.660
_cell.angle_alpha   90.00
_cell.angle_beta   107.33
_cell.angle_gamma   90.00
#
_symmetry.space_group_name_H-M   'P 1 21 1'
#
loop_
_entity.id
_entity.type
_entity.pdbx_description
1 polymer 'Acetyl-CoA acetyltransferase FadA5'
2 non-polymer 'COENZYME A'
3 non-polymer GLYCEROL
4 water water
#
_entity_poly.entity_id   1
_entity_poly.type   'polypeptide(L)'
_entity_poly.pdbx_seq_one_letter_code
;HHHHHHGSMGYPVIVEATRSPIGKRNGWLSGLHATELLGAVQKAVVDKAGIQSGLHAGDVEQVIGGCVTQFGEQSNNISR
VAWLTAGLPEHVGATTVDCQ(OAS)GSGQQANHLIAGLIAAGAIDVGIACGIEAMSRVGLGANAGPDRSLIRAQSWDIDL
PNQFEAAERIAKRRGITREDVDVFGLESQRRAQRAWAEGRFDREISPIQAPVLDEQNQPTGERRLVFRDQGLRETTMAGL
GELKPVLEGGIHTAGTSSQISDGAAAVLWMDEAVARAHGLTPRARIVAQALVGAEPYYHLDGPVQSTAKVLEKAGMKIGD
IDIVEINEAFASVVLSWARVHEPDMDRVNVNGGAIALGHPVGCTGSRLITTALHELERTDQSLALITMCAGGALSTGTII
ERI
;
_entity_poly.pdbx_strand_id   A,B,C,D,E,F,G,H
#
loop_
_chem_comp.id
_chem_comp.type
_chem_comp.name
_chem_comp.formula
COA non-polymer 'COENZYME A' 'C21 H36 N7 O16 P3 S'
GOL non-polymer GLYCEROL 'C3 H8 O3'
#
# COMPACT_ATOMS: atom_id res chain seq x y z
N MET A 9 8.02 -42.11 8.52
CA MET A 9 8.23 -40.76 7.91
C MET A 9 8.52 -39.65 8.93
N GLY A 10 8.69 -38.42 8.43
CA GLY A 10 9.19 -37.34 9.28
C GLY A 10 8.61 -35.96 8.99
N TYR A 11 8.90 -35.02 9.88
CA TYR A 11 8.43 -33.65 9.74
C TYR A 11 9.65 -32.70 9.73
N PRO A 12 10.21 -32.41 8.54
CA PRO A 12 11.46 -31.66 8.42
C PRO A 12 11.36 -30.24 8.90
N VAL A 13 12.25 -29.82 9.78
CA VAL A 13 12.31 -28.43 10.19
C VAL A 13 13.75 -27.89 10.15
N ILE A 14 13.88 -26.59 9.89
CA ILE A 14 15.19 -25.94 9.94
C ILE A 14 15.53 -25.74 11.39
N VAL A 15 16.74 -26.13 11.76
CA VAL A 15 17.20 -26.06 13.14
C VAL A 15 18.35 -25.08 13.25
N GLU A 16 19.14 -24.96 12.17
CA GLU A 16 20.13 -23.90 12.05
C GLU A 16 20.45 -23.55 10.58
N ALA A 17 20.96 -22.35 10.39
CA ALA A 17 21.38 -21.91 9.07
C ALA A 17 22.51 -20.88 9.22
N THR A 18 23.49 -20.97 8.33
CA THR A 18 24.55 -19.98 8.37
C THR A 18 25.17 -19.78 6.99
N ARG A 19 25.96 -18.72 6.83
CA ARG A 19 26.62 -18.48 5.54
C ARG A 19 27.93 -17.82 5.80
N SER A 20 28.88 -17.98 4.87
CA SER A 20 30.13 -17.21 4.89
C SER A 20 29.81 -15.85 4.39
N PRO A 21 30.67 -14.86 4.65
CA PRO A 21 30.41 -13.62 3.94
C PRO A 21 30.61 -13.95 2.50
N ILE A 22 30.06 -13.12 1.61
CA ILE A 22 30.18 -13.34 0.17
C ILE A 22 31.31 -12.48 -0.34
N GLY A 23 32.29 -13.08 -0.98
CA GLY A 23 33.43 -12.30 -1.46
C GLY A 23 33.28 -11.90 -2.90
N LYS A 24 34.05 -10.90 -3.31
CA LYS A 24 34.07 -10.49 -4.71
C LYS A 24 35.01 -11.40 -5.48
N ARG A 25 34.93 -11.32 -6.79
CA ARG A 25 35.79 -12.10 -7.68
C ARG A 25 37.24 -11.67 -7.49
N ASN A 26 38.09 -12.64 -7.27
CA ASN A 26 39.44 -12.37 -6.79
C ASN A 26 39.47 -11.53 -5.53
N GLY A 27 38.43 -11.63 -4.72
CA GLY A 27 38.28 -10.78 -3.53
C GLY A 27 38.72 -11.54 -2.31
N TRP A 28 38.06 -11.25 -1.19
CA TRP A 28 38.49 -11.70 0.13
C TRP A 28 38.48 -13.23 0.37
N LEU A 29 37.71 -13.99 -0.41
CA LEU A 29 37.73 -15.44 -0.22
C LEU A 29 38.43 -16.20 -1.33
N SER A 30 38.97 -15.46 -2.30
CA SER A 30 39.51 -16.09 -3.52
C SER A 30 40.75 -16.90 -3.23
N GLY A 31 41.30 -16.70 -2.05
CA GLY A 31 42.40 -17.54 -1.57
C GLY A 31 42.04 -18.96 -1.19
N LEU A 32 40.78 -19.20 -0.80
CA LEU A 32 40.39 -20.55 -0.38
C LEU A 32 40.03 -21.49 -1.55
N HIS A 33 40.54 -22.71 -1.51
CA HIS A 33 40.11 -23.75 -2.40
C HIS A 33 38.61 -23.88 -2.20
N ALA A 34 37.85 -24.04 -3.29
CA ALA A 34 36.39 -24.13 -3.19
C ALA A 34 35.93 -25.17 -2.16
N THR A 35 36.64 -26.29 -2.08
CA THR A 35 36.33 -27.30 -1.09
C THR A 35 36.51 -26.85 0.36
N GLU A 36 37.47 -25.95 0.60
CA GLU A 36 37.69 -25.40 1.95
C GLU A 36 36.61 -24.43 2.40
N LEU A 37 36.09 -23.67 1.45
CA LEU A 37 35.07 -22.71 1.73
C LEU A 37 33.83 -23.47 2.11
N LEU A 38 33.49 -24.47 1.30
CA LEU A 38 32.27 -25.20 1.61
C LEU A 38 32.44 -25.97 2.90
N GLY A 39 33.59 -26.57 3.10
CA GLY A 39 33.85 -27.28 4.32
C GLY A 39 33.65 -26.42 5.56
N ALA A 40 34.17 -25.19 5.49
CA ALA A 40 34.16 -24.25 6.63
C ALA A 40 32.72 -23.98 7.08
N VAL A 41 31.84 -23.84 6.10
CA VAL A 41 30.47 -23.49 6.36
C VAL A 41 29.72 -24.69 6.82
N GLN A 42 30.04 -25.87 6.24
CA GLN A 42 29.49 -27.15 6.70
C GLN A 42 29.79 -27.42 8.18
N LYS A 43 31.01 -27.08 8.57
CA LYS A 43 31.39 -27.22 9.94
C LYS A 43 30.71 -26.14 10.75
N ALA A 44 30.59 -24.95 10.17
CA ALA A 44 29.93 -23.83 10.85
C ALA A 44 28.52 -24.17 11.34
N VAL A 45 27.62 -24.66 10.48
CA VAL A 45 26.28 -25.00 10.96
C VAL A 45 26.34 -26.00 12.07
N VAL A 46 27.06 -27.10 11.87
CA VAL A 46 27.06 -28.13 12.90
C VAL A 46 27.55 -27.54 14.21
N ASP A 47 28.66 -26.80 14.16
CA ASP A 47 29.20 -26.16 15.36
C ASP A 47 28.15 -25.26 15.99
N LYS A 48 27.53 -24.43 15.17
CA LYS A 48 26.47 -23.56 15.66
C LYS A 48 25.45 -24.37 16.46
N ALA A 49 25.03 -25.50 15.93
CA ALA A 49 24.01 -26.31 16.60
C ALA A 49 24.54 -26.98 17.84
N GLY A 50 25.85 -27.18 17.87
CA GLY A 50 26.51 -27.80 19.01
C GLY A 50 26.62 -26.95 20.25
N ILE A 51 26.52 -25.63 20.11
CA ILE A 51 26.56 -24.74 21.27
C ILE A 51 25.52 -25.14 22.31
N GLN A 52 24.30 -25.38 21.85
CA GLN A 52 23.16 -25.42 22.75
C GLN A 52 22.62 -26.83 22.96
N SER A 53 23.32 -27.82 22.40
CA SER A 53 22.78 -29.18 22.33
C SER A 53 23.90 -30.20 22.28
N GLY A 54 23.52 -31.47 22.21
CA GLY A 54 24.52 -32.54 22.09
C GLY A 54 25.04 -32.75 20.68
N LEU A 55 24.22 -32.32 19.70
CA LEU A 55 24.44 -32.60 18.29
C LEU A 55 25.89 -32.46 17.90
N HIS A 56 26.41 -33.48 17.20
CA HIS A 56 27.75 -33.37 16.63
C HIS A 56 27.77 -33.88 15.20
N ALA A 57 28.78 -33.47 14.44
CA ALA A 57 28.80 -33.69 13.00
C ALA A 57 28.41 -35.11 12.60
N GLY A 58 28.86 -36.08 13.38
CA GLY A 58 28.53 -37.48 13.13
C GLY A 58 27.02 -37.72 13.06
N ASP A 59 26.25 -36.89 13.75
CA ASP A 59 24.80 -37.04 13.77
C ASP A 59 24.12 -36.69 12.45
N VAL A 60 24.81 -35.91 11.59
CA VAL A 60 24.32 -35.65 10.24
C VAL A 60 24.35 -36.96 9.46
N GLU A 61 23.36 -37.23 8.64
CA GLU A 61 23.26 -38.49 7.89
C GLU A 61 23.54 -38.35 6.42
N GLN A 62 22.98 -37.29 5.83
CA GLN A 62 23.32 -36.92 4.46
C GLN A 62 23.55 -35.42 4.34
N VAL A 63 24.38 -35.05 3.38
CA VAL A 63 24.57 -33.66 2.97
C VAL A 63 24.25 -33.53 1.50
N ILE A 64 23.55 -32.48 1.11
CA ILE A 64 23.32 -32.23 -0.32
C ILE A 64 23.74 -30.80 -0.66
N GLY A 65 24.69 -30.64 -1.54
CA GLY A 65 25.21 -29.32 -1.87
C GLY A 65 24.86 -28.90 -3.29
N GLY A 66 24.42 -27.67 -3.46
CA GLY A 66 24.28 -27.11 -4.81
C GLY A 66 25.59 -26.51 -5.31
N CYS A 67 25.91 -26.77 -6.56
CA CYS A 67 27.09 -26.20 -7.21
C CYS A 67 26.90 -26.26 -8.71
N VAL A 68 27.13 -25.14 -9.38
CA VAL A 68 26.78 -25.03 -10.76
C VAL A 68 27.93 -25.43 -11.67
N THR A 69 29.10 -24.82 -11.56
CA THR A 69 30.14 -25.11 -12.53
C THR A 69 31.01 -26.18 -11.96
N GLN A 70 30.56 -27.41 -12.04
CA GLN A 70 31.14 -28.49 -11.24
C GLN A 70 32.39 -29.06 -11.86
N PHE A 71 33.41 -28.21 -11.95
CA PHE A 71 34.60 -28.54 -12.73
C PHE A 71 35.83 -28.28 -11.90
N GLY A 72 36.85 -29.10 -12.07
CA GLY A 72 38.07 -28.93 -11.30
C GLY A 72 37.90 -29.01 -9.79
N GLU A 73 38.19 -27.95 -9.08
CA GLU A 73 37.96 -27.94 -7.63
C GLU A 73 36.49 -28.23 -7.28
N GLN A 74 35.57 -27.98 -8.21
CA GLN A 74 34.19 -28.25 -7.97
C GLN A 74 33.65 -29.50 -8.69
N SER A 75 34.54 -30.24 -9.34
CA SER A 75 34.20 -31.58 -9.79
C SER A 75 34.22 -32.61 -8.65
N ASN A 76 33.90 -33.84 -9.00
CA ASN A 76 33.88 -34.91 -8.05
C ASN A 76 33.14 -34.63 -6.75
N ASN A 77 31.88 -34.28 -6.91
CA ASN A 77 30.95 -34.22 -5.82
C ASN A 77 31.54 -33.44 -4.67
N ILE A 78 31.58 -32.12 -4.83
CA ILE A 78 32.25 -31.19 -3.91
C ILE A 78 31.72 -31.28 -2.51
N SER A 79 30.45 -31.59 -2.37
CA SER A 79 29.86 -31.65 -1.05
C SER A 79 30.58 -32.72 -0.14
N ARG A 80 30.79 -33.89 -0.71
CA ARG A 80 31.55 -34.93 -0.07
C ARG A 80 32.95 -34.48 0.19
N VAL A 81 33.63 -33.98 -0.83
CA VAL A 81 35.03 -33.65 -0.62
C VAL A 81 35.14 -32.60 0.46
N ALA A 82 34.38 -31.54 0.31
CA ALA A 82 34.38 -30.46 1.29
C ALA A 82 34.27 -31.05 2.71
N TRP A 83 33.28 -31.93 2.90
CA TRP A 83 33.05 -32.48 4.20
C TRP A 83 34.30 -33.17 4.66
N LEU A 84 34.83 -34.13 3.89
CA LEU A 84 36.06 -34.86 4.30
C LEU A 84 37.18 -33.88 4.61
N THR A 85 37.35 -32.86 3.76
CA THR A 85 38.41 -31.87 3.90
C THR A 85 38.30 -31.09 5.19
N ALA A 86 37.09 -30.84 5.66
CA ALA A 86 36.93 -30.13 6.91
C ALA A 86 37.21 -31.05 8.07
N GLY A 87 37.57 -32.28 7.77
CA GLY A 87 37.80 -33.24 8.81
C GLY A 87 36.54 -33.73 9.51
N LEU A 88 35.41 -33.65 8.82
CA LEU A 88 34.18 -34.13 9.38
C LEU A 88 34.04 -35.63 9.08
N PRO A 89 33.18 -36.34 9.86
CA PRO A 89 33.08 -37.78 9.82
C PRO A 89 32.85 -38.36 8.44
N GLU A 90 33.59 -39.42 8.14
CA GLU A 90 33.53 -40.06 6.83
C GLU A 90 32.26 -40.89 6.60
N HIS A 91 31.53 -41.26 7.66
CA HIS A 91 30.29 -42.04 7.46
C HIS A 91 29.11 -41.24 6.97
N VAL A 92 29.21 -39.92 6.93
CA VAL A 92 28.10 -39.08 6.52
C VAL A 92 28.07 -39.02 4.99
N GLY A 93 26.98 -39.48 4.40
CA GLY A 93 26.83 -39.41 2.96
C GLY A 93 26.73 -37.97 2.46
N ALA A 94 26.91 -37.78 1.16
CA ALA A 94 26.73 -36.49 0.57
C ALA A 94 26.64 -36.53 -0.94
N THR A 95 25.78 -35.67 -1.49
CA THR A 95 25.48 -35.58 -2.92
C THR A 95 25.59 -34.10 -3.30
N THR A 96 25.84 -33.81 -4.58
CA THR A 96 25.94 -32.45 -5.04
C THR A 96 24.95 -32.33 -6.16
N VAL A 97 24.30 -31.16 -6.30
CA VAL A 97 23.23 -30.99 -7.31
C VAL A 97 23.36 -29.74 -8.19
N ASP A 98 22.74 -29.82 -9.35
CA ASP A 98 22.72 -28.76 -10.32
C ASP A 98 21.31 -28.64 -10.89
N CYS A 99 20.59 -27.60 -10.48
CA CYS A 99 19.59 -26.98 -11.34
C CYS A 99 19.96 -25.52 -11.42
N GLN A 100 21.14 -25.28 -12.01
CA GLN A 100 21.74 -23.95 -12.13
C GLN A 100 21.62 -23.06 -10.87
N OAS A 101 21.03 -21.88 -10.98
CA OAS A 101 21.09 -20.92 -9.90
CB OAS A 101 20.88 -19.53 -10.41
OG OAS A 101 21.73 -19.37 -11.58
C OAS A 101 20.08 -21.35 -8.92
O OAS A 101 20.04 -20.76 -7.84
C2A OAS A 101 20.52 -17.97 -13.40
C1A OAS A 101 21.31 -19.19 -13.01
OAC OAS A 101 21.63 -20.03 -13.86
N GLY A 102 19.30 -22.38 -9.24
CA GLY A 102 18.33 -22.93 -8.28
C GLY A 102 18.94 -23.96 -7.36
N SER A 103 20.18 -24.30 -7.61
CA SER A 103 20.73 -25.54 -7.03
C SER A 103 20.68 -25.61 -5.52
N GLY A 104 21.12 -24.53 -4.89
CA GLY A 104 21.24 -24.51 -3.44
C GLY A 104 19.93 -24.30 -2.74
N GLN A 105 18.91 -23.94 -3.50
CA GLN A 105 17.58 -23.86 -2.97
C GLN A 105 16.98 -25.24 -3.15
N GLN A 106 17.10 -25.74 -4.35
CA GLN A 106 16.64 -27.10 -4.65
C GLN A 106 17.24 -28.12 -3.67
N ALA A 107 18.40 -27.80 -3.11
CA ALA A 107 19.06 -28.64 -2.13
C ALA A 107 18.33 -28.70 -0.82
N ASN A 108 17.76 -27.58 -0.37
CA ASN A 108 16.93 -27.62 0.83
C ASN A 108 15.67 -28.41 0.58
N HIS A 109 15.10 -28.32 -0.62
CA HIS A 109 13.89 -29.12 -0.89
C HIS A 109 14.16 -30.64 -0.76
N LEU A 110 15.35 -31.06 -1.23
CA LEU A 110 15.70 -32.49 -1.29
C LEU A 110 16.00 -33.11 0.09
N ILE A 111 16.70 -32.38 0.93
CA ILE A 111 16.88 -32.80 2.30
C ILE A 111 15.54 -32.85 3.00
N ALA A 112 14.69 -31.85 2.76
CA ALA A 112 13.36 -31.84 3.37
C ALA A 112 12.61 -33.10 2.94
N GLY A 113 12.74 -33.47 1.68
CA GLY A 113 12.10 -34.67 1.20
C GLY A 113 12.59 -35.91 1.90
N LEU A 114 13.91 -36.11 1.95
CA LEU A 114 14.46 -37.34 2.52
C LEU A 114 14.02 -37.49 3.99
N ILE A 115 13.96 -36.36 4.72
CA ILE A 115 13.48 -36.37 6.11
C ILE A 115 12.03 -36.83 6.13
N ALA A 116 11.25 -36.21 5.24
CA ALA A 116 9.84 -36.49 5.08
C ALA A 116 9.59 -37.93 4.78
N ALA A 117 10.41 -38.52 3.92
CA ALA A 117 10.24 -39.90 3.53
C ALA A 117 10.74 -40.86 4.63
N GLY A 118 11.34 -40.32 5.68
CA GLY A 118 11.93 -41.13 6.71
C GLY A 118 13.26 -41.77 6.31
N ALA A 119 13.93 -41.21 5.30
CA ALA A 119 15.26 -41.71 4.92
C ALA A 119 16.31 -41.28 5.93
N ILE A 120 16.21 -40.06 6.43
CA ILE A 120 17.13 -39.59 7.43
C ILE A 120 16.44 -38.75 8.48
N ASP A 121 17.07 -38.56 9.64
CA ASP A 121 16.59 -37.66 10.67
C ASP A 121 17.38 -36.38 10.79
N VAL A 122 18.56 -36.31 10.20
CA VAL A 122 19.38 -35.11 10.31
C VAL A 122 20.08 -34.93 8.99
N GLY A 123 19.92 -33.76 8.39
CA GLY A 123 20.53 -33.52 7.10
C GLY A 123 21.06 -32.12 7.04
N ILE A 124 21.98 -31.88 6.11
CA ILE A 124 22.47 -30.55 5.83
C ILE A 124 22.25 -30.24 4.37
N ALA A 125 21.53 -29.16 4.09
CA ALA A 125 21.45 -28.63 2.73
C ALA A 125 22.47 -27.53 2.63
N CYS A 126 23.17 -27.42 1.53
CA CYS A 126 24.15 -26.34 1.39
C CYS A 126 24.41 -25.96 -0.05
N GLY A 127 25.29 -25.01 -0.24
CA GLY A 127 25.63 -24.60 -1.60
C GLY A 127 26.94 -23.88 -1.59
N ILE A 128 27.70 -24.09 -2.63
CA ILE A 128 29.02 -23.54 -2.75
C ILE A 128 29.17 -22.95 -4.14
N GLU A 129 29.81 -21.79 -4.25
CA GLU A 129 30.39 -21.42 -5.54
C GLU A 129 31.60 -20.54 -5.35
N ALA A 130 32.67 -20.86 -6.03
CA ALA A 130 33.93 -20.19 -5.88
C ALA A 130 34.30 -19.68 -7.26
N MET A 131 33.60 -18.63 -7.68
CA MET A 131 33.64 -18.14 -9.04
C MET A 131 35.00 -17.54 -9.34
N SER A 132 35.65 -16.97 -8.32
CA SER A 132 37.04 -16.59 -8.46
C SER A 132 37.89 -17.73 -9.03
N ARG A 133 37.58 -18.96 -8.68
CA ARG A 133 38.44 -20.09 -8.97
C ARG A 133 37.89 -21.04 -10.00
N VAL A 134 36.58 -21.10 -10.17
CA VAL A 134 36.02 -21.87 -11.24
C VAL A 134 34.99 -20.98 -11.84
N GLY A 135 35.28 -20.41 -12.98
CA GLY A 135 34.39 -19.44 -13.58
C GLY A 135 33.36 -20.14 -14.41
N LEU A 136 32.26 -19.44 -14.65
CA LEU A 136 31.20 -19.94 -15.51
C LEU A 136 31.87 -20.32 -16.80
N GLY A 137 31.50 -21.47 -17.39
CA GLY A 137 32.11 -21.91 -18.63
C GLY A 137 33.21 -22.92 -18.46
N ALA A 138 33.90 -22.86 -17.33
CA ALA A 138 34.89 -23.91 -16.98
C ALA A 138 34.46 -25.35 -17.30
N ASN A 139 33.15 -25.57 -17.22
CA ASN A 139 32.61 -26.91 -17.32
C ASN A 139 32.25 -27.32 -18.72
N ALA A 140 32.83 -26.65 -19.70
CA ALA A 140 32.62 -27.05 -21.07
C ALA A 140 33.79 -26.54 -21.87
N GLY A 141 34.04 -27.15 -23.01
CA GLY A 141 35.11 -26.68 -23.86
C GLY A 141 34.80 -25.29 -24.35
N PRO A 142 35.71 -24.70 -25.15
CA PRO A 142 35.49 -23.36 -25.66
C PRO A 142 34.41 -23.32 -26.73
N ASP A 143 34.26 -24.41 -27.49
CA ASP A 143 33.23 -24.48 -28.53
C ASP A 143 31.88 -24.80 -27.93
N ARG A 144 31.18 -23.79 -27.42
CA ARG A 144 29.95 -24.03 -26.68
C ARG A 144 28.82 -24.54 -27.56
N SER A 145 28.99 -24.48 -28.88
CA SER A 145 28.05 -25.09 -29.81
C SER A 145 27.90 -26.59 -29.59
N LEU A 146 28.94 -27.19 -29.00
CA LEU A 146 29.04 -28.63 -28.86
C LEU A 146 28.30 -29.21 -27.68
N ILE A 147 27.88 -28.38 -26.73
CA ILE A 147 27.20 -28.93 -25.59
C ILE A 147 25.68 -29.14 -25.85
N ARG A 148 25.24 -28.83 -27.07
CA ARG A 148 23.90 -29.18 -27.47
C ARG A 148 23.97 -30.07 -28.69
N ALA A 149 23.01 -31.00 -28.76
CA ALA A 149 22.81 -31.82 -29.94
C ALA A 149 22.53 -30.93 -31.13
N GLN A 150 22.81 -31.46 -32.30
CA GLN A 150 22.73 -30.72 -33.55
C GLN A 150 21.28 -30.48 -33.93
N SER A 151 20.38 -31.27 -33.34
CA SER A 151 18.94 -31.14 -33.53
C SER A 151 18.38 -29.88 -32.91
N TRP A 152 19.04 -29.39 -31.85
CA TRP A 152 18.48 -28.36 -30.96
C TRP A 152 18.00 -27.15 -31.72
N ASP A 153 16.70 -26.87 -31.63
CA ASP A 153 16.16 -25.59 -32.11
C ASP A 153 15.11 -25.05 -31.15
N ILE A 154 15.55 -24.69 -29.96
CA ILE A 154 14.73 -23.98 -29.02
C ILE A 154 15.34 -22.60 -28.93
N ASP A 155 14.51 -21.57 -28.93
CA ASP A 155 15.02 -20.21 -28.82
C ASP A 155 15.27 -19.93 -27.39
N LEU A 156 16.34 -20.47 -26.87
CA LEU A 156 16.69 -20.30 -25.47
C LEU A 156 17.86 -19.34 -25.36
N PRO A 157 17.59 -18.05 -25.15
CA PRO A 157 18.63 -17.03 -25.29
C PRO A 157 19.65 -17.16 -24.20
N ASN A 158 20.77 -16.46 -24.37
CA ASN A 158 21.75 -16.39 -23.30
C ASN A 158 21.12 -15.52 -22.23
N GLN A 159 21.72 -15.46 -21.03
CA GLN A 159 21.05 -14.77 -19.92
C GLN A 159 21.04 -13.24 -20.02
N PHE A 160 22.07 -12.65 -20.62
CA PHE A 160 22.06 -11.22 -20.78
C PHE A 160 21.02 -10.75 -21.78
N GLU A 161 20.86 -11.50 -22.86
CA GLU A 161 19.78 -11.25 -23.80
C GLU A 161 18.42 -11.53 -23.16
N ALA A 162 18.35 -12.54 -22.32
CA ALA A 162 17.10 -12.83 -21.61
C ALA A 162 16.64 -11.60 -20.79
N ALA A 163 17.55 -10.97 -20.08
CA ALA A 163 17.17 -9.87 -19.24
C ALA A 163 16.60 -8.74 -20.07
N GLU A 164 17.09 -8.60 -21.31
CA GLU A 164 16.56 -7.59 -22.25
C GLU A 164 15.18 -7.97 -22.78
N ARG A 165 15.04 -9.22 -23.22
CA ARG A 165 13.76 -9.74 -23.69
C ARG A 165 12.67 -9.62 -22.63
N ILE A 166 13.02 -9.88 -21.39
CA ILE A 166 12.08 -9.74 -20.31
C ILE A 166 11.73 -8.28 -20.12
N ALA A 167 12.73 -7.41 -20.10
CA ALA A 167 12.52 -5.96 -19.90
C ALA A 167 11.53 -5.43 -20.92
N LYS A 168 11.73 -5.80 -22.19
CA LYS A 168 10.88 -5.36 -23.30
C LYS A 168 9.47 -5.85 -23.08
N ARG A 169 9.35 -7.11 -22.70
CA ARG A 169 8.04 -7.70 -22.43
C ARG A 169 7.20 -6.90 -21.45
N ARG A 170 7.85 -6.32 -20.44
CA ARG A 170 7.14 -5.64 -19.36
C ARG A 170 7.26 -4.13 -19.44
N GLY A 171 7.95 -3.62 -20.45
CA GLY A 171 8.22 -2.18 -20.56
C GLY A 171 9.11 -1.68 -19.43
N ILE A 172 10.10 -2.46 -19.07
CA ILE A 172 11.02 -2.01 -18.06
C ILE A 172 12.09 -1.18 -18.76
N THR A 173 12.44 -0.06 -18.15
CA THR A 173 13.36 0.88 -18.73
C THR A 173 14.69 0.96 -17.98
N ARG A 174 15.66 1.63 -18.59
CA ARG A 174 16.97 1.82 -17.98
C ARG A 174 16.87 2.56 -16.67
N GLU A 175 15.96 3.51 -16.59
CA GLU A 175 15.75 4.20 -15.33
C GLU A 175 15.16 3.26 -14.33
N ASP A 176 14.20 2.44 -14.76
CA ASP A 176 13.57 1.46 -13.87
C ASP A 176 14.63 0.64 -13.19
N VAL A 177 15.46 -0.02 -13.97
CA VAL A 177 16.43 -0.90 -13.41
C VAL A 177 17.42 -0.14 -12.56
N ASP A 178 17.92 1.00 -13.05
CA ASP A 178 18.95 1.72 -12.31
C ASP A 178 18.46 2.09 -10.93
N VAL A 179 17.16 2.34 -10.81
CA VAL A 179 16.54 2.63 -9.55
C VAL A 179 16.55 1.41 -8.66
N PHE A 180 16.03 0.28 -9.14
CA PHE A 180 16.07 -0.97 -8.36
C PHE A 180 17.50 -1.27 -7.95
N GLY A 181 18.40 -1.24 -8.94
CA GLY A 181 19.79 -1.44 -8.69
C GLY A 181 20.20 -0.66 -7.47
N LEU A 182 19.97 0.64 -7.52
CA LEU A 182 20.42 1.51 -6.44
C LEU A 182 19.86 1.09 -5.07
N GLU A 183 18.59 0.69 -5.05
CA GLU A 183 17.95 0.39 -3.80
C GLU A 183 18.60 -0.81 -3.18
N SER A 184 19.02 -1.75 -4.01
CA SER A 184 19.64 -2.98 -3.51
C SER A 184 20.88 -2.65 -2.70
N GLN A 185 21.71 -1.79 -3.26
CA GLN A 185 22.89 -1.27 -2.57
C GLN A 185 22.49 -0.52 -1.31
N ARG A 186 21.46 0.29 -1.41
CA ARG A 186 21.04 1.07 -0.29
C ARG A 186 20.55 0.14 0.82
N ARG A 187 19.74 -0.85 0.48
CA ARG A 187 19.21 -1.75 1.50
C ARG A 187 20.27 -2.65 2.09
N ALA A 188 21.15 -3.21 1.26
CA ALA A 188 22.26 -4.02 1.80
C ALA A 188 23.11 -3.17 2.75
N GLN A 189 23.42 -1.95 2.31
CA GLN A 189 24.18 -1.06 3.15
C GLN A 189 23.45 -0.72 4.43
N ARG A 190 22.12 -0.72 4.41
CA ARG A 190 21.36 -0.49 5.63
C ARG A 190 21.45 -1.69 6.54
N ALA A 191 21.24 -2.87 6.00
CA ALA A 191 21.24 -4.07 6.81
C ALA A 191 22.52 -4.15 7.59
N TRP A 192 23.64 -4.01 6.89
CA TRP A 192 24.93 -4.06 7.52
C TRP A 192 25.13 -2.96 8.59
N ALA A 193 24.67 -1.76 8.31
CA ALA A 193 24.71 -0.70 9.29
C ALA A 193 23.97 -1.11 10.58
N GLU A 194 22.77 -1.65 10.43
CA GLU A 194 21.97 -2.04 11.60
C GLU A 194 22.44 -3.35 12.22
N GLY A 195 23.13 -4.16 11.45
CA GLY A 195 23.69 -5.40 11.98
C GLY A 195 22.85 -6.61 11.69
N ARG A 196 21.98 -6.51 10.68
CA ARG A 196 21.03 -7.56 10.41
C ARG A 196 21.70 -8.88 10.12
N PHE A 197 22.75 -8.88 9.32
CA PHE A 197 23.38 -10.15 8.90
C PHE A 197 24.32 -10.80 9.94
N ASP A 198 24.56 -10.12 11.05
CA ASP A 198 25.53 -10.58 12.04
C ASP A 198 25.27 -12.01 12.43
N ARG A 199 24.03 -12.33 12.78
CA ARG A 199 23.67 -13.66 13.31
C ARG A 199 23.94 -14.71 12.29
N GLU A 200 23.41 -14.52 11.07
CA GLU A 200 23.54 -15.53 9.98
C GLU A 200 24.96 -15.77 9.46
N ILE A 201 25.85 -14.79 9.64
CA ILE A 201 27.19 -14.90 9.05
C ILE A 201 28.13 -15.60 9.98
N SER A 202 28.96 -16.45 9.39
CA SER A 202 30.06 -17.15 10.05
C SER A 202 31.36 -16.68 9.48
N PRO A 203 32.14 -15.90 10.23
CA PRO A 203 33.40 -15.40 9.73
C PRO A 203 34.26 -16.54 9.23
N ILE A 204 34.98 -16.32 8.14
CA ILE A 204 35.78 -17.34 7.50
C ILE A 204 37.22 -16.86 7.44
N GLN A 205 38.13 -17.63 8.00
CA GLN A 205 39.56 -17.37 7.85
C GLN A 205 39.97 -17.61 6.40
N ALA A 206 40.84 -16.78 5.88
CA ALA A 206 41.19 -16.90 4.48
C ALA A 206 42.61 -16.43 4.22
N PRO A 207 43.28 -17.09 3.30
CA PRO A 207 44.59 -16.69 2.87
C PRO A 207 44.55 -15.30 2.35
N VAL A 208 45.38 -14.41 2.87
CA VAL A 208 45.56 -13.09 2.29
C VAL A 208 46.44 -13.23 1.05
N LEU A 209 46.00 -12.63 -0.05
CA LEU A 209 46.76 -12.62 -1.29
C LEU A 209 47.26 -11.20 -1.62
N ASP A 210 48.30 -11.13 -2.44
CA ASP A 210 48.94 -9.86 -2.78
C ASP A 210 48.14 -9.12 -3.86
N GLU A 211 48.75 -8.13 -4.51
CA GLU A 211 48.11 -7.40 -5.61
C GLU A 211 47.96 -8.32 -6.82
N GLN A 212 48.90 -9.26 -6.94
CA GLN A 212 48.75 -10.39 -7.83
C GLN A 212 47.78 -11.37 -7.15
N ASN A 213 47.75 -12.62 -7.60
CA ASN A 213 46.91 -13.61 -6.94
C ASN A 213 47.78 -14.72 -6.37
N GLN A 214 48.72 -14.32 -5.52
CA GLN A 214 49.59 -15.24 -4.80
C GLN A 214 49.48 -14.95 -3.31
N PRO A 215 49.65 -15.98 -2.47
CA PRO A 215 49.45 -15.81 -1.04
C PRO A 215 50.58 -15.05 -0.35
N THR A 216 50.21 -14.18 0.59
CA THR A 216 51.17 -13.38 1.34
C THR A 216 51.53 -14.00 2.67
N GLY A 217 51.11 -15.24 2.91
CA GLY A 217 51.36 -15.93 4.19
C GLY A 217 50.34 -15.58 5.29
N GLU A 218 49.72 -14.42 5.17
CA GLU A 218 48.69 -13.99 6.13
C GLU A 218 47.39 -14.76 5.96
N ARG A 219 46.71 -15.01 7.08
CA ARG A 219 45.45 -15.74 7.12
C ARG A 219 44.41 -14.91 7.85
N ARG A 220 43.77 -14.00 7.10
CA ARG A 220 42.81 -12.99 7.65
C ARG A 220 41.38 -13.51 7.83
N LEU A 221 40.72 -13.03 8.86
CA LEU A 221 39.36 -13.41 9.15
C LEU A 221 38.44 -12.48 8.40
N VAL A 222 37.53 -13.03 7.59
CA VAL A 222 36.60 -12.27 6.74
C VAL A 222 35.21 -12.41 7.29
N PHE A 223 34.50 -11.31 7.48
CA PHE A 223 33.09 -11.35 7.95
C PHE A 223 32.12 -10.40 7.28
N ARG A 224 32.53 -9.77 6.20
CA ARG A 224 31.67 -8.85 5.54
C ARG A 224 31.51 -9.14 4.09
N ASP A 225 30.29 -8.99 3.63
CA ASP A 225 30.00 -9.08 2.23
C ASP A 225 30.80 -7.95 1.58
N GLN A 226 31.51 -8.28 0.50
CA GLN A 226 32.46 -7.37 -0.08
C GLN A 226 31.85 -6.55 -1.22
N GLY A 227 30.61 -6.85 -1.62
CA GLY A 227 30.03 -6.23 -2.80
C GLY A 227 29.35 -4.90 -2.55
N LEU A 228 29.24 -4.51 -1.30
CA LEU A 228 28.67 -3.20 -1.00
C LEU A 228 29.59 -2.11 -1.55
N ARG A 229 28.98 -1.04 -2.03
CA ARG A 229 29.66 -0.02 -2.80
C ARG A 229 28.87 1.28 -2.80
N GLU A 230 29.48 2.39 -2.40
CA GLU A 230 28.76 3.65 -2.40
C GLU A 230 28.25 3.78 -3.83
N THR A 231 26.96 4.03 -3.98
CA THR A 231 26.29 3.97 -5.27
C THR A 231 25.31 5.09 -5.39
N THR A 232 25.11 5.58 -6.62
CA THR A 232 24.19 6.73 -6.86
C THR A 232 23.55 6.69 -8.24
N MET A 233 22.39 7.32 -8.37
CA MET A 233 21.67 7.28 -9.64
C MET A 233 22.51 7.82 -10.77
N ALA A 234 23.35 8.81 -10.48
CA ALA A 234 24.27 9.37 -11.48
C ALA A 234 25.30 8.34 -11.86
N GLY A 235 25.94 7.74 -10.85
CA GLY A 235 26.89 6.68 -11.07
C GLY A 235 26.33 5.61 -11.96
N LEU A 236 25.14 5.13 -11.64
CA LEU A 236 24.58 4.01 -12.38
C LEU A 236 24.29 4.42 -13.79
N GLY A 237 23.86 5.64 -13.97
CA GLY A 237 23.60 6.18 -15.29
C GLY A 237 24.83 6.21 -16.16
N GLU A 238 26.01 6.43 -15.57
CA GLU A 238 27.24 6.52 -16.37
C GLU A 238 27.67 5.15 -16.90
N LEU A 239 27.17 4.07 -16.30
CA LEU A 239 27.67 2.74 -16.64
C LEU A 239 27.23 2.29 -18.02
N LYS A 240 28.11 1.55 -18.70
CA LYS A 240 27.85 1.07 -20.04
C LYS A 240 27.10 -0.23 -19.97
N PRO A 241 26.10 -0.40 -20.83
CA PRO A 241 25.37 -1.67 -20.94
C PRO A 241 26.26 -2.86 -21.22
N VAL A 242 25.84 -4.03 -20.75
CA VAL A 242 26.56 -5.28 -21.06
C VAL A 242 26.39 -5.62 -22.53
N LEU A 243 25.17 -5.51 -23.04
CA LEU A 243 24.90 -5.70 -24.47
C LEU A 243 24.61 -4.37 -25.14
N GLU A 244 25.02 -4.28 -26.41
CA GLU A 244 24.75 -3.10 -27.20
C GLU A 244 23.25 -2.92 -27.25
N GLY A 245 22.77 -1.79 -26.74
CA GLY A 245 21.36 -1.47 -26.77
C GLY A 245 20.54 -2.04 -25.61
N GLY A 246 21.21 -2.71 -24.67
CA GLY A 246 20.53 -3.28 -23.52
C GLY A 246 20.41 -2.24 -22.44
N ILE A 247 19.59 -2.54 -21.41
CA ILE A 247 19.42 -1.65 -20.27
C ILE A 247 20.24 -2.07 -19.06
N HIS A 248 20.68 -3.31 -19.03
CA HIS A 248 21.36 -3.83 -17.85
C HIS A 248 22.84 -3.58 -17.92
N THR A 249 23.38 -3.26 -16.75
CA THR A 249 24.80 -2.99 -16.59
C THR A 249 25.28 -3.74 -15.38
N ALA A 250 26.56 -3.64 -15.10
CA ALA A 250 27.07 -4.20 -13.85
C ALA A 250 26.34 -3.62 -12.66
N GLY A 251 25.91 -2.37 -12.77
CA GLY A 251 25.13 -1.75 -11.72
C GLY A 251 23.78 -2.38 -11.43
N THR A 252 23.23 -3.10 -12.41
CA THR A 252 21.88 -3.65 -12.33
C THR A 252 21.81 -5.11 -12.68
N SER A 253 22.94 -5.79 -12.69
CA SER A 253 22.98 -7.25 -12.76
C SER A 253 23.60 -7.73 -11.45
N SER A 254 23.65 -9.05 -11.23
CA SER A 254 24.27 -9.63 -10.02
C SER A 254 25.77 -9.56 -10.13
N GLN A 255 26.48 -9.70 -9.00
CA GLN A 255 27.93 -9.68 -9.01
C GLN A 255 28.46 -11.08 -9.01
N ILE A 256 29.64 -11.27 -9.63
CA ILE A 256 30.30 -12.59 -9.65
C ILE A 256 31.09 -12.75 -8.36
N SER A 257 30.81 -13.82 -7.64
CA SER A 257 31.17 -13.87 -6.23
C SER A 257 31.56 -15.26 -5.75
N ASP A 258 32.16 -15.29 -4.55
CA ASP A 258 32.59 -16.53 -3.90
C ASP A 258 31.82 -16.64 -2.63
N GLY A 259 31.16 -17.74 -2.39
CA GLY A 259 30.50 -17.91 -1.10
C GLY A 259 29.95 -19.29 -0.87
N ALA A 260 29.51 -19.52 0.36
CA ALA A 260 28.91 -20.79 0.68
C ALA A 260 27.93 -20.63 1.78
N ALA A 261 26.96 -21.53 1.87
CA ALA A 261 25.94 -21.48 2.93
C ALA A 261 25.45 -22.88 3.22
N ALA A 262 24.95 -23.07 4.43
CA ALA A 262 24.51 -24.37 4.88
C ALA A 262 23.36 -24.22 5.83
N VAL A 263 22.45 -25.19 5.76
CA VAL A 263 21.23 -25.18 6.56
C VAL A 263 21.00 -26.57 7.18
N LEU A 264 20.91 -26.64 8.51
CA LEU A 264 20.79 -27.91 9.20
C LEU A 264 19.33 -28.26 9.42
N TRP A 265 18.89 -29.34 8.78
CA TRP A 265 17.49 -29.83 8.94
C TRP A 265 17.36 -31.06 9.86
N MET A 266 16.19 -31.21 10.47
CA MET A 266 15.89 -32.41 11.22
C MET A 266 14.40 -32.66 11.23
N ASP A 267 14.02 -33.91 11.48
CA ASP A 267 12.68 -34.20 11.89
C ASP A 267 12.46 -33.48 13.23
N GLU A 268 11.33 -32.82 13.34
CA GLU A 268 11.02 -31.98 14.49
C GLU A 268 11.18 -32.71 15.82
N ALA A 269 10.81 -33.98 15.84
CA ALA A 269 10.90 -34.75 17.07
C ALA A 269 12.36 -34.98 17.44
N VAL A 270 13.18 -35.34 16.47
CA VAL A 270 14.56 -35.59 16.76
C VAL A 270 15.21 -34.30 17.26
N ALA A 271 14.87 -33.19 16.62
CA ALA A 271 15.41 -31.90 17.00
C ALA A 271 15.12 -31.62 18.45
N ARG A 272 13.86 -31.74 18.82
CA ARG A 272 13.45 -31.48 20.17
C ARG A 272 14.15 -32.40 21.13
N ALA A 273 14.41 -33.63 20.71
CA ALA A 273 15.07 -34.59 21.58
C ALA A 273 16.48 -34.13 21.89
N HIS A 274 17.21 -33.67 20.88
CA HIS A 274 18.56 -33.15 21.11
C HIS A 274 18.49 -31.83 21.85
N GLY A 275 17.31 -31.28 22.01
CA GLY A 275 17.17 -30.01 22.70
C GLY A 275 17.49 -28.85 21.78
N LEU A 276 17.23 -29.03 20.49
CA LEU A 276 17.33 -27.95 19.52
C LEU A 276 15.93 -27.46 19.23
N THR A 277 15.83 -26.19 18.86
CA THR A 277 14.54 -25.53 18.63
C THR A 277 14.16 -25.54 17.16
N PRO A 278 13.04 -26.17 16.80
CA PRO A 278 12.56 -26.10 15.42
C PRO A 278 12.21 -24.67 15.07
N ARG A 279 12.81 -24.14 14.02
CA ARG A 279 12.78 -22.69 13.73
C ARG A 279 11.92 -22.32 12.52
N ALA A 280 11.84 -23.22 11.54
CA ALA A 280 10.98 -23.01 10.38
C ALA A 280 10.68 -24.30 9.65
N ARG A 281 9.73 -24.23 8.72
CA ARG A 281 9.29 -25.39 7.95
CA ARG A 281 9.26 -25.40 7.96
C ARG A 281 8.85 -24.97 6.57
N ILE A 282 9.03 -25.85 5.61
CA ILE A 282 8.60 -25.52 4.26
C ILE A 282 7.10 -25.69 4.20
N VAL A 283 6.38 -24.67 3.75
CA VAL A 283 4.95 -24.76 3.55
C VAL A 283 4.69 -25.30 2.14
N ALA A 284 5.47 -24.87 1.18
CA ALA A 284 5.32 -25.39 -0.17
C ALA A 284 6.62 -25.22 -0.89
N GLN A 285 6.92 -26.13 -1.82
CA GLN A 285 8.18 -26.06 -2.62
C GLN A 285 7.97 -26.48 -4.09
N ALA A 286 8.81 -25.93 -4.94
CA ALA A 286 8.64 -26.20 -6.33
C ALA A 286 9.90 -25.86 -7.06
N LEU A 287 10.14 -26.64 -8.11
CA LEU A 287 11.11 -26.31 -9.15
C LEU A 287 10.38 -26.49 -10.44
N VAL A 288 9.97 -25.39 -11.07
CA VAL A 288 9.19 -25.48 -12.28
C VAL A 288 10.02 -25.11 -13.47
N GLY A 289 9.60 -25.62 -14.62
CA GLY A 289 10.09 -25.17 -15.92
C GLY A 289 9.50 -23.84 -16.33
N ALA A 290 10.30 -23.01 -16.99
CA ALA A 290 9.87 -21.71 -17.41
C ALA A 290 9.84 -21.63 -18.93
N GLU A 291 9.52 -20.45 -19.49
CA GLU A 291 9.40 -20.29 -20.96
C GLU A 291 10.79 -20.08 -21.52
N PRO A 292 11.23 -20.94 -22.42
CA PRO A 292 12.60 -20.76 -22.89
C PRO A 292 12.89 -19.37 -23.48
N TYR A 293 11.95 -18.84 -24.28
CA TYR A 293 12.19 -17.58 -25.00
C TYR A 293 12.68 -16.48 -24.09
N TYR A 294 11.97 -16.30 -22.99
CA TYR A 294 12.33 -15.26 -22.01
C TYR A 294 13.36 -15.77 -21.03
N HIS A 295 13.37 -17.07 -20.86
CA HIS A 295 14.45 -17.76 -20.16
C HIS A 295 14.48 -17.52 -18.65
N LEU A 296 14.67 -16.27 -18.23
CA LEU A 296 14.81 -15.99 -16.80
C LEU A 296 13.55 -15.44 -16.10
N ASP A 297 12.36 -15.59 -16.69
CA ASP A 297 11.15 -15.00 -16.16
C ASP A 297 10.36 -16.03 -15.37
N GLY A 298 10.99 -17.15 -15.05
CA GLY A 298 10.34 -18.23 -14.27
C GLY A 298 9.82 -17.92 -12.88
N PRO A 299 10.51 -17.05 -12.13
CA PRO A 299 9.99 -16.72 -10.83
C PRO A 299 8.50 -16.44 -10.83
N VAL A 300 7.94 -15.92 -11.94
CA VAL A 300 6.48 -15.78 -12.05
C VAL A 300 5.80 -17.14 -11.83
N GLN A 301 6.30 -18.17 -12.50
CA GLN A 301 5.69 -19.50 -12.45
C GLN A 301 5.95 -20.22 -11.15
N SER A 302 7.16 -20.15 -10.63
CA SER A 302 7.44 -20.80 -9.35
C SER A 302 6.67 -20.11 -8.19
N THR A 303 6.71 -18.79 -8.15
CA THR A 303 5.93 -18.06 -7.16
C THR A 303 4.46 -18.45 -7.22
N ALA A 304 3.98 -18.64 -8.45
CA ALA A 304 2.61 -19.04 -8.67
C ALA A 304 2.32 -20.40 -8.07
N LYS A 305 3.15 -21.37 -8.39
CA LYS A 305 2.87 -22.74 -7.97
C LYS A 305 2.80 -22.85 -6.45
N VAL A 306 3.85 -22.36 -5.76
CA VAL A 306 3.93 -22.50 -4.30
C VAL A 306 2.83 -21.75 -3.61
N LEU A 307 2.44 -20.59 -4.14
CA LEU A 307 1.27 -19.93 -3.64
C LEU A 307 0.07 -20.88 -3.79
N GLU A 308 -0.09 -21.45 -4.95
CA GLU A 308 -1.22 -22.31 -5.22
C GLU A 308 -1.17 -23.49 -4.26
N LYS A 309 0.00 -24.11 -4.17
CA LYS A 309 0.14 -25.28 -3.32
C LYS A 309 -0.10 -24.90 -1.87
N ALA A 310 0.41 -23.76 -1.45
CA ALA A 310 0.28 -23.34 -0.06
C ALA A 310 -1.11 -22.86 0.25
N GLY A 311 -1.94 -22.68 -0.76
CA GLY A 311 -3.25 -22.09 -0.56
C GLY A 311 -3.13 -20.66 -0.06
N MET A 312 -2.19 -19.89 -0.59
CA MET A 312 -1.98 -18.50 -0.15
C MET A 312 -1.96 -17.52 -1.32
N LYS A 313 -1.99 -16.23 -0.97
CA LYS A 313 -1.84 -15.19 -1.95
C LYS A 313 -0.66 -14.32 -1.54
N ILE A 314 -0.06 -13.61 -2.50
CA ILE A 314 1.20 -12.93 -2.28
C ILE A 314 1.09 -12.02 -1.09
N GLY A 315 -0.13 -11.57 -0.85
CA GLY A 315 -0.43 -10.79 0.34
C GLY A 315 -0.14 -11.46 1.65
N ASP A 316 -0.16 -12.78 1.68
CA ASP A 316 0.10 -13.49 2.92
C ASP A 316 1.57 -13.52 3.30
N ILE A 317 2.44 -13.36 2.32
CA ILE A 317 3.87 -13.43 2.56
C ILE A 317 4.39 -12.16 3.20
N ASP A 318 5.12 -12.31 4.31
CA ASP A 318 5.72 -11.18 5.02
C ASP A 318 7.05 -10.72 4.42
N ILE A 319 7.81 -11.64 3.84
CA ILE A 319 9.17 -11.37 3.36
C ILE A 319 9.42 -12.18 2.12
N VAL A 320 9.84 -11.52 1.04
CA VAL A 320 10.22 -12.20 -0.18
C VAL A 320 11.71 -12.06 -0.43
N GLU A 321 12.30 -13.14 -0.94
CA GLU A 321 13.64 -13.13 -1.44
C GLU A 321 13.54 -13.69 -2.83
N ILE A 322 13.63 -12.79 -3.82
CA ILE A 322 13.62 -13.13 -5.25
C ILE A 322 14.96 -12.72 -5.80
N ASN A 323 15.73 -13.67 -6.30
CA ASN A 323 17.13 -13.40 -6.55
C ASN A 323 17.35 -12.42 -7.66
N GLU A 324 18.23 -11.45 -7.45
CA GLU A 324 18.42 -10.34 -8.39
C GLU A 324 19.47 -10.67 -9.41
N ALA A 325 19.22 -11.71 -10.21
CA ALA A 325 20.12 -12.05 -11.30
C ALA A 325 20.27 -10.85 -12.18
N PHE A 326 19.14 -10.26 -12.47
CA PHE A 326 19.06 -9.07 -13.26
C PHE A 326 17.86 -8.31 -12.73
N ALA A 327 18.02 -7.00 -12.58
CA ALA A 327 16.94 -6.11 -12.17
C ALA A 327 15.62 -6.45 -12.87
N SER A 328 15.66 -6.66 -14.18
CA SER A 328 14.42 -6.87 -14.92
C SER A 328 13.69 -8.12 -14.50
N VAL A 329 14.43 -9.10 -14.02
CA VAL A 329 13.82 -10.32 -13.55
C VAL A 329 12.89 -10.00 -12.38
N VAL A 330 13.39 -9.27 -11.39
CA VAL A 330 12.62 -8.95 -10.19
C VAL A 330 11.44 -8.03 -10.53
N LEU A 331 11.70 -7.04 -11.38
CA LEU A 331 10.64 -6.13 -11.77
C LEU A 331 9.55 -6.85 -12.57
N SER A 332 9.92 -7.68 -13.54
CA SER A 332 8.92 -8.43 -14.30
C SER A 332 8.01 -9.22 -13.33
N TRP A 333 8.64 -9.89 -12.38
CA TRP A 333 7.93 -10.65 -11.35
C TRP A 333 6.96 -9.75 -10.61
N ALA A 334 7.48 -8.64 -10.09
CA ALA A 334 6.67 -7.69 -9.32
C ALA A 334 5.50 -7.15 -10.14
N ARG A 335 5.75 -6.89 -11.42
CA ARG A 335 4.72 -6.38 -12.30
C ARG A 335 3.61 -7.41 -12.43
N VAL A 336 3.96 -8.70 -12.47
CA VAL A 336 2.96 -9.77 -12.61
C VAL A 336 2.26 -10.08 -11.29
N HIS A 337 3.04 -10.22 -10.22
CA HIS A 337 2.50 -10.63 -8.93
C HIS A 337 2.13 -9.47 -7.97
N GLU A 338 2.52 -8.26 -8.32
CA GLU A 338 2.14 -7.05 -7.57
C GLU A 338 2.25 -7.25 -6.06
N PRO A 339 3.46 -7.48 -5.56
CA PRO A 339 3.74 -7.61 -4.13
C PRO A 339 4.01 -6.27 -3.54
N ASP A 340 4.24 -6.20 -2.23
CA ASP A 340 4.63 -4.92 -1.59
C ASP A 340 6.13 -4.78 -1.55
N MET A 341 6.71 -3.94 -2.40
CA MET A 341 8.16 -3.97 -2.57
C MET A 341 8.94 -3.55 -1.33
N ASP A 342 8.26 -3.08 -0.30
CA ASP A 342 8.88 -2.92 1.02
C ASP A 342 9.15 -4.24 1.68
N ARG A 343 8.51 -5.30 1.20
CA ARG A 343 8.70 -6.64 1.74
C ARG A 343 9.58 -7.48 0.84
N VAL A 344 10.10 -6.89 -0.22
CA VAL A 344 10.89 -7.64 -1.22
C VAL A 344 12.38 -7.30 -1.14
N ASN A 345 13.22 -8.32 -0.99
CA ASN A 345 14.67 -8.12 -0.75
C ASN A 345 14.96 -7.00 0.25
N VAL A 346 14.36 -7.11 1.42
CA VAL A 346 14.43 -6.07 2.42
C VAL A 346 15.85 -5.79 2.89
N ASN A 347 16.73 -6.77 2.82
CA ASN A 347 18.12 -6.58 3.26
C ASN A 347 19.12 -6.43 2.13
N GLY A 348 18.64 -6.01 0.96
CA GLY A 348 19.49 -5.98 -0.24
C GLY A 348 19.50 -7.32 -0.94
N GLY A 349 19.85 -7.33 -2.22
CA GLY A 349 19.94 -8.56 -2.99
C GLY A 349 21.25 -8.68 -3.73
N ALA A 350 21.34 -9.74 -4.51
CA ALA A 350 22.58 -10.13 -5.19
C ALA A 350 23.21 -9.02 -6.02
N ILE A 351 22.44 -8.04 -6.46
CA ILE A 351 23.01 -6.91 -7.18
C ILE A 351 24.08 -6.26 -6.32
N ALA A 352 23.83 -6.16 -5.02
CA ALA A 352 24.82 -5.59 -4.10
C ALA A 352 25.62 -6.62 -3.30
N LEU A 353 25.00 -7.70 -2.89
CA LEU A 353 25.64 -8.70 -2.05
C LEU A 353 26.32 -9.82 -2.85
N GLY A 354 26.16 -9.80 -4.17
CA GLY A 354 26.82 -10.78 -5.05
C GLY A 354 26.04 -12.07 -5.15
N HIS A 355 26.49 -12.96 -6.02
CA HIS A 355 25.69 -14.14 -6.35
C HIS A 355 26.52 -15.40 -6.69
N PRO A 356 27.18 -15.98 -5.68
CA PRO A 356 27.81 -17.27 -5.91
C PRO A 356 26.73 -18.27 -6.19
N VAL A 357 26.71 -18.71 -7.45
CA VAL A 357 25.53 -19.32 -8.09
C VAL A 357 25.03 -20.54 -7.34
N GLY A 358 25.91 -21.49 -7.12
CA GLY A 358 25.53 -22.71 -6.39
C GLY A 358 25.10 -22.46 -4.97
N CYS A 359 25.52 -21.33 -4.42
CA CYS A 359 25.35 -21.01 -3.00
C CYS A 359 24.10 -20.22 -2.72
N THR A 360 23.74 -19.30 -3.58
CA THR A 360 22.69 -18.33 -3.31
C THR A 360 21.40 -18.94 -2.78
N GLY A 361 20.97 -20.03 -3.39
CA GLY A 361 19.69 -20.66 -2.99
C GLY A 361 19.67 -20.94 -1.50
N SER A 362 20.75 -21.53 -0.99
CA SER A 362 20.83 -21.78 0.45
C SER A 362 21.06 -20.49 1.20
N ARG A 363 21.69 -19.53 0.56
CA ARG A 363 21.88 -18.25 1.21
C ARG A 363 20.51 -17.56 1.41
N LEU A 364 19.66 -17.61 0.37
CA LEU A 364 18.39 -16.87 0.40
C LEU A 364 17.52 -17.43 1.47
N ILE A 365 17.40 -18.75 1.52
CA ILE A 365 16.65 -19.36 2.62
C ILE A 365 17.23 -18.89 3.95
N THR A 366 18.57 -18.92 4.09
CA THR A 366 19.21 -18.48 5.33
C THR A 366 18.88 -17.02 5.67
N THR A 367 19.12 -16.14 4.73
CA THR A 367 18.76 -14.73 4.93
C THR A 367 17.29 -14.59 5.33
N ALA A 368 16.38 -15.23 4.62
CA ALA A 368 14.94 -15.11 4.91
C ALA A 368 14.62 -15.51 6.36
N LEU A 369 14.97 -16.73 6.71
CA LEU A 369 14.67 -17.25 8.02
C LEU A 369 15.06 -16.23 9.08
N HIS A 370 16.27 -15.71 8.95
CA HIS A 370 16.79 -14.75 9.94
C HIS A 370 15.95 -13.46 9.97
N GLU A 371 15.50 -13.00 8.80
CA GLU A 371 14.72 -11.78 8.78
C GLU A 371 13.39 -12.00 9.43
N LEU A 372 12.75 -13.12 9.13
CA LEU A 372 11.49 -13.46 9.78
C LEU A 372 11.68 -13.44 11.25
N GLU A 373 12.82 -13.96 11.70
CA GLU A 373 13.10 -14.03 13.14
C GLU A 373 13.41 -12.64 13.70
N ARG A 374 14.10 -11.81 12.97
CA ARG A 374 14.41 -10.48 13.48
C ARG A 374 13.16 -9.65 13.65
N THR A 375 12.24 -9.78 12.70
CA THR A 375 11.06 -8.93 12.65
C THR A 375 9.89 -9.62 13.31
N ASP A 376 10.13 -10.80 13.80
CA ASP A 376 9.10 -11.60 14.41
C ASP A 376 7.89 -11.81 13.49
N GLN A 377 8.13 -12.04 12.21
CA GLN A 377 7.08 -12.31 11.25
C GLN A 377 7.05 -13.81 10.89
N SER A 378 6.15 -14.23 10.01
CA SER A 378 5.88 -15.65 9.85
C SER A 378 6.27 -16.22 8.51
N LEU A 379 5.63 -15.76 7.43
CA LEU A 379 5.78 -16.41 6.13
C LEU A 379 6.83 -15.73 5.28
N ALA A 380 7.69 -16.51 4.63
CA ALA A 380 8.65 -15.97 3.64
C ALA A 380 8.62 -16.77 2.37
N LEU A 381 8.84 -16.08 1.24
CA LEU A 381 8.84 -16.70 -0.07
C LEU A 381 10.21 -16.53 -0.60
N ILE A 382 10.80 -17.60 -1.10
CA ILE A 382 12.07 -17.51 -1.82
C ILE A 382 11.86 -18.05 -3.25
N THR A 383 12.28 -17.29 -4.24
CA THR A 383 12.12 -17.75 -5.61
C THR A 383 13.27 -17.28 -6.46
N MET A 384 13.69 -18.11 -7.44
CA MET A 384 14.87 -17.81 -8.26
C MET A 384 14.69 -18.25 -9.68
N CYS A 385 15.09 -17.39 -10.63
CA CYS A 385 15.23 -17.80 -12.03
C CYS A 385 16.48 -18.63 -12.16
N ALA A 386 16.57 -19.42 -13.21
CA ALA A 386 17.74 -20.26 -13.43
C ALA A 386 17.95 -20.69 -14.91
N GLY A 387 19.20 -20.88 -15.26
CA GLY A 387 19.56 -21.32 -16.60
C GLY A 387 18.83 -22.56 -17.02
N GLY A 388 18.60 -22.72 -18.31
CA GLY A 388 17.79 -23.80 -18.82
C GLY A 388 16.31 -23.54 -18.63
N ALA A 389 15.96 -22.31 -18.26
CA ALA A 389 14.55 -21.90 -18.10
C ALA A 389 13.88 -22.73 -17.01
N LEU A 390 14.34 -22.55 -15.79
CA LEU A 390 13.79 -23.23 -14.63
C LEU A 390 13.73 -22.23 -13.50
N SER A 391 12.79 -22.42 -12.59
CA SER A 391 12.76 -21.60 -11.41
C SER A 391 12.43 -22.45 -10.21
N THR A 392 13.09 -22.14 -9.11
CA THR A 392 12.78 -22.74 -7.81
C THR A 392 11.92 -21.79 -7.01
N GLY A 393 11.17 -22.37 -6.09
CA GLY A 393 10.26 -21.60 -5.25
C GLY A 393 10.00 -22.29 -3.94
N THR A 394 10.03 -21.52 -2.85
CA THR A 394 9.75 -22.07 -1.53
C THR A 394 8.99 -21.07 -0.72
N ILE A 395 8.04 -21.57 0.07
CA ILE A 395 7.39 -20.77 1.09
C ILE A 395 7.73 -21.44 2.42
N ILE A 396 8.55 -20.78 3.21
CA ILE A 396 8.89 -21.26 4.53
C ILE A 396 8.04 -20.52 5.55
N GLU A 397 7.94 -21.09 6.73
CA GLU A 397 7.09 -20.58 7.78
C GLU A 397 7.79 -20.77 9.12
N ARG A 398 7.84 -19.72 9.94
CA ARG A 398 8.45 -19.85 11.26
C ARG A 398 7.62 -20.74 12.17
N ILE A 399 8.30 -21.42 13.10
CA ILE A 399 7.66 -22.34 14.02
C ILE A 399 7.65 -21.77 15.43
N MET B 9 -23.56 37.59 23.92
CA MET B 9 -22.41 36.77 23.43
C MET B 9 -22.83 35.64 22.48
N GLY B 10 -21.87 34.82 22.04
CA GLY B 10 -22.13 33.87 20.97
C GLY B 10 -21.43 32.53 21.07
N TYR B 11 -21.82 31.64 20.19
CA TYR B 11 -21.27 30.31 20.15
C TYR B 11 -20.66 30.02 18.78
N PRO B 12 -19.36 30.26 18.62
CA PRO B 12 -18.76 30.20 17.29
C PRO B 12 -18.67 28.79 16.75
N VAL B 13 -19.14 28.56 15.54
CA VAL B 13 -18.98 27.26 14.90
C VAL B 13 -18.52 27.41 13.44
N ILE B 14 -17.75 26.44 12.96
CA ILE B 14 -17.33 26.42 11.57
C ILE B 14 -18.53 25.98 10.76
N VAL B 15 -18.78 26.74 9.69
CA VAL B 15 -19.91 26.51 8.80
C VAL B 15 -19.40 26.09 7.43
N GLU B 16 -18.26 26.63 7.03
CA GLU B 16 -17.62 26.20 5.80
C GLU B 16 -16.12 26.44 5.86
N ALA B 17 -15.38 25.72 5.02
CA ALA B 17 -13.95 25.89 4.93
C ALA B 17 -13.45 25.44 3.57
N THR B 18 -12.50 26.15 3.02
CA THR B 18 -11.98 25.76 1.71
C THR B 18 -10.58 26.32 1.49
N ARG B 19 -9.93 25.80 0.47
CA ARG B 19 -8.58 26.20 0.19
C ARG B 19 -8.31 26.12 -1.28
N SER B 20 -7.38 26.94 -1.78
CA SER B 20 -6.89 26.80 -3.15
C SER B 20 -5.99 25.63 -3.18
N PRO B 21 -5.69 25.08 -4.35
CA PRO B 21 -4.59 24.12 -4.32
C PRO B 21 -3.38 24.92 -4.01
N ILE B 22 -2.34 24.26 -3.53
CA ILE B 22 -1.10 24.92 -3.08
C ILE B 22 -0.12 24.83 -4.22
N GLY B 23 0.37 25.95 -4.68
CA GLY B 23 1.32 25.91 -5.81
C GLY B 23 2.78 25.96 -5.42
N LYS B 24 3.64 25.50 -6.30
CA LYS B 24 5.05 25.54 -6.02
C LYS B 24 5.59 26.92 -6.32
N ARG B 25 6.80 27.18 -5.87
CA ARG B 25 7.46 28.46 -6.10
C ARG B 25 7.66 28.67 -7.59
N ASN B 26 7.21 29.81 -8.07
CA ASN B 26 7.09 30.05 -9.51
C ASN B 26 6.30 28.97 -10.21
N GLY B 27 5.34 28.39 -9.48
CA GLY B 27 4.55 27.27 -9.97
C GLY B 27 3.18 27.72 -10.45
N TRP B 28 2.19 26.86 -10.28
CA TRP B 28 0.93 27.04 -10.96
C TRP B 28 0.12 28.27 -10.57
N LEU B 29 0.36 28.81 -9.39
CA LEU B 29 -0.36 30.01 -8.95
C LEU B 29 0.48 31.25 -8.92
N SER B 30 1.74 31.15 -9.36
CA SER B 30 2.67 32.27 -9.26
C SER B 30 2.24 33.44 -10.14
N GLY B 31 1.40 33.17 -11.13
CA GLY B 31 0.83 34.20 -11.97
C GLY B 31 -0.09 35.14 -11.26
N LEU B 32 -0.74 34.73 -10.18
CA LEU B 32 -1.73 35.59 -9.54
C LEU B 32 -1.08 36.57 -8.58
N HIS B 33 -1.52 37.81 -8.60
CA HIS B 33 -1.18 38.80 -7.58
C HIS B 33 -1.68 38.25 -6.26
N ALA B 34 -0.87 38.32 -5.21
CA ALA B 34 -1.23 37.72 -3.93
C ALA B 34 -2.65 38.13 -3.49
N THR B 35 -3.03 39.38 -3.75
CA THR B 35 -4.37 39.83 -3.41
C THR B 35 -5.49 39.07 -4.15
N GLU B 36 -5.21 38.68 -5.40
CA GLU B 36 -6.18 37.89 -6.21
C GLU B 36 -6.35 36.43 -5.69
N LEU B 37 -5.28 35.88 -5.19
CA LEU B 37 -5.35 34.53 -4.71
C LEU B 37 -6.21 34.55 -3.48
N LEU B 38 -5.93 35.46 -2.56
CA LEU B 38 -6.71 35.48 -1.32
C LEU B 38 -8.13 35.85 -1.61
N GLY B 39 -8.33 36.81 -2.51
CA GLY B 39 -9.68 37.19 -2.89
C GLY B 39 -10.47 36.00 -3.40
N ALA B 40 -9.84 35.18 -4.23
CA ALA B 40 -10.50 34.07 -4.89
C ALA B 40 -11.08 33.13 -3.86
N VAL B 41 -10.29 32.86 -2.83
CA VAL B 41 -10.63 31.90 -1.80
C VAL B 41 -11.66 32.53 -0.89
N GLN B 42 -11.48 33.80 -0.54
CA GLN B 42 -12.51 34.53 0.24
C GLN B 42 -13.90 34.45 -0.39
N LYS B 43 -13.92 34.57 -1.71
CA LYS B 43 -15.16 34.48 -2.43
C LYS B 43 -15.57 33.03 -2.48
N ALA B 44 -14.61 32.11 -2.58
CA ALA B 44 -14.92 30.71 -2.57
C ALA B 44 -15.75 30.29 -1.34
N VAL B 45 -15.27 30.54 -0.11
CA VAL B 45 -16.04 30.09 1.05
C VAL B 45 -17.42 30.66 1.03
N VAL B 46 -17.57 31.95 0.76
CA VAL B 46 -18.89 32.54 0.80
C VAL B 46 -19.75 31.87 -0.24
N ASP B 47 -19.21 31.68 -1.43
CA ASP B 47 -19.97 31.03 -2.48
C ASP B 47 -20.36 29.66 -2.03
N LYS B 48 -19.42 28.92 -1.51
CA LYS B 48 -19.73 27.57 -1.05
C LYS B 48 -20.93 27.61 -0.11
N ALA B 49 -20.97 28.57 0.79
CA ALA B 49 -22.04 28.62 1.78
C ALA B 49 -23.32 29.06 1.15
N GLY B 50 -23.22 29.75 0.02
CA GLY B 50 -24.40 30.24 -0.67
C GLY B 50 -25.18 29.19 -1.42
N ILE B 51 -24.57 28.05 -1.71
CA ILE B 51 -25.26 26.98 -2.43
C ILE B 51 -26.53 26.59 -1.70
N GLN B 52 -26.40 26.39 -0.39
CA GLN B 52 -27.42 25.69 0.37
C GLN B 52 -28.21 26.63 1.26
N SER B 53 -27.99 27.93 1.14
CA SER B 53 -28.54 28.88 2.08
C SER B 53 -28.71 30.25 1.44
N GLY B 54 -29.20 31.20 2.22
CA GLY B 54 -29.37 32.56 1.74
C GLY B 54 -28.06 33.30 1.74
N LEU B 55 -27.15 32.88 2.64
CA LEU B 55 -25.96 33.66 3.00
C LEU B 55 -25.33 34.35 1.81
N HIS B 56 -25.01 35.63 1.98
CA HIS B 56 -24.32 36.38 0.95
CA HIS B 56 -24.33 36.40 0.95
C HIS B 56 -23.11 37.13 1.51
N ALA B 57 -22.12 37.38 0.67
CA ALA B 57 -20.88 38.00 1.11
C ALA B 57 -21.11 39.16 2.05
N GLY B 58 -22.11 39.98 1.76
CA GLY B 58 -22.47 41.11 2.61
C GLY B 58 -22.82 40.71 4.04
N ASP B 59 -23.21 39.45 4.23
CA ASP B 59 -23.49 38.94 5.55
C ASP B 59 -22.29 38.71 6.40
N VAL B 60 -21.11 38.65 5.82
CA VAL B 60 -19.88 38.62 6.60
C VAL B 60 -19.74 39.97 7.28
N GLU B 61 -19.22 39.98 8.50
CA GLU B 61 -19.02 41.22 9.26
C GLU B 61 -17.61 41.62 9.41
N GLN B 62 -16.77 40.66 9.77
CA GLN B 62 -15.31 40.87 9.76
C GLN B 62 -14.51 39.71 9.08
N VAL B 63 -13.42 40.08 8.43
CA VAL B 63 -12.47 39.12 7.94
C VAL B 63 -11.16 39.33 8.68
N ILE B 64 -10.50 38.25 9.06
CA ILE B 64 -9.13 38.33 9.60
C ILE B 64 -8.24 37.36 8.81
N GLY B 65 -7.19 37.88 8.18
CA GLY B 65 -6.30 37.06 7.39
C GLY B 65 -4.89 36.98 7.99
N GLY B 66 -4.31 35.78 8.03
CA GLY B 66 -2.91 35.63 8.37
C GLY B 66 -2.02 35.85 7.16
N CYS B 67 -0.92 36.56 7.35
CA CYS B 67 0.09 36.72 6.31
C CYS B 67 1.39 37.16 6.93
N VAL B 68 2.48 36.48 6.56
CA VAL B 68 3.75 36.62 7.23
C VAL B 68 4.63 37.72 6.65
N THR B 69 4.97 37.63 5.39
CA THR B 69 5.85 38.64 4.83
C THR B 69 5.05 39.78 4.24
N GLN B 70 4.60 40.67 5.12
CA GLN B 70 3.55 41.62 4.73
C GLN B 70 4.16 42.78 4.00
N PHE B 71 4.71 42.52 2.84
CA PHE B 71 5.47 43.53 2.10
C PHE B 71 4.98 43.63 0.67
N GLY B 72 4.90 44.84 0.15
CA GLY B 72 4.45 44.97 -1.22
C GLY B 72 3.03 44.47 -1.53
N GLU B 73 2.89 43.46 -2.36
CA GLU B 73 1.59 42.96 -2.65
C GLU B 73 0.92 42.56 -1.37
N GLN B 74 1.72 42.22 -0.36
CA GLN B 74 1.16 41.74 0.91
C GLN B 74 1.23 42.78 1.98
N SER B 75 1.65 43.99 1.63
CA SER B 75 1.52 45.13 2.54
C SER B 75 0.12 45.71 2.48
N ASN B 76 -0.13 46.68 3.34
CA ASN B 76 -1.42 47.31 3.42
C ASN B 76 -2.63 46.40 3.64
N ASN B 77 -2.54 45.58 4.67
CA ASN B 77 -3.66 44.83 5.14
C ASN B 77 -4.28 44.07 4.02
N ILE B 78 -3.57 43.03 3.57
CA ILE B 78 -3.96 42.26 2.38
C ILE B 78 -5.39 41.71 2.45
N SER B 79 -5.84 41.39 3.66
CA SER B 79 -7.17 40.81 3.81
C SER B 79 -8.26 41.74 3.24
N ARG B 80 -8.20 43.00 3.65
CA ARG B 80 -9.09 44.03 3.13
C ARG B 80 -8.91 44.17 1.62
N VAL B 81 -7.67 44.29 1.14
CA VAL B 81 -7.47 44.60 -0.27
C VAL B 81 -7.98 43.46 -1.09
N ALA B 82 -7.62 42.24 -0.71
CA ALA B 82 -8.12 41.02 -1.37
C ALA B 82 -9.65 41.07 -1.49
N TRP B 83 -10.31 41.37 -0.38
CA TRP B 83 -11.74 41.40 -0.36
C TRP B 83 -12.23 42.39 -1.38
N LEU B 84 -11.78 43.63 -1.31
CA LEU B 84 -12.24 44.65 -2.28
C LEU B 84 -11.93 44.20 -3.70
N THR B 85 -10.73 43.67 -3.91
CA THR B 85 -10.32 43.22 -5.23
C THR B 85 -11.16 42.09 -5.80
N ALA B 86 -11.68 41.20 -4.96
CA ALA B 86 -12.61 40.19 -5.42
C ALA B 86 -13.98 40.75 -5.68
N GLY B 87 -14.17 42.05 -5.50
CA GLY B 87 -15.44 42.68 -5.75
C GLY B 87 -16.46 42.37 -4.69
N LEU B 88 -15.99 41.98 -3.51
CA LEU B 88 -16.88 41.73 -2.38
C LEU B 88 -17.20 43.03 -1.60
N PRO B 89 -18.32 43.06 -0.89
CA PRO B 89 -18.84 44.26 -0.31
C PRO B 89 -17.89 45.06 0.55
N GLU B 90 -17.86 46.36 0.28
CA GLU B 90 -16.95 47.27 0.94
C GLU B 90 -17.26 47.45 2.45
N HIS B 91 -18.50 47.22 2.89
CA HIS B 91 -18.83 47.41 4.32
C HIS B 91 -18.25 46.39 5.31
N VAL B 92 -17.71 45.29 4.80
CA VAL B 92 -17.23 44.21 5.63
C VAL B 92 -15.84 44.58 6.10
N GLY B 93 -15.65 44.62 7.39
CA GLY B 93 -14.33 44.96 7.92
C GLY B 93 -13.33 43.84 7.69
N ALA B 94 -12.04 44.15 7.79
CA ALA B 94 -11.02 43.13 7.68
C ALA B 94 -9.66 43.58 8.18
N THR B 95 -8.96 42.67 8.86
CA THR B 95 -7.69 42.89 9.54
C THR B 95 -6.77 41.78 9.09
N THR B 96 -5.47 42.00 9.15
CA THR B 96 -4.51 40.98 8.76
C THR B 96 -3.59 40.77 9.98
N VAL B 97 -3.12 39.53 10.22
CA VAL B 97 -2.33 39.25 11.38
C VAL B 97 -1.05 38.47 11.10
N ASP B 98 -0.11 38.61 12.04
CA ASP B 98 1.19 37.96 11.98
C ASP B 98 1.54 37.43 13.37
N CYS B 99 1.41 36.11 13.54
CA CYS B 99 2.25 35.40 14.46
C CYS B 99 2.95 34.33 13.65
N GLN B 100 3.77 34.79 12.72
CA GLN B 100 4.53 33.94 11.76
C GLN B 100 3.74 32.80 11.12
N OAS B 101 4.17 31.55 11.31
CA OAS B 101 3.56 30.41 10.63
CB OAS B 101 4.57 29.27 10.52
OG OAS B 101 5.84 29.82 10.07
C OAS B 101 2.33 30.06 11.37
O OAS B 101 1.49 29.33 10.87
C2A OAS B 101 7.86 28.72 11.26
C1A OAS B 101 7.09 29.97 10.87
OAC OAS B 101 7.51 31.06 11.19
N GLY B 102 2.15 30.65 12.56
CA GLY B 102 0.90 30.48 13.29
C GLY B 102 -0.26 31.41 12.84
N SER B 103 0.04 32.32 11.93
CA SER B 103 -0.86 33.41 11.70
C SER B 103 -2.24 33.00 11.29
N GLY B 104 -2.33 32.12 10.30
CA GLY B 104 -3.64 31.72 9.76
C GLY B 104 -4.42 30.74 10.63
N GLN B 105 -3.76 30.22 11.66
CA GLN B 105 -4.44 29.45 12.66
C GLN B 105 -4.90 30.43 13.72
N GLN B 106 -3.97 31.31 14.11
CA GLN B 106 -4.30 32.36 15.08
C GLN B 106 -5.48 33.18 14.63
N ALA B 107 -5.67 33.25 13.33
CA ALA B 107 -6.80 33.95 12.72
C ALA B 107 -8.15 33.29 13.03
N ASN B 108 -8.20 31.97 12.97
CA ASN B 108 -9.44 31.29 13.36
C ASN B 108 -9.74 31.50 14.82
N HIS B 109 -8.71 31.55 15.66
CA HIS B 109 -8.96 31.80 17.10
C HIS B 109 -9.62 33.16 17.33
N LEU B 110 -9.17 34.15 16.54
CA LEU B 110 -9.58 35.53 16.75
C LEU B 110 -10.97 35.80 16.26
N ILE B 111 -11.37 35.18 15.16
CA ILE B 111 -12.76 35.29 14.72
C ILE B 111 -13.61 34.61 15.74
N ALA B 112 -13.17 33.42 16.17
CA ALA B 112 -13.93 32.66 17.16
C ALA B 112 -14.17 33.52 18.40
N GLY B 113 -13.17 34.25 18.85
CA GLY B 113 -13.31 35.15 19.97
C GLY B 113 -14.32 36.23 19.72
N LEU B 114 -14.28 36.89 18.55
CA LEU B 114 -15.15 38.03 18.31
C LEU B 114 -16.60 37.57 18.25
N ILE B 115 -16.82 36.37 17.73
CA ILE B 115 -18.17 35.79 17.76
C ILE B 115 -18.57 35.51 19.19
N ALA B 116 -17.66 34.92 19.94
CA ALA B 116 -17.87 34.66 21.33
C ALA B 116 -18.27 35.92 22.08
N ALA B 117 -17.59 37.02 21.83
CA ALA B 117 -17.78 38.21 22.62
C ALA B 117 -19.02 38.95 22.19
N GLY B 118 -19.67 38.43 21.17
CA GLY B 118 -20.85 39.08 20.62
C GLY B 118 -20.51 40.27 19.75
N ALA B 119 -19.27 40.39 19.29
CA ALA B 119 -18.90 41.48 18.38
C ALA B 119 -19.45 41.27 16.98
N ILE B 120 -19.43 40.03 16.49
CA ILE B 120 -19.98 39.71 15.17
C ILE B 120 -20.69 38.36 15.17
N ASP B 121 -21.58 38.16 14.19
CA ASP B 121 -22.28 36.90 14.04
C ASP B 121 -21.73 36.09 12.89
N VAL B 122 -21.02 36.73 11.98
CA VAL B 122 -20.53 36.02 10.82
C VAL B 122 -19.16 36.55 10.49
N GLY B 123 -18.15 35.66 10.47
CA GLY B 123 -16.77 36.08 10.26
C GLY B 123 -16.07 35.12 9.36
N ILE B 124 -15.01 35.59 8.69
CA ILE B 124 -14.16 34.70 7.87
C ILE B 124 -12.73 34.72 8.35
N ALA B 125 -12.22 33.59 8.75
CA ALA B 125 -10.82 33.52 9.07
C ALA B 125 -10.12 32.99 7.85
N CYS B 126 -8.96 33.55 7.51
CA CYS B 126 -8.27 33.11 6.32
C CYS B 126 -6.76 33.35 6.41
N GLY B 127 -6.02 32.87 5.42
CA GLY B 127 -4.60 33.05 5.37
C GLY B 127 -4.15 33.01 3.92
N ILE B 128 -3.16 33.83 3.64
CA ILE B 128 -2.62 33.99 2.30
C ILE B 128 -1.07 33.96 2.39
N GLU B 129 -0.44 33.27 1.46
CA GLU B 129 0.97 33.52 1.20
C GLU B 129 1.34 33.20 -0.26
N ALA B 130 2.02 34.15 -0.87
CA ALA B 130 2.34 34.10 -2.28
C ALA B 130 3.83 34.22 -2.38
N MET B 131 4.50 33.13 -1.99
CA MET B 131 5.92 33.14 -1.74
C MET B 131 6.67 33.36 -3.01
N SER B 132 6.12 32.86 -4.12
CA SER B 132 6.63 33.14 -5.46
C SER B 132 6.78 34.64 -5.71
N ARG B 133 5.93 35.46 -5.09
CA ARG B 133 5.91 36.88 -5.36
C ARG B 133 6.38 37.78 -4.23
N VAL B 134 6.31 37.30 -2.99
CA VAL B 134 6.89 38.03 -1.87
C VAL B 134 7.60 37.00 -1.05
N GLY B 135 8.90 36.95 -1.16
CA GLY B 135 9.64 35.91 -0.54
C GLY B 135 9.94 36.31 0.87
N LEU B 136 10.26 35.31 1.71
CA LEU B 136 10.69 35.53 3.06
C LEU B 136 11.83 36.55 2.99
N GLY B 137 11.85 37.52 3.89
CA GLY B 137 12.90 38.52 3.88
C GLY B 137 12.49 39.85 3.23
N ALA B 138 11.66 39.78 2.20
CA ALA B 138 11.11 40.97 1.56
C ALA B 138 10.71 42.08 2.52
N ASN B 139 10.41 41.70 3.76
CA ASN B 139 9.89 42.64 4.70
C ASN B 139 10.93 43.26 5.60
N ALA B 140 12.17 43.23 5.15
CA ALA B 140 13.22 43.87 5.89
C ALA B 140 14.33 44.21 4.94
N GLY B 141 15.20 45.13 5.31
CA GLY B 141 16.33 45.41 4.45
C GLY B 141 17.28 44.23 4.45
N PRO B 142 18.36 44.32 3.64
CA PRO B 142 19.30 43.22 3.52
C PRO B 142 20.09 43.03 4.81
N ASP B 143 20.36 44.12 5.52
CA ASP B 143 21.12 44.05 6.76
C ASP B 143 20.22 43.59 7.89
N ARG B 144 20.04 42.28 8.01
CA ARG B 144 19.06 41.76 8.98
C ARG B 144 19.48 41.96 10.44
N SER B 145 20.72 42.37 10.64
CA SER B 145 21.16 42.74 11.96
C SER B 145 20.30 43.86 12.50
N LEU B 146 19.79 44.70 11.60
CA LEU B 146 19.11 45.93 11.98
C LEU B 146 17.66 45.77 12.50
N ILE B 147 17.03 44.64 12.26
CA ILE B 147 15.69 44.50 12.73
C ILE B 147 15.64 44.09 14.19
N ARG B 148 16.78 43.99 14.86
CA ARG B 148 16.78 43.82 16.32
C ARG B 148 17.57 44.95 16.95
N ALA B 149 17.11 45.38 18.12
CA ALA B 149 17.82 46.33 18.92
C ALA B 149 19.20 45.78 19.19
N GLN B 150 20.11 46.70 19.52
CA GLN B 150 21.52 46.39 19.74
C GLN B 150 21.69 45.70 21.09
N SER B 151 20.70 45.82 21.95
CA SER B 151 20.72 45.15 23.24
C SER B 151 20.57 43.65 23.09
N TRP B 152 19.93 43.21 22.03
CA TRP B 152 19.42 41.85 21.93
C TRP B 152 20.48 40.81 22.18
N ASP B 153 20.26 39.97 23.21
CA ASP B 153 21.10 38.77 23.40
C ASP B 153 20.29 37.60 23.89
N ILE B 154 19.40 37.14 23.00
CA ILE B 154 18.69 35.90 23.17
C ILE B 154 19.23 34.94 22.12
N ASP B 155 19.55 33.73 22.52
CA ASP B 155 20.10 32.75 21.59
C ASP B 155 18.97 32.15 20.79
N LEU B 156 18.43 32.95 19.88
CA LEU B 156 17.26 32.55 19.11
C LEU B 156 17.80 32.20 17.73
N PRO B 157 18.04 30.92 17.47
CA PRO B 157 18.68 30.53 16.23
C PRO B 157 17.76 30.70 15.04
N ASN B 158 18.37 30.67 13.86
CA ASN B 158 17.59 30.69 12.64
C ASN B 158 16.84 29.38 12.59
N GLN B 159 15.92 29.23 11.66
CA GLN B 159 15.05 28.05 11.69
C GLN B 159 15.70 26.78 11.23
N PHE B 160 16.63 26.86 10.29
CA PHE B 160 17.38 25.68 9.83
C PHE B 160 18.29 25.12 10.91
N GLU B 161 18.96 26.01 11.64
CA GLU B 161 19.73 25.62 12.81
C GLU B 161 18.84 25.08 13.90
N ALA B 162 17.67 25.66 14.07
CA ALA B 162 16.71 25.19 15.08
C ALA B 162 16.33 23.74 14.84
N ALA B 163 16.08 23.37 13.59
CA ALA B 163 15.69 22.00 13.28
C ALA B 163 16.81 21.03 13.64
N GLU B 164 18.06 21.45 13.50
CA GLU B 164 19.21 20.65 13.94
C GLU B 164 19.30 20.57 15.47
N ARG B 165 19.20 21.72 16.14
CA ARG B 165 19.22 21.76 17.60
C ARG B 165 18.16 20.89 18.22
N ILE B 166 16.97 20.91 17.63
CA ILE B 166 15.88 20.05 18.08
C ILE B 166 16.21 18.58 17.80
N ALA B 167 16.71 18.28 16.60
CA ALA B 167 17.08 16.90 16.28
C ALA B 167 18.06 16.35 17.29
N LYS B 168 19.09 17.12 17.63
CA LYS B 168 20.12 16.66 18.58
C LYS B 168 19.50 16.40 19.93
N ARG B 169 18.66 17.30 20.37
CA ARG B 169 17.98 17.17 21.66
C ARG B 169 17.26 15.87 21.80
N ARG B 170 16.67 15.37 20.72
CA ARG B 170 15.85 14.16 20.78
C ARG B 170 16.49 12.93 20.15
N GLY B 171 17.75 13.08 19.72
CA GLY B 171 18.44 12.00 19.03
C GLY B 171 17.76 11.61 17.76
N ILE B 172 17.31 12.60 16.99
CA ILE B 172 16.72 12.34 15.70
C ILE B 172 17.83 12.30 14.68
N THR B 173 17.78 11.32 13.79
CA THR B 173 18.82 11.08 12.84
C THR B 173 18.37 11.37 11.40
N ARG B 174 19.33 11.42 10.50
CA ARG B 174 19.05 11.63 9.09
C ARG B 174 18.14 10.53 8.54
N GLU B 175 18.33 9.29 8.97
CA GLU B 175 17.40 8.24 8.53
C GLU B 175 16.02 8.54 9.09
N ASP B 176 15.95 8.90 10.38
CA ASP B 176 14.66 9.21 11.00
C ASP B 176 13.85 10.16 10.16
N VAL B 177 14.45 11.31 9.86
CA VAL B 177 13.79 12.34 9.07
C VAL B 177 13.51 11.89 7.64
N ASP B 178 14.47 11.26 6.99
CA ASP B 178 14.22 10.85 5.62
C ASP B 178 12.99 9.96 5.55
N VAL B 179 12.81 9.13 6.57
CA VAL B 179 11.69 8.25 6.62
C VAL B 179 10.39 9.04 6.76
N PHE B 180 10.33 9.93 7.72
CA PHE B 180 9.14 10.78 7.87
C PHE B 180 8.86 11.50 6.55
N GLY B 181 9.90 12.16 6.06
CA GLY B 181 9.85 12.87 4.80
C GLY B 181 9.17 12.05 3.73
N LEU B 182 9.62 10.80 3.58
CA LEU B 182 9.06 9.94 2.58
C LEU B 182 7.58 9.68 2.81
N GLU B 183 7.19 9.46 4.07
CA GLU B 183 5.82 9.08 4.37
C GLU B 183 4.86 10.22 4.01
N SER B 184 5.31 11.45 4.24
CA SER B 184 4.52 12.62 3.91
C SER B 184 4.14 12.63 2.45
N GLN B 185 5.12 12.36 1.61
CA GLN B 185 4.87 12.24 0.17
C GLN B 185 3.95 11.06 -0.13
N ARG B 186 4.18 9.95 0.56
CA ARG B 186 3.39 8.76 0.36
CA ARG B 186 3.40 8.76 0.40
C ARG B 186 1.94 9.02 0.74
N ARG B 187 1.73 9.65 1.89
CA ARG B 187 0.38 9.91 2.38
C ARG B 187 -0.37 10.95 1.60
N ALA B 188 0.30 12.04 1.21
CA ALA B 188 -0.30 13.08 0.33
C ALA B 188 -0.70 12.46 -0.98
N GLN B 189 0.20 11.66 -1.55
CA GLN B 189 -0.07 10.97 -2.82
C GLN B 189 -1.23 10.01 -2.67
N ARG B 190 -1.42 9.44 -1.49
CA ARG B 190 -2.53 8.54 -1.26
C ARG B 190 -3.79 9.34 -1.18
N ALA B 191 -3.78 10.42 -0.42
CA ALA B 191 -4.98 11.22 -0.28
C ALA B 191 -5.51 11.54 -1.66
N TRP B 192 -4.64 12.10 -2.49
CA TRP B 192 -5.01 12.54 -3.81
C TRP B 192 -5.51 11.43 -4.70
N ALA B 193 -4.90 10.26 -4.57
CA ALA B 193 -5.38 9.08 -5.27
C ALA B 193 -6.79 8.70 -4.88
N GLU B 194 -7.08 8.70 -3.59
CA GLU B 194 -8.43 8.37 -3.11
C GLU B 194 -9.44 9.51 -3.33
N GLY B 195 -8.95 10.74 -3.38
CA GLY B 195 -9.82 11.89 -3.56
C GLY B 195 -10.13 12.66 -2.29
N ARG B 196 -9.32 12.47 -1.27
CA ARG B 196 -9.67 13.02 0.00
C ARG B 196 -9.80 14.51 -0.01
N PHE B 197 -8.91 15.24 -0.71
CA PHE B 197 -8.92 16.71 -0.73
C PHE B 197 -9.98 17.32 -1.68
N ASP B 198 -10.66 16.50 -2.45
CA ASP B 198 -11.59 17.01 -3.44
C ASP B 198 -12.54 18.01 -2.85
N ARG B 199 -13.14 17.67 -1.74
CA ARG B 199 -14.17 18.54 -1.17
C ARG B 199 -13.60 19.87 -0.72
N GLU B 200 -12.53 19.83 0.04
CA GLU B 200 -11.95 21.06 0.59
C GLU B 200 -11.36 21.99 -0.46
N ILE B 201 -10.99 21.46 -1.64
CA ILE B 201 -10.29 22.31 -2.61
C ILE B 201 -11.22 23.09 -3.55
N SER B 202 -10.87 24.35 -3.79
CA SER B 202 -11.56 25.21 -4.73
C SER B 202 -10.62 25.53 -5.86
N PRO B 203 -10.82 24.92 -7.02
CA PRO B 203 -9.99 25.20 -8.17
C PRO B 203 -9.84 26.71 -8.34
N ILE B 204 -8.66 27.15 -8.74
CA ILE B 204 -8.37 28.54 -8.95
C ILE B 204 -7.90 28.76 -10.38
N GLN B 205 -8.59 29.66 -11.09
CA GLN B 205 -8.13 30.09 -12.39
C GLN B 205 -6.83 30.88 -12.21
N ALA B 206 -5.89 30.69 -13.12
CA ALA B 206 -4.60 31.33 -12.98
C ALA B 206 -3.93 31.63 -14.31
N PRO B 207 -3.21 32.75 -14.38
CA PRO B 207 -2.47 33.09 -15.55
C PRO B 207 -1.49 32.00 -15.81
N VAL B 208 -1.49 31.45 -17.02
CA VAL B 208 -0.42 30.60 -17.47
C VAL B 208 0.78 31.46 -17.84
N LEU B 209 1.95 31.07 -17.31
CA LEU B 209 3.20 31.75 -17.62
C LEU B 209 4.12 30.85 -18.46
N ASP B 210 5.07 31.46 -19.16
CA ASP B 210 5.99 30.76 -20.06
C ASP B 210 7.12 30.10 -19.26
N GLU B 211 8.19 29.70 -19.95
CA GLU B 211 9.37 29.12 -19.29
C GLU B 211 10.08 30.19 -18.48
N GLN B 212 9.97 31.43 -18.95
CA GLN B 212 10.32 32.60 -18.16
C GLN B 212 9.16 32.83 -17.17
N ASN B 213 9.08 34.01 -16.58
CA ASN B 213 7.97 34.32 -15.71
C ASN B 213 7.15 35.48 -16.27
N GLN B 214 6.71 35.28 -17.51
CA GLN B 214 5.83 36.22 -18.19
C GLN B 214 4.56 35.49 -18.61
N PRO B 215 3.43 36.19 -18.67
CA PRO B 215 2.15 35.54 -18.98
C PRO B 215 2.01 35.17 -20.44
N THR B 216 1.44 34.00 -20.70
CA THR B 216 1.24 33.52 -22.06
C THR B 216 -0.16 33.85 -22.61
N GLY B 217 -0.93 34.65 -21.88
CA GLY B 217 -2.30 34.98 -22.27
C GLY B 217 -3.32 33.94 -21.85
N GLU B 218 -2.88 32.70 -21.62
CA GLU B 218 -3.74 31.62 -21.15
C GLU B 218 -4.10 31.76 -19.67
N ARG B 219 -5.34 31.37 -19.33
CA ARG B 219 -5.86 31.46 -17.96
C ARG B 219 -6.38 30.09 -17.54
N ARG B 220 -5.49 29.23 -17.10
CA ARG B 220 -5.85 27.84 -16.82
C ARG B 220 -6.39 27.67 -15.39
N LEU B 221 -7.19 26.62 -15.22
CA LEU B 221 -7.80 26.28 -13.95
C LEU B 221 -6.90 25.29 -13.23
N VAL B 222 -6.51 25.60 -12.00
CA VAL B 222 -5.58 24.77 -11.19
C VAL B 222 -6.39 24.14 -10.09
N PHE B 223 -6.21 22.84 -9.86
CA PHE B 223 -6.88 22.17 -8.73
C PHE B 223 -6.10 21.18 -7.96
N ARG B 224 -4.80 21.12 -8.19
CA ARG B 224 -3.99 20.13 -7.51
C ARG B 224 -2.80 20.71 -6.85
N ASP B 225 -2.53 20.20 -5.67
CA ASP B 225 -1.34 20.56 -4.98
C ASP B 225 -0.19 20.13 -5.87
N GLN B 226 0.75 21.03 -6.06
CA GLN B 226 1.83 20.85 -7.01
C GLN B 226 3.08 20.20 -6.42
N GLY B 227 3.13 20.10 -5.10
CA GLY B 227 4.34 19.63 -4.43
C GLY B 227 4.47 18.13 -4.30
N LEU B 228 3.48 17.36 -4.78
CA LEU B 228 3.64 15.93 -4.81
C LEU B 228 4.72 15.53 -5.83
N ARG B 229 5.44 14.47 -5.50
CA ARG B 229 6.64 14.11 -6.22
C ARG B 229 6.97 12.65 -5.93
N GLU B 230 7.16 11.84 -6.99
CA GLU B 230 7.58 10.47 -6.77
C GLU B 230 8.85 10.57 -5.92
N THR B 231 8.86 9.85 -4.81
CA THR B 231 9.89 10.00 -3.80
C THR B 231 10.30 8.62 -3.26
N THR B 232 11.57 8.48 -2.89
CA THR B 232 12.07 7.22 -2.39
C THR B 232 13.18 7.40 -1.37
N MET B 233 13.39 6.40 -0.52
CA MET B 233 14.43 6.49 0.52
C MET B 233 15.78 6.72 -0.07
N ALA B 234 16.04 6.13 -1.23
CA ALA B 234 17.30 6.35 -1.92
C ALA B 234 17.40 7.78 -2.30
N GLY B 235 16.38 8.24 -3.03
CA GLY B 235 16.33 9.62 -3.52
C GLY B 235 16.60 10.65 -2.42
N LEU B 236 15.96 10.45 -1.27
CA LEU B 236 16.10 11.35 -0.17
C LEU B 236 17.50 11.28 0.41
N GLY B 237 18.06 10.07 0.40
CA GLY B 237 19.42 9.88 0.87
C GLY B 237 20.41 10.67 0.01
N GLU B 238 20.09 10.78 -1.29
CA GLU B 238 20.91 11.50 -2.27
C GLU B 238 21.09 12.96 -1.93
N LEU B 239 20.08 13.52 -1.27
CA LEU B 239 19.95 14.97 -1.15
C LEU B 239 20.93 15.60 -0.18
N LYS B 240 21.37 16.81 -0.51
CA LYS B 240 22.38 17.48 0.27
C LYS B 240 21.73 18.25 1.37
N PRO B 241 22.27 18.20 2.58
CA PRO B 241 21.75 18.95 3.68
C PRO B 241 21.65 20.45 3.37
N VAL B 242 20.74 21.14 4.03
CA VAL B 242 20.67 22.58 3.92
C VAL B 242 21.83 23.25 4.64
N LEU B 243 22.16 22.77 5.84
CA LEU B 243 23.34 23.24 6.58
C LEU B 243 24.44 22.21 6.53
N GLU B 244 25.68 22.66 6.55
CA GLU B 244 26.81 21.77 6.63
C GLU B 244 26.70 20.97 7.92
N GLY B 245 26.58 19.66 7.79
CA GLY B 245 26.48 18.80 8.96
C GLY B 245 25.10 18.62 9.52
N GLY B 246 24.09 19.15 8.84
CA GLY B 246 22.73 19.02 9.33
C GLY B 246 22.14 17.74 8.78
N ILE B 247 20.96 17.36 9.29
CA ILE B 247 20.23 16.22 8.77
C ILE B 247 19.07 16.62 7.83
N HIS B 248 18.66 17.87 7.88
CA HIS B 248 17.51 18.25 7.09
C HIS B 248 17.93 18.63 5.67
N THR B 249 17.06 18.28 4.72
CA THR B 249 17.23 18.61 3.32
C THR B 249 15.90 19.09 2.81
N ALA B 250 15.88 19.51 1.55
CA ALA B 250 14.64 19.87 0.89
C ALA B 250 13.65 18.69 0.98
N GLY B 251 14.15 17.46 0.95
CA GLY B 251 13.31 16.31 1.09
C GLY B 251 12.62 16.21 2.44
N THR B 252 13.17 16.86 3.47
CA THR B 252 12.68 16.71 4.84
C THR B 252 12.42 18.04 5.51
N SER B 253 12.35 19.10 4.72
CA SER B 253 11.84 20.40 5.18
C SER B 253 10.56 20.73 4.40
N SER B 254 9.83 21.77 4.78
CA SER B 254 8.61 22.17 4.06
C SER B 254 8.97 22.77 2.71
N GLN B 255 8.00 22.86 1.81
CA GLN B 255 8.27 23.49 0.50
C GLN B 255 7.81 24.95 0.45
N ILE B 256 8.50 25.77 -0.34
CA ILE B 256 8.12 27.17 -0.46
C ILE B 256 7.02 27.29 -1.50
N SER B 257 5.89 27.85 -1.09
CA SER B 257 4.64 27.62 -1.81
C SER B 257 3.71 28.83 -1.83
N ASP B 258 2.74 28.77 -2.73
CA ASP B 258 1.74 29.82 -2.92
C ASP B 258 0.41 29.21 -2.60
N GLY B 259 -0.39 29.87 -1.76
CA GLY B 259 -1.71 29.35 -1.45
C GLY B 259 -2.53 30.22 -0.55
N ALA B 260 -3.81 29.92 -0.49
CA ALA B 260 -4.71 30.63 0.41
C ALA B 260 -5.83 29.73 0.89
N ALA B 261 -6.37 30.05 2.05
CA ALA B 261 -7.46 29.27 2.62
C ALA B 261 -8.39 30.18 3.43
N ALA B 262 -9.63 29.76 3.57
CA ALA B 262 -10.61 30.58 4.27
C ALA B 262 -11.66 29.71 4.95
N VAL B 263 -12.10 30.15 6.14
CA VAL B 263 -12.99 29.38 6.95
C VAL B 263 -14.09 30.27 7.44
N LEU B 264 -15.34 29.91 7.15
CA LEU B 264 -16.50 30.76 7.45
C LEU B 264 -17.06 30.41 8.82
N TRP B 265 -16.97 31.33 9.77
CA TRP B 265 -17.52 31.09 11.11
C TRP B 265 -18.85 31.79 11.33
N MET B 266 -19.66 31.27 12.28
CA MET B 266 -20.89 31.93 12.74
C MET B 266 -21.29 31.50 14.13
N ASP B 267 -22.04 32.35 14.80
CA ASP B 267 -22.73 31.93 16.00
C ASP B 267 -23.64 30.83 15.55
N GLU B 268 -23.62 29.73 16.28
CA GLU B 268 -24.42 28.55 15.92
C GLU B 268 -25.88 28.91 15.57
N ALA B 269 -26.49 29.78 16.37
CA ALA B 269 -27.87 30.13 16.19
C ALA B 269 -28.09 30.84 14.87
N VAL B 270 -27.24 31.81 14.56
CA VAL B 270 -27.36 32.52 13.30
C VAL B 270 -27.18 31.56 12.14
N ALA B 271 -26.23 30.64 12.25
CA ALA B 271 -26.00 29.63 11.23
C ALA B 271 -27.27 28.87 10.96
N ARG B 272 -27.86 28.31 12.02
CA ARG B 272 -29.04 27.51 11.87
C ARG B 272 -30.12 28.34 11.26
N ALA B 273 -30.16 29.62 11.59
CA ALA B 273 -31.20 30.48 11.05
C ALA B 273 -31.07 30.65 9.54
N HIS B 274 -29.86 30.82 9.04
CA HIS B 274 -29.66 30.84 7.59
C HIS B 274 -29.84 29.47 6.96
N GLY B 275 -29.98 28.44 7.78
CA GLY B 275 -30.13 27.11 7.27
C GLY B 275 -28.80 26.56 6.86
N LEU B 276 -27.76 26.96 7.58
CA LEU B 276 -26.43 26.35 7.44
C LEU B 276 -26.16 25.44 8.63
N THR B 277 -25.40 24.36 8.38
CA THR B 277 -25.15 23.32 9.36
C THR B 277 -23.90 23.59 10.14
N PRO B 278 -24.01 23.75 11.47
CA PRO B 278 -22.79 23.88 12.27
C PRO B 278 -21.96 22.62 12.14
N ARG B 279 -20.69 22.75 11.77
CA ARG B 279 -19.87 21.61 11.43
C ARG B 279 -18.78 21.27 12.46
N ALA B 280 -18.25 22.27 13.14
CA ALA B 280 -17.26 22.05 14.18
C ALA B 280 -17.12 23.25 15.08
N ARG B 281 -16.41 23.05 16.18
CA ARG B 281 -16.18 24.15 17.11
C ARG B 281 -14.91 23.93 17.85
N ILE B 282 -14.35 25.03 18.34
CA ILE B 282 -13.09 24.97 19.04
C ILE B 282 -13.35 24.52 20.46
N VAL B 283 -12.68 23.44 20.87
CA VAL B 283 -12.73 22.94 22.23
C VAL B 283 -11.70 23.66 23.08
N ALA B 284 -10.52 23.87 22.53
CA ALA B 284 -9.50 24.68 23.20
C ALA B 284 -8.54 25.33 22.20
N GLN B 285 -8.07 26.53 22.53
CA GLN B 285 -7.11 27.22 21.65
C GLN B 285 -5.98 27.89 22.44
N ALA B 286 -4.85 28.05 21.77
CA ALA B 286 -3.72 28.61 22.43
C ALA B 286 -2.67 29.06 21.45
N LEU B 287 -2.01 30.15 21.83
CA LEU B 287 -0.82 30.62 21.17
C LEU B 287 0.21 30.85 22.24
N VAL B 288 1.11 29.91 22.42
CA VAL B 288 2.06 29.96 23.51
C VAL B 288 3.40 30.39 22.98
N GLY B 289 4.18 31.02 23.89
CA GLY B 289 5.61 31.18 23.71
C GLY B 289 6.38 29.86 23.94
N ALA B 290 7.44 29.68 23.14
CA ALA B 290 8.29 28.52 23.19
C ALA B 290 9.72 28.92 23.59
N GLU B 291 10.62 27.93 23.70
CA GLU B 291 11.95 28.17 24.23
C GLU B 291 12.78 28.73 23.11
N PRO B 292 13.34 29.91 23.30
CA PRO B 292 14.07 30.45 22.17
C PRO B 292 15.17 29.54 21.63
N TYR B 293 15.96 28.96 22.52
CA TYR B 293 17.12 28.18 22.06
C TYR B 293 16.80 27.20 20.95
N TYR B 294 15.78 26.39 21.20
CA TYR B 294 15.36 25.39 20.22
C TYR B 294 14.44 26.03 19.19
N HIS B 295 13.79 27.10 19.58
CA HIS B 295 13.04 27.91 18.64
C HIS B 295 11.76 27.27 18.08
N LEU B 296 11.86 26.15 17.37
CA LEU B 296 10.70 25.57 16.69
C LEU B 296 10.08 24.35 17.40
N ASP B 297 10.37 24.17 18.70
CA ASP B 297 9.91 22.96 19.41
C ASP B 297 8.68 23.26 20.22
N GLY B 298 8.05 24.41 19.95
CA GLY B 298 6.83 24.87 20.66
C GLY B 298 5.57 24.01 20.58
N PRO B 299 5.37 23.29 19.47
CA PRO B 299 4.26 22.35 19.44
C PRO B 299 4.13 21.48 20.67
N VAL B 300 5.24 21.21 21.35
CA VAL B 300 5.17 20.47 22.61
C VAL B 300 4.33 21.26 23.56
N GLN B 301 4.62 22.56 23.65
CA GLN B 301 3.95 23.43 24.63
C GLN B 301 2.51 23.75 24.28
N SER B 302 2.26 24.05 23.03
CA SER B 302 0.92 24.36 22.61
C SER B 302 0.04 23.10 22.72
N THR B 303 0.52 21.98 22.23
CA THR B 303 -0.23 20.75 22.36
C THR B 303 -0.55 20.49 23.84
N ALA B 304 0.41 20.79 24.69
CA ALA B 304 0.20 20.61 26.11
C ALA B 304 -0.95 21.47 26.61
N LYS B 305 -0.92 22.75 26.29
CA LYS B 305 -1.86 23.69 26.87
C LYS B 305 -3.27 23.36 26.49
N VAL B 306 -3.51 23.13 25.21
CA VAL B 306 -4.89 22.85 24.76
C VAL B 306 -5.44 21.54 25.33
N LEU B 307 -4.60 20.52 25.43
CA LEU B 307 -4.98 19.28 26.07
C LEU B 307 -5.39 19.62 27.48
N GLU B 308 -4.56 20.41 28.17
CA GLU B 308 -4.83 20.79 29.55
C GLU B 308 -6.14 21.52 29.65
N LYS B 309 -6.27 22.55 28.84
CA LYS B 309 -7.49 23.34 28.84
C LYS B 309 -8.71 22.51 28.46
N ALA B 310 -8.55 21.63 27.47
CA ALA B 310 -9.65 20.82 26.98
C ALA B 310 -10.00 19.74 27.97
N GLY B 311 -9.10 19.48 28.91
CA GLY B 311 -9.26 18.37 29.83
C GLY B 311 -9.17 17.04 29.14
N MET B 312 -8.27 16.92 28.17
CA MET B 312 -8.10 15.68 27.39
C MET B 312 -6.65 15.19 27.44
N LYS B 313 -6.44 14.00 26.89
CA LYS B 313 -5.11 13.46 26.70
C LYS B 313 -4.98 13.09 25.24
N ILE B 314 -3.73 13.07 24.75
CA ILE B 314 -3.46 12.94 23.32
C ILE B 314 -4.18 11.78 22.73
N GLY B 315 -4.43 10.77 23.57
CA GLY B 315 -5.26 9.61 23.24
C GLY B 315 -6.68 9.96 22.84
N ASP B 316 -7.21 11.07 23.30
CA ASP B 316 -8.55 11.41 22.92
C ASP B 316 -8.69 11.96 21.53
N ILE B 317 -7.58 12.43 20.97
CA ILE B 317 -7.59 13.09 19.65
C ILE B 317 -7.59 12.03 18.56
N ASP B 318 -8.51 12.21 17.60
CA ASP B 318 -8.66 11.28 16.47
C ASP B 318 -7.70 11.59 15.34
N ILE B 319 -7.41 12.86 15.16
CA ILE B 319 -6.66 13.33 13.99
C ILE B 319 -5.80 14.52 14.42
N VAL B 320 -4.50 14.41 14.17
CA VAL B 320 -3.60 15.50 14.42
C VAL B 320 -3.14 16.13 13.13
N GLU B 321 -2.95 17.42 13.17
CA GLU B 321 -2.26 18.15 12.11
C GLU B 321 -1.19 19.01 12.79
N ILE B 322 0.06 18.54 12.72
CA ILE B 322 1.17 19.26 13.26
C ILE B 322 2.04 19.64 12.05
N ASN B 323 2.27 20.94 11.84
CA ASN B 323 2.82 21.38 10.60
C ASN B 323 4.26 20.94 10.42
N GLU B 324 4.61 20.48 9.22
CA GLU B 324 5.88 19.83 9.00
C GLU B 324 6.89 20.83 8.51
N ALA B 325 7.14 21.83 9.32
CA ALA B 325 8.13 22.84 8.96
C ALA B 325 9.45 22.15 8.69
N PHE B 326 9.77 21.23 9.60
CA PHE B 326 10.93 20.39 9.50
C PHE B 326 10.58 19.07 10.13
N ALA B 327 10.98 17.99 9.47
CA ALA B 327 10.72 16.67 10.01
C ALA B 327 11.00 16.59 11.54
N SER B 328 12.13 17.13 11.99
CA SER B 328 12.53 16.97 13.38
C SER B 328 11.53 17.62 14.31
N VAL B 329 10.85 18.67 13.83
CA VAL B 329 9.81 19.32 14.63
C VAL B 329 8.72 18.32 15.00
N VAL B 330 8.23 17.60 14.00
CA VAL B 330 7.13 16.65 14.21
C VAL B 330 7.58 15.50 15.06
N LEU B 331 8.78 15.00 14.78
CA LEU B 331 9.35 13.85 15.53
C LEU B 331 9.66 14.22 16.98
N SER B 332 10.22 15.41 17.21
CA SER B 332 10.44 15.87 18.58
C SER B 332 9.14 15.83 19.37
N TRP B 333 8.10 16.37 18.74
CA TRP B 333 6.76 16.44 19.32
C TRP B 333 6.26 15.05 19.65
N ALA B 334 6.35 14.17 18.68
CA ALA B 334 5.87 12.81 18.83
C ALA B 334 6.64 12.08 19.95
N ARG B 335 7.95 12.30 20.01
CA ARG B 335 8.76 11.69 21.04
C ARG B 335 8.28 12.12 22.42
N VAL B 336 7.89 13.40 22.57
CA VAL B 336 7.43 13.93 23.85
C VAL B 336 6.01 13.49 24.17
N HIS B 337 5.09 13.64 23.23
CA HIS B 337 3.67 13.41 23.48
C HIS B 337 3.19 12.00 23.14
N GLU B 338 4.05 11.21 22.47
CA GLU B 338 3.78 9.82 22.15
C GLU B 338 2.36 9.56 21.65
N PRO B 339 2.02 10.15 20.48
CA PRO B 339 0.73 9.96 19.85
C PRO B 339 0.76 8.72 18.94
N ASP B 340 -0.36 8.38 18.32
CA ASP B 340 -0.40 7.29 17.35
C ASP B 340 -0.15 7.86 15.98
N MET B 341 1.03 7.63 15.43
CA MET B 341 1.40 8.30 14.18
C MET B 341 0.56 7.91 12.96
N ASP B 342 -0.29 6.90 13.10
CA ASP B 342 -1.31 6.66 12.09
C ASP B 342 -2.40 7.73 12.11
N ARG B 343 -2.49 8.47 13.19
CA ARG B 343 -3.45 9.53 13.29
C ARG B 343 -2.83 10.91 13.07
N VAL B 344 -1.55 10.95 12.72
CA VAL B 344 -0.82 12.20 12.60
C VAL B 344 -0.55 12.48 11.15
N ASN B 345 -0.89 13.68 10.68
CA ASN B 345 -0.77 14.06 9.25
C ASN B 345 -1.18 12.94 8.29
N VAL B 346 -2.37 12.42 8.51
CA VAL B 346 -2.89 11.29 7.78
C VAL B 346 -3.05 11.56 6.28
N ASN B 347 -3.19 12.82 5.87
CA ASN B 347 -3.27 13.12 4.43
C ASN B 347 -2.02 13.78 3.84
N GLY B 348 -0.87 13.49 4.44
CA GLY B 348 0.38 14.15 4.08
C GLY B 348 0.51 15.46 4.81
N GLY B 349 1.71 16.03 4.84
CA GLY B 349 1.90 17.36 5.37
C GLY B 349 2.68 18.29 4.48
N ALA B 350 3.01 19.46 5.03
CA ALA B 350 3.73 20.47 4.29
C ALA B 350 5.00 19.99 3.57
N ILE B 351 5.70 18.98 4.09
CA ILE B 351 6.88 18.49 3.37
C ILE B 351 6.52 18.14 1.93
N ALA B 352 5.35 17.56 1.72
CA ALA B 352 4.91 17.20 0.37
C ALA B 352 3.89 18.20 -0.25
N LEU B 353 2.99 18.74 0.57
CA LEU B 353 1.95 19.66 0.09
C LEU B 353 2.40 21.13 0.13
N GLY B 354 3.56 21.42 0.68
CA GLY B 354 4.05 22.79 0.65
C GLY B 354 3.49 23.62 1.76
N HIS B 355 4.02 24.83 1.93
CA HIS B 355 3.75 25.58 3.14
C HIS B 355 3.70 27.10 2.98
N PRO B 356 2.69 27.60 2.28
CA PRO B 356 2.49 29.03 2.24
C PRO B 356 2.18 29.47 3.65
N VAL B 357 3.16 30.16 4.20
CA VAL B 357 3.31 30.37 5.63
C VAL B 357 2.04 30.99 6.23
N GLY B 358 1.62 32.14 5.71
CA GLY B 358 0.46 32.85 6.21
C GLY B 358 -0.82 32.10 6.03
N CYS B 359 -0.79 31.11 5.14
CA CYS B 359 -2.00 30.34 4.77
C CYS B 359 -2.22 29.00 5.52
N THR B 360 -1.13 28.31 5.82
CA THR B 360 -1.15 26.95 6.39
C THR B 360 -2.04 26.77 7.62
N GLY B 361 -1.96 27.71 8.55
CA GLY B 361 -2.83 27.66 9.73
C GLY B 361 -4.32 27.52 9.42
N SER B 362 -4.83 28.28 8.47
CA SER B 362 -6.18 28.08 8.06
C SER B 362 -6.33 26.85 7.20
N ARG B 363 -5.27 26.48 6.49
CA ARG B 363 -5.33 25.25 5.69
C ARG B 363 -5.44 24.03 6.60
N LEU B 364 -4.64 24.01 7.66
CA LEU B 364 -4.61 22.84 8.54
C LEU B 364 -5.96 22.57 9.15
N ILE B 365 -6.55 23.63 9.71
CA ILE B 365 -7.90 23.54 10.26
C ILE B 365 -8.83 23.03 9.18
N THR B 366 -8.74 23.59 7.97
CA THR B 366 -9.61 23.13 6.88
C THR B 366 -9.40 21.68 6.59
N THR B 367 -8.16 21.28 6.36
CA THR B 367 -7.84 19.85 6.14
C THR B 367 -8.39 18.95 7.28
N ALA B 368 -8.13 19.34 8.52
CA ALA B 368 -8.56 18.55 9.65
C ALA B 368 -10.07 18.36 9.63
N LEU B 369 -10.82 19.46 9.57
CA LEU B 369 -12.26 19.37 9.66
C LEU B 369 -12.77 18.34 8.65
N HIS B 370 -12.27 18.44 7.41
CA HIS B 370 -12.72 17.57 6.34
C HIS B 370 -12.37 16.12 6.59
N GLU B 371 -11.20 15.86 7.18
CA GLU B 371 -10.81 14.48 7.51
C GLU B 371 -11.72 13.90 8.59
N LEU B 372 -11.99 14.69 9.63
CA LEU B 372 -12.92 14.25 10.68
C LEU B 372 -14.21 13.87 10.04
N GLU B 373 -14.65 14.69 9.09
CA GLU B 373 -15.92 14.44 8.41
C GLU B 373 -15.82 13.17 7.55
N ARG B 374 -14.71 12.99 6.86
CA ARG B 374 -14.61 11.83 5.98
C ARG B 374 -14.67 10.55 6.76
N THR B 375 -13.99 10.55 7.89
CA THR B 375 -13.80 9.33 8.68
C THR B 375 -14.84 9.26 9.77
N ASP B 376 -15.74 10.23 9.77
CA ASP B 376 -16.78 10.30 10.76
C ASP B 376 -16.24 10.18 12.17
N GLN B 377 -15.14 10.89 12.44
CA GLN B 377 -14.55 10.96 13.78
C GLN B 377 -14.78 12.34 14.40
N SER B 378 -14.24 12.60 15.59
CA SER B 378 -14.72 13.73 16.39
C SER B 378 -13.72 14.79 16.73
N LEU B 379 -12.64 14.42 17.40
CA LEU B 379 -11.69 15.42 17.86
C LEU B 379 -10.51 15.50 16.93
N ALA B 380 -10.07 16.72 16.63
CA ALA B 380 -8.80 16.95 15.92
C ALA B 380 -7.98 18.02 16.61
N LEU B 381 -6.66 17.85 16.57
CA LEU B 381 -5.69 18.77 17.15
C LEU B 381 -4.93 19.38 16.00
N ILE B 382 -4.80 20.69 15.99
CA ILE B 382 -3.90 21.36 15.06
C ILE B 382 -2.89 22.13 15.90
N THR B 383 -1.61 21.98 15.55
CA THR B 383 -0.52 22.66 16.28
C THR B 383 0.60 23.01 15.32
N MET B 384 1.23 24.17 15.51
CA MET B 384 2.31 24.64 14.63
C MET B 384 3.43 25.35 15.37
N CYS B 385 4.68 25.04 15.05
CA CYS B 385 5.81 25.87 15.48
C CYS B 385 5.80 27.15 14.70
N ALA B 386 6.44 28.20 15.21
CA ALA B 386 6.50 29.47 14.50
C ALA B 386 7.65 30.37 14.90
N GLY B 387 8.16 31.10 13.93
CA GLY B 387 9.24 32.07 14.19
C GLY B 387 8.98 33.03 15.37
N GLY B 388 10.06 33.45 16.02
CA GLY B 388 10.00 34.13 17.31
C GLY B 388 9.74 33.21 18.50
N ALA B 389 9.84 31.89 18.30
CA ALA B 389 9.58 30.89 19.33
C ALA B 389 8.17 30.98 19.90
N LEU B 390 7.19 30.69 19.06
CA LEU B 390 5.78 30.70 19.40
C LEU B 390 5.15 29.47 18.78
N SER B 391 4.09 28.95 19.40
CA SER B 391 3.33 27.88 18.80
C SER B 391 1.86 28.06 18.97
N THR B 392 1.11 27.86 17.90
CA THR B 392 -0.34 27.86 18.01
C THR B 392 -0.88 26.44 18.19
N GLY B 393 -2.06 26.35 18.77
CA GLY B 393 -2.66 25.06 19.08
C GLY B 393 -4.17 25.20 19.11
N THR B 394 -4.85 24.23 18.53
CA THR B 394 -6.30 24.20 18.58
C THR B 394 -6.77 22.74 18.70
N ILE B 395 -7.84 22.55 19.46
CA ILE B 395 -8.56 21.30 19.42
C ILE B 395 -9.94 21.67 18.95
N ILE B 396 -10.30 21.19 17.77
CA ILE B 396 -11.63 21.37 17.22
C ILE B 396 -12.38 20.07 17.41
N GLU B 397 -13.71 20.18 17.35
CA GLU B 397 -14.60 19.05 17.63
C GLU B 397 -15.78 19.10 16.67
N ARG B 398 -16.09 17.99 16.00
CA ARG B 398 -17.25 17.99 15.08
C ARG B 398 -18.56 18.12 15.83
N ILE B 399 -19.55 18.73 15.16
CA ILE B 399 -20.83 18.98 15.75
C ILE B 399 -21.83 18.08 15.05
N MET C 9 -16.05 30.45 29.39
CA MET C 9 -15.88 31.82 28.85
C MET C 9 -15.56 32.86 29.91
N GLY C 10 -15.45 34.13 29.51
CA GLY C 10 -14.93 35.18 30.38
C GLY C 10 -15.56 36.54 30.21
N TYR C 11 -15.26 37.44 31.16
CA TYR C 11 -15.78 38.83 31.16
C TYR C 11 -14.61 39.77 31.14
N PRO C 12 -14.19 40.19 29.96
CA PRO C 12 -12.98 40.99 29.83
C PRO C 12 -13.13 42.36 30.44
N VAL C 13 -12.19 42.77 31.27
CA VAL C 13 -12.18 44.15 31.76
C VAL C 13 -10.76 44.75 31.70
N ILE C 14 -10.67 46.05 31.48
CA ILE C 14 -9.37 46.74 31.51
C ILE C 14 -8.96 46.88 32.94
N VAL C 15 -7.72 46.54 33.22
CA VAL C 15 -7.19 46.54 34.58
C VAL C 15 -6.11 47.60 34.67
N GLU C 16 -5.39 47.80 33.58
CA GLU C 16 -4.42 48.87 33.50
C GLU C 16 -4.19 49.31 32.07
N ALA C 17 -3.71 50.54 31.93
CA ALA C 17 -3.41 51.12 30.64
C ALA C 17 -2.32 52.19 30.78
N THR C 18 -1.39 52.21 29.85
CA THR C 18 -0.37 53.22 29.91
C THR C 18 0.21 53.51 28.53
N ARG C 19 0.95 54.60 28.41
CA ARG C 19 1.49 54.96 27.11
C ARG C 19 2.77 55.69 27.33
N SER C 20 3.70 55.61 26.37
CA SER C 20 4.91 56.40 26.43
C SER C 20 4.44 57.79 26.09
N PRO C 21 5.28 58.83 26.33
CA PRO C 21 4.99 60.09 25.66
C PRO C 21 5.16 59.89 24.17
N ILE C 22 4.51 60.73 23.38
CA ILE C 22 4.56 60.61 21.94
C ILE C 22 5.64 61.55 21.43
N GLY C 23 6.63 61.03 20.73
CA GLY C 23 7.70 61.89 20.24
C GLY C 23 7.46 62.36 18.82
N LYS C 24 8.14 63.42 18.44
CA LYS C 24 8.08 63.90 17.06
C LYS C 24 9.03 63.14 16.18
N ARG C 25 8.89 63.32 14.89
CA ARG C 25 9.71 62.63 13.92
C ARG C 25 11.16 63.08 14.11
N ASN C 26 12.06 62.14 14.22
CA ASN C 26 13.43 62.41 14.62
C ASN C 26 13.47 63.23 15.89
N GLY C 27 12.48 62.99 16.74
CA GLY C 27 12.35 63.67 18.02
C GLY C 27 12.84 62.82 19.15
N TRP C 28 12.27 63.02 20.33
CA TRP C 28 12.83 62.56 21.60
C TRP C 28 12.90 61.05 21.76
N LEU C 29 12.09 60.29 21.00
CA LEU C 29 12.19 58.81 21.06
C LEU C 29 12.82 58.17 19.82
N SER C 30 13.33 58.98 18.90
CA SER C 30 13.80 58.46 17.63
C SER C 30 15.11 57.65 17.80
N GLY C 31 15.71 57.82 18.96
CA GLY C 31 16.84 57.00 19.33
C GLY C 31 16.55 55.53 19.62
N LEU C 32 15.35 55.23 20.08
CA LEU C 32 15.03 53.86 20.40
C LEU C 32 14.68 52.99 19.14
N HIS C 33 15.22 51.79 19.09
CA HIS C 33 14.76 50.79 18.15
C HIS C 33 13.27 50.58 18.41
N ALA C 34 12.47 50.47 17.36
CA ALA C 34 11.04 50.29 17.53
C ALA C 34 10.66 49.17 18.52
N THR C 35 11.41 48.08 18.51
CA THR C 35 11.17 47.01 19.43
C THR C 35 11.43 47.38 20.90
N GLU C 36 12.38 48.28 21.16
CA GLU C 36 12.65 48.75 22.53
C GLU C 36 11.51 49.62 23.08
N LEU C 37 10.90 50.41 22.21
CA LEU C 37 9.88 51.33 22.60
C LEU C 37 8.73 50.49 23.00
N LEU C 38 8.34 49.56 22.16
CA LEU C 38 7.15 48.78 22.47
C LEU C 38 7.44 47.91 23.70
N GLY C 39 8.66 47.41 23.82
CA GLY C 39 9.02 46.61 24.97
C GLY C 39 8.87 47.40 26.25
N ALA C 40 9.28 48.65 26.19
CA ALA C 40 9.29 49.50 27.39
C ALA C 40 7.89 49.70 27.93
N VAL C 41 6.94 49.83 27.03
CA VAL C 41 5.56 50.08 27.40
C VAL C 41 4.93 48.74 27.88
N GLN C 42 5.24 47.66 27.16
CA GLN C 42 4.77 46.34 27.55
C GLN C 42 5.20 46.04 28.99
N LYS C 43 6.41 46.42 29.30
CA LYS C 43 6.88 46.20 30.65
C LYS C 43 6.24 47.20 31.58
N ALA C 44 5.98 48.41 31.07
CA ALA C 44 5.28 49.44 31.85
C ALA C 44 3.89 48.97 32.37
N VAL C 45 2.99 48.52 31.52
CA VAL C 45 1.69 48.09 32.06
C VAL C 45 1.84 47.01 33.12
N VAL C 46 2.61 45.97 32.83
CA VAL C 46 2.72 44.88 33.77
C VAL C 46 3.28 45.41 35.08
N ASP C 47 4.32 46.21 35.03
CA ASP C 47 4.89 46.76 36.24
C ASP C 47 3.85 47.60 36.98
N LYS C 48 3.14 48.46 36.26
CA LYS C 48 2.09 49.25 36.86
C LYS C 48 1.13 48.34 37.66
N ALA C 49 0.72 47.22 37.07
CA ALA C 49 -0.23 46.33 37.70
C ALA C 49 0.39 45.59 38.84
N GLY C 50 1.71 45.46 38.83
CA GLY C 50 2.42 44.77 39.91
C GLY C 50 2.54 45.55 41.22
N ILE C 51 2.36 46.86 41.16
CA ILE C 51 2.44 47.68 42.37
C ILE C 51 1.49 47.18 43.43
N GLN C 52 0.27 46.93 43.02
CA GLN C 52 -0.81 46.77 43.97
C GLN C 52 -1.26 45.32 44.13
N SER C 53 -0.56 44.40 43.47
CA SER C 53 -1.04 43.03 43.31
C SER C 53 0.11 42.06 43.13
N GLY C 54 -0.21 40.80 42.96
CA GLY C 54 0.81 39.80 42.74
C GLY C 54 1.23 39.74 41.29
N LEU C 55 0.35 40.17 40.42
CA LEU C 55 0.52 39.99 38.98
C LEU C 55 1.96 40.17 38.53
N HIS C 56 2.44 39.24 37.73
CA HIS C 56 3.75 39.36 37.11
C HIS C 56 3.69 39.06 35.61
N ALA C 57 4.66 39.53 34.85
CA ALA C 57 4.65 39.40 33.39
C ALA C 57 4.38 38.02 32.87
N GLY C 58 4.84 37.02 33.58
CA GLY C 58 4.54 35.64 33.25
C GLY C 58 3.07 35.36 33.26
N ASP C 59 2.29 36.09 34.07
CA ASP C 59 0.85 35.89 34.15
C ASP C 59 0.09 36.31 32.90
N VAL C 60 0.71 37.11 32.05
CA VAL C 60 0.14 37.44 30.77
C VAL C 60 0.14 36.16 29.97
N GLU C 61 -0.88 35.93 29.14
CA GLU C 61 -0.96 34.74 28.30
C GLU C 61 -0.72 35.02 26.85
N GLN C 62 -1.34 36.08 26.34
CA GLN C 62 -1.16 36.53 24.97
C GLN C 62 -1.07 38.07 24.92
N VAL C 63 -0.24 38.53 24.00
CA VAL C 63 -0.11 39.92 23.66
C VAL C 63 -0.56 40.09 22.20
N ILE C 64 -1.28 41.15 21.92
CA ILE C 64 -1.59 41.50 20.55
C ILE C 64 -1.19 42.97 20.29
N GLY C 65 -0.27 43.21 19.37
CA GLY C 65 0.15 44.58 19.09
C GLY C 65 -0.27 45.07 17.72
N GLY C 66 -0.79 46.29 17.65
CA GLY C 66 -1.00 46.93 16.36
C GLY C 66 0.26 47.56 15.80
N CYS C 67 0.48 47.40 14.50
CA CYS C 67 1.57 48.11 13.85
C CYS C 67 1.32 48.15 12.37
N VAL C 68 1.46 49.32 11.78
CA VAL C 68 1.05 49.51 10.38
C VAL C 68 2.17 49.25 9.39
N THR C 69 3.31 49.91 9.48
CA THR C 69 4.35 49.67 8.49
C THR C 69 5.25 48.57 8.97
N GLN C 70 4.83 47.34 8.79
CA GLN C 70 5.54 46.26 9.47
C GLN C 70 6.76 45.83 8.70
N PHE C 71 7.73 46.73 8.66
CA PHE C 71 8.90 46.52 7.82
C PHE C 71 10.17 46.78 8.62
N GLY C 72 11.21 45.96 8.37
CA GLY C 72 12.49 46.08 9.06
C GLY C 72 12.34 45.88 10.57
N GLU C 73 12.61 46.94 11.34
CA GLU C 73 12.48 46.88 12.81
C GLU C 73 11.10 46.46 13.21
N GLN C 74 10.11 46.71 12.34
CA GLN C 74 8.73 46.40 12.64
C GLN C 74 8.24 45.20 11.84
N SER C 75 9.16 44.54 11.14
CA SER C 75 8.84 43.24 10.60
C SER C 75 8.97 42.11 11.65
N ASN C 76 8.59 40.92 11.26
CA ASN C 76 8.70 39.78 12.12
C ASN C 76 7.99 39.87 13.46
N ASN C 77 6.74 40.21 13.38
CA ASN C 77 5.88 40.19 14.53
C ASN C 77 6.45 40.95 15.73
N ILE C 78 6.44 42.29 15.62
CA ILE C 78 7.12 43.17 16.57
C ILE C 78 6.64 42.97 17.99
N SER C 79 5.41 42.57 18.15
CA SER C 79 4.89 42.39 19.50
C SER C 79 5.70 41.35 20.28
N ARG C 80 5.94 40.20 19.66
CA ARG C 80 6.76 39.13 20.20
C ARG C 80 8.17 39.61 20.42
N VAL C 81 8.77 40.23 19.40
CA VAL C 81 10.16 40.60 19.53
C VAL C 81 10.36 41.62 20.62
N ALA C 82 9.49 42.62 20.65
CA ALA C 82 9.50 43.61 21.71
C ALA C 82 9.49 42.92 23.06
N TRP C 83 8.59 41.98 23.22
CA TRP C 83 8.42 41.32 24.51
C TRP C 83 9.69 40.63 24.89
N LEU C 84 10.23 39.80 24.01
CA LEU C 84 11.49 39.11 24.33
C LEU C 84 12.60 40.14 24.63
N THR C 85 12.67 41.20 23.82
CA THR C 85 13.69 42.20 23.96
C THR C 85 13.64 42.91 25.31
N ALA C 86 12.45 43.13 25.84
CA ALA C 86 12.32 43.73 27.17
C ALA C 86 12.70 42.74 28.26
N GLY C 87 13.10 41.54 27.88
CA GLY C 87 13.42 40.53 28.84
C GLY C 87 12.20 39.96 29.57
N LEU C 88 11.06 40.00 28.93
CA LEU C 88 9.87 39.45 29.52
C LEU C 88 9.76 37.97 29.15
N PRO C 89 8.97 37.20 29.90
CA PRO C 89 8.92 35.75 29.75
C PRO C 89 8.62 35.22 28.34
N GLU C 90 9.42 34.24 27.93
CA GLU C 90 9.31 33.69 26.60
C GLU C 90 8.07 32.83 26.37
N HIS C 91 7.41 32.33 27.42
CA HIS C 91 6.19 31.50 27.24
C HIS C 91 4.92 32.29 26.88
N VAL C 92 4.96 33.61 26.98
CA VAL C 92 3.80 34.40 26.65
C VAL C 92 3.70 34.57 25.12
N GLY C 93 2.60 34.09 24.56
CA GLY C 93 2.36 34.26 23.12
C GLY C 93 2.12 35.69 22.74
N ALA C 94 2.26 35.98 21.45
CA ALA C 94 2.04 37.32 20.93
C ALA C 94 1.88 37.36 19.40
N THR C 95 0.94 38.19 18.97
CA THR C 95 0.59 38.38 17.57
C THR C 95 0.59 39.87 17.30
N THR C 96 0.83 40.25 16.05
CA THR C 96 0.84 41.67 15.65
C THR C 96 -0.24 41.86 14.56
N VAL C 97 -0.94 43.00 14.55
CA VAL C 97 -2.05 43.16 13.62
C VAL C 97 -2.02 44.47 12.82
N ASP C 98 -2.71 44.44 11.69
CA ASP C 98 -2.83 45.60 10.83
C ASP C 98 -4.24 45.73 10.34
N CYS C 99 -4.99 46.67 10.89
CA CYS C 99 -6.05 47.28 10.12
C CYS C 99 -5.77 48.78 10.07
N GLN C 100 -4.58 49.10 9.50
CA GLN C 100 -4.03 50.45 9.40
C GLN C 100 -4.10 51.26 10.69
N OAS C 101 -4.75 52.41 10.69
CA OAS C 101 -4.73 53.28 11.84
CB OAS C 101 -5.01 54.70 11.36
OG OAS C 101 -4.21 54.91 10.17
C OAS C 101 -5.69 52.76 12.88
O OAS C 101 -5.70 53.22 14.03
C2A OAS C 101 -5.58 56.41 8.50
C1A OAS C 101 -4.78 55.17 8.81
OAC OAS C 101 -4.58 54.37 7.91
N GLY C 102 -6.47 51.76 12.51
CA GLY C 102 -7.35 51.08 13.45
C GLY C 102 -6.65 50.00 14.24
N SER C 103 -5.38 49.75 13.96
CA SER C 103 -4.78 48.49 14.42
C SER C 103 -4.80 48.37 15.93
N GLY C 104 -4.29 49.36 16.60
CA GLY C 104 -4.08 49.27 18.03
C GLY C 104 -5.38 49.39 18.78
N GLN C 105 -6.44 49.78 18.09
CA GLN C 105 -7.74 49.79 18.70
C GLN C 105 -8.31 48.41 18.46
N GLN C 106 -8.21 47.96 17.21
CA GLN C 106 -8.64 46.60 16.87
C GLN C 106 -7.97 45.55 17.78
N ALA C 107 -6.77 45.87 18.26
CA ALA C 107 -6.03 44.99 19.15
C ALA C 107 -6.69 44.80 20.52
N ASN C 108 -7.23 45.85 21.09
CA ASN C 108 -8.04 45.70 22.31
C ASN C 108 -9.31 44.88 22.03
N HIS C 109 -9.92 45.04 20.87
CA HIS C 109 -11.11 44.19 20.57
C HIS C 109 -10.75 42.71 20.63
N LEU C 110 -9.61 42.36 20.06
CA LEU C 110 -9.23 40.98 19.87
C LEU C 110 -8.84 40.32 21.18
N ILE C 111 -8.13 41.00 22.06
CA ILE C 111 -7.84 40.45 23.38
C ILE C 111 -9.16 40.30 24.13
N ALA C 112 -10.03 41.29 23.99
CA ALA C 112 -11.30 41.23 24.67
C ALA C 112 -12.05 39.98 24.19
N GLY C 113 -11.94 39.67 22.90
CA GLY C 113 -12.57 38.48 22.39
C GLY C 113 -11.98 37.17 22.95
N LEU C 114 -10.66 37.08 22.97
CA LEU C 114 -10.05 35.85 23.44
C LEU C 114 -10.37 35.60 24.91
N ILE C 115 -10.44 36.66 25.71
CA ILE C 115 -10.89 36.55 27.09
C ILE C 115 -12.35 36.02 27.15
N ALA C 116 -13.19 36.64 26.34
CA ALA C 116 -14.60 36.29 26.23
C ALA C 116 -14.79 34.85 25.84
N ALA C 117 -13.95 34.35 24.95
CA ALA C 117 -14.10 33.00 24.47
C ALA C 117 -13.49 32.00 25.45
N GLY C 118 -12.85 32.52 26.49
CA GLY C 118 -12.17 31.68 27.45
C GLY C 118 -10.81 31.21 27.02
N ALA C 119 -10.24 31.82 26.00
CA ALA C 119 -8.96 31.36 25.51
C ALA C 119 -7.88 31.74 26.48
N ILE C 120 -8.00 32.93 27.07
CA ILE C 120 -7.01 33.42 28.04
C ILE C 120 -7.67 34.20 29.16
N ASP C 121 -6.97 34.29 30.28
CA ASP C 121 -7.49 35.07 31.39
C ASP C 121 -6.82 36.41 31.50
N VAL C 122 -5.64 36.55 30.92
CA VAL C 122 -4.85 37.76 31.08
C VAL C 122 -4.19 38.03 29.75
N GLY C 123 -4.42 39.21 29.21
CA GLY C 123 -3.90 39.60 27.90
C GLY C 123 -3.50 41.07 27.85
N ILE C 124 -2.61 41.40 26.93
CA ILE C 124 -2.18 42.78 26.78
C ILE C 124 -2.44 43.17 25.34
N ALA C 125 -3.23 44.22 25.16
CA ALA C 125 -3.40 44.81 23.86
C ALA C 125 -2.43 45.96 23.81
N CYS C 126 -1.81 46.18 22.67
CA CYS C 126 -0.86 47.27 22.57
C CYS C 126 -0.70 47.73 21.13
N GLY C 127 0.06 48.82 20.97
CA GLY C 127 0.33 49.37 19.66
C GLY C 127 1.64 50.13 19.63
N ILE C 128 2.33 50.00 18.50
CA ILE C 128 3.64 50.55 18.36
C ILE C 128 3.72 51.23 17.02
N GLU C 129 4.31 52.43 16.97
CA GLU C 129 4.81 52.91 15.67
C GLU C 129 6.01 53.87 15.85
N ALA C 130 7.06 53.62 15.09
CA ALA C 130 8.28 54.31 15.25
C ALA C 130 8.52 54.94 13.88
N MET C 131 7.77 55.99 13.60
CA MET C 131 7.75 56.55 12.27
C MET C 131 9.07 57.24 11.94
N SER C 132 9.74 57.76 12.96
CA SER C 132 11.10 58.20 12.80
C SER C 132 11.96 57.13 12.15
N ARG C 133 11.70 55.85 12.40
CA ARG C 133 12.59 54.78 11.98
C ARG C 133 12.06 53.84 10.90
N VAL C 134 10.75 53.75 10.79
CA VAL C 134 10.16 53.04 9.70
C VAL C 134 9.06 53.94 9.22
N GLY C 135 9.26 54.56 8.08
CA GLY C 135 8.31 55.53 7.59
C GLY C 135 7.27 54.84 6.77
N LEU C 136 6.11 55.49 6.65
CA LEU C 136 5.01 55.03 5.80
C LEU C 136 5.66 54.81 4.45
N GLY C 137 5.31 53.67 3.83
CA GLY C 137 5.85 53.31 2.52
C GLY C 137 6.96 52.28 2.60
N ALA C 138 7.77 52.32 3.65
CA ALA C 138 8.82 51.33 3.87
C ALA C 138 8.41 49.91 3.51
N ASN C 139 7.12 49.65 3.59
CA ASN C 139 6.65 48.30 3.44
C ASN C 139 6.19 48.00 2.05
N ALA C 140 6.72 48.73 1.10
CA ALA C 140 6.44 48.43 -0.29
C ALA C 140 7.56 49.00 -1.09
N GLY C 141 7.76 48.48 -2.30
CA GLY C 141 8.75 49.06 -3.19
C GLY C 141 8.37 50.48 -3.60
N PRO C 142 9.23 51.14 -4.35
CA PRO C 142 8.94 52.49 -4.75
C PRO C 142 7.82 52.55 -5.76
N ASP C 143 7.67 51.51 -6.59
CA ASP C 143 6.59 51.46 -7.57
C ASP C 143 5.27 51.03 -6.92
N ARG C 144 4.56 51.99 -6.32
CA ARG C 144 3.38 51.65 -5.53
C ARG C 144 2.21 51.17 -6.39
N SER C 145 2.34 51.32 -7.72
CA SER C 145 1.38 50.72 -8.64
C SER C 145 1.31 49.19 -8.50
N LEU C 146 2.41 48.60 -8.03
CA LEU C 146 2.55 47.17 -8.00
C LEU C 146 1.88 46.49 -6.81
N ILE C 147 1.51 47.23 -5.78
CA ILE C 147 0.89 46.57 -4.65
C ILE C 147 -0.61 46.34 -4.85
N ARG C 148 -1.14 46.69 -6.01
CA ARG C 148 -2.49 46.30 -6.35
C ARG C 148 -2.45 45.50 -7.63
N ALA C 149 -3.34 44.50 -7.71
CA ALA C 149 -3.56 43.79 -8.94
C ALA C 149 -3.93 44.76 -10.08
N GLN C 150 -3.70 44.31 -11.31
CA GLN C 150 -3.88 45.12 -12.50
C GLN C 150 -5.36 45.31 -12.76
N SER C 151 -6.19 44.45 -12.17
CA SER C 151 -7.64 44.52 -12.30
C SER C 151 -8.23 45.70 -11.54
N TRP C 152 -7.53 46.16 -10.51
CA TRP C 152 -8.09 47.12 -9.55
C TRP C 152 -8.66 48.40 -10.16
N ASP C 153 -9.96 48.61 -9.97
CA ASP C 153 -10.58 49.88 -10.36
C ASP C 153 -11.61 50.30 -9.33
N ILE C 154 -11.10 50.61 -8.16
CA ILE C 154 -11.90 51.23 -7.14
C ILE C 154 -11.32 52.62 -7.00
N ASP C 155 -12.20 53.62 -6.92
CA ASP C 155 -11.75 54.99 -6.75
C ASP C 155 -11.45 55.24 -5.28
N LEU C 156 -10.34 54.66 -4.82
CA LEU C 156 -9.91 54.75 -3.44
C LEU C 156 -8.77 55.75 -3.37
N PRO C 157 -9.07 57.02 -3.09
CA PRO C 157 -8.09 58.08 -3.18
C PRO C 157 -7.06 57.97 -2.10
N ASN C 158 -5.96 58.67 -2.29
CA ASN C 158 -4.94 58.74 -1.26
C ASN C 158 -5.55 59.48 -0.09
N GLN C 159 -4.88 59.51 1.05
CA GLN C 159 -5.49 60.08 2.24
C GLN C 159 -5.58 61.60 2.23
N PHE C 160 -4.59 62.27 1.65
CA PHE C 160 -4.68 63.73 1.58
C PHE C 160 -5.77 64.20 0.68
N GLU C 161 -5.97 63.52 -0.44
CA GLU C 161 -7.12 63.82 -1.31
C GLU C 161 -8.41 63.44 -0.60
N ALA C 162 -8.40 62.39 0.19
CA ALA C 162 -9.60 61.99 0.90
C ALA C 162 -10.06 63.12 1.82
N ALA C 163 -9.13 63.71 2.54
CA ALA C 163 -9.51 64.77 3.45
C ALA C 163 -10.17 65.96 2.73
N GLU C 164 -9.77 66.19 1.48
CA GLU C 164 -10.40 67.19 0.62
C GLU C 164 -11.76 66.75 0.14
N ARG C 165 -11.87 65.53 -0.37
CA ARG C 165 -13.14 65.01 -0.81
C ARG C 165 -14.17 65.03 0.29
N ILE C 166 -13.74 64.68 1.49
CA ILE C 166 -14.63 64.73 2.63
C ILE C 166 -15.03 66.16 2.94
N ALA C 167 -14.06 67.07 2.94
CA ALA C 167 -14.35 68.49 3.23
C ALA C 167 -15.40 69.04 2.29
N LYS C 168 -15.24 68.77 1.00
CA LYS C 168 -16.18 69.24 -0.01
C LYS C 168 -17.56 68.66 0.24
N ARG C 169 -17.63 67.38 0.57
CA ARG C 169 -18.89 66.73 0.86
C ARG C 169 -19.68 67.41 1.94
N ARG C 170 -18.99 67.95 2.93
CA ARG C 170 -19.67 68.55 4.07
C ARG C 170 -19.64 70.06 4.10
N GLY C 171 -19.05 70.67 3.08
CA GLY C 171 -18.83 72.12 3.08
C GLY C 171 -17.91 72.58 4.21
N ILE C 172 -16.84 71.83 4.43
CA ILE C 172 -15.87 72.24 5.42
C ILE C 172 -14.84 73.13 4.75
N THR C 173 -14.52 74.23 5.42
CA THR C 173 -13.68 75.26 4.85
C THR C 173 -12.32 75.35 5.52
N ARG C 174 -11.42 76.12 4.90
CA ARG C 174 -10.11 76.32 5.47
C ARG C 174 -10.16 76.98 6.81
N GLU C 175 -11.10 77.89 7.01
CA GLU C 175 -11.28 78.46 8.35
C GLU C 175 -11.77 77.40 9.35
N ASP C 176 -12.75 76.60 8.93
CA ASP C 176 -13.31 75.54 9.77
C ASP C 176 -12.18 74.74 10.34
N VAL C 177 -11.36 74.16 9.46
CA VAL C 177 -10.29 73.27 9.91
C VAL C 177 -9.28 74.03 10.77
N ASP C 178 -8.84 75.19 10.33
CA ASP C 178 -7.81 75.90 11.05
C ASP C 178 -8.24 76.10 12.46
N VAL C 179 -9.54 76.36 12.65
CA VAL C 179 -10.13 76.54 13.98
C VAL C 179 -10.01 75.26 14.77
N PHE C 180 -10.56 74.17 14.25
CA PHE C 180 -10.40 72.89 14.92
C PHE C 180 -8.95 72.61 15.25
N GLY C 181 -8.10 72.75 14.25
CA GLY C 181 -6.67 72.58 14.43
C GLY C 181 -6.22 73.31 15.68
N LEU C 182 -6.51 74.59 15.71
CA LEU C 182 -6.04 75.39 16.81
C LEU C 182 -6.53 74.89 18.14
N GLU C 183 -7.78 74.44 18.19
CA GLU C 183 -8.37 73.99 19.46
C GLU C 183 -7.71 72.73 19.99
N SER C 184 -7.26 71.88 19.07
CA SER C 184 -6.51 70.70 19.48
C SER C 184 -5.26 71.08 20.25
N GLN C 185 -4.49 71.99 19.70
CA GLN C 185 -3.31 72.49 20.37
C GLN C 185 -3.66 73.15 21.68
N ARG C 186 -4.76 73.90 21.65
CA ARG C 186 -5.29 74.63 22.77
C ARG C 186 -5.60 73.63 23.90
N ARG C 187 -6.33 72.58 23.58
CA ARG C 187 -6.77 71.57 24.58
C ARG C 187 -5.68 70.61 25.06
N ALA C 188 -4.77 70.20 24.17
CA ALA C 188 -3.61 69.42 24.58
C ALA C 188 -2.79 70.24 25.56
N GLN C 189 -2.52 71.48 25.20
CA GLN C 189 -1.74 72.35 26.05
C GLN C 189 -2.42 72.56 27.38
N ARG C 190 -3.76 72.54 27.40
CA ARG C 190 -4.48 72.66 28.66
C ARG C 190 -4.30 71.42 29.51
N ALA C 191 -4.52 70.26 28.89
CA ALA C 191 -4.41 68.98 29.62
C ALA C 191 -3.08 68.94 30.33
N TRP C 192 -2.01 69.14 29.55
CA TRP C 192 -0.67 69.16 30.10
C TRP C 192 -0.49 70.20 31.23
N ALA C 193 -1.06 71.38 31.06
CA ALA C 193 -0.96 72.34 32.11
C ALA C 193 -1.61 71.85 33.38
N GLU C 194 -2.78 71.26 33.26
CA GLU C 194 -3.49 70.77 34.46
C GLU C 194 -2.99 69.44 34.96
N GLY C 195 -2.27 68.70 34.13
CA GLY C 195 -1.65 67.46 34.56
C GLY C 195 -2.49 66.24 34.26
N ARG C 196 -3.36 66.34 33.27
CA ARG C 196 -4.28 65.28 32.98
C ARG C 196 -3.56 64.02 32.58
N PHE C 197 -2.56 64.11 31.71
CA PHE C 197 -1.90 62.91 31.18
C PHE C 197 -0.90 62.25 32.10
N ASP C 198 -0.61 62.88 33.24
CA ASP C 198 0.41 62.38 34.16
C ASP C 198 0.23 60.90 34.54
N ARG C 199 -0.98 60.51 34.91
CA ARG C 199 -1.26 59.14 35.33
C ARG C 199 -1.01 58.16 34.21
N GLU C 200 -1.58 58.41 33.03
CA GLU C 200 -1.48 57.48 31.90
C GLU C 200 -0.11 57.35 31.32
N ILE C 201 0.76 58.36 31.49
CA ILE C 201 2.08 58.33 30.84
C ILE C 201 3.12 57.61 31.66
N SER C 202 3.94 56.82 30.97
CA SER C 202 5.09 56.15 31.54
C SER C 202 6.35 56.73 30.93
N PRO C 203 7.09 57.55 31.67
CA PRO C 203 8.31 58.08 31.15
C PRO C 203 9.15 56.99 30.54
N ILE C 204 9.83 57.31 29.42
CA ILE C 204 10.68 56.36 28.70
C ILE C 204 12.12 56.88 28.61
N GLN C 205 13.07 56.09 29.08
CA GLN C 205 14.46 56.42 28.88
C GLN C 205 14.81 56.32 27.38
N ALA C 206 15.65 57.20 26.89
CA ALA C 206 15.93 57.23 25.46
C ALA C 206 17.33 57.77 25.16
N PRO C 207 17.94 57.25 24.10
CA PRO C 207 19.22 57.70 23.66
C PRO C 207 19.10 59.11 23.25
N VAL C 208 19.92 59.98 23.82
CA VAL C 208 20.03 61.34 23.31
C VAL C 208 20.83 61.32 22.03
N LEU C 209 20.32 61.98 21.00
CA LEU C 209 21.02 62.11 19.73
C LEU C 209 21.45 63.55 19.49
N ASP C 210 22.44 63.72 18.61
CA ASP C 210 23.02 65.05 18.31
C ASP C 210 22.13 65.82 17.34
N GLU C 211 22.67 66.87 16.73
CA GLU C 211 21.95 67.64 15.71
C GLU C 211 21.77 66.80 14.46
N GLN C 212 22.74 65.91 14.22
CA GLN C 212 22.59 64.83 13.25
C GLN C 212 21.68 63.79 13.92
N ASN C 213 21.68 62.55 13.40
CA ASN C 213 20.92 61.48 14.03
C ASN C 213 21.84 60.37 14.47
N GLN C 214 22.83 60.75 15.29
CA GLN C 214 23.76 59.82 15.91
C GLN C 214 23.69 60.01 17.42
N PRO C 215 23.96 58.95 18.18
CA PRO C 215 23.82 59.02 19.62
C PRO C 215 24.96 59.79 20.29
N THR C 216 24.62 60.57 21.31
CA THR C 216 25.58 61.35 22.06
C THR C 216 26.04 60.64 23.32
N GLY C 217 25.67 59.38 23.51
CA GLY C 217 26.02 58.64 24.72
C GLY C 217 25.07 58.86 25.88
N GLU C 218 24.38 60.00 25.89
CA GLU C 218 23.40 60.33 26.93
C GLU C 218 22.11 59.53 26.77
N ARG C 219 21.51 59.17 27.91
CA ARG C 219 20.28 58.37 27.96
C ARG C 219 19.17 59.10 28.78
N ARG C 220 18.50 60.04 28.12
CA ARG C 220 17.55 60.91 28.78
C ARG C 220 16.20 60.28 29.05
N LEU C 221 15.54 60.74 30.12
CA LEU C 221 14.19 60.30 30.43
C LEU C 221 13.18 61.25 29.82
N VAL C 222 12.30 60.71 28.97
CA VAL C 222 11.31 61.49 28.23
C VAL C 222 9.97 61.23 28.84
N PHE C 223 9.19 62.28 29.11
CA PHE C 223 7.81 62.15 29.63
C PHE C 223 6.78 63.08 29.07
N ARG C 224 7.10 63.82 28.03
CA ARG C 224 6.17 64.76 27.49
C ARG C 224 5.95 64.57 26.04
N ASP C 225 4.71 64.70 25.64
CA ASP C 225 4.34 64.70 24.27
C ASP C 225 5.03 65.88 23.64
N GLN C 226 5.71 65.65 22.52
CA GLN C 226 6.58 66.64 21.91
C GLN C 226 5.89 67.50 20.86
N GLY C 227 4.67 67.15 20.49
CA GLY C 227 3.99 67.86 19.43
C GLY C 227 3.28 69.13 19.83
N LEU C 228 3.25 69.44 21.10
CA LEU C 228 2.61 70.69 21.51
C LEU C 228 3.41 71.85 20.96
N ARG C 229 2.74 72.95 20.65
CA ARG C 229 3.38 74.03 19.94
C ARG C 229 2.52 75.27 20.13
N GLU C 230 3.12 76.38 20.53
CA GLU C 230 2.35 77.63 20.59
C GLU C 230 1.76 77.82 19.20
N THR C 231 0.45 78.02 19.15
CA THR C 231 -0.31 78.00 17.90
C THR C 231 -1.34 79.13 17.89
N THR C 232 -1.62 79.68 16.71
CA THR C 232 -2.57 80.80 16.58
C THR C 232 -3.28 80.77 15.24
N MET C 233 -4.46 81.38 15.19
CA MET C 233 -5.23 81.40 13.96
C MET C 233 -4.45 82.07 12.84
N ALA C 234 -3.65 83.08 13.18
CA ALA C 234 -2.82 83.71 12.17
C ALA C 234 -1.81 82.69 11.67
N GLY C 235 -1.05 82.12 12.58
CA GLY C 235 -0.03 81.17 12.22
C GLY C 235 -0.56 80.12 11.28
N LEU C 236 -1.74 79.59 11.61
CA LEU C 236 -2.33 78.49 10.84
C LEU C 236 -2.76 78.99 9.47
N GLY C 237 -3.21 80.21 9.41
CA GLY C 237 -3.56 80.79 8.14
C GLY C 237 -2.35 80.93 7.21
N GLU C 238 -1.18 81.12 7.80
CA GLU C 238 0.05 81.32 7.04
C GLU C 238 0.46 80.03 6.34
N LEU C 239 0.07 78.88 6.88
CA LEU C 239 0.57 77.59 6.40
C LEU C 239 0.07 77.20 4.99
N LYS C 240 0.96 76.57 4.22
CA LYS C 240 0.67 76.16 2.87
C LYS C 240 -0.03 74.83 2.88
N PRO C 241 -1.09 74.66 2.10
CA PRO C 241 -1.78 73.39 1.94
C PRO C 241 -0.87 72.26 1.51
N VAL C 242 -1.19 71.04 1.92
CA VAL C 242 -0.43 69.87 1.49
C VAL C 242 -0.66 69.60 0.02
N LEU C 243 -1.92 69.71 -0.43
CA LEU C 243 -2.25 69.59 -1.85
C LEU C 243 -2.58 70.95 -2.42
N GLU C 244 -2.26 71.14 -3.70
CA GLU C 244 -2.63 72.36 -4.42
C GLU C 244 -4.15 72.49 -4.42
N GLY C 245 -4.64 73.53 -3.78
CA GLY C 245 -6.06 73.80 -3.70
C GLY C 245 -6.78 73.13 -2.55
N GLY C 246 -6.04 72.43 -1.68
CA GLY C 246 -6.67 71.77 -0.54
C GLY C 246 -6.81 72.75 0.61
N ILE C 247 -7.52 72.33 1.65
CA ILE C 247 -7.66 73.13 2.86
C ILE C 247 -6.80 72.63 4.01
N HIS C 248 -6.29 71.42 3.93
CA HIS C 248 -5.53 70.88 5.04
C HIS C 248 -4.05 71.24 4.93
N THR C 249 -3.45 71.47 6.09
CA THR C 249 -2.04 71.78 6.19
C THR C 249 -1.50 70.98 7.34
N ALA C 250 -0.21 71.12 7.56
CA ALA C 250 0.43 70.50 8.72
C ALA C 250 -0.22 70.96 9.97
N GLY C 251 -0.71 72.18 10.00
CA GLY C 251 -1.51 72.66 11.11
C GLY C 251 -2.82 71.94 11.41
N THR C 252 -3.41 71.33 10.40
CA THR C 252 -4.72 70.72 10.53
C THR C 252 -4.80 69.27 10.12
N SER C 253 -3.63 68.64 9.98
CA SER C 253 -3.51 67.19 9.79
C SER C 253 -2.82 66.65 11.05
N SER C 254 -2.71 65.31 11.16
CA SER C 254 -1.96 64.70 12.29
C SER C 254 -0.46 64.89 12.12
N GLN C 255 0.29 64.65 13.18
CA GLN C 255 1.76 64.70 13.14
C GLN C 255 2.38 63.33 13.02
N ILE C 256 3.50 63.27 12.30
CA ILE C 256 4.19 61.99 12.18
C ILE C 256 5.01 61.82 13.42
N SER C 257 4.86 60.68 14.09
CA SER C 257 5.30 60.55 15.47
C SER C 257 5.81 59.17 15.82
N ASP C 258 6.40 59.08 17.01
CA ASP C 258 6.90 57.81 17.57
C ASP C 258 6.20 57.54 18.88
N GLY C 259 5.63 56.36 19.05
CA GLY C 259 5.01 56.09 20.31
C GLY C 259 4.54 54.67 20.45
N ALA C 260 4.18 54.32 21.69
CA ALA C 260 3.63 53.02 21.97
C ALA C 260 2.72 53.11 23.15
N ALA C 261 1.75 52.20 23.21
CA ALA C 261 0.81 52.14 24.34
C ALA C 261 0.41 50.69 24.57
N ALA C 262 -0.04 50.38 25.77
CA ALA C 262 -0.40 49.03 26.14
C ALA C 262 -1.50 49.06 27.17
N VAL C 263 -2.36 48.06 27.12
CA VAL C 263 -3.54 47.96 27.95
C VAL C 263 -3.65 46.54 28.44
N LEU C 264 -3.72 46.37 29.76
CA LEU C 264 -3.73 45.04 30.38
C LEU C 264 -5.15 44.62 30.61
N TRP C 265 -5.58 43.54 29.95
CA TRP C 265 -6.95 43.02 30.14
C TRP C 265 -7.00 41.76 31.02
N MET C 266 -8.15 41.54 31.66
CA MET C 266 -8.39 40.28 32.37
C MET C 266 -9.87 39.94 32.43
N ASP C 267 -10.16 38.66 32.62
CA ASP C 267 -11.48 38.25 33.07
C ASP C 267 -11.66 38.90 34.43
N GLU C 268 -12.80 39.53 34.63
CA GLU C 268 -13.09 40.27 35.85
C GLU C 268 -12.82 39.45 37.12
N ALA C 269 -13.15 38.17 37.08
CA ALA C 269 -12.97 37.32 38.25
C ALA C 269 -11.50 37.11 38.56
N VAL C 270 -10.70 36.81 37.54
CA VAL C 270 -9.26 36.65 37.72
C VAL C 270 -8.66 37.93 38.27
N ALA C 271 -9.09 39.07 37.74
CA ALA C 271 -8.61 40.36 38.18
C ALA C 271 -8.81 40.51 39.66
N ARG C 272 -10.05 40.33 40.08
CA ARG C 272 -10.38 40.50 41.47
C ARG C 272 -9.58 39.53 42.32
N ALA C 273 -9.34 38.33 41.80
CA ALA C 273 -8.58 37.35 42.53
C ALA C 273 -7.17 37.82 42.80
N HIS C 274 -6.50 38.37 41.79
CA HIS C 274 -5.19 38.95 42.02
C HIS C 274 -5.26 40.22 42.85
N GLY C 275 -6.45 40.72 43.12
CA GLY C 275 -6.61 41.93 43.88
C GLY C 275 -6.40 43.15 43.00
N LEU C 276 -6.71 43.03 41.71
CA LEU C 276 -6.71 44.17 40.84
C LEU C 276 -8.16 44.63 40.65
N THR C 277 -8.34 45.93 40.42
CA THR C 277 -9.65 46.54 40.29
C THR C 277 -10.11 46.62 38.85
N PRO C 278 -11.22 45.95 38.50
CA PRO C 278 -11.75 46.12 37.16
C PRO C 278 -12.11 47.58 36.93
N ARG C 279 -11.62 48.17 35.86
CA ARG C 279 -11.70 49.60 35.64
C ARG C 279 -12.60 50.04 34.51
N ALA C 280 -12.69 49.21 33.46
CA ALA C 280 -13.62 49.47 32.37
C ALA C 280 -13.92 48.22 31.53
N ARG C 281 -14.99 48.33 30.72
CA ARG C 281 -15.50 47.25 29.92
C ARG C 281 -15.98 47.72 28.56
N ILE C 282 -15.79 46.90 27.53
CA ILE C 282 -16.28 47.29 26.22
C ILE C 282 -17.78 47.04 26.22
N VAL C 283 -18.53 48.05 25.83
CA VAL C 283 -19.98 47.94 25.73
C VAL C 283 -20.32 47.46 24.33
N ALA C 284 -19.60 47.99 23.35
CA ALA C 284 -19.77 47.58 21.96
C ALA C 284 -18.51 47.85 21.20
N GLN C 285 -18.20 46.99 20.23
CA GLN C 285 -17.00 47.17 19.38
C GLN C 285 -17.28 46.86 17.90
N ALA C 286 -16.53 47.51 17.02
CA ALA C 286 -16.77 47.30 15.63
C ALA C 286 -15.61 47.72 14.85
N LEU C 287 -15.37 47.00 13.75
CA LEU C 287 -14.45 47.41 12.69
C LEU C 287 -15.23 47.30 11.38
N VAL C 288 -15.68 48.43 10.84
CA VAL C 288 -16.52 48.40 9.70
C VAL C 288 -15.77 48.88 8.51
N GLY C 289 -16.22 48.43 7.35
CA GLY C 289 -15.80 49.00 6.08
C GLY C 289 -16.49 50.34 5.79
N ALA C 290 -15.76 51.23 5.13
CA ALA C 290 -16.26 52.55 4.81
C ALA C 290 -16.38 52.69 3.30
N GLU C 291 -16.76 53.88 2.83
CA GLU C 291 -16.96 54.14 1.40
C GLU C 291 -15.60 54.44 0.78
N PRO C 292 -15.18 53.68 -0.23
CA PRO C 292 -13.84 53.94 -0.74
C PRO C 292 -13.65 55.35 -1.30
N TYR C 293 -14.66 55.92 -1.95
CA TYR C 293 -14.48 57.23 -2.59
C TYR C 293 -13.99 58.29 -1.59
N TYR C 294 -14.63 58.37 -0.44
CA TYR C 294 -14.25 59.37 0.54
C TYR C 294 -13.17 58.81 1.41
N HIS C 295 -13.14 57.49 1.53
CA HIS C 295 -12.03 56.81 2.12
C HIS C 295 -11.96 56.95 3.63
N LEU C 296 -11.76 58.16 4.16
CA LEU C 296 -11.52 58.35 5.59
C LEU C 296 -12.73 58.82 6.42
N ASP C 297 -13.95 58.65 5.87
CA ASP C 297 -15.17 59.18 6.49
C ASP C 297 -15.89 58.06 7.23
N GLY C 298 -15.21 56.95 7.44
CA GLY C 298 -15.78 55.80 8.15
C GLY C 298 -16.19 55.97 9.60
N PRO C 299 -15.52 56.84 10.35
CA PRO C 299 -16.01 57.11 11.69
C PRO C 299 -17.54 57.38 11.78
N VAL C 300 -18.17 57.84 10.70
CA VAL C 300 -19.61 57.94 10.68
C VAL C 300 -20.22 56.58 10.87
N GLN C 301 -19.69 55.61 10.13
CA GLN C 301 -20.26 54.24 10.10
C GLN C 301 -19.95 53.47 11.34
N SER C 302 -18.71 53.53 11.82
CA SER C 302 -18.33 52.79 13.02
C SER C 302 -19.05 53.36 14.23
N THR C 303 -19.05 54.68 14.37
CA THR C 303 -19.81 55.33 15.44
C THR C 303 -21.26 54.90 15.42
N ALA C 304 -21.82 54.78 14.22
CA ALA C 304 -23.18 54.31 14.05
C ALA C 304 -23.39 52.90 14.54
N LYS C 305 -22.52 51.99 14.15
CA LYS C 305 -22.71 50.60 14.49
C LYS C 305 -22.69 50.37 15.98
N VAL C 306 -21.65 50.90 16.66
CA VAL C 306 -21.49 50.67 18.11
C VAL C 306 -22.60 51.30 18.92
N LEU C 307 -23.06 52.47 18.51
CA LEU C 307 -24.25 53.05 19.10
C LEU C 307 -25.43 52.10 18.93
N GLU C 308 -25.59 51.60 17.71
CA GLU C 308 -26.65 50.67 17.43
C GLU C 308 -26.48 49.48 18.32
N LYS C 309 -25.33 48.85 18.27
CA LYS C 309 -25.12 47.64 19.06
C LYS C 309 -25.31 47.89 20.55
N ALA C 310 -24.83 49.04 21.04
CA ALA C 310 -24.89 49.36 22.43
C ALA C 310 -26.28 49.74 22.84
N GLY C 311 -27.13 50.03 21.87
CA GLY C 311 -28.45 50.53 22.17
C GLY C 311 -28.39 51.91 22.74
N MET C 312 -27.49 52.76 22.24
CA MET C 312 -27.32 54.10 22.80
C MET C 312 -27.40 55.15 21.73
N LYS C 313 -27.47 56.41 22.14
CA LYS C 313 -27.42 57.54 21.23
C LYS C 313 -26.26 58.41 21.65
N ILE C 314 -25.75 59.21 20.71
CA ILE C 314 -24.49 59.94 20.92
C ILE C 314 -24.58 60.77 22.19
N GLY C 315 -25.79 61.16 22.51
CA GLY C 315 -26.07 61.86 23.75
C GLY C 315 -25.73 61.10 25.01
N ASP C 316 -25.69 59.77 24.95
CA ASP C 316 -25.33 58.99 26.12
C ASP C 316 -23.81 59.00 26.42
N ILE C 317 -23.01 59.29 25.41
CA ILE C 317 -21.57 59.23 25.55
C ILE C 317 -21.09 60.50 26.24
N ASP C 318 -20.24 60.30 27.27
CA ASP C 318 -19.67 61.39 28.05
C ASP C 318 -18.41 61.97 27.41
N ILE C 319 -17.63 61.12 26.76
CA ILE C 319 -16.31 61.47 26.25
C ILE C 319 -16.12 60.75 24.94
N VAL C 320 -15.80 61.51 23.88
CA VAL C 320 -15.43 60.93 22.61
C VAL C 320 -13.94 61.10 22.33
N GLU C 321 -13.36 60.08 21.71
CA GLU C 321 -12.05 60.18 21.11
C GLU C 321 -12.21 59.73 19.66
N ILE C 322 -12.19 60.68 18.75
CA ILE C 322 -12.25 60.39 17.34
C ILE C 322 -10.96 60.91 16.78
N ASN C 323 -10.18 60.04 16.16
CA ASN C 323 -8.80 60.40 15.83
C ASN C 323 -8.69 61.50 14.78
N GLU C 324 -7.82 62.46 15.01
CA GLU C 324 -7.75 63.63 14.16
C GLU C 324 -6.71 63.43 13.02
N ALA C 325 -6.93 62.40 12.22
CA ALA C 325 -6.09 62.17 11.08
C ALA C 325 -6.03 63.42 10.24
N PHE C 326 -7.23 63.99 10.05
CA PHE C 326 -7.39 65.24 9.37
C PHE C 326 -8.57 65.91 9.97
N ALA C 327 -8.45 67.22 10.20
CA ALA C 327 -9.56 68.02 10.74
C ALA C 327 -10.90 67.70 10.08
N SER C 328 -10.95 67.59 8.76
CA SER C 328 -12.21 67.39 8.07
C SER C 328 -12.86 66.03 8.37
N VAL C 329 -12.06 65.05 8.75
CA VAL C 329 -12.60 63.78 9.22
C VAL C 329 -13.46 64.00 10.50
N VAL C 330 -12.91 64.71 11.48
CA VAL C 330 -13.62 64.93 12.73
C VAL C 330 -14.85 65.79 12.50
N LEU C 331 -14.70 66.83 11.70
CA LEU C 331 -15.81 67.72 11.43
C LEU C 331 -16.90 67.03 10.63
N SER C 332 -16.55 66.30 9.58
CA SER C 332 -17.57 65.53 8.85
C SER C 332 -18.39 64.64 9.80
N TRP C 333 -17.69 63.93 10.69
CA TRP C 333 -18.32 63.09 11.70
C TRP C 333 -19.28 63.90 12.57
N ALA C 334 -18.78 64.99 13.12
CA ALA C 334 -19.59 65.83 13.97
C ALA C 334 -20.81 66.39 13.21
N ARG C 335 -20.62 66.73 11.95
CA ARG C 335 -21.71 67.24 11.16
C ARG C 335 -22.82 66.17 11.01
N VAL C 336 -22.43 64.93 10.85
CA VAL C 336 -23.38 63.84 10.70
C VAL C 336 -24.00 63.43 12.02
N HIS C 337 -23.17 63.27 13.06
CA HIS C 337 -23.62 62.72 14.36
C HIS C 337 -23.99 63.77 15.41
N GLU C 338 -23.67 65.04 15.13
CA GLU C 338 -24.04 66.17 15.96
C GLU C 338 -23.87 65.90 17.45
N PRO C 339 -22.62 65.68 17.89
CA PRO C 339 -22.27 65.47 19.28
C PRO C 339 -21.99 66.79 19.96
N ASP C 340 -21.72 66.78 21.26
CA ASP C 340 -21.33 68.00 21.96
C ASP C 340 -19.82 68.15 21.89
N MET C 341 -19.33 69.10 21.10
CA MET C 341 -17.87 69.18 20.89
C MET C 341 -17.12 69.59 22.13
N ASP C 342 -17.79 69.95 23.21
CA ASP C 342 -17.08 70.05 24.49
C ASP C 342 -16.70 68.68 25.07
N ARG C 343 -17.31 67.62 24.55
CA ARG C 343 -17.03 66.26 24.99
C ARG C 343 -16.17 65.52 24.00
N VAL C 344 -15.72 66.21 22.95
CA VAL C 344 -14.97 65.56 21.85
C VAL C 344 -13.50 65.96 21.88
N ASN C 345 -12.62 64.95 21.92
CA ASN C 345 -11.17 65.18 22.10
C ASN C 345 -10.89 66.24 23.14
N VAL C 346 -11.41 66.03 24.34
CA VAL C 346 -11.31 67.02 25.40
C VAL C 346 -9.87 67.29 25.82
N ASN C 347 -8.96 66.33 25.63
CA ASN C 347 -7.55 66.54 26.00
C ASN C 347 -6.61 66.79 24.80
N GLY C 348 -7.16 67.34 23.73
CA GLY C 348 -6.40 67.50 22.52
C GLY C 348 -6.34 66.21 21.73
N GLY C 349 -6.07 66.32 20.43
CA GLY C 349 -5.95 65.14 19.59
C GLY C 349 -4.68 65.12 18.75
N ALA C 350 -4.60 64.09 17.92
CA ALA C 350 -3.40 63.78 17.18
C ALA C 350 -2.83 64.98 16.39
N ILE C 351 -3.67 65.96 16.04
CA ILE C 351 -3.16 67.14 15.35
C ILE C 351 -2.06 67.78 16.18
N ALA C 352 -2.26 67.83 17.49
CA ALA C 352 -1.25 68.39 18.41
C ALA C 352 -0.36 67.33 19.14
N LEU C 353 -0.95 66.20 19.53
CA LEU C 353 -0.23 65.15 20.23
C LEU C 353 0.49 64.18 19.29
N GLY C 354 0.21 64.26 17.99
CA GLY C 354 0.85 63.35 17.03
C GLY C 354 0.16 62.01 16.92
N HIS C 355 0.59 61.19 15.97
CA HIS C 355 -0.19 60.03 15.59
C HIS C 355 0.66 58.86 15.12
N PRO C 356 1.37 58.22 16.06
CA PRO C 356 2.04 56.96 15.70
C PRO C 356 0.98 55.91 15.39
N VAL C 357 0.93 55.54 14.12
CA VAL C 357 -0.24 54.95 13.51
C VAL C 357 -0.69 53.66 14.15
N GLY C 358 0.23 52.71 14.25
CA GLY C 358 -0.06 51.45 14.94
C GLY C 358 -0.39 51.59 16.43
N CYS C 359 0.01 52.72 17.05
CA CYS C 359 -0.09 52.94 18.48
C CYS C 359 -1.38 53.63 18.91
N THR C 360 -1.86 54.57 18.10
CA THR C 360 -2.94 55.47 18.47
C THR C 360 -4.20 54.80 19.00
N GLY C 361 -4.61 53.74 18.34
CA GLY C 361 -5.79 53.00 18.78
C GLY C 361 -5.71 52.62 20.24
N SER C 362 -4.61 52.05 20.69
CA SER C 362 -4.45 51.74 22.07
C SER C 362 -4.25 53.01 22.87
N ARG C 363 -3.65 54.03 22.28
CA ARG C 363 -3.46 55.29 23.01
C ARG C 363 -4.82 55.91 23.32
N LEU C 364 -5.71 55.94 22.32
CA LEU C 364 -7.03 56.56 22.49
C LEU C 364 -7.82 55.87 23.60
N ILE C 365 -7.85 54.54 23.58
CA ILE C 365 -8.53 53.83 24.63
C ILE C 365 -7.88 54.22 25.94
N THR C 366 -6.56 54.27 25.98
CA THR C 366 -5.90 54.63 27.25
C THR C 366 -6.34 56.01 27.73
N THR C 367 -6.16 57.01 26.84
CA THR C 367 -6.56 58.39 27.12
C THR C 367 -8.00 58.48 27.54
N ALA C 368 -8.89 57.83 26.83
CA ALA C 368 -10.29 57.83 27.23
C ALA C 368 -10.53 57.34 28.68
N LEU C 369 -10.09 56.11 28.94
CA LEU C 369 -10.32 55.52 30.24
C LEU C 369 -9.93 56.48 31.36
N HIS C 370 -8.75 57.07 31.21
CA HIS C 370 -8.24 57.94 32.22
C HIS C 370 -9.12 59.17 32.38
N GLU C 371 -9.64 59.71 31.28
CA GLU C 371 -10.46 60.93 31.36
C GLU C 371 -11.82 60.67 32.02
N LEU C 372 -12.41 59.51 31.71
CA LEU C 372 -13.62 59.05 32.41
C LEU C 372 -13.33 59.00 33.86
N GLU C 373 -12.17 58.45 34.21
CA GLU C 373 -11.79 58.33 35.60
C GLU C 373 -11.51 59.69 36.25
N ARG C 374 -10.85 60.59 35.54
CA ARG C 374 -10.59 61.89 36.12
C ARG C 374 -11.87 62.62 36.44
N THR C 375 -12.82 62.55 35.51
CA THR C 375 -14.03 63.36 35.56
C THR C 375 -15.17 62.58 36.17
N ASP C 376 -14.85 61.37 36.63
CA ASP C 376 -15.83 60.51 37.25
C ASP C 376 -17.09 60.33 36.38
N GLN C 377 -16.91 60.16 35.09
CA GLN C 377 -17.97 59.90 34.15
C GLN C 377 -17.95 58.43 33.72
N SER C 378 -18.82 58.04 32.78
CA SER C 378 -19.07 56.63 32.55
C SER C 378 -18.76 56.13 31.18
N LEU C 379 -19.45 56.65 30.18
CA LEU C 379 -19.32 56.10 28.83
C LEU C 379 -18.36 56.92 27.98
N ALA C 380 -17.51 56.23 27.23
CA ALA C 380 -16.64 56.86 26.22
C ALA C 380 -16.73 56.13 24.91
N LEU C 381 -16.62 56.89 23.84
CA LEU C 381 -16.61 56.35 22.47
C LEU C 381 -15.25 56.61 21.89
N ILE C 382 -14.65 55.58 21.31
CA ILE C 382 -13.44 55.77 20.53
C ILE C 382 -13.71 55.31 19.13
N THR C 383 -13.33 56.12 18.14
CA THR C 383 -13.57 55.79 16.73
C THR C 383 -12.48 56.35 15.89
N MET C 384 -12.06 55.61 14.85
CA MET C 384 -10.93 56.03 13.96
C MET C 384 -11.19 55.69 12.51
N CYS C 385 -10.90 56.62 11.60
CA CYS C 385 -10.80 56.31 10.17
C CYS C 385 -9.51 55.56 9.93
N ALA C 386 -9.43 54.83 8.82
CA ALA C 386 -8.24 54.05 8.51
C ALA C 386 -8.10 53.70 7.06
N GLY C 387 -6.86 53.59 6.62
CA GLY C 387 -6.57 53.26 5.24
C GLY C 387 -7.31 52.04 4.78
N GLY C 388 -7.56 51.94 3.46
CA GLY C 388 -8.35 50.87 2.88
C GLY C 388 -9.81 51.03 3.13
N ALA C 389 -10.19 52.23 3.58
CA ALA C 389 -11.60 52.54 3.88
C ALA C 389 -12.17 51.60 4.92
N LEU C 390 -11.66 51.76 6.13
CA LEU C 390 -12.13 51.01 7.29
C LEU C 390 -12.25 51.97 8.47
N SER C 391 -13.10 51.64 9.42
CA SER C 391 -13.12 52.36 10.68
C SER C 391 -13.38 51.43 11.83
N THR C 392 -12.65 51.67 12.91
CA THR C 392 -12.82 50.96 14.12
C THR C 392 -13.67 51.83 15.04
N GLY C 393 -14.32 51.19 16.01
CA GLY C 393 -15.21 51.84 16.93
C GLY C 393 -15.34 51.03 18.19
N THR C 394 -15.35 51.73 19.33
CA THR C 394 -15.56 51.10 20.62
C THR C 394 -16.35 52.02 21.55
N ILE C 395 -17.23 51.43 22.34
CA ILE C 395 -17.82 52.14 23.44
C ILE C 395 -17.37 51.40 24.70
N ILE C 396 -16.57 52.05 25.51
CA ILE C 396 -16.14 51.49 26.77
C ILE C 396 -16.94 52.14 27.88
N GLU C 397 -16.97 51.49 29.03
CA GLU C 397 -17.80 51.91 30.15
C GLU C 397 -17.04 51.68 31.43
N ARG C 398 -16.97 52.66 32.30
CA ARG C 398 -16.28 52.47 33.58
C ARG C 398 -17.02 51.49 34.50
N ILE C 399 -16.25 50.80 35.34
CA ILE C 399 -16.79 49.78 36.22
C ILE C 399 -16.74 50.28 37.68
N MET D 9 1.02 -35.18 2.13
CA MET D 9 2.15 -36.10 1.76
C MET D 9 1.71 -37.30 0.91
N GLY D 10 2.66 -38.16 0.56
CA GLY D 10 2.44 -39.15 -0.50
C GLY D 10 3.12 -40.48 -0.30
N TYR D 11 2.74 -41.41 -1.16
CA TYR D 11 3.22 -42.78 -1.10
C TYR D 11 3.90 -43.18 -2.43
N PRO D 12 5.20 -42.96 -2.52
CA PRO D 12 5.86 -43.13 -3.78
C PRO D 12 5.91 -44.57 -4.21
N VAL D 13 5.53 -44.84 -5.46
CA VAL D 13 5.66 -46.18 -6.02
C VAL D 13 6.22 -46.14 -7.44
N ILE D 14 6.98 -47.15 -7.82
CA ILE D 14 7.45 -47.28 -9.19
C ILE D 14 6.28 -47.72 -10.04
N VAL D 15 6.09 -47.03 -11.16
CA VAL D 15 4.99 -47.29 -12.09
C VAL D 15 5.54 -47.82 -13.42
N GLU D 16 6.72 -47.36 -13.78
CA GLU D 16 7.43 -47.89 -14.92
C GLU D 16 8.92 -47.73 -14.78
N ALA D 17 9.66 -48.53 -15.55
CA ALA D 17 11.09 -48.42 -15.58
C ALA D 17 11.62 -48.95 -16.92
N THR D 18 12.65 -48.30 -17.46
CA THR D 18 13.22 -48.78 -18.71
C THR D 18 14.64 -48.31 -18.88
N ARG D 19 15.36 -48.90 -19.81
CA ARG D 19 16.73 -48.54 -20.01
C ARG D 19 17.08 -48.74 -21.45
N SER D 20 18.06 -47.99 -21.95
CA SER D 20 18.62 -48.23 -23.29
C SER D 20 19.53 -49.41 -23.20
N PRO D 21 19.81 -50.06 -24.33
CA PRO D 21 20.88 -51.03 -24.20
C PRO D 21 22.11 -50.26 -23.83
N ILE D 22 23.11 -50.94 -23.25
CA ILE D 22 24.33 -50.31 -22.80
C ILE D 22 25.34 -50.52 -23.94
N GLY D 23 25.92 -49.45 -24.46
CA GLY D 23 26.91 -49.58 -25.49
C GLY D 23 28.33 -49.57 -24.97
N LYS D 24 29.25 -50.10 -25.79
CA LYS D 24 30.67 -50.11 -25.44
C LYS D 24 31.27 -48.79 -25.82
N ARG D 25 32.47 -48.53 -25.31
CA ARG D 25 33.17 -47.27 -25.56
C ARG D 25 33.48 -47.13 -27.04
N ASN D 26 33.09 -46.03 -27.63
CA ASN D 26 33.06 -45.88 -29.06
C ASN D 26 32.28 -47.00 -29.72
N GLY D 27 31.27 -47.48 -29.03
CA GLY D 27 30.44 -48.56 -29.53
C GLY D 27 29.12 -48.08 -30.13
N TRP D 28 28.08 -48.89 -29.95
CA TRP D 28 26.88 -48.72 -30.71
C TRP D 28 26.11 -47.47 -30.43
N LEU D 29 26.31 -46.85 -29.25
CA LEU D 29 25.61 -45.58 -28.91
C LEU D 29 26.48 -44.34 -28.95
N SER D 30 27.75 -44.54 -29.29
CA SER D 30 28.73 -43.45 -29.24
C SER D 30 28.43 -42.34 -30.22
N GLY D 31 27.63 -42.64 -31.23
CA GLY D 31 27.14 -41.60 -32.12
C GLY D 31 26.17 -40.58 -31.51
N LEU D 32 25.46 -40.93 -30.45
CA LEU D 32 24.47 -40.02 -29.91
C LEU D 32 25.10 -39.01 -28.98
N HIS D 33 24.73 -37.75 -29.12
CA HIS D 33 25.05 -36.72 -28.13
C HIS D 33 24.44 -37.18 -26.81
N ALA D 34 25.20 -37.05 -25.72
CA ALA D 34 24.74 -37.52 -24.40
C ALA D 34 23.33 -37.06 -24.09
N THR D 35 23.04 -35.83 -24.46
CA THR D 35 21.70 -35.31 -24.23
C THR D 35 20.60 -36.10 -24.97
N GLU D 36 20.89 -36.57 -26.18
CA GLU D 36 19.93 -37.34 -26.98
C GLU D 36 19.64 -38.70 -26.41
N LEU D 37 20.66 -39.32 -25.83
CA LEU D 37 20.52 -40.66 -25.24
C LEU D 37 19.63 -40.57 -24.03
N LEU D 38 19.90 -39.60 -23.17
CA LEU D 38 19.08 -39.44 -22.00
C LEU D 38 17.65 -39.06 -22.39
N GLY D 39 17.53 -38.15 -23.34
CA GLY D 39 16.23 -37.71 -23.83
C GLY D 39 15.38 -38.87 -24.34
N ALA D 40 16.05 -39.80 -25.04
CA ALA D 40 15.38 -40.95 -25.65
C ALA D 40 14.77 -41.80 -24.58
N VAL D 41 15.50 -42.02 -23.50
CA VAL D 41 15.04 -42.89 -22.45
C VAL D 41 14.00 -42.15 -21.62
N GLN D 42 14.22 -40.88 -21.35
CA GLN D 42 13.18 -40.09 -20.71
C GLN D 42 11.84 -40.21 -21.44
N LYS D 43 11.90 -40.15 -22.77
CA LYS D 43 10.70 -40.22 -23.52
C LYS D 43 10.18 -41.64 -23.44
N ALA D 44 11.09 -42.60 -23.48
CA ALA D 44 10.75 -44.02 -23.40
C ALA D 44 9.85 -44.34 -22.18
N VAL D 45 10.28 -44.03 -20.96
CA VAL D 45 9.43 -44.34 -19.83
C VAL D 45 8.08 -43.75 -19.99
N VAL D 46 7.97 -42.45 -20.29
CA VAL D 46 6.66 -41.82 -20.35
C VAL D 46 5.81 -42.47 -21.42
N ASP D 47 6.38 -42.76 -22.57
CA ASP D 47 5.66 -43.44 -23.63
C ASP D 47 5.20 -44.75 -23.13
N LYS D 48 6.10 -45.52 -22.54
CA LYS D 48 5.73 -46.84 -21.96
C LYS D 48 4.47 -46.70 -21.10
N ALA D 49 4.44 -45.73 -20.22
CA ALA D 49 3.34 -45.56 -19.31
C ALA D 49 2.10 -45.11 -20.03
N GLY D 50 2.29 -44.48 -21.19
CA GLY D 50 1.17 -44.00 -21.99
C GLY D 50 0.37 -45.04 -22.75
N ILE D 51 0.97 -46.22 -22.95
CA ILE D 51 0.28 -47.33 -23.61
C ILE D 51 -1.05 -47.61 -22.93
N GLN D 52 -0.99 -47.71 -21.60
CA GLN D 52 -2.07 -48.33 -20.86
C GLN D 52 -2.87 -47.33 -20.03
N SER D 53 -2.59 -46.05 -20.24
CA SER D 53 -3.17 -45.03 -19.38
C SER D 53 -3.27 -43.70 -20.10
N GLY D 54 -3.73 -42.68 -19.42
CA GLY D 54 -3.83 -41.36 -20.00
C GLY D 54 -2.51 -40.64 -19.92
N LEU D 55 -1.68 -41.04 -18.97
CA LEU D 55 -0.47 -40.28 -18.61
C LEU D 55 0.26 -39.73 -19.81
N HIS D 56 0.60 -38.44 -19.78
CA HIS D 56 1.41 -37.83 -20.85
C HIS D 56 2.58 -37.04 -20.24
N ALA D 57 3.65 -36.85 -21.01
CA ALA D 57 4.89 -36.25 -20.51
C ALA D 57 4.68 -35.00 -19.68
N GLY D 58 3.71 -34.18 -20.07
CA GLY D 58 3.33 -33.02 -19.28
C GLY D 58 2.95 -33.35 -17.83
N ASP D 59 2.46 -34.56 -17.59
CA ASP D 59 2.06 -34.97 -16.26
C ASP D 59 3.23 -35.17 -15.31
N VAL D 60 4.44 -35.33 -15.83
CA VAL D 60 5.63 -35.41 -14.99
C VAL D 60 5.82 -34.03 -14.40
N GLU D 61 6.26 -33.94 -13.16
CA GLU D 61 6.45 -32.64 -12.50
C GLU D 61 7.92 -32.28 -12.31
N GLN D 62 8.70 -33.26 -11.87
CA GLN D 62 10.13 -33.10 -11.76
C GLN D 62 10.86 -34.32 -12.31
N VAL D 63 12.03 -34.06 -12.88
CA VAL D 63 12.95 -35.07 -13.28
C VAL D 63 14.25 -34.83 -12.49
N ILE D 64 14.88 -35.92 -12.03
CA ILE D 64 16.19 -35.84 -11.41
C ILE D 64 17.11 -36.90 -12.03
N GLY D 65 18.20 -36.45 -12.66
CA GLY D 65 19.11 -37.34 -13.38
C GLY D 65 20.49 -37.43 -12.75
N GLY D 66 21.00 -38.64 -12.60
CA GLY D 66 22.36 -38.86 -12.16
C GLY D 66 23.28 -38.72 -13.36
N CYS D 67 24.39 -38.02 -13.15
CA CYS D 67 25.48 -38.01 -14.11
C CYS D 67 26.76 -37.60 -13.41
N VAL D 68 27.83 -38.32 -13.70
CA VAL D 68 29.07 -38.17 -12.95
C VAL D 68 30.01 -37.13 -13.54
N THR D 69 30.45 -37.30 -14.78
CA THR D 69 31.42 -36.36 -15.35
C THR D 69 30.68 -35.24 -16.01
N GLN D 70 30.23 -34.29 -15.23
CA GLN D 70 29.24 -33.35 -15.76
C GLN D 70 29.89 -32.22 -16.52
N PHE D 71 30.46 -32.57 -17.66
CA PHE D 71 31.29 -31.65 -18.42
C PHE D 71 30.95 -31.65 -19.89
N GLY D 72 30.96 -30.48 -20.49
CA GLY D 72 30.62 -30.39 -21.89
C GLY D 72 29.20 -30.83 -22.18
N GLU D 73 29.04 -31.89 -22.96
CA GLU D 73 27.71 -32.41 -23.28
C GLU D 73 26.98 -32.81 -22.02
N GLN D 74 27.71 -33.02 -20.95
CA GLN D 74 27.06 -33.37 -19.71
C GLN D 74 27.10 -32.26 -18.70
N SER D 75 27.58 -31.09 -19.10
CA SER D 75 27.42 -29.90 -18.25
C SER D 75 26.03 -29.30 -18.42
N ASN D 76 25.82 -28.22 -17.69
CA ASN D 76 24.54 -27.53 -17.68
C ASN D 76 23.28 -28.38 -17.50
N ASN D 77 23.29 -29.16 -16.42
CA ASN D 77 22.13 -29.84 -15.97
C ASN D 77 21.52 -30.64 -17.10
N ILE D 78 22.17 -31.76 -17.37
CA ILE D 78 21.84 -32.58 -18.53
C ILE D 78 20.40 -33.00 -18.51
N SER D 79 19.90 -33.30 -17.35
CA SER D 79 18.56 -33.82 -17.25
C SER D 79 17.58 -32.88 -17.96
N ARG D 80 17.66 -31.60 -17.62
CA ARG D 80 16.81 -30.57 -18.22
C ARG D 80 17.03 -30.45 -19.74
N VAL D 81 18.29 -30.41 -20.14
CA VAL D 81 18.58 -30.24 -21.55
C VAL D 81 18.07 -31.45 -22.33
N ALA D 82 18.43 -32.65 -21.87
CA ALA D 82 17.91 -33.88 -22.47
C ALA D 82 16.39 -33.80 -22.65
N TRP D 83 15.68 -33.41 -21.59
CA TRP D 83 14.23 -33.31 -21.63
C TRP D 83 13.80 -32.35 -22.72
N LEU D 84 14.31 -31.13 -22.70
CA LEU D 84 13.98 -30.17 -23.77
C LEU D 84 14.33 -30.74 -25.14
N THR D 85 15.51 -31.32 -25.27
CA THR D 85 15.96 -31.83 -26.53
C THR D 85 15.05 -32.92 -27.06
N ALA D 86 14.48 -33.75 -26.22
CA ALA D 86 13.55 -34.78 -26.68
C ALA D 86 12.23 -34.19 -27.10
N GLY D 87 12.11 -32.87 -27.03
CA GLY D 87 10.88 -32.21 -27.32
C GLY D 87 9.79 -32.43 -26.28
N LEU D 88 10.18 -32.72 -25.05
CA LEU D 88 9.21 -32.93 -23.98
C LEU D 88 8.92 -31.59 -23.29
N PRO D 89 7.77 -31.48 -22.62
CA PRO D 89 7.22 -30.20 -22.19
C PRO D 89 8.17 -29.38 -21.34
N GLU D 90 8.24 -28.08 -21.62
CA GLU D 90 9.18 -27.21 -20.96
C GLU D 90 8.82 -26.94 -19.50
N HIS D 91 7.55 -27.14 -19.11
CA HIS D 91 7.14 -26.79 -17.74
C HIS D 91 7.62 -27.74 -16.65
N VAL D 92 8.15 -28.89 -17.09
CA VAL D 92 8.58 -29.93 -16.19
C VAL D 92 9.97 -29.61 -15.69
N GLY D 93 10.09 -29.45 -14.39
CA GLY D 93 11.35 -29.15 -13.77
C GLY D 93 12.29 -30.34 -13.83
N ALA D 94 13.60 -30.09 -13.66
CA ALA D 94 14.57 -31.14 -13.64
C ALA D 94 15.89 -30.64 -13.07
N THR D 95 16.52 -31.55 -12.33
CA THR D 95 17.79 -31.33 -11.63
C THR D 95 18.67 -32.52 -11.97
N THR D 96 19.98 -32.33 -11.86
CA THR D 96 20.97 -33.40 -12.13
C THR D 96 21.82 -33.59 -10.84
N VAL D 97 22.22 -34.82 -10.53
CA VAL D 97 22.93 -35.09 -9.28
C VAL D 97 24.19 -35.93 -9.42
N ASP D 98 25.09 -35.78 -8.45
CA ASP D 98 26.37 -36.49 -8.44
C ASP D 98 26.67 -36.91 -7.04
N CYS D 99 26.48 -38.20 -6.76
CA CYS D 99 27.24 -38.89 -5.71
C CYS D 99 27.94 -40.05 -6.40
N GLN D 100 28.78 -39.69 -7.35
CA GLN D 100 29.51 -40.61 -8.20
C GLN D 100 28.70 -41.76 -8.80
N OAS D 101 29.12 -42.99 -8.55
CA OAS D 101 28.50 -44.14 -9.19
CB OAS D 101 29.48 -45.30 -9.22
OG OAS D 101 30.78 -44.81 -9.62
C OAS D 101 27.20 -44.44 -8.48
O OAS D 101 26.38 -45.22 -8.97
C2A OAS D 101 32.65 -45.96 -8.28
C1A OAS D 101 31.97 -44.68 -8.74
OAC OAS D 101 32.41 -43.60 -8.40
N GLY D 102 26.97 -43.76 -7.36
CA GLY D 102 25.67 -43.84 -6.69
C GLY D 102 24.60 -42.91 -7.25
N SER D 103 24.97 -42.07 -8.21
CA SER D 103 24.11 -40.96 -8.57
C SER D 103 22.70 -41.37 -8.99
N GLY D 104 22.66 -42.27 -9.96
CA GLY D 104 21.40 -42.66 -10.58
C GLY D 104 20.55 -43.52 -9.70
N GLN D 105 21.13 -44.05 -8.63
CA GLN D 105 20.37 -44.72 -7.59
C GLN D 105 19.86 -43.64 -6.64
N GLN D 106 20.78 -42.80 -6.19
CA GLN D 106 20.43 -41.70 -5.30
C GLN D 106 19.29 -40.91 -5.89
N ALA D 107 19.23 -40.85 -7.21
CA ALA D 107 18.17 -40.12 -7.89
C ALA D 107 16.80 -40.71 -7.62
N ASN D 108 16.66 -42.03 -7.64
CA ASN D 108 15.38 -42.61 -7.28
C ASN D 108 15.01 -42.33 -5.83
N HIS D 109 15.99 -42.30 -4.92
CA HIS D 109 15.69 -41.95 -3.53
C HIS D 109 15.09 -40.55 -3.48
N LEU D 110 15.66 -39.62 -4.22
CA LEU D 110 15.26 -38.24 -4.10
C LEU D 110 13.87 -37.94 -4.67
N ILE D 111 13.52 -38.58 -5.78
CA ILE D 111 12.17 -38.45 -6.32
C ILE D 111 11.21 -39.05 -5.32
N ALA D 112 11.60 -40.18 -4.74
CA ALA D 112 10.74 -40.87 -3.77
C ALA D 112 10.49 -39.93 -2.60
N GLY D 113 11.50 -39.18 -2.21
CA GLY D 113 11.35 -38.21 -1.13
C GLY D 113 10.41 -37.09 -1.50
N LEU D 114 10.55 -36.51 -2.68
CA LEU D 114 9.72 -35.38 -3.04
C LEU D 114 8.29 -35.82 -3.15
N ILE D 115 8.03 -37.05 -3.60
CA ILE D 115 6.66 -37.57 -3.61
C ILE D 115 6.16 -37.71 -2.16
N ALA D 116 6.99 -38.29 -1.34
CA ALA D 116 6.67 -38.47 0.07
C ALA D 116 6.32 -37.14 0.68
N ALA D 117 7.08 -36.11 0.36
CA ALA D 117 6.90 -34.85 1.04
C ALA D 117 5.69 -34.11 0.50
N GLY D 118 5.06 -34.67 -0.51
CA GLY D 118 3.95 -34.00 -1.17
C GLY D 118 4.39 -32.85 -2.07
N ALA D 119 5.65 -32.84 -2.45
CA ALA D 119 6.11 -31.83 -3.40
C ALA D 119 5.63 -32.11 -4.80
N ILE D 120 5.60 -33.36 -5.21
CA ILE D 120 5.09 -33.73 -6.53
C ILE D 120 4.31 -35.02 -6.48
N ASP D 121 3.48 -35.25 -7.50
CA ASP D 121 2.77 -36.51 -7.61
C ASP D 121 3.33 -37.42 -8.65
N VAL D 122 4.17 -36.89 -9.55
CA VAL D 122 4.68 -37.68 -10.66
C VAL D 122 6.08 -37.22 -10.97
N GLY D 123 7.03 -38.13 -10.90
CA GLY D 123 8.43 -37.79 -11.04
C GLY D 123 9.15 -38.85 -11.81
N ILE D 124 10.27 -38.45 -12.42
CA ILE D 124 11.13 -39.39 -13.16
C ILE D 124 12.52 -39.37 -12.57
N ALA D 125 12.98 -40.51 -12.08
CA ALA D 125 14.36 -40.63 -11.71
C ALA D 125 15.09 -41.29 -12.85
N CYS D 126 16.28 -40.80 -13.17
CA CYS D 126 17.02 -41.32 -14.31
C CYS D 126 18.52 -41.16 -14.13
N GLY D 127 19.26 -41.70 -15.09
CA GLY D 127 20.70 -41.57 -15.07
C GLY D 127 21.25 -41.71 -16.47
N ILE D 128 22.28 -40.91 -16.76
CA ILE D 128 22.89 -40.86 -18.06
C ILE D 128 24.38 -40.95 -17.86
N GLU D 129 25.07 -41.72 -18.69
CA GLU D 129 26.51 -41.52 -18.91
C GLU D 129 26.92 -41.93 -20.32
N ALA D 130 27.70 -41.07 -20.97
CA ALA D 130 28.07 -41.23 -22.35
C ALA D 130 29.56 -41.14 -22.36
N MET D 131 30.18 -42.21 -21.88
CA MET D 131 31.61 -42.24 -21.58
C MET D 131 32.41 -42.15 -22.87
N SER D 132 31.85 -42.70 -23.94
CA SER D 132 32.45 -42.53 -25.25
C SER D 132 32.69 -41.05 -25.54
N ARG D 133 31.83 -40.19 -25.01
CA ARG D 133 31.89 -38.78 -25.35
C ARG D 133 32.35 -37.83 -24.25
N VAL D 134 32.22 -38.22 -23.01
CA VAL D 134 32.79 -37.44 -21.93
C VAL D 134 33.43 -38.45 -21.03
N GLY D 135 34.74 -38.53 -21.08
CA GLY D 135 35.42 -39.58 -20.36
C GLY D 135 35.69 -39.12 -18.97
N LEU D 136 35.82 -40.07 -18.05
CA LEU D 136 36.21 -39.76 -16.68
C LEU D 136 37.41 -38.78 -16.74
N GLY D 137 37.42 -37.77 -15.89
CA GLY D 137 38.51 -36.82 -15.90
C GLY D 137 38.18 -35.53 -16.66
N ALA D 138 37.42 -35.63 -17.75
CA ALA D 138 36.93 -34.45 -18.48
C ALA D 138 36.54 -33.26 -17.59
N ASN D 139 36.14 -33.55 -16.36
CA ASN D 139 35.60 -32.52 -15.52
C ASN D 139 36.63 -31.89 -14.64
N ALA D 140 37.88 -32.06 -14.98
CA ALA D 140 38.92 -31.42 -14.22
C ALA D 140 40.11 -31.21 -15.14
N GLY D 141 40.95 -30.24 -14.80
CA GLY D 141 42.15 -30.05 -15.58
C GLY D 141 43.05 -31.27 -15.50
N PRO D 142 44.17 -31.23 -16.21
CA PRO D 142 45.09 -32.37 -16.21
C PRO D 142 45.82 -32.52 -14.90
N ASP D 143 46.04 -31.40 -14.20
CA ASP D 143 46.71 -31.42 -12.90
C ASP D 143 45.73 -31.77 -11.81
N ARG D 144 45.50 -33.07 -11.61
CA ARG D 144 44.48 -33.52 -10.67
C ARG D 144 44.83 -33.28 -9.20
N SER D 145 46.06 -32.86 -8.94
CA SER D 145 46.46 -32.38 -7.62
C SER D 145 45.64 -31.18 -7.19
N LEU D 146 45.18 -30.41 -8.17
CA LEU D 146 44.53 -29.14 -7.91
C LEU D 146 43.09 -29.25 -7.46
N ILE D 147 42.45 -30.40 -7.65
CA ILE D 147 41.06 -30.47 -7.27
C ILE D 147 40.87 -30.76 -5.79
N ARG D 148 41.96 -30.85 -5.05
CA ARG D 148 41.89 -30.90 -3.60
C ARG D 148 42.68 -29.75 -3.00
N ALA D 149 42.17 -29.24 -1.88
CA ALA D 149 42.90 -28.27 -1.08
C ALA D 149 44.25 -28.85 -0.68
N GLN D 150 45.17 -27.94 -0.36
CA GLN D 150 46.55 -28.30 -0.07
C GLN D 150 46.66 -28.94 1.29
N SER D 151 45.62 -28.75 2.09
CA SER D 151 45.52 -29.33 3.43
C SER D 151 45.33 -30.82 3.38
N TRP D 152 44.73 -31.29 2.30
CA TRP D 152 44.17 -32.64 2.24
C TRP D 152 45.18 -33.72 2.64
N ASP D 153 44.88 -34.45 3.71
CA ASP D 153 45.64 -35.66 4.02
C ASP D 153 44.75 -36.80 4.51
N ILE D 154 43.89 -37.26 3.62
CA ILE D 154 43.14 -38.47 3.83
C ILE D 154 43.66 -39.51 2.86
N ASP D 155 43.85 -40.72 3.35
CA ASP D 155 44.41 -41.78 2.50
C ASP D 155 43.28 -42.36 1.66
N LEU D 156 42.87 -41.59 0.68
CA LEU D 156 41.77 -41.98 -0.13
C LEU D 156 42.31 -42.42 -1.47
N PRO D 157 42.56 -43.74 -1.63
CA PRO D 157 43.27 -44.24 -2.80
C PRO D 157 42.46 -44.16 -4.03
N ASN D 158 43.11 -44.24 -5.17
CA ASN D 158 42.41 -44.25 -6.43
C ASN D 158 41.56 -45.50 -6.45
N GLN D 159 40.70 -45.67 -7.43
CA GLN D 159 39.79 -46.83 -7.39
C GLN D 159 40.43 -48.16 -7.72
N PHE D 160 41.41 -48.17 -8.60
CA PHE D 160 42.10 -49.40 -8.94
C PHE D 160 42.91 -49.93 -7.76
N GLU D 161 43.59 -49.01 -7.07
CA GLU D 161 44.30 -49.37 -5.87
C GLU D 161 43.33 -49.81 -4.78
N ALA D 162 42.17 -49.19 -4.73
CA ALA D 162 41.15 -49.58 -3.77
C ALA D 162 40.73 -51.06 -3.94
N ALA D 163 40.54 -51.48 -5.19
CA ALA D 163 40.12 -52.84 -5.43
C ALA D 163 41.19 -53.81 -4.96
N GLU D 164 42.46 -53.42 -5.01
CA GLU D 164 43.56 -54.24 -4.47
C GLU D 164 43.58 -54.25 -2.95
N ARG D 165 43.50 -53.06 -2.35
CA ARG D 165 43.41 -52.94 -0.89
C ARG D 165 42.26 -53.74 -0.31
N ILE D 166 41.12 -53.71 -0.99
CA ILE D 166 39.97 -54.51 -0.55
C ILE D 166 40.28 -56.02 -0.69
N ALA D 167 40.84 -56.40 -1.83
CA ALA D 167 41.16 -57.80 -2.05
C ALA D 167 42.05 -58.34 -0.94
N LYS D 168 43.10 -57.60 -0.61
CA LYS D 168 44.07 -58.02 0.42
C LYS D 168 43.37 -58.16 1.75
N ARG D 169 42.53 -57.17 2.09
CA ARG D 169 41.76 -57.19 3.32
C ARG D 169 40.97 -58.48 3.49
N ARG D 170 40.42 -58.99 2.41
CA ARG D 170 39.56 -60.18 2.51
C ARG D 170 40.22 -61.48 2.04
N GLY D 171 41.51 -61.41 1.68
CA GLY D 171 42.18 -62.54 1.08
C GLY D 171 41.56 -62.97 -0.23
N ILE D 172 41.17 -62.01 -1.06
CA ILE D 172 40.63 -62.35 -2.36
C ILE D 172 41.80 -62.50 -3.31
N THR D 173 41.73 -63.51 -4.15
CA THR D 173 42.81 -63.86 -5.04
C THR D 173 42.47 -63.67 -6.51
N ARG D 174 43.48 -63.71 -7.35
CA ARG D 174 43.29 -63.59 -8.79
C ARG D 174 42.39 -64.66 -9.34
N GLU D 175 42.47 -65.87 -8.82
CA GLU D 175 41.52 -66.91 -9.24
C GLU D 175 40.13 -66.52 -8.78
N ASP D 176 39.99 -66.08 -7.53
CA ASP D 176 38.70 -65.69 -7.00
C ASP D 176 37.99 -64.73 -7.94
N VAL D 177 38.64 -63.62 -8.25
CA VAL D 177 38.03 -62.63 -9.11
C VAL D 177 37.81 -63.20 -10.52
N ASP D 178 38.79 -63.88 -11.11
CA ASP D 178 38.61 -64.37 -12.46
C ASP D 178 37.37 -65.24 -12.57
N VAL D 179 37.09 -65.99 -11.51
CA VAL D 179 35.90 -66.81 -11.47
C VAL D 179 34.65 -65.91 -11.48
N PHE D 180 34.52 -65.03 -10.50
CA PHE D 180 33.38 -64.13 -10.47
C PHE D 180 33.23 -63.49 -11.81
N GLY D 181 34.32 -62.88 -12.32
CA GLY D 181 34.37 -62.24 -13.65
C GLY D 181 33.68 -63.11 -14.65
N LEU D 182 34.13 -64.35 -14.75
CA LEU D 182 33.58 -65.27 -15.73
C LEU D 182 32.07 -65.50 -15.55
N GLU D 183 31.62 -65.61 -14.31
CA GLU D 183 30.23 -65.91 -14.08
C GLU D 183 29.37 -64.76 -14.59
N SER D 184 29.87 -63.53 -14.44
CA SER D 184 29.10 -62.36 -14.83
C SER D 184 28.79 -62.46 -16.29
N GLN D 185 29.81 -62.77 -17.07
CA GLN D 185 29.62 -62.95 -18.50
C GLN D 185 28.71 -64.11 -18.75
N ARG D 186 28.86 -65.15 -17.97
CA ARG D 186 28.03 -66.34 -18.08
C ARG D 186 26.56 -65.98 -17.86
N ARG D 187 26.30 -65.27 -16.78
CA ARG D 187 24.94 -64.95 -16.41
C ARG D 187 24.28 -63.91 -17.31
N ALA D 188 25.02 -62.90 -17.73
CA ALA D 188 24.50 -61.94 -18.69
C ALA D 188 24.15 -62.64 -19.99
N GLN D 189 25.05 -63.47 -20.46
CA GLN D 189 24.80 -64.22 -21.67
C GLN D 189 23.57 -65.09 -21.50
N ARG D 190 23.34 -65.62 -20.30
CA ARG D 190 22.18 -66.47 -20.09
C ARG D 190 20.94 -65.62 -20.16
N ALA D 191 20.93 -64.49 -19.47
CA ALA D 191 19.74 -63.65 -19.43
C ALA D 191 19.31 -63.37 -20.84
N TRP D 192 20.26 -62.89 -21.64
CA TRP D 192 19.97 -62.53 -23.00
C TRP D 192 19.48 -63.71 -23.85
N ALA D 193 20.06 -64.88 -23.63
CA ALA D 193 19.57 -66.08 -24.29
C ALA D 193 18.11 -66.36 -23.96
N GLU D 194 17.76 -66.31 -22.67
CA GLU D 194 16.39 -66.54 -22.26
C GLU D 194 15.44 -65.36 -22.60
N GLY D 195 15.98 -64.16 -22.70
CA GLY D 195 15.13 -63.02 -23.01
C GLY D 195 14.73 -62.21 -21.81
N ARG D 196 15.48 -62.34 -20.71
CA ARG D 196 15.12 -61.66 -19.49
C ARG D 196 15.10 -60.13 -19.63
N PHE D 197 16.07 -59.53 -20.32
CA PHE D 197 16.10 -58.06 -20.45
C PHE D 197 15.14 -57.44 -21.52
N ASP D 198 14.44 -58.28 -22.26
CA ASP D 198 13.59 -57.79 -23.30
C ASP D 198 12.64 -56.72 -22.81
N ARG D 199 11.91 -57.01 -21.76
CA ARG D 199 10.91 -56.05 -21.25
C ARG D 199 11.55 -54.68 -20.87
N GLU D 200 12.55 -54.73 -20.03
CA GLU D 200 13.15 -53.50 -19.53
C GLU D 200 13.82 -52.67 -20.62
N ILE D 201 14.24 -53.25 -21.73
CA ILE D 201 15.05 -52.50 -22.67
C ILE D 201 14.20 -51.78 -23.67
N SER D 202 14.62 -50.56 -24.01
CA SER D 202 13.98 -49.74 -25.02
C SER D 202 14.98 -49.50 -26.13
N PRO D 203 14.86 -50.22 -27.23
CA PRO D 203 15.78 -50.04 -28.35
C PRO D 203 15.98 -48.58 -28.56
N ILE D 204 17.18 -48.17 -28.96
CA ILE D 204 17.51 -46.79 -29.25
C ILE D 204 18.05 -46.67 -30.66
N GLN D 205 17.46 -45.80 -31.47
CA GLN D 205 18.02 -45.48 -32.78
C GLN D 205 19.33 -44.75 -32.57
N ALA D 206 20.31 -45.03 -33.39
CA ALA D 206 21.60 -44.40 -33.23
C ALA D 206 22.31 -44.18 -34.58
N PRO D 207 23.08 -43.08 -34.70
CA PRO D 207 23.92 -42.84 -35.84
C PRO D 207 24.91 -43.95 -35.98
N VAL D 208 24.94 -44.58 -37.15
CA VAL D 208 26.00 -45.53 -37.47
C VAL D 208 27.27 -44.74 -37.84
N LEU D 209 28.38 -45.12 -37.23
CA LEU D 209 29.67 -44.51 -37.50
C LEU D 209 30.59 -45.49 -38.22
N ASP D 210 31.59 -44.95 -38.89
CA ASP D 210 32.52 -45.77 -39.69
C ASP D 210 33.59 -46.43 -38.79
N GLU D 211 34.69 -46.90 -39.40
CA GLU D 211 35.80 -47.48 -38.65
C GLU D 211 36.51 -46.38 -37.86
N GLN D 212 36.47 -45.17 -38.41
CA GLN D 212 36.83 -43.97 -37.66
C GLN D 212 35.64 -43.66 -36.75
N ASN D 213 35.55 -42.43 -36.25
CA ASN D 213 34.41 -42.03 -35.45
C ASN D 213 33.68 -40.89 -36.13
N GLN D 214 33.30 -41.13 -37.37
CA GLN D 214 32.49 -40.20 -38.15
C GLN D 214 31.21 -40.91 -38.60
N PRO D 215 30.10 -40.18 -38.75
CA PRO D 215 28.83 -40.78 -39.10
C PRO D 215 28.75 -41.22 -40.56
N THR D 216 28.15 -42.39 -40.79
CA THR D 216 28.00 -42.95 -42.13
C THR D 216 26.66 -42.62 -42.74
N GLY D 217 25.89 -41.75 -42.11
CA GLY D 217 24.56 -41.41 -42.58
C GLY D 217 23.48 -42.38 -42.14
N GLU D 218 23.86 -43.61 -41.84
CA GLU D 218 22.92 -44.63 -41.35
C GLU D 218 22.47 -44.39 -39.91
N ARG D 219 21.21 -44.73 -39.64
CA ARG D 219 20.60 -44.54 -38.33
C ARG D 219 20.01 -45.88 -37.85
N ARG D 220 20.87 -46.71 -37.25
CA ARG D 220 20.55 -48.07 -36.86
C ARG D 220 19.85 -48.12 -35.50
N LEU D 221 18.99 -49.11 -35.33
CA LEU D 221 18.27 -49.36 -34.08
C LEU D 221 19.08 -50.33 -33.22
N VAL D 222 19.43 -49.93 -32.00
CA VAL D 222 20.27 -50.72 -31.11
C VAL D 222 19.39 -51.27 -30.02
N PHE D 223 19.50 -52.56 -29.72
CA PHE D 223 18.75 -53.15 -28.60
C PHE D 223 19.47 -54.11 -27.75
N ARG D 224 20.77 -54.25 -27.91
CA ARG D 224 21.50 -55.24 -27.13
C ARG D 224 22.67 -54.65 -26.42
N ASP D 225 22.85 -55.11 -25.20
CA ASP D 225 24.02 -54.78 -24.43
C ASP D 225 25.23 -55.32 -25.23
N GLN D 226 26.23 -54.48 -25.41
CA GLN D 226 27.33 -54.75 -26.33
C GLN D 226 28.50 -55.42 -25.62
N GLY D 227 28.49 -55.41 -24.31
CA GLY D 227 29.64 -55.88 -23.56
C GLY D 227 29.75 -57.37 -23.40
N LEU D 228 28.73 -58.12 -23.84
CA LEU D 228 28.81 -59.58 -23.73
C LEU D 228 29.88 -60.07 -24.64
N ARG D 229 30.58 -61.12 -24.21
CA ARG D 229 31.80 -61.55 -24.88
C ARG D 229 32.08 -63.00 -24.51
N GLU D 230 32.27 -63.87 -25.49
CA GLU D 230 32.62 -65.25 -25.16
C GLU D 230 33.82 -65.16 -24.24
N THR D 231 33.75 -65.81 -23.10
CA THR D 231 34.73 -65.66 -22.03
C THR D 231 35.08 -67.00 -21.38
N THR D 232 36.32 -67.15 -20.95
CA THR D 232 36.77 -68.41 -20.35
C THR D 232 37.86 -68.20 -19.30
N MET D 233 37.94 -69.15 -18.36
CA MET D 233 38.90 -69.05 -17.27
C MET D 233 40.30 -68.91 -17.82
N ALA D 234 40.57 -69.57 -18.93
CA ALA D 234 41.87 -69.46 -19.56
C ALA D 234 42.11 -68.06 -20.06
N GLY D 235 41.17 -67.59 -20.85
CA GLY D 235 41.20 -66.22 -21.38
C GLY D 235 41.43 -65.18 -20.30
N LEU D 236 40.68 -65.29 -19.21
CA LEU D 236 40.79 -64.31 -18.16
C LEU D 236 42.16 -64.38 -17.52
N GLY D 237 42.70 -65.60 -17.41
CA GLY D 237 44.03 -65.82 -16.86
C GLY D 237 45.11 -65.19 -17.71
N GLU D 238 44.86 -65.11 -19.01
CA GLU D 238 45.76 -64.49 -20.00
C GLU D 238 45.91 -62.97 -19.78
N LEU D 239 44.90 -62.34 -19.19
CA LEU D 239 44.85 -60.88 -19.15
C LEU D 239 45.83 -60.25 -18.16
N LYS D 240 46.34 -59.08 -18.53
CA LYS D 240 47.34 -58.39 -17.73
C LYS D 240 46.64 -57.53 -16.71
N PRO D 241 47.15 -57.51 -15.47
CA PRO D 241 46.60 -56.65 -14.44
C PRO D 241 46.59 -55.19 -14.82
N VAL D 242 45.65 -54.41 -14.29
CA VAL D 242 45.62 -52.98 -14.52
C VAL D 242 46.71 -52.27 -13.75
N LEU D 243 46.98 -52.73 -12.53
CA LEU D 243 48.15 -52.24 -11.76
C LEU D 243 49.20 -53.33 -11.63
N GLU D 244 50.46 -52.93 -11.59
CA GLU D 244 51.55 -53.86 -11.39
C GLU D 244 51.35 -54.57 -10.07
N GLY D 245 51.19 -55.89 -10.13
CA GLY D 245 50.99 -56.67 -8.92
C GLY D 245 49.57 -56.78 -8.42
N GLY D 246 48.62 -56.19 -9.14
CA GLY D 246 47.20 -56.29 -8.75
C GLY D 246 46.57 -57.57 -9.30
N ILE D 247 45.36 -57.86 -8.83
CA ILE D 247 44.61 -59.02 -9.32
C ILE D 247 43.51 -58.65 -10.34
N HIS D 248 43.18 -57.37 -10.42
CA HIS D 248 42.09 -56.99 -11.29
C HIS D 248 42.59 -56.65 -12.66
N THR D 249 41.82 -57.08 -13.65
CA THR D 249 42.07 -56.84 -15.06
C THR D 249 40.75 -56.39 -15.69
N ALA D 250 40.82 -56.05 -16.97
CA ALA D 250 39.65 -55.66 -17.71
C ALA D 250 38.62 -56.75 -17.64
N GLY D 251 39.05 -58.01 -17.57
CA GLY D 251 38.14 -59.16 -17.35
C GLY D 251 37.35 -59.13 -16.03
N THR D 252 37.91 -58.49 -15.00
CA THR D 252 37.32 -58.52 -13.66
C THR D 252 37.06 -57.14 -13.06
N SER D 253 37.05 -56.11 -13.92
CA SER D 253 36.61 -54.77 -13.56
C SER D 253 35.41 -54.48 -14.43
N SER D 254 34.72 -53.36 -14.21
CA SER D 254 33.55 -52.98 -15.01
C SER D 254 33.99 -52.47 -16.34
N GLN D 255 33.10 -52.40 -17.33
CA GLN D 255 33.44 -51.87 -18.64
C GLN D 255 33.03 -50.41 -18.76
N ILE D 256 33.78 -49.64 -19.55
CA ILE D 256 33.46 -48.22 -19.79
C ILE D 256 32.46 -48.15 -20.91
N SER D 257 31.32 -47.54 -20.60
CA SER D 257 30.11 -47.72 -21.37
C SER D 257 29.24 -46.47 -21.57
N ASP D 258 28.31 -46.56 -22.51
CA ASP D 258 27.35 -45.51 -22.77
C ASP D 258 26.00 -46.05 -22.47
N GLY D 259 25.19 -45.32 -21.72
CA GLY D 259 23.83 -45.78 -21.44
C GLY D 259 22.99 -44.83 -20.65
N ALA D 260 21.69 -45.11 -20.60
CA ALA D 260 20.78 -44.29 -19.83
C ALA D 260 19.60 -45.12 -19.41
N ALA D 261 18.99 -44.72 -18.29
CA ALA D 261 17.83 -45.41 -17.72
C ALA D 261 16.94 -44.45 -17.01
N ALA D 262 15.67 -44.77 -16.95
CA ALA D 262 14.67 -43.88 -16.35
C ALA D 262 13.59 -44.68 -15.64
N VAL D 263 13.11 -44.12 -14.55
CA VAL D 263 12.13 -44.80 -13.72
C VAL D 263 11.03 -43.82 -13.35
N LEU D 264 9.77 -44.15 -13.68
CA LEU D 264 8.65 -43.22 -13.50
C LEU D 264 8.00 -43.44 -12.20
N TRP D 265 8.05 -42.48 -11.29
CA TRP D 265 7.44 -42.64 -9.94
C TRP D 265 6.13 -41.89 -9.79
N MET D 266 5.27 -42.35 -8.88
CA MET D 266 4.03 -41.63 -8.55
C MET D 266 3.57 -41.91 -7.14
N ASP D 267 2.80 -41.00 -6.58
CA ASP D 267 2.00 -41.32 -5.42
C ASP D 267 1.02 -42.42 -5.84
N GLU D 268 0.96 -43.48 -5.03
CA GLU D 268 0.18 -44.66 -5.35
C GLU D 268 -1.22 -44.27 -5.79
N ALA D 269 -1.83 -43.31 -5.11
CA ALA D 269 -3.20 -42.92 -5.41
C ALA D 269 -3.35 -42.27 -6.78
N VAL D 270 -2.43 -41.39 -7.10
CA VAL D 270 -2.44 -40.76 -8.40
C VAL D 270 -2.23 -41.83 -9.45
N ALA D 271 -1.32 -42.76 -9.22
CA ALA D 271 -1.08 -43.82 -10.17
C ALA D 271 -2.36 -44.59 -10.48
N ARG D 272 -3.03 -45.01 -9.45
CA ARG D 272 -4.22 -45.79 -9.62
C ARG D 272 -5.24 -44.96 -10.32
N ALA D 273 -5.28 -43.66 -10.04
CA ALA D 273 -6.23 -42.79 -10.69
C ALA D 273 -6.03 -42.71 -12.18
N HIS D 274 -4.79 -42.61 -12.64
CA HIS D 274 -4.52 -42.69 -14.08
C HIS D 274 -4.71 -44.11 -14.62
N GLY D 275 -4.93 -45.08 -13.75
CA GLY D 275 -5.11 -46.45 -14.18
C GLY D 275 -3.77 -47.10 -14.45
N LEU D 276 -2.74 -46.66 -13.75
CA LEU D 276 -1.45 -47.33 -13.82
C LEU D 276 -1.26 -48.18 -12.58
N THR D 277 -0.50 -49.26 -12.72
CA THR D 277 -0.36 -50.25 -11.65
C THR D 277 0.86 -49.95 -10.80
N PRO D 278 0.68 -49.71 -9.48
CA PRO D 278 1.83 -49.61 -8.62
C PRO D 278 2.61 -50.92 -8.61
N ARG D 279 3.89 -50.87 -8.93
CA ARG D 279 4.68 -52.04 -9.19
C ARG D 279 5.71 -52.34 -8.10
N ALA D 280 6.25 -51.31 -7.47
CA ALA D 280 7.19 -51.52 -6.36
C ALA D 280 7.33 -50.30 -5.47
N ARG D 281 7.98 -50.50 -4.34
CA ARG D 281 8.12 -49.43 -3.38
CA ARG D 281 8.05 -49.52 -3.27
C ARG D 281 9.42 -49.58 -2.60
N ILE D 282 10.00 -48.44 -2.19
CA ILE D 282 11.22 -48.50 -1.45
C ILE D 282 10.83 -48.84 -0.04
N VAL D 283 11.46 -49.88 0.50
CA VAL D 283 11.30 -50.30 1.88
C VAL D 283 12.29 -49.52 2.73
N ALA D 284 13.52 -49.35 2.22
CA ALA D 284 14.54 -48.61 2.93
C ALA D 284 15.56 -48.08 1.96
N GLN D 285 16.09 -46.87 2.21
CA GLN D 285 17.10 -46.26 1.35
C GLN D 285 18.20 -45.62 2.15
N ALA D 286 19.39 -45.55 1.54
CA ALA D 286 20.55 -45.01 2.24
C ALA D 286 21.64 -44.66 1.30
N LEU D 287 22.35 -43.61 1.68
CA LEU D 287 23.59 -43.20 1.05
C LEU D 287 24.50 -42.97 2.22
N VAL D 288 25.41 -43.91 2.45
CA VAL D 288 26.28 -43.78 3.59
C VAL D 288 27.66 -43.45 3.12
N GLY D 289 28.41 -42.82 4.02
CA GLY D 289 29.86 -42.69 3.90
C GLY D 289 30.58 -44.00 4.21
N ALA D 290 31.68 -44.25 3.51
CA ALA D 290 32.46 -45.45 3.68
C ALA D 290 33.86 -45.09 4.14
N GLU D 291 34.71 -46.09 4.36
CA GLU D 291 36.05 -45.88 4.92
C GLU D 291 36.96 -45.39 3.79
N PRO D 292 37.59 -44.24 3.96
CA PRO D 292 38.39 -43.78 2.87
C PRO D 292 39.50 -44.75 2.45
N TYR D 293 40.18 -45.34 3.41
CA TYR D 293 41.31 -46.20 3.07
C TYR D 293 40.97 -47.23 2.01
N TYR D 294 39.91 -47.99 2.23
CA TYR D 294 39.54 -49.03 1.30
C TYR D 294 38.68 -48.47 0.22
N HIS D 295 38.02 -47.35 0.51
CA HIS D 295 37.39 -46.54 -0.53
C HIS D 295 36.12 -47.17 -1.13
N LEU D 296 36.22 -48.30 -1.80
CA LEU D 296 35.08 -48.87 -2.51
C LEU D 296 34.39 -50.03 -1.76
N ASP D 297 34.60 -50.14 -0.44
CA ASP D 297 34.07 -51.28 0.31
C ASP D 297 32.79 -50.87 1.02
N GLY D 298 32.22 -49.73 0.63
CA GLY D 298 30.98 -49.20 1.23
C GLY D 298 29.70 -50.06 1.15
N PRO D 299 29.56 -50.83 0.08
CA PRO D 299 28.40 -51.68 0.03
C PRO D 299 28.17 -52.50 1.32
N VAL D 300 29.24 -52.78 2.08
CA VAL D 300 29.08 -53.41 3.40
C VAL D 300 28.25 -52.52 4.29
N GLN D 301 28.57 -51.23 4.29
CA GLN D 301 27.88 -50.30 5.16
C GLN D 301 26.46 -49.95 4.71
N SER D 302 26.30 -49.71 3.42
CA SER D 302 24.97 -49.38 2.94
C SER D 302 24.02 -50.57 3.10
N THR D 303 24.47 -51.74 2.65
CA THR D 303 23.69 -52.96 2.85
C THR D 303 23.28 -53.11 4.30
N ALA D 304 24.19 -52.80 5.20
CA ALA D 304 23.92 -52.87 6.62
C ALA D 304 22.80 -51.94 7.03
N LYS D 305 22.90 -50.68 6.63
CA LYS D 305 21.94 -49.67 7.09
C LYS D 305 20.51 -49.98 6.66
N VAL D 306 20.35 -50.29 5.38
CA VAL D 306 19.01 -50.53 4.85
C VAL D 306 18.41 -51.81 5.43
N LEU D 307 19.23 -52.82 5.67
CA LEU D 307 18.72 -54.00 6.37
C LEU D 307 18.23 -53.60 7.74
N GLU D 308 19.04 -52.79 8.44
CA GLU D 308 18.74 -52.30 9.78
C GLU D 308 17.44 -51.49 9.76
N LYS D 309 17.39 -50.55 8.82
CA LYS D 309 16.20 -49.69 8.70
C LYS D 309 14.97 -50.54 8.33
N ALA D 310 15.15 -51.49 7.43
CA ALA D 310 14.04 -52.25 6.94
C ALA D 310 13.62 -53.24 7.95
N GLY D 311 14.45 -53.46 8.96
CA GLY D 311 14.17 -54.52 9.91
C GLY D 311 14.23 -55.91 9.29
N MET D 312 15.20 -56.16 8.44
CA MET D 312 15.36 -57.44 7.76
C MET D 312 16.78 -57.98 7.90
N LYS D 313 16.99 -59.18 7.41
CA LYS D 313 18.30 -59.77 7.33
C LYS D 313 18.50 -60.27 5.92
N ILE D 314 19.77 -60.38 5.51
CA ILE D 314 20.09 -60.57 4.09
C ILE D 314 19.32 -61.74 3.54
N GLY D 315 19.00 -62.67 4.42
CA GLY D 315 18.19 -63.81 4.09
C GLY D 315 16.80 -63.47 3.59
N ASP D 316 16.28 -62.32 3.96
CA ASP D 316 14.95 -61.94 3.49
C ASP D 316 14.95 -61.44 2.04
N ILE D 317 16.11 -61.03 1.54
CA ILE D 317 16.21 -60.49 0.19
C ILE D 317 16.21 -61.61 -0.85
N ASP D 318 15.35 -61.47 -1.87
CA ASP D 318 15.21 -62.47 -2.93
C ASP D 318 16.22 -62.28 -4.06
N ILE D 319 16.60 -61.03 -4.31
CA ILE D 319 17.44 -60.65 -5.42
C ILE D 319 18.32 -59.51 -4.96
N VAL D 320 19.62 -59.65 -5.16
CA VAL D 320 20.53 -58.53 -4.93
C VAL D 320 21.10 -58.00 -6.25
N GLU D 321 21.30 -56.70 -6.29
CA GLU D 321 22.09 -56.09 -7.33
C GLU D 321 23.16 -55.24 -6.65
N ILE D 322 24.38 -55.75 -6.63
CA ILE D 322 25.50 -55.04 -6.07
C ILE D 322 26.47 -54.73 -7.21
N ASN D 323 26.72 -53.47 -7.48
CA ASN D 323 27.40 -53.13 -8.71
C ASN D 323 28.83 -53.67 -8.79
N GLU D 324 29.19 -54.23 -9.93
CA GLU D 324 30.47 -54.90 -10.09
C GLU D 324 31.50 -53.92 -10.63
N ALA D 325 31.75 -52.87 -9.90
CA ALA D 325 32.84 -51.95 -10.25
C ALA D 325 34.14 -52.72 -10.37
N PHE D 326 34.36 -53.57 -9.38
CA PHE D 326 35.49 -54.48 -9.36
C PHE D 326 35.06 -55.75 -8.66
N ALA D 327 35.43 -56.89 -9.22
CA ALA D 327 35.12 -58.16 -8.61
C ALA D 327 35.33 -58.19 -7.06
N SER D 328 36.43 -57.63 -6.59
CA SER D 328 36.75 -57.71 -5.18
C SER D 328 35.75 -56.94 -4.34
N VAL D 329 35.12 -55.93 -4.93
CA VAL D 329 34.08 -55.20 -4.22
C VAL D 329 32.89 -56.07 -3.88
N VAL D 330 32.43 -56.86 -4.86
CA VAL D 330 31.31 -57.78 -4.65
C VAL D 330 31.68 -58.92 -3.69
N LEU D 331 32.87 -59.47 -3.86
CA LEU D 331 33.32 -60.56 -3.04
C LEU D 331 33.55 -60.08 -1.61
N SER D 332 34.19 -58.94 -1.40
CA SER D 332 34.36 -58.46 -0.03
C SER D 332 32.99 -58.36 0.67
N TRP D 333 32.01 -57.81 -0.05
CA TRP D 333 30.66 -57.66 0.44
C TRP D 333 30.11 -58.97 0.85
N ALA D 334 30.17 -59.92 -0.09
CA ALA D 334 29.65 -61.29 0.12
C ALA D 334 30.34 -61.98 1.31
N ARG D 335 31.65 -61.78 1.45
CA ARG D 335 32.37 -62.35 2.56
C ARG D 335 31.85 -61.84 3.90
N VAL D 336 31.51 -60.55 3.95
CA VAL D 336 31.00 -59.92 5.18
C VAL D 336 29.55 -60.30 5.42
N HIS D 337 28.69 -60.16 4.41
CA HIS D 337 27.26 -60.33 4.58
C HIS D 337 26.77 -61.75 4.29
N GLU D 338 27.61 -62.59 3.73
CA GLU D 338 27.28 -64.00 3.50
C GLU D 338 25.88 -64.25 2.94
N PRO D 339 25.61 -63.71 1.73
CA PRO D 339 24.34 -63.89 1.03
C PRO D 339 24.35 -65.19 0.25
N ASP D 340 23.26 -65.51 -0.43
CA ASP D 340 23.25 -66.64 -1.36
C ASP D 340 23.59 -66.17 -2.78
N MET D 341 24.81 -66.46 -3.23
CA MET D 341 25.28 -65.88 -4.49
C MET D 341 24.47 -66.32 -5.71
N ASP D 342 23.59 -67.30 -5.57
CA ASP D 342 22.62 -67.59 -6.61
C ASP D 342 21.56 -66.51 -6.72
N ARG D 343 21.43 -65.68 -5.70
CA ARG D 343 20.51 -64.57 -5.73
C ARG D 343 21.19 -63.23 -6.02
N VAL D 344 22.49 -63.24 -6.30
CA VAL D 344 23.30 -62.02 -6.42
C VAL D 344 23.69 -61.84 -7.86
N ASN D 345 23.36 -60.67 -8.43
CA ASN D 345 23.55 -60.38 -9.87
C ASN D 345 23.17 -61.56 -10.75
N VAL D 346 21.92 -61.98 -10.58
CA VAL D 346 21.42 -63.15 -11.27
C VAL D 346 21.37 -63.00 -12.78
N ASN D 347 21.29 -61.77 -13.28
CA ASN D 347 21.30 -61.55 -14.73
C ASN D 347 22.61 -60.99 -15.30
N GLY D 348 23.71 -61.25 -14.61
CA GLY D 348 25.00 -60.65 -14.95
C GLY D 348 25.14 -59.26 -14.36
N GLY D 349 26.39 -58.80 -14.25
CA GLY D 349 26.64 -57.47 -13.76
C GLY D 349 27.48 -56.62 -14.68
N ALA D 350 27.81 -55.42 -14.19
CA ALA D 350 28.59 -54.46 -14.96
C ALA D 350 29.89 -54.98 -15.57
N ILE D 351 30.52 -55.99 -14.96
CA ILE D 351 31.70 -56.61 -15.57
C ILE D 351 31.40 -57.04 -17.02
N ALA D 352 30.21 -57.56 -17.27
CA ALA D 352 29.83 -57.99 -18.61
C ALA D 352 28.92 -56.99 -19.34
N LEU D 353 27.99 -56.38 -18.60
CA LEU D 353 26.99 -55.46 -19.17
C LEU D 353 27.46 -54.02 -19.17
N GLY D 354 28.63 -53.74 -18.60
CA GLY D 354 29.20 -52.40 -18.66
C GLY D 354 28.58 -51.47 -17.65
N HIS D 355 29.16 -50.28 -17.51
CA HIS D 355 28.89 -49.46 -16.37
C HIS D 355 28.95 -47.96 -16.66
N PRO D 356 27.95 -47.46 -17.41
CA PRO D 356 27.81 -46.01 -17.57
C PRO D 356 27.46 -45.46 -16.19
N VAL D 357 28.39 -44.67 -15.67
CA VAL D 357 28.48 -44.42 -14.25
C VAL D 357 27.23 -43.73 -13.72
N GLY D 358 26.87 -42.62 -14.35
CA GLY D 358 25.69 -41.88 -13.96
C GLY D 358 24.41 -42.64 -14.15
N CYS D 359 24.43 -43.67 -14.99
CA CYS D 359 23.22 -44.40 -15.36
C CYS D 359 22.92 -45.68 -14.52
N THR D 360 23.97 -46.36 -14.12
CA THR D 360 23.86 -47.67 -13.50
C THR D 360 22.89 -47.75 -12.33
N GLY D 361 22.96 -46.79 -11.44
CA GLY D 361 22.05 -46.76 -10.29
C GLY D 361 20.59 -46.87 -10.67
N SER D 362 20.15 -46.13 -11.70
CA SER D 362 18.81 -46.31 -12.17
C SER D 362 18.68 -47.60 -12.94
N ARG D 363 19.76 -48.04 -13.56
CA ARG D 363 19.67 -49.27 -14.31
C ARG D 363 19.43 -50.44 -13.38
N LEU D 364 20.16 -50.43 -12.26
CA LEU D 364 20.11 -51.56 -11.32
C LEU D 364 18.71 -51.69 -10.76
N ILE D 365 18.17 -50.56 -10.30
CA ILE D 365 16.78 -50.57 -9.83
C ILE D 365 15.89 -51.13 -10.93
N THR D 366 16.05 -50.64 -12.15
CA THR D 366 15.22 -51.17 -13.24
C THR D 366 15.40 -52.68 -13.37
N THR D 367 16.65 -53.12 -13.54
CA THR D 367 16.94 -54.55 -13.67
C THR D 367 16.31 -55.32 -12.52
N ALA D 368 16.52 -54.89 -11.30
CA ALA D 368 15.97 -55.62 -10.13
C ALA D 368 14.45 -55.79 -10.22
N LEU D 369 13.73 -54.66 -10.33
CA LEU D 369 12.27 -54.67 -10.38
C LEU D 369 11.77 -55.71 -11.40
N HIS D 370 12.36 -55.70 -12.59
CA HIS D 370 11.93 -56.61 -13.62
C HIS D 370 12.17 -58.07 -13.20
N GLU D 371 13.31 -58.34 -12.54
CA GLU D 371 13.65 -59.73 -12.15
C GLU D 371 12.66 -60.20 -11.09
N LEU D 372 12.35 -59.33 -10.13
CA LEU D 372 11.37 -59.67 -9.11
C LEU D 372 10.11 -60.00 -9.79
N GLU D 373 9.79 -59.26 -10.85
CA GLU D 373 8.55 -59.52 -11.54
C GLU D 373 8.61 -60.83 -12.30
N ARG D 374 9.74 -61.09 -12.96
CA ARG D 374 9.82 -62.28 -13.77
C ARG D 374 9.63 -63.48 -12.91
N THR D 375 10.30 -63.47 -11.75
CA THR D 375 10.40 -64.67 -10.89
C THR D 375 9.33 -64.65 -9.85
N ASP D 376 8.45 -63.67 -9.94
CA ASP D 376 7.37 -63.52 -9.00
C ASP D 376 7.84 -63.52 -7.55
N GLN D 377 8.93 -62.81 -7.29
CA GLN D 377 9.47 -62.68 -5.93
C GLN D 377 9.26 -61.26 -5.39
N SER D 378 9.70 -60.97 -4.18
CA SER D 378 9.26 -59.76 -3.50
C SER D 378 10.28 -58.72 -3.17
N LEU D 379 11.31 -59.08 -2.41
CA LEU D 379 12.30 -58.10 -1.97
C LEU D 379 13.56 -58.14 -2.82
N ALA D 380 14.06 -56.96 -3.17
CA ALA D 380 15.36 -56.83 -3.82
C ALA D 380 16.21 -55.77 -3.13
N LEU D 381 17.51 -56.00 -3.10
CA LEU D 381 18.46 -55.06 -2.54
C LEU D 381 19.31 -54.52 -3.64
N ILE D 382 19.48 -53.21 -3.70
CA ILE D 382 20.43 -52.63 -4.62
C ILE D 382 21.45 -51.84 -3.81
N THR D 383 22.74 -52.08 -4.09
CA THR D 383 23.81 -51.40 -3.38
C THR D 383 24.99 -51.16 -4.28
N MET D 384 25.68 -50.03 -4.09
CA MET D 384 26.81 -49.63 -4.95
C MET D 384 27.93 -48.94 -4.17
N CYS D 385 29.16 -49.28 -4.50
CA CYS D 385 30.28 -48.46 -4.04
C CYS D 385 30.34 -47.20 -4.87
N ALA D 386 31.04 -46.18 -4.39
CA ALA D 386 31.18 -44.95 -5.16
C ALA D 386 32.36 -44.11 -4.76
N GLY D 387 32.92 -43.40 -5.74
CA GLY D 387 34.03 -42.48 -5.49
C GLY D 387 33.80 -41.53 -4.34
N GLY D 388 34.85 -41.14 -3.66
CA GLY D 388 34.75 -40.34 -2.43
C GLY D 388 34.31 -41.13 -1.22
N ALA D 389 34.34 -42.44 -1.34
CA ALA D 389 34.03 -43.37 -0.24
C ALA D 389 32.61 -43.22 0.25
N LEU D 390 31.68 -43.50 -0.65
CA LEU D 390 30.25 -43.41 -0.37
C LEU D 390 29.60 -44.62 -0.96
N SER D 391 28.51 -45.09 -0.36
CA SER D 391 27.74 -46.16 -0.95
C SER D 391 26.27 -45.82 -0.85
N THR D 392 25.54 -46.11 -1.92
CA THR D 392 24.10 -46.06 -1.92
C THR D 392 23.52 -47.45 -1.62
N GLY D 393 22.28 -47.50 -1.17
CA GLY D 393 21.62 -48.75 -0.83
C GLY D 393 20.11 -48.56 -0.88
N THR D 394 19.41 -49.55 -1.43
CA THR D 394 17.97 -49.54 -1.45
C THR D 394 17.47 -50.96 -1.26
N ILE D 395 16.35 -51.09 -0.58
CA ILE D 395 15.56 -52.31 -0.57
C ILE D 395 14.19 -51.96 -1.12
N ILE D 396 13.89 -52.47 -2.29
CA ILE D 396 12.60 -52.25 -2.92
C ILE D 396 11.79 -53.50 -2.72
N GLU D 397 10.49 -53.35 -2.88
CA GLU D 397 9.53 -54.42 -2.58
C GLU D 397 8.43 -54.38 -3.61
N ARG D 398 8.09 -55.50 -4.22
CA ARG D 398 7.01 -55.51 -5.18
C ARG D 398 5.67 -55.25 -4.53
N ILE D 399 4.75 -54.67 -5.29
CA ILE D 399 3.43 -54.34 -4.79
C ILE D 399 2.40 -55.24 -5.46
N SER E 8 74.48 7.49 21.36
CA SER E 8 73.65 6.28 21.68
C SER E 8 72.27 6.68 22.17
N MET E 9 71.56 7.46 21.36
CA MET E 9 70.12 7.72 21.58
C MET E 9 69.32 7.43 20.33
N GLY E 10 68.00 7.63 20.43
CA GLY E 10 67.08 7.09 19.43
C GLY E 10 65.86 7.91 19.17
N TYR E 11 65.14 7.53 18.12
CA TYR E 11 64.01 8.30 17.65
C TYR E 11 62.82 7.36 17.56
N PRO E 12 62.04 7.27 18.66
CA PRO E 12 60.97 6.29 18.79
C PRO E 12 59.82 6.56 17.84
N VAL E 13 59.39 5.52 17.13
CA VAL E 13 58.23 5.62 16.29
C VAL E 13 57.32 4.39 16.42
N ILE E 14 56.01 4.61 16.28
CA ILE E 14 55.08 3.50 16.29
C ILE E 14 55.24 2.82 14.95
N VAL E 15 55.39 1.50 15.00
CA VAL E 15 55.52 0.66 13.83
C VAL E 15 54.28 -0.24 13.64
N GLU E 16 53.67 -0.67 14.76
CA GLU E 16 52.40 -1.38 14.72
C GLU E 16 51.61 -1.18 15.99
N ALA E 17 50.31 -1.42 15.90
CA ALA E 17 49.40 -1.32 17.08
C ALA E 17 48.16 -2.18 16.82
N THR E 18 47.69 -2.82 17.87
CA THR E 18 46.54 -3.65 17.73
C THR E 18 45.91 -3.86 19.07
N ARG E 19 44.67 -4.34 19.07
CA ARG E 19 43.88 -4.52 20.30
C ARG E 19 42.94 -5.66 20.11
N SER E 20 42.61 -6.34 21.22
CA SER E 20 41.56 -7.37 21.23
C SER E 20 40.25 -6.66 21.11
N PRO E 21 39.20 -7.37 20.75
CA PRO E 21 37.92 -6.69 20.99
C PRO E 21 37.78 -6.58 22.48
N ILE E 22 36.94 -5.64 22.93
CA ILE E 22 36.73 -5.36 24.32
C ILE E 22 35.49 -6.10 24.77
N GLY E 23 35.61 -6.96 25.76
CA GLY E 23 34.46 -7.76 26.19
C GLY E 23 33.76 -7.11 27.34
N LYS E 24 32.49 -7.48 27.52
CA LYS E 24 31.72 -7.05 28.68
C LYS E 24 32.09 -7.87 29.92
N ARG E 25 31.62 -7.42 31.07
CA ARG E 25 31.89 -8.11 32.32
C ARG E 25 31.17 -9.44 32.31
N ASN E 26 31.90 -10.49 32.57
CA ASN E 26 31.42 -11.84 32.33
C ASN E 26 30.96 -12.04 30.89
N GLY E 27 31.58 -11.33 29.98
CA GLY E 27 31.16 -11.36 28.59
C GLY E 27 32.03 -12.26 27.76
N TRP E 28 32.27 -11.90 26.51
CA TRP E 28 32.91 -12.80 25.58
C TRP E 28 34.36 -13.15 25.82
N LEU E 29 35.09 -12.40 26.62
CA LEU E 29 36.52 -12.77 26.92
C LEU E 29 36.72 -13.22 28.35
N SER E 30 35.64 -13.30 29.13
CA SER E 30 35.75 -13.56 30.56
C SER E 30 36.26 -14.96 30.83
N GLY E 31 36.17 -15.80 29.82
CA GLY E 31 36.76 -17.13 29.88
C GLY E 31 38.28 -17.16 29.93
N LEU E 32 38.97 -16.16 29.43
CA LEU E 32 40.41 -16.19 29.40
C LEU E 32 41.03 -15.72 30.73
N HIS E 33 42.05 -16.42 31.18
CA HIS E 33 42.92 -15.95 32.23
C HIS E 33 43.51 -14.61 31.76
N ALA E 34 43.56 -13.62 32.64
CA ALA E 34 44.05 -12.30 32.27
C ALA E 34 45.40 -12.38 31.58
N THR E 35 46.26 -13.29 32.02
CA THR E 35 47.57 -13.48 31.37
C THR E 35 47.50 -14.01 29.92
N GLU E 36 46.52 -14.84 29.62
CA GLU E 36 46.29 -15.27 28.24
C GLU E 36 45.78 -14.14 27.30
N LEU E 37 44.96 -13.25 27.81
CA LEU E 37 44.45 -12.19 27.01
C LEU E 37 45.60 -11.35 26.60
N LEU E 38 46.41 -10.91 27.56
CA LEU E 38 47.49 -9.97 27.28
C LEU E 38 48.52 -10.65 26.41
N GLY E 39 48.76 -11.93 26.64
CA GLY E 39 49.68 -12.68 25.84
C GLY E 39 49.24 -12.68 24.39
N ALA E 40 47.96 -12.89 24.19
CA ALA E 40 47.41 -13.02 22.84
C ALA E 40 47.69 -11.77 22.03
N VAL E 41 47.51 -10.64 22.69
CA VAL E 41 47.64 -9.37 22.03
C VAL E 41 49.15 -9.06 21.81
N GLN E 42 49.98 -9.38 22.81
CA GLN E 42 51.41 -9.23 22.70
C GLN E 42 51.92 -9.98 21.48
N LYS E 43 51.38 -11.17 21.29
CA LYS E 43 51.78 -11.97 20.15
C LYS E 43 51.19 -11.35 18.91
N ALA E 44 49.97 -10.82 19.04
CA ALA E 44 49.32 -10.19 17.91
C ALA E 44 50.17 -9.09 17.29
N VAL E 45 50.62 -8.10 18.04
CA VAL E 45 51.44 -7.06 17.42
C VAL E 45 52.67 -7.60 16.78
N VAL E 46 53.40 -8.48 17.44
CA VAL E 46 54.62 -8.99 16.84
C VAL E 46 54.30 -9.71 15.54
N ASP E 47 53.28 -10.54 15.57
CA ASP E 47 52.88 -11.27 14.37
C ASP E 47 52.51 -10.31 13.28
N LYS E 48 51.69 -9.33 13.61
CA LYS E 48 51.32 -8.31 12.63
C LYS E 48 52.57 -7.76 11.95
N ALA E 49 53.59 -7.41 12.72
CA ALA E 49 54.79 -6.78 12.17
C ALA E 49 55.61 -7.77 11.39
N GLY E 50 55.41 -9.05 11.66
CA GLY E 50 56.12 -10.09 10.97
C GLY E 50 55.65 -10.37 9.57
N ILE E 51 54.45 -9.98 9.23
CA ILE E 51 53.92 -10.19 7.89
C ILE E 51 54.87 -9.62 6.86
N GLN E 52 55.27 -8.38 7.09
CA GLN E 52 55.87 -7.57 6.03
C GLN E 52 57.36 -7.40 6.22
N SER E 53 57.94 -8.10 7.19
CA SER E 53 59.32 -7.85 7.59
C SER E 53 59.96 -9.10 8.20
N GLY E 54 61.20 -8.97 8.62
CA GLY E 54 61.88 -10.07 9.29
C GLY E 54 61.54 -10.15 10.75
N LEU E 55 61.09 -9.03 11.32
CA LEU E 55 60.91 -8.90 12.76
C LEU E 55 60.30 -10.13 13.39
N HIS E 56 60.89 -10.60 14.48
CA HIS E 56 60.32 -11.68 15.26
C HIS E 56 60.32 -11.31 16.74
N ALA E 57 59.51 -12.01 17.51
CA ALA E 57 59.33 -11.70 18.93
C ALA E 57 60.63 -11.53 19.68
N GLY E 58 61.60 -12.38 19.41
CA GLY E 58 62.92 -12.23 20.03
C GLY E 58 63.56 -10.87 19.84
N ASP E 59 63.19 -10.16 18.76
CA ASP E 59 63.71 -8.83 18.48
C ASP E 59 63.20 -7.76 19.41
N VAL E 60 62.07 -8.02 20.11
CA VAL E 60 61.60 -7.08 21.14
C VAL E 60 62.58 -7.15 22.29
N GLU E 61 62.89 -6.01 22.89
CA GLU E 61 63.88 -5.97 24.01
C GLU E 61 63.21 -5.85 25.37
N GLN E 62 62.27 -4.91 25.45
CA GLN E 62 61.52 -4.73 26.65
C GLN E 62 60.03 -4.57 26.35
N VAL E 63 59.21 -5.08 27.27
CA VAL E 63 57.76 -4.87 27.24
C VAL E 63 57.33 -4.12 28.50
N ILE E 64 56.44 -3.16 28.38
CA ILE E 64 55.91 -2.47 29.55
C ILE E 64 54.40 -2.47 29.45
N GLY E 65 53.75 -3.07 30.43
CA GLY E 65 52.31 -3.21 30.41
C GLY E 65 51.65 -2.44 31.51
N GLY E 66 50.57 -1.72 31.16
CA GLY E 66 49.69 -1.08 32.16
C GLY E 66 48.69 -2.07 32.71
N CYS E 67 48.50 -2.03 34.01
CA CYS E 67 47.46 -2.82 34.65
C CYS E 67 47.18 -2.20 36.00
N VAL E 68 45.90 -1.99 36.29
CA VAL E 68 45.50 -1.28 37.47
C VAL E 68 45.35 -2.19 38.69
N THR E 69 44.48 -3.20 38.65
CA THR E 69 44.18 -3.98 39.87
C THR E 69 45.09 -5.18 39.93
N GLN E 70 46.33 -4.94 40.32
CA GLN E 70 47.37 -5.91 40.05
C GLN E 70 47.37 -7.01 41.06
N PHE E 71 46.28 -7.77 41.08
CA PHE E 71 46.06 -8.75 42.14
C PHE E 71 45.71 -10.07 41.53
N GLY E 72 46.18 -11.15 42.16
CA GLY E 72 45.90 -12.51 41.68
C GLY E 72 46.41 -12.76 40.28
N GLU E 73 45.52 -13.00 39.32
CA GLU E 73 45.95 -13.20 37.93
C GLU E 73 46.76 -12.02 37.41
N GLN E 74 46.52 -10.85 37.99
CA GLN E 74 47.19 -9.64 37.57
C GLN E 74 48.25 -9.21 38.56
N SER E 75 48.57 -10.07 39.53
CA SER E 75 49.76 -9.88 40.36
C SER E 75 50.99 -10.46 39.67
N ASN E 76 52.13 -10.29 40.31
CA ASN E 76 53.38 -10.70 39.76
C ASN E 76 53.66 -10.27 38.32
N ASN E 77 53.62 -8.98 38.09
CA ASN E 77 54.13 -8.43 36.87
C ASN E 77 53.59 -9.18 35.67
N ILE E 78 52.31 -8.90 35.42
CA ILE E 78 51.51 -9.59 34.39
C ILE E 78 52.08 -9.49 33.01
N SER E 79 52.80 -8.42 32.72
CA SER E 79 53.40 -8.25 31.38
C SER E 79 54.40 -9.35 31.04
N ARG E 80 55.29 -9.65 31.99
CA ARG E 80 56.23 -10.76 31.92
C ARG E 80 55.54 -12.13 31.87
N VAL E 81 54.55 -12.32 32.73
CA VAL E 81 53.90 -13.64 32.77
C VAL E 81 53.12 -13.92 31.50
N ALA E 82 52.34 -12.93 31.08
CA ALA E 82 51.65 -12.97 29.80
C ALA E 82 52.59 -13.37 28.70
N TRP E 83 53.73 -12.68 28.60
CA TRP E 83 54.72 -12.95 27.55
C TRP E 83 55.15 -14.39 27.61
N LEU E 84 55.69 -14.82 28.74
CA LEU E 84 56.12 -16.23 28.85
C LEU E 84 54.98 -17.20 28.55
N THR E 85 53.78 -16.92 29.05
CA THR E 85 52.61 -17.76 28.77
C THR E 85 52.22 -17.88 27.29
N ALA E 86 52.43 -16.82 26.51
CA ALA E 86 52.18 -16.86 25.08
C ALA E 86 53.24 -17.63 24.36
N GLY E 87 54.22 -18.11 25.10
CA GLY E 87 55.31 -18.85 24.49
C GLY E 87 56.25 -17.94 23.72
N LEU E 88 56.32 -16.69 24.12
CA LEU E 88 57.26 -15.79 23.52
C LEU E 88 58.62 -15.86 24.28
N PRO E 89 59.73 -15.39 23.62
CA PRO E 89 61.09 -15.61 24.11
C PRO E 89 61.34 -15.09 25.51
N GLU E 90 62.04 -15.91 26.29
CA GLU E 90 62.30 -15.63 27.72
C GLU E 90 63.35 -14.52 27.97
N HIS E 91 64.15 -14.20 26.96
CA HIS E 91 65.15 -13.15 27.11
C HIS E 91 64.63 -11.73 27.05
N VAL E 92 63.37 -11.54 26.67
CA VAL E 92 62.81 -10.23 26.51
C VAL E 92 62.35 -9.76 27.88
N GLY E 93 62.87 -8.64 28.34
CA GLY E 93 62.45 -8.11 29.63
C GLY E 93 61.03 -7.60 29.59
N ALA E 94 60.44 -7.41 30.78
CA ALA E 94 59.13 -6.79 30.86
C ALA E 94 58.78 -6.28 32.24
N THR E 95 58.14 -5.12 32.27
CA THR E 95 57.73 -4.41 33.48
C THR E 95 56.22 -4.10 33.36
N THR E 96 55.53 -3.94 34.49
CA THR E 96 54.12 -3.62 34.50
C THR E 96 53.97 -2.32 35.28
N VAL E 97 53.02 -1.44 34.91
CA VAL E 97 52.92 -0.12 35.53
C VAL E 97 51.52 0.27 35.92
N ASP E 98 51.42 1.17 36.90
CA ASP E 98 50.18 1.66 37.44
C ASP E 98 50.29 3.13 37.64
N CYS E 99 49.68 3.90 36.74
CA CYS E 99 49.13 5.21 37.12
C CYS E 99 47.62 5.21 36.81
N GLN E 100 46.93 4.28 37.48
CA GLN E 100 45.52 4.01 37.29
C GLN E 100 45.05 3.89 35.84
N OAS E 101 44.12 4.70 35.42
CA OAS E 101 43.50 4.58 34.09
CB OAS E 101 42.12 5.25 34.09
OG OAS E 101 41.44 4.88 35.29
C OAS E 101 44.45 5.18 33.08
O OAS E 101 44.25 5.02 31.86
C2A OAS E 101 39.97 6.69 36.30
C1A OAS E 101 41.07 5.68 36.48
OAC OAS E 101 41.61 5.50 37.57
N GLY E 102 45.50 5.85 33.56
CA GLY E 102 46.54 6.36 32.67
C GLY E 102 47.55 5.29 32.29
N SER E 103 47.50 4.14 32.93
CA SER E 103 48.64 3.25 32.94
C SER E 103 49.11 2.88 31.56
N GLY E 104 48.18 2.44 30.71
CA GLY E 104 48.55 1.90 29.41
C GLY E 104 48.85 2.96 28.39
N GLN E 105 48.57 4.20 28.74
CA GLN E 105 49.01 5.30 27.95
C GLN E 105 50.39 5.64 28.43
N GLN E 106 50.53 5.79 29.75
CA GLN E 106 51.82 6.08 30.38
C GLN E 106 52.87 5.07 29.91
N ALA E 107 52.44 3.85 29.59
CA ALA E 107 53.32 2.78 29.11
C ALA E 107 53.94 3.08 27.76
N ASN E 108 53.16 3.66 26.84
CA ASN E 108 53.75 4.10 25.57
C ASN E 108 54.76 5.22 25.79
N HIS E 109 54.50 6.12 26.74
CA HIS E 109 55.49 7.16 27.02
C HIS E 109 56.84 6.55 27.45
N LEU E 110 56.76 5.50 28.26
CA LEU E 110 57.96 4.93 28.89
C LEU E 110 58.81 4.15 27.89
N ILE E 111 58.17 3.42 26.99
CA ILE E 111 58.89 2.74 25.94
C ILE E 111 59.52 3.80 25.03
N ALA E 112 58.77 4.84 24.74
CA ALA E 112 59.27 5.92 23.88
C ALA E 112 60.51 6.53 24.51
N GLY E 113 60.50 6.70 25.82
CA GLY E 113 61.65 7.18 26.54
C GLY E 113 62.83 6.25 26.48
N LEU E 114 62.64 4.96 26.66
CA LEU E 114 63.77 4.05 26.68
C LEU E 114 64.44 4.02 25.29
N ILE E 115 63.61 4.04 24.26
CA ILE E 115 64.16 4.11 22.91
C ILE E 115 64.98 5.40 22.81
N ALA E 116 64.37 6.50 23.22
CA ALA E 116 64.99 7.78 23.16
C ALA E 116 66.32 7.78 23.84
N ALA E 117 66.42 7.16 24.99
CA ALA E 117 67.63 7.21 25.79
C ALA E 117 68.68 6.24 25.24
N GLY E 118 68.31 5.49 24.21
CA GLY E 118 69.19 4.47 23.64
C GLY E 118 69.27 3.17 24.43
N ALA E 119 68.35 2.96 25.37
CA ALA E 119 68.31 1.73 26.16
C ALA E 119 67.85 0.54 25.36
N ILE E 120 66.91 0.74 24.43
CA ILE E 120 66.45 -0.32 23.54
C ILE E 120 66.12 0.19 22.15
N ASP E 121 66.11 -0.71 21.17
CA ASP E 121 65.71 -0.36 19.82
C ASP E 121 64.33 -0.82 19.49
N VAL E 122 63.79 -1.76 20.23
CA VAL E 122 62.50 -2.34 19.89
C VAL E 122 61.78 -2.60 21.19
N GLY E 123 60.59 -2.01 21.31
CA GLY E 123 59.83 -2.16 22.54
C GLY E 123 58.34 -2.39 22.28
N ILE E 124 57.65 -2.96 23.27
CA ILE E 124 56.22 -3.09 23.16
C ILE E 124 55.57 -2.40 24.33
N ALA E 125 54.73 -1.42 24.08
CA ALA E 125 53.92 -0.87 25.15
C ALA E 125 52.60 -1.61 25.05
N CYS E 126 52.00 -1.91 26.20
CA CYS E 126 50.71 -2.59 26.20
C CYS E 126 49.91 -2.34 27.44
N GLY E 127 48.72 -2.87 27.48
CA GLY E 127 47.86 -2.70 28.66
C GLY E 127 46.85 -3.82 28.71
N ILE E 128 46.54 -4.24 29.92
CA ILE E 128 45.67 -5.38 30.13
C ILE E 128 44.72 -5.03 31.24
N GLU E 129 43.46 -5.36 31.08
CA GLU E 129 42.56 -5.47 32.23
C GLU E 129 41.46 -6.56 32.04
N ALA E 130 41.31 -7.39 33.03
CA ALA E 130 40.40 -8.47 32.94
C ALA E 130 39.45 -8.33 34.13
N MET E 131 38.56 -7.35 34.00
CA MET E 131 37.72 -6.92 35.10
C MET E 131 36.74 -8.02 35.48
N SER E 132 36.31 -8.78 34.49
CA SER E 132 35.51 -9.96 34.76
C SER E 132 36.20 -10.84 35.79
N ARG E 133 37.54 -10.84 35.80
CA ARG E 133 38.28 -11.79 36.65
C ARG E 133 39.06 -11.22 37.80
N VAL E 134 39.45 -9.95 37.72
CA VAL E 134 39.99 -9.23 38.83
C VAL E 134 39.24 -7.91 38.88
N GLY E 135 38.36 -7.77 39.86
CA GLY E 135 37.55 -6.58 39.90
C GLY E 135 38.24 -5.49 40.66
N LEU E 136 37.84 -4.24 40.38
CA LEU E 136 38.33 -3.09 41.12
C LEU E 136 38.16 -3.46 42.61
N GLY E 137 39.17 -3.12 43.41
CA GLY E 137 39.09 -3.44 44.84
C GLY E 137 39.78 -4.72 45.24
N ALA E 138 39.84 -5.69 44.32
CA ALA E 138 40.61 -6.93 44.55
C ALA E 138 41.99 -6.75 45.17
N ASN E 139 42.56 -5.57 44.93
CA ASN E 139 43.88 -5.29 45.38
C ASN E 139 43.98 -4.61 46.73
N ALA E 140 42.95 -4.73 47.54
CA ALA E 140 42.98 -4.21 48.89
C ALA E 140 41.97 -4.96 49.70
N GLY E 141 42.17 -5.02 51.00
CA GLY E 141 41.23 -5.69 51.89
C GLY E 141 39.92 -4.96 51.80
N PRO E 142 38.90 -5.44 52.55
CA PRO E 142 37.57 -4.86 52.50
C PRO E 142 37.53 -3.54 53.21
N ASP E 143 38.37 -3.41 54.25
CA ASP E 143 38.48 -2.16 55.02
C ASP E 143 39.32 -1.12 54.28
N ARG E 144 38.73 -0.44 53.32
CA ARG E 144 39.49 0.47 52.47
C ARG E 144 40.01 1.71 53.20
N SER E 145 39.55 1.92 54.43
CA SER E 145 40.11 2.96 55.28
C SER E 145 41.59 2.74 55.48
N LEU E 146 42.01 1.48 55.45
CA LEU E 146 43.36 1.09 55.82
C LEU E 146 44.41 1.35 54.78
N ILE E 147 44.02 1.58 53.54
CA ILE E 147 45.03 1.77 52.51
C ILE E 147 45.57 3.20 52.49
N ARG E 148 45.08 4.06 53.38
CA ARG E 148 45.68 5.37 53.59
C ARG E 148 46.17 5.46 55.04
N ALA E 149 47.27 6.18 55.23
CA ALA E 149 47.75 6.56 56.55
C ALA E 149 46.68 7.35 57.29
N GLN E 150 46.76 7.32 58.61
CA GLN E 150 45.76 7.91 59.48
C GLN E 150 45.83 9.41 59.42
N SER E 151 46.97 9.92 58.93
CA SER E 151 47.19 11.37 58.78
C SER E 151 46.37 11.96 57.64
N TRP E 152 45.97 11.12 56.69
CA TRP E 152 45.44 11.60 55.43
C TRP E 152 44.26 12.51 55.61
N ASP E 153 44.38 13.76 55.15
CA ASP E 153 43.22 14.66 55.05
C ASP E 153 43.24 15.48 53.76
N ILE E 154 43.09 14.78 52.66
CA ILE E 154 42.91 15.42 51.39
C ILE E 154 41.50 15.07 50.97
N ASP E 155 40.76 16.08 50.49
CA ASP E 155 39.39 15.86 50.04
C ASP E 155 39.39 15.24 48.66
N LEU E 156 39.79 13.98 48.60
CA LEU E 156 39.92 13.28 47.35
C LEU E 156 38.74 12.35 47.22
N PRO E 157 37.67 12.80 46.52
CA PRO E 157 36.43 12.06 46.52
C PRO E 157 36.52 10.81 45.72
N ASN E 158 35.55 9.92 45.91
CA ASN E 158 35.49 8.74 45.10
C ASN E 158 35.18 9.17 43.68
N GLN E 159 35.23 8.25 42.71
CA GLN E 159 35.11 8.67 41.29
C GLN E 159 33.70 8.96 40.84
N PHE E 160 32.71 8.32 41.42
CA PHE E 160 31.34 8.67 41.13
C PHE E 160 30.92 10.04 41.68
N GLU E 161 31.39 10.36 42.88
CA GLU E 161 31.21 11.69 43.43
C GLU E 161 32.00 12.72 42.64
N ALA E 162 33.17 12.34 42.17
CA ALA E 162 33.96 13.26 41.36
C ALA E 162 33.23 13.69 40.07
N ALA E 163 32.57 12.76 39.41
CA ALA E 163 31.85 13.10 38.22
C ALA E 163 30.71 14.07 38.51
N GLU E 164 30.12 14.00 39.70
CA GLU E 164 29.10 14.98 40.14
C GLU E 164 29.72 16.33 40.49
N ARG E 165 30.78 16.33 41.28
CA ARG E 165 31.48 17.56 41.57
C ARG E 165 31.94 18.29 40.32
N ILE E 166 32.41 17.54 39.34
CA ILE E 166 32.83 18.15 38.10
C ILE E 166 31.62 18.72 37.38
N ALA E 167 30.56 17.94 37.28
CA ALA E 167 29.35 18.39 36.59
C ALA E 167 28.84 19.72 37.19
N LYS E 168 28.79 19.82 38.51
CA LYS E 168 28.32 21.03 39.17
C LYS E 168 29.23 22.19 38.83
N ARG E 169 30.52 21.95 38.87
CA ARG E 169 31.50 22.98 38.54
C ARG E 169 31.22 23.63 37.20
N ARG E 170 30.79 22.85 36.23
CA ARG E 170 30.66 23.33 34.85
C ARG E 170 29.21 23.57 34.45
N GLY E 171 28.28 23.31 35.36
CA GLY E 171 26.87 23.35 35.03
C GLY E 171 26.46 22.31 34.01
N ILE E 172 26.98 21.11 34.14
CA ILE E 172 26.58 20.04 33.27
C ILE E 172 25.35 19.40 33.88
N THR E 173 24.40 19.08 33.01
CA THR E 173 23.12 18.58 33.43
C THR E 173 22.87 17.17 32.95
N ARG E 174 21.84 16.55 33.51
CA ARG E 174 21.47 15.18 33.19
C ARG E 174 21.15 15.06 31.73
N GLU E 175 20.52 16.06 31.15
CA GLU E 175 20.29 16.03 29.70
C GLU E 175 21.62 16.10 28.96
N ASP E 176 22.50 17.00 29.39
CA ASP E 176 23.80 17.14 28.75
C ASP E 176 24.46 15.78 28.62
N VAL E 177 24.64 15.08 29.74
CA VAL E 177 25.35 13.82 29.74
C VAL E 177 24.58 12.80 28.91
N ASP E 178 23.29 12.69 29.12
CA ASP E 178 22.52 11.65 28.41
C ASP E 178 22.69 11.81 26.92
N VAL E 179 22.84 13.04 26.46
CA VAL E 179 23.09 13.30 25.04
C VAL E 179 24.47 12.79 24.66
N PHE E 180 25.51 13.21 25.37
CA PHE E 180 26.85 12.71 25.10
C PHE E 180 26.83 11.21 25.12
N GLY E 181 26.27 10.68 26.19
CA GLY E 181 26.14 9.25 26.33
C GLY E 181 25.69 8.66 25.01
N LEU E 182 24.53 9.13 24.56
CA LEU E 182 23.90 8.55 23.40
C LEU E 182 24.77 8.61 22.17
N GLU E 183 25.49 9.72 22.01
CA GLU E 183 26.33 9.92 20.81
C GLU E 183 27.47 8.94 20.77
N SER E 184 27.99 8.58 21.93
CA SER E 184 29.07 7.59 22.03
C SER E 184 28.65 6.26 21.44
N GLN E 185 27.46 5.80 21.84
CA GLN E 185 26.85 4.60 21.29
C GLN E 185 26.59 4.75 19.82
N ARG E 186 26.09 5.92 19.44
CA ARG E 186 25.80 6.21 18.05
CA ARG E 186 25.78 6.15 18.05
C ARG E 186 27.06 6.10 17.19
N ARG E 187 28.14 6.76 17.64
CA ARG E 187 29.38 6.81 16.90
C ARG E 187 30.13 5.49 16.90
N ALA E 188 30.16 4.78 18.02
CA ALA E 188 30.76 3.44 18.02
C ALA E 188 29.99 2.55 17.03
N GLN E 189 28.66 2.60 17.09
CA GLN E 189 27.86 1.80 16.19
C GLN E 189 28.15 2.18 14.75
N ARG E 190 28.50 3.44 14.51
CA ARG E 190 28.80 3.90 13.16
C ARG E 190 30.12 3.40 12.69
N ALA E 191 31.13 3.50 13.54
CA ALA E 191 32.47 2.95 13.21
C ALA E 191 32.38 1.48 12.81
N TRP E 192 31.73 0.69 13.65
CA TRP E 192 31.56 -0.70 13.37
C TRP E 192 30.83 -0.96 12.05
N ALA E 193 29.76 -0.19 11.79
CA ALA E 193 29.01 -0.31 10.56
C ALA E 193 29.89 -0.07 9.34
N GLU E 194 30.69 0.98 9.41
CA GLU E 194 31.58 1.31 8.30
C GLU E 194 32.84 0.49 8.25
N GLY E 195 33.22 -0.12 9.37
CA GLY E 195 34.37 -1.05 9.40
C GLY E 195 35.66 -0.38 9.84
N ARG E 196 35.53 0.70 10.57
CA ARG E 196 36.70 1.45 10.99
C ARG E 196 37.66 0.64 11.87
N PHE E 197 37.15 -0.09 12.84
CA PHE E 197 38.02 -0.83 13.77
C PHE E 197 38.63 -2.16 13.20
N ASP E 198 38.22 -2.53 11.99
CA ASP E 198 38.63 -3.82 11.45
C ASP E 198 40.13 -4.02 11.45
N ARG E 199 40.86 -2.99 11.02
CA ARG E 199 42.33 -3.05 10.93
C ARG E 199 42.97 -3.17 12.30
N GLU E 200 42.58 -2.31 13.24
CA GLU E 200 43.18 -2.32 14.57
C GLU E 200 42.86 -3.57 15.38
N ILE E 201 41.75 -4.25 15.10
CA ILE E 201 41.36 -5.37 15.97
C ILE E 201 42.02 -6.68 15.58
N SER E 202 42.40 -7.44 16.60
CA SER E 202 42.93 -8.81 16.45
C SER E 202 41.99 -9.81 17.10
N PRO E 203 41.21 -10.56 16.31
CA PRO E 203 40.27 -11.50 16.87
C PRO E 203 40.97 -12.37 17.86
N ILE E 204 40.29 -12.72 18.95
CA ILE E 204 40.88 -13.50 20.03
C ILE E 204 40.04 -14.71 20.25
N GLN E 205 40.67 -15.88 20.21
CA GLN E 205 39.99 -17.10 20.56
C GLN E 205 39.68 -17.09 22.06
N ALA E 206 38.54 -17.63 22.44
CA ALA E 206 38.14 -17.59 23.83
C ALA E 206 37.24 -18.76 24.22
N PRO E 207 37.37 -19.21 25.47
CA PRO E 207 36.56 -20.27 26.02
C PRO E 207 35.15 -19.82 26.06
N VAL E 208 34.26 -20.57 25.43
CA VAL E 208 32.84 -20.32 25.54
C VAL E 208 32.42 -20.82 26.89
N LEU E 209 31.69 -19.98 27.62
CA LEU E 209 31.13 -20.36 28.92
C LEU E 209 29.60 -20.48 28.85
N ASP E 210 29.03 -21.19 29.82
CA ASP E 210 27.58 -21.44 29.84
C ASP E 210 26.82 -20.22 30.41
N GLU E 211 25.56 -20.42 30.81
CA GLU E 211 24.76 -19.36 31.44
C GLU E 211 25.31 -19.07 32.83
N GLN E 212 25.92 -20.08 33.45
CA GLN E 212 26.77 -19.91 34.62
C GLN E 212 28.10 -19.38 34.11
N ASN E 213 29.15 -19.48 34.92
CA ASN E 213 30.48 -19.09 34.48
C ASN E 213 31.43 -20.27 34.50
N GLN E 214 31.02 -21.32 33.79
CA GLN E 214 31.83 -22.51 33.61
C GLN E 214 32.00 -22.74 32.11
N PRO E 215 33.11 -23.37 31.72
CA PRO E 215 33.40 -23.55 30.30
C PRO E 215 32.57 -24.67 29.67
N THR E 216 32.14 -24.42 28.43
CA THR E 216 31.34 -25.38 27.69
C THR E 216 32.19 -26.22 26.76
N GLY E 217 33.52 -26.13 26.86
CA GLY E 217 34.40 -26.88 25.97
C GLY E 217 34.65 -26.18 24.64
N GLU E 218 33.72 -25.32 24.23
CA GLU E 218 33.86 -24.56 22.99
C GLU E 218 34.91 -23.43 23.09
N ARG E 219 35.61 -23.19 21.98
CA ARG E 219 36.63 -22.16 21.92
C ARG E 219 36.33 -21.21 20.74
N ARG E 220 35.47 -20.22 21.03
CA ARG E 220 34.94 -19.23 20.09
C ARG E 220 35.94 -18.12 19.71
N LEU E 221 35.92 -17.69 18.45
CA LEU E 221 36.72 -16.54 18.01
C LEU E 221 35.91 -15.24 18.17
N VAL E 222 36.43 -14.30 18.96
CA VAL E 222 35.76 -13.05 19.28
C VAL E 222 36.44 -11.92 18.52
N PHE E 223 35.66 -11.08 17.85
CA PHE E 223 36.21 -9.92 17.15
C PHE E 223 35.44 -8.64 17.29
N ARG E 224 34.42 -8.60 18.15
CA ARG E 224 33.62 -7.40 18.23
C ARG E 224 33.49 -6.89 19.62
N ASP E 225 33.55 -5.59 19.72
CA ASP E 225 33.37 -4.91 20.98
C ASP E 225 31.98 -5.22 21.40
N GLN E 226 31.79 -5.63 22.64
CA GLN E 226 30.52 -6.22 23.08
C GLN E 226 29.61 -5.19 23.74
N GLY E 227 30.12 -4.00 23.98
CA GLY E 227 29.36 -2.98 24.70
C GLY E 227 28.39 -2.17 23.86
N LEU E 228 28.38 -2.35 22.54
CA LEU E 228 27.44 -1.63 21.71
C LEU E 228 26.02 -2.09 22.02
N ARG E 229 25.07 -1.17 21.97
CA ARG E 229 23.76 -1.44 22.48
C ARG E 229 22.80 -0.44 21.89
N GLU E 230 21.71 -0.90 21.28
CA GLU E 230 20.74 0.02 20.74
C GLU E 230 20.42 0.91 21.92
N THR E 231 20.52 2.23 21.70
CA THR E 231 20.40 3.23 22.77
C THR E 231 19.55 4.37 22.26
N THR E 232 18.82 5.02 23.17
CA THR E 232 17.95 6.19 22.84
C THR E 232 17.81 7.16 24.00
N MET E 233 17.48 8.42 23.69
CA MET E 233 17.35 9.48 24.72
C MET E 233 16.30 9.12 25.75
N ALA E 234 15.27 8.41 25.29
CA ALA E 234 14.26 7.93 26.21
C ALA E 234 14.86 6.90 27.13
N GLY E 235 15.46 5.88 26.54
CA GLY E 235 16.11 4.81 27.32
C GLY E 235 17.05 5.33 28.36
N LEU E 236 17.86 6.30 27.98
CA LEU E 236 18.84 6.86 28.90
C LEU E 236 18.16 7.65 30.01
N GLY E 237 17.08 8.31 29.66
CA GLY E 237 16.31 9.05 30.65
C GLY E 237 15.68 8.16 31.70
N GLU E 238 15.38 6.92 31.32
CA GLU E 238 14.76 5.97 32.24
C GLU E 238 15.73 5.46 33.31
N LEU E 239 17.03 5.51 33.02
CA LEU E 239 18.02 4.91 33.90
C LEU E 239 18.18 5.65 35.24
N LYS E 240 18.47 4.86 36.28
CA LYS E 240 18.62 5.40 37.62
C LYS E 240 20.04 5.84 37.83
N PRO E 241 20.25 7.01 38.46
CA PRO E 241 21.57 7.48 38.82
C PRO E 241 22.35 6.48 39.64
N VAL E 242 23.67 6.50 39.52
CA VAL E 242 24.53 5.69 40.35
C VAL E 242 24.49 6.17 41.79
N LEU E 243 24.60 7.49 41.96
CA LEU E 243 24.46 8.15 43.28
C LEU E 243 23.13 8.85 43.43
N GLU E 244 22.62 8.87 44.65
CA GLU E 244 21.37 9.57 44.93
C GLU E 244 21.58 11.03 44.61
N GLY E 245 20.83 11.53 43.65
CA GLY E 245 20.92 12.94 43.26
C GLY E 245 21.96 13.24 42.20
N GLY E 246 22.67 12.23 41.72
CA GLY E 246 23.69 12.43 40.69
C GLY E 246 23.07 12.44 39.31
N ILE E 247 23.83 12.86 38.31
CA ILE E 247 23.34 12.88 36.92
C ILE E 247 23.85 11.71 36.11
N HIS E 248 24.91 11.04 36.60
CA HIS E 248 25.51 9.94 35.82
C HIS E 248 24.84 8.60 36.11
N THR E 249 24.70 7.82 35.06
CA THR E 249 24.11 6.51 35.12
C THR E 249 25.01 5.57 34.33
N ALA E 250 24.63 4.30 34.33
CA ALA E 250 25.33 3.34 33.51
C ALA E 250 25.33 3.82 32.08
N GLY E 251 24.26 4.46 31.65
CA GLY E 251 24.19 5.03 30.33
C GLY E 251 25.21 6.12 30.01
N THR E 252 25.73 6.78 31.04
CA THR E 252 26.65 7.91 30.86
C THR E 252 27.95 7.80 31.65
N SER E 253 28.26 6.59 32.12
CA SER E 253 29.57 6.28 32.69
C SER E 253 30.22 5.23 31.79
N SER E 254 31.49 4.88 32.02
CA SER E 254 32.16 3.84 31.21
C SER E 254 31.60 2.46 31.56
N GLN E 255 31.87 1.44 30.76
CA GLN E 255 31.47 0.08 31.08
C GLN E 255 32.62 -0.75 31.69
N ILE E 256 32.30 -1.66 32.57
CA ILE E 256 33.33 -2.52 33.11
C ILE E 256 33.61 -3.64 32.12
N SER E 257 34.87 -3.80 31.75
CA SER E 257 35.21 -4.56 30.55
C SER E 257 36.50 -5.35 30.66
N ASP E 258 36.70 -6.24 29.69
CA ASP E 258 37.90 -7.07 29.62
C ASP E 258 38.58 -6.74 28.31
N GLY E 259 39.87 -6.50 28.33
CA GLY E 259 40.56 -6.26 27.09
C GLY E 259 42.05 -6.07 27.20
N ALA E 260 42.69 -6.03 26.04
CA ALA E 260 44.11 -5.79 26.01
C ALA E 260 44.53 -5.13 24.72
N ALA E 261 45.63 -4.40 24.76
CA ALA E 261 46.13 -3.75 23.57
C ALA E 261 47.64 -3.67 23.64
N ALA E 262 48.27 -3.57 22.47
CA ALA E 262 49.71 -3.53 22.41
C ALA E 262 50.17 -2.68 21.23
N VAL E 263 51.30 -2.02 21.39
CA VAL E 263 51.84 -1.09 20.39
C VAL E 263 53.35 -1.28 20.25
N LEU E 264 53.79 -1.66 19.06
CA LEU E 264 55.17 -2.01 18.83
C LEU E 264 55.95 -0.77 18.45
N TRP E 265 56.92 -0.37 19.28
CA TRP E 265 57.77 0.80 19.02
C TRP E 265 59.18 0.40 18.59
N MET E 266 59.83 1.31 17.84
CA MET E 266 61.23 1.14 17.45
C MET E 266 61.88 2.48 17.22
N ASP E 267 63.20 2.53 17.31
CA ASP E 267 63.96 3.61 16.71
C ASP E 267 63.70 3.60 15.20
N GLU E 268 63.37 4.77 14.66
CA GLU E 268 63.02 4.91 13.25
C GLU E 268 64.01 4.18 12.35
N ALA E 269 65.29 4.32 12.64
CA ALA E 269 66.31 3.72 11.79
C ALA E 269 66.28 2.21 11.81
N VAL E 270 66.14 1.63 12.97
CA VAL E 270 66.04 0.18 13.08
C VAL E 270 64.82 -0.30 12.31
N ALA E 271 63.69 0.41 12.48
CA ALA E 271 62.43 0.08 11.80
C ALA E 271 62.65 -0.01 10.32
N ARG E 272 63.24 1.04 9.76
CA ARG E 272 63.44 1.09 8.32
C ARG E 272 64.37 -0.01 7.91
N ALA E 273 65.30 -0.38 8.79
CA ALA E 273 66.24 -1.43 8.47
C ALA E 273 65.54 -2.77 8.33
N HIS E 274 64.62 -3.07 9.26
CA HIS E 274 63.84 -4.31 9.14
C HIS E 274 62.83 -4.21 8.03
N GLY E 275 62.69 -3.04 7.42
CA GLY E 275 61.73 -2.84 6.35
C GLY E 275 60.34 -2.62 6.89
N LEU E 276 60.25 -2.04 8.08
CA LEU E 276 58.96 -1.66 8.63
C LEU E 276 58.79 -0.17 8.50
N THR E 277 57.54 0.28 8.33
CA THR E 277 57.22 1.69 8.04
C THR E 277 56.97 2.47 9.31
N PRO E 278 57.77 3.51 9.56
CA PRO E 278 57.43 4.36 10.71
C PRO E 278 56.09 5.04 10.49
N ARG E 279 55.18 4.87 11.44
CA ARG E 279 53.79 5.24 11.26
C ARG E 279 53.38 6.49 12.03
N ALA E 280 53.96 6.69 13.21
CA ALA E 280 53.65 7.87 14.02
C ALA E 280 54.70 8.10 15.10
N ARG E 281 54.71 9.28 15.69
CA ARG E 281 55.73 9.67 16.65
C ARG E 281 55.05 10.55 17.71
N ILE E 282 55.55 10.50 18.94
CA ILE E 282 54.99 11.35 19.98
C ILE E 282 55.59 12.74 19.79
N VAL E 283 54.71 13.74 19.71
CA VAL E 283 55.07 15.14 19.62
C VAL E 283 55.26 15.66 21.05
N ALA E 284 54.36 15.29 21.96
CA ALA E 284 54.50 15.71 23.33
C ALA E 284 53.82 14.71 24.21
N GLN E 285 54.34 14.49 25.40
CA GLN E 285 53.71 13.58 26.37
C GLN E 285 53.72 14.16 27.80
N ALA E 286 52.76 13.73 28.59
CA ALA E 286 52.70 14.20 29.93
C ALA E 286 51.85 13.31 30.81
N LEU E 287 52.26 13.24 32.06
CA LEU E 287 51.45 12.70 33.12
C LEU E 287 51.44 13.73 34.21
N VAL E 288 50.37 14.49 34.34
CA VAL E 288 50.34 15.56 35.31
C VAL E 288 49.46 15.17 36.49
N GLY E 289 49.73 15.81 37.62
CA GLY E 289 48.81 15.78 38.74
C GLY E 289 47.64 16.73 38.55
N ALA E 290 46.48 16.32 39.07
CA ALA E 290 45.24 17.11 38.96
C ALA E 290 44.78 17.62 40.31
N GLU E 291 43.64 18.30 40.35
CA GLU E 291 43.12 18.86 41.62
C GLU E 291 42.35 17.80 42.39
N PRO E 292 42.81 17.43 43.59
CA PRO E 292 42.15 16.31 44.27
C PRO E 292 40.65 16.49 44.42
N TYR E 293 40.21 17.70 44.76
CA TYR E 293 38.79 17.89 45.03
C TYR E 293 37.87 17.38 43.92
N TYR E 294 38.13 17.78 42.69
CA TYR E 294 37.35 17.34 41.54
C TYR E 294 37.88 16.04 41.04
N HIS E 295 39.14 15.75 41.31
CA HIS E 295 39.67 14.40 41.13
C HIS E 295 39.84 13.97 39.66
N LEU E 296 38.74 13.87 38.89
CA LEU E 296 38.84 13.37 37.51
C LEU E 296 38.78 14.45 36.45
N ASP E 297 39.16 15.71 36.76
CA ASP E 297 39.09 16.82 35.81
C ASP E 297 40.48 17.12 35.20
N GLY E 298 41.42 16.23 35.45
CA GLY E 298 42.80 16.41 34.97
C GLY E 298 43.03 16.55 33.48
N PRO E 299 42.16 15.96 32.65
CA PRO E 299 42.35 16.12 31.23
C PRO E 299 42.48 17.57 30.80
N VAL E 300 41.95 18.49 31.59
CA VAL E 300 42.19 19.94 31.35
C VAL E 300 43.70 20.25 31.44
N GLN E 301 44.34 19.73 32.48
CA GLN E 301 45.71 20.05 32.76
C GLN E 301 46.64 19.29 31.83
N SER E 302 46.38 18.01 31.61
CA SER E 302 47.27 17.27 30.76
C SER E 302 47.18 17.80 29.32
N THR E 303 45.96 18.02 28.81
CA THR E 303 45.75 18.63 27.49
C THR E 303 46.47 19.95 27.38
N ALA E 304 46.43 20.70 28.45
CA ALA E 304 47.14 21.96 28.50
C ALA E 304 48.64 21.78 28.31
N LYS E 305 49.23 20.89 29.10
CA LYS E 305 50.68 20.76 29.10
C LYS E 305 51.21 20.34 27.71
N VAL E 306 50.62 19.31 27.12
CA VAL E 306 51.14 18.78 25.86
C VAL E 306 50.96 19.78 24.75
N LEU E 307 49.86 20.52 24.77
CA LEU E 307 49.68 21.66 23.82
C LEU E 307 50.79 22.67 24.02
N GLU E 308 51.06 23.00 25.26
CA GLU E 308 52.13 23.94 25.58
C GLU E 308 53.44 23.40 25.10
N LYS E 309 53.73 22.14 25.47
CA LYS E 309 55.01 21.52 25.09
C LYS E 309 55.12 21.38 23.58
N ALA E 310 54.02 21.01 22.95
CA ALA E 310 54.02 20.82 21.51
C ALA E 310 54.06 22.11 20.77
N GLY E 311 53.83 23.22 21.46
CA GLY E 311 53.70 24.51 20.81
C GLY E 311 52.53 24.54 19.86
N MET E 312 51.40 23.98 20.27
CA MET E 312 50.19 23.95 19.46
C MET E 312 48.99 24.45 20.24
N LYS E 313 47.88 24.58 19.54
CA LYS E 313 46.61 24.94 20.13
C LYS E 313 45.62 23.90 19.70
N ILE E 314 44.53 23.76 20.45
CA ILE E 314 43.61 22.64 20.26
C ILE E 314 43.11 22.58 18.84
N GLY E 315 43.07 23.75 18.21
CA GLY E 315 42.75 23.84 16.80
C GLY E 315 43.66 23.05 15.89
N ASP E 316 44.92 22.86 16.27
CA ASP E 316 45.81 22.12 15.42
C ASP E 316 45.52 20.62 15.38
N ILE E 317 44.85 20.10 16.42
CA ILE E 317 44.63 18.65 16.56
C ILE E 317 43.48 18.22 15.66
N ASP E 318 43.72 17.18 14.87
CA ASP E 318 42.72 16.64 13.95
C ASP E 318 41.75 15.69 14.63
N ILE E 319 42.23 14.92 15.61
CA ILE E 319 41.50 13.84 16.24
C ILE E 319 41.84 13.82 17.71
N VAL E 320 40.84 13.86 18.56
CA VAL E 320 41.05 13.73 20.01
C VAL E 320 40.46 12.41 20.52
N GLU E 321 41.15 11.81 21.47
CA GLU E 321 40.62 10.69 22.22
C GLU E 321 40.78 11.04 23.68
N ILE E 322 39.68 11.47 24.30
CA ILE E 322 39.65 11.80 25.70
C ILE E 322 38.74 10.79 26.36
N ASN E 323 39.28 10.00 27.29
CA ASN E 323 38.55 8.81 27.77
C ASN E 323 37.25 9.15 28.50
N GLU E 324 36.20 8.44 28.15
CA GLU E 324 34.88 8.72 28.67
C GLU E 324 34.63 7.91 29.97
N ALA E 325 35.45 8.17 30.98
CA ALA E 325 35.21 7.59 32.28
C ALA E 325 33.79 7.99 32.69
N PHE E 326 33.50 9.27 32.53
CA PHE E 326 32.22 9.79 32.86
C PHE E 326 31.95 10.94 31.90
N ALA E 327 30.74 10.98 31.37
CA ALA E 327 30.36 12.00 30.47
C ALA E 327 30.88 13.36 30.92
N SER E 328 30.69 13.70 32.20
CA SER E 328 30.98 15.05 32.70
C SER E 328 32.48 15.33 32.60
N VAL E 329 33.28 14.30 32.62
CA VAL E 329 34.70 14.50 32.44
C VAL E 329 34.95 15.08 31.05
N VAL E 330 34.37 14.46 30.03
CA VAL E 330 34.62 14.92 28.65
C VAL E 330 34.02 16.31 28.40
N LEU E 331 32.83 16.54 28.95
CA LEU E 331 32.18 17.83 28.78
C LEU E 331 32.87 18.95 29.54
N SER E 332 33.34 18.70 30.76
CA SER E 332 34.11 19.71 31.49
C SER E 332 35.34 20.13 30.72
N TRP E 333 36.04 19.13 30.14
CA TRP E 333 37.20 19.35 29.29
C TRP E 333 36.82 20.21 28.10
N ALA E 334 35.79 19.79 27.38
CA ALA E 334 35.35 20.54 26.20
C ALA E 334 34.95 21.98 26.56
N ARG E 335 34.31 22.15 27.69
CA ARG E 335 33.92 23.46 28.12
C ARG E 335 35.15 24.34 28.33
N VAL E 336 36.20 23.79 28.88
CA VAL E 336 37.42 24.57 29.13
C VAL E 336 38.25 24.79 27.86
N HIS E 337 38.46 23.74 27.08
CA HIS E 337 39.34 23.81 25.92
C HIS E 337 38.64 24.10 24.59
N GLU E 338 37.32 24.06 24.58
CA GLU E 338 36.52 24.40 23.42
C GLU E 338 37.06 23.85 22.10
N PRO E 339 37.08 22.53 21.98
CA PRO E 339 37.51 21.85 20.77
C PRO E 339 36.35 21.72 19.80
N ASP E 340 36.55 21.12 18.64
CA ASP E 340 35.43 20.82 17.74
C ASP E 340 34.96 19.42 18.04
N MET E 341 33.78 19.27 18.61
CA MET E 341 33.35 17.92 19.05
C MET E 341 33.12 16.92 17.91
N ASP E 342 33.13 17.37 16.67
CA ASP E 342 33.15 16.43 15.56
C ASP E 342 34.48 15.70 15.47
N ARG E 343 35.51 16.24 16.08
CA ARG E 343 36.83 15.64 16.06
C ARG E 343 37.11 14.95 17.36
N VAL E 344 36.13 14.88 18.27
CA VAL E 344 36.34 14.29 19.59
C VAL E 344 35.66 12.90 19.70
N ASN E 345 36.41 11.88 20.09
CA ASN E 345 35.88 10.52 20.13
C ASN E 345 35.02 10.21 18.92
N VAL E 346 35.62 10.38 17.75
CA VAL E 346 34.90 10.19 16.49
C VAL E 346 34.44 8.75 16.24
N ASN E 347 35.08 7.78 16.87
CA ASN E 347 34.64 6.39 16.69
C ASN E 347 33.91 5.82 17.88
N GLY E 348 33.33 6.68 18.71
CA GLY E 348 32.72 6.25 19.98
C GLY E 348 33.77 6.20 21.09
N GLY E 349 33.33 6.28 22.34
CA GLY E 349 34.24 6.12 23.44
C GLY E 349 33.85 5.03 24.42
N ALA E 350 34.59 4.96 25.52
CA ALA E 350 34.42 3.93 26.54
C ALA E 350 33.00 3.78 27.06
N ILE E 351 32.19 4.85 27.06
CA ILE E 351 30.77 4.70 27.45
C ILE E 351 30.06 3.60 26.64
N ALA E 352 30.39 3.47 25.36
CA ALA E 352 29.86 2.39 24.52
C ALA E 352 30.84 1.22 24.28
N LEU E 353 32.12 1.49 24.17
CA LEU E 353 33.10 0.44 23.86
C LEU E 353 33.62 -0.21 25.14
N GLY E 354 33.35 0.37 26.30
CA GLY E 354 33.85 -0.20 27.57
C GLY E 354 35.27 0.22 27.89
N HIS E 355 35.73 -0.10 29.09
CA HIS E 355 36.91 0.55 29.63
C HIS E 355 37.75 -0.38 30.55
N PRO E 356 38.39 -1.40 29.95
CA PRO E 356 39.36 -2.17 30.71
C PRO E 356 40.52 -1.27 31.08
N VAL E 357 40.59 -0.98 32.37
CA VAL E 357 41.30 0.17 32.90
C VAL E 357 42.75 0.23 32.52
N GLY E 358 43.48 -0.81 32.81
CA GLY E 358 44.88 -0.87 32.45
C GLY E 358 45.16 -0.89 30.95
N CYS E 359 44.14 -1.22 30.15
CA CYS E 359 44.27 -1.40 28.71
C CYS E 359 43.99 -0.11 27.91
N THR E 360 42.96 0.61 28.30
CA THR E 360 42.44 1.75 27.54
C THR E 360 43.50 2.70 27.00
N GLY E 361 44.45 3.05 27.81
CA GLY E 361 45.51 3.96 27.40
C GLY E 361 46.23 3.52 26.16
N SER E 362 46.56 2.23 26.09
CA SER E 362 47.16 1.71 24.86
C SER E 362 46.11 1.50 23.80
N ARG E 363 44.87 1.27 24.21
CA ARG E 363 43.78 1.17 23.24
C ARG E 363 43.52 2.50 22.56
N LEU E 364 43.52 3.59 23.33
CA LEU E 364 43.25 4.92 22.77
C LEU E 364 44.27 5.36 21.74
N ILE E 365 45.55 5.16 22.08
CA ILE E 365 46.63 5.44 21.14
C ILE E 365 46.40 4.63 19.88
N THR E 366 46.10 3.35 20.07
CA THR E 366 45.88 2.48 18.92
C THR E 366 44.77 3.07 18.06
N THR E 367 43.59 3.23 18.67
CA THR E 367 42.43 3.78 17.97
C THR E 367 42.82 5.03 17.21
N ALA E 368 43.45 5.97 17.90
CA ALA E 368 43.84 7.25 17.29
C ALA E 368 44.67 7.06 16.05
N LEU E 369 45.78 6.36 16.20
CA LEU E 369 46.69 6.18 15.09
C LEU E 369 45.92 5.73 13.86
N HIS E 370 45.08 4.72 14.06
CA HIS E 370 44.33 4.15 12.95
C HIS E 370 43.40 5.18 12.31
N GLU E 371 42.74 6.01 13.11
CA GLU E 371 41.81 6.97 12.57
C GLU E 371 42.55 8.01 11.76
N LEU E 372 43.69 8.49 12.29
CA LEU E 372 44.53 9.42 11.55
C LEU E 372 44.82 8.78 10.21
N GLU E 373 45.17 7.52 10.22
CA GLU E 373 45.52 6.87 9.00
C GLU E 373 44.31 6.73 8.11
N ARG E 374 43.14 6.43 8.67
CA ARG E 374 41.98 6.23 7.82
C ARG E 374 41.65 7.50 7.09
N THR E 375 41.68 8.60 7.82
CA THR E 375 41.21 9.87 7.31
C THR E 375 42.35 10.65 6.71
N ASP E 376 43.53 10.05 6.68
CA ASP E 376 44.71 10.68 6.17
C ASP E 376 44.93 12.03 6.82
N GLN E 377 44.80 12.09 8.14
CA GLN E 377 45.09 13.31 8.90
C GLN E 377 46.39 13.15 9.71
N SER E 378 46.77 14.18 10.47
CA SER E 378 48.11 14.26 11.04
C SER E 378 48.23 14.20 12.54
N LEU E 379 47.65 15.15 13.24
CA LEU E 379 47.83 15.24 14.68
C LEU E 379 46.68 14.63 15.43
N ALA E 380 46.98 13.88 16.48
CA ALA E 380 45.95 13.39 17.40
C ALA E 380 46.38 13.62 18.84
N LEU E 381 45.40 13.92 19.69
CA LEU E 381 45.63 14.12 21.12
C LEU E 381 44.95 12.99 21.83
N ILE E 382 45.64 12.38 22.79
CA ILE E 382 45.00 11.41 23.67
C ILE E 382 45.18 11.93 25.08
N THR E 383 44.11 11.92 25.86
CA THR E 383 44.17 12.39 27.24
C THR E 383 43.19 11.65 28.13
N MET E 384 43.57 11.38 29.39
CA MET E 384 42.74 10.55 30.32
C MET E 384 42.82 11.03 31.76
N CYS E 385 41.69 11.09 32.43
CA CYS E 385 41.66 11.33 33.85
C CYS E 385 42.02 10.04 34.51
N ALA E 386 42.45 10.08 35.76
CA ALA E 386 42.86 8.88 36.48
C ALA E 386 42.84 9.02 38.02
N GLY E 387 42.53 7.91 38.67
CA GLY E 387 42.45 7.86 40.10
C GLY E 387 43.69 8.45 40.74
N GLY E 388 43.54 8.99 41.96
CA GLY E 388 44.63 9.71 42.64
C GLY E 388 44.92 11.07 42.05
N ALA E 389 43.97 11.56 41.25
CA ALA E 389 44.03 12.88 40.65
C ALA E 389 45.26 13.03 39.76
N LEU E 390 45.29 12.26 38.68
CA LEU E 390 46.38 12.32 37.70
C LEU E 390 45.79 12.26 36.32
N SER E 391 46.47 12.82 35.34
CA SER E 391 45.99 12.71 33.98
C SER E 391 47.16 12.56 33.10
N THR E 392 47.03 11.64 32.13
CA THR E 392 48.01 11.43 31.07
C THR E 392 47.58 12.18 29.83
N GLY E 393 48.56 12.50 28.99
CA GLY E 393 48.33 13.27 27.79
C GLY E 393 49.38 12.92 26.78
N THR E 394 48.98 12.80 25.52
CA THR E 394 49.94 12.60 24.43
C THR E 394 49.43 13.32 23.21
N ILE E 395 50.34 13.88 22.42
CA ILE E 395 50.04 14.30 21.09
C ILE E 395 50.94 13.43 20.21
N ILE E 396 50.33 12.60 19.39
CA ILE E 396 51.06 11.81 18.41
C ILE E 396 50.86 12.45 17.05
N GLU E 397 51.71 12.08 16.11
CA GLU E 397 51.75 12.72 14.78
C GLU E 397 52.07 11.63 13.78
N ARG E 398 51.34 11.59 12.67
CA ARG E 398 51.65 10.59 11.65
C ARG E 398 52.95 10.92 10.92
N ILE E 399 53.62 9.89 10.44
CA ILE E 399 54.89 10.05 9.77
C ILE E 399 54.70 9.72 8.30
N MET F 9 -23.83 27.33 -45.62
CA MET F 9 -23.26 26.18 -44.85
C MET F 9 -22.22 26.58 -43.79
N GLY F 10 -21.67 25.59 -43.10
CA GLY F 10 -20.87 25.84 -41.91
C GLY F 10 -19.70 24.93 -41.69
N TYR F 11 -18.89 25.34 -40.71
CA TYR F 11 -17.64 24.74 -40.33
C TYR F 11 -17.74 24.23 -38.89
N PRO F 12 -18.30 23.03 -38.68
CA PRO F 12 -18.45 22.61 -37.29
C PRO F 12 -17.11 22.43 -36.57
N VAL F 13 -17.01 23.00 -35.36
CA VAL F 13 -15.89 22.73 -34.45
C VAL F 13 -16.31 22.51 -32.98
N ILE F 14 -15.60 21.64 -32.26
CA ILE F 14 -15.88 21.45 -30.84
C ILE F 14 -15.35 22.64 -30.09
N VAL F 15 -16.19 23.19 -29.21
CA VAL F 15 -15.88 24.42 -28.48
C VAL F 15 -15.75 24.10 -27.01
N GLU F 16 -16.57 23.15 -26.55
CA GLU F 16 -16.47 22.63 -25.20
C GLU F 16 -16.93 21.20 -25.11
N ALA F 17 -16.49 20.50 -24.08
CA ALA F 17 -16.94 19.14 -23.85
C ALA F 17 -16.81 18.79 -22.39
N THR F 18 -17.82 18.12 -21.83
CA THR F 18 -17.72 17.76 -20.42
C THR F 18 -18.53 16.51 -20.12
N ARG F 19 -18.27 15.91 -18.96
CA ARG F 19 -18.94 14.69 -18.58
C ARG F 19 -19.13 14.63 -17.07
N SER F 20 -20.17 13.94 -16.61
CA SER F 20 -20.29 13.67 -15.18
C SER F 20 -19.28 12.62 -14.84
N PRO F 21 -19.04 12.39 -13.54
CA PRO F 21 -18.30 11.18 -13.26
C PRO F 21 -19.25 10.08 -13.60
N ILE F 22 -18.72 8.89 -13.84
CA ILE F 22 -19.50 7.71 -14.20
C ILE F 22 -19.71 6.90 -12.95
N GLY F 23 -20.95 6.70 -12.56
CA GLY F 23 -21.25 5.99 -11.33
C GLY F 23 -21.53 4.55 -11.59
N LYS F 24 -21.41 3.74 -10.53
CA LYS F 24 -21.66 2.31 -10.61
C LYS F 24 -23.15 2.08 -10.52
N ARG F 25 -23.57 0.87 -10.85
CA ARG F 25 -24.99 0.47 -10.75
C ARG F 25 -25.43 0.52 -9.30
N ASN F 26 -26.53 1.19 -9.06
CA ASN F 26 -26.95 1.57 -7.72
C ASN F 26 -25.85 2.27 -6.98
N GLY F 27 -25.03 2.99 -7.71
CA GLY F 27 -23.88 3.68 -7.15
C GLY F 27 -24.14 5.17 -6.93
N TRP F 28 -23.09 5.96 -7.04
CA TRP F 28 -23.14 7.32 -6.55
C TRP F 28 -24.12 8.25 -7.25
N LEU F 29 -24.52 7.95 -8.49
CA LEU F 29 -25.49 8.78 -9.21
C LEU F 29 -26.86 8.16 -9.35
N SER F 30 -27.06 6.97 -8.77
CA SER F 30 -28.29 6.21 -8.90
C SER F 30 -29.47 6.91 -8.27
N GLY F 31 -29.18 7.86 -7.39
CA GLY F 31 -30.21 8.73 -6.84
C GLY F 31 -30.85 9.70 -7.84
N LEU F 32 -30.16 10.07 -8.90
CA LEU F 32 -30.72 11.06 -9.78
C LEU F 32 -31.65 10.43 -10.82
N HIS F 33 -32.80 11.07 -11.05
CA HIS F 33 -33.67 10.74 -12.17
C HIS F 33 -32.82 10.93 -13.42
N ALA F 34 -32.92 10.01 -14.37
CA ALA F 34 -32.09 10.06 -15.59
C ALA F 34 -32.15 11.40 -16.28
N THR F 35 -33.32 12.03 -16.27
CA THR F 35 -33.47 13.35 -16.83
C THR F 35 -32.64 14.40 -16.10
N GLU F 36 -32.50 14.29 -14.79
CA GLU F 36 -31.68 15.23 -14.02
C GLU F 36 -30.19 15.11 -14.35
N LEU F 37 -29.73 13.89 -14.52
CA LEU F 37 -28.35 13.68 -14.78
C LEU F 37 -28.01 14.37 -16.11
N LEU F 38 -28.79 14.07 -17.14
CA LEU F 38 -28.51 14.61 -18.45
C LEU F 38 -28.65 16.12 -18.43
N GLY F 39 -29.68 16.62 -17.71
CA GLY F 39 -29.90 18.05 -17.57
C GLY F 39 -28.71 18.75 -16.95
N ALA F 40 -28.12 18.11 -15.94
CA ALA F 40 -26.97 18.64 -15.21
C ALA F 40 -25.78 18.84 -16.12
N VAL F 41 -25.51 17.86 -16.95
CA VAL F 41 -24.40 17.91 -17.86
C VAL F 41 -24.67 18.84 -19.04
N GLN F 42 -25.92 18.86 -19.53
CA GLN F 42 -26.31 19.85 -20.55
C GLN F 42 -26.05 21.29 -20.07
N LYS F 43 -26.39 21.52 -18.80
CA LYS F 43 -26.14 22.82 -18.25
C LYS F 43 -24.62 23.02 -18.07
N ALA F 44 -23.94 21.94 -17.67
CA ALA F 44 -22.52 22.01 -17.45
C ALA F 44 -21.76 22.54 -18.68
N VAL F 45 -21.94 21.95 -19.88
CA VAL F 45 -21.22 22.48 -21.02
C VAL F 45 -21.53 23.94 -21.23
N VAL F 46 -22.80 24.30 -21.28
CA VAL F 46 -23.12 25.69 -21.60
C VAL F 46 -22.43 26.58 -20.60
N ASP F 47 -22.54 26.25 -19.31
CA ASP F 47 -21.94 27.04 -18.26
C ASP F 47 -20.45 27.10 -18.54
N LYS F 48 -19.84 25.96 -18.79
CA LYS F 48 -18.42 25.96 -19.04
C LYS F 48 -18.08 27.00 -20.09
N ALA F 49 -18.87 27.06 -21.16
CA ALA F 49 -18.57 27.97 -22.26
C ALA F 49 -18.81 29.40 -21.87
N GLY F 50 -19.69 29.59 -20.92
CA GLY F 50 -20.06 30.92 -20.48
C GLY F 50 -19.04 31.61 -19.64
N ILE F 51 -18.09 30.89 -19.08
CA ILE F 51 -17.02 31.50 -18.29
C ILE F 51 -16.29 32.56 -19.10
N GLN F 52 -15.94 32.21 -20.32
CA GLN F 52 -14.97 32.99 -21.08
C GLN F 52 -15.59 33.79 -22.19
N SER F 53 -16.93 33.79 -22.27
CA SER F 53 -17.60 34.31 -23.44
C SER F 53 -18.99 34.81 -23.10
N GLY F 54 -19.73 35.27 -24.10
CA GLY F 54 -21.09 35.73 -23.89
C GLY F 54 -22.06 34.56 -23.89
N LEU F 55 -21.68 33.49 -24.56
CA LEU F 55 -22.58 32.40 -24.86
C LEU F 55 -23.50 32.06 -23.68
N HIS F 56 -24.78 31.87 -23.95
CA HIS F 56 -25.72 31.41 -22.94
C HIS F 56 -26.65 30.36 -23.52
N ALA F 57 -27.30 29.60 -22.64
CA ALA F 57 -28.07 28.43 -23.07
C ALA F 57 -29.06 28.69 -24.18
N GLY F 58 -29.66 29.86 -24.18
CA GLY F 58 -30.52 30.23 -25.27
C GLY F 58 -29.86 30.23 -26.63
N ASP F 59 -28.54 30.38 -26.67
CA ASP F 59 -27.78 30.42 -27.92
C ASP F 59 -27.70 29.04 -28.56
N VAL F 60 -27.91 27.98 -27.80
CA VAL F 60 -27.97 26.66 -28.40
C VAL F 60 -29.23 26.58 -29.26
N GLU F 61 -29.14 25.93 -30.41
CA GLU F 61 -30.28 25.83 -31.34
C GLU F 61 -30.92 24.49 -31.38
N GLN F 62 -30.10 23.46 -31.42
CA GLN F 62 -30.57 22.08 -31.28
C GLN F 62 -29.70 21.27 -30.35
N VAL F 63 -30.32 20.33 -29.63
CA VAL F 63 -29.63 19.34 -28.82
C VAL F 63 -29.97 17.99 -29.37
N ILE F 64 -28.99 17.09 -29.46
CA ILE F 64 -29.23 15.71 -29.86
C ILE F 64 -28.56 14.80 -28.85
N GLY F 65 -29.37 13.98 -28.17
CA GLY F 65 -28.85 13.07 -27.15
C GLY F 65 -28.94 11.60 -27.52
N GLY F 66 -27.85 10.87 -27.31
CA GLY F 66 -27.91 9.41 -27.41
C GLY F 66 -28.45 8.74 -26.15
N CYS F 67 -29.32 7.76 -26.34
CA CYS F 67 -29.87 6.98 -25.23
C CYS F 67 -30.43 5.67 -25.72
N VAL F 68 -29.99 4.58 -25.11
CA VAL F 68 -30.25 3.24 -25.65
C VAL F 68 -31.58 2.69 -25.16
N THR F 69 -31.77 2.53 -23.85
CA THR F 69 -32.98 1.89 -23.37
C THR F 69 -34.01 2.93 -23.14
N GLN F 70 -34.70 3.37 -24.18
CA GLN F 70 -35.46 4.61 -24.09
C GLN F 70 -36.82 4.37 -23.51
N PHE F 71 -36.84 3.97 -22.25
CA PHE F 71 -38.06 3.53 -21.60
C PHE F 71 -38.22 4.22 -20.28
N GLY F 72 -39.45 4.49 -19.91
CA GLY F 72 -39.74 5.16 -18.64
C GLY F 72 -39.08 6.51 -18.52
N GLU F 73 -38.20 6.68 -17.56
CA GLU F 73 -37.49 7.92 -17.38
C GLU F 73 -36.74 8.25 -18.67
N GLN F 74 -36.44 7.27 -19.49
CA GLN F 74 -35.69 7.58 -20.68
C GLN F 74 -36.55 7.50 -21.91
N SER F 75 -37.86 7.34 -21.73
CA SER F 75 -38.80 7.52 -22.83
C SER F 75 -39.05 8.99 -23.12
N ASN F 76 -39.88 9.24 -24.11
CA ASN F 76 -40.27 10.58 -24.45
C ASN F 76 -39.12 11.57 -24.64
N ASN F 77 -38.21 11.19 -25.51
CA ASN F 77 -37.21 12.09 -25.97
C ASN F 77 -36.52 12.77 -24.80
N ILE F 78 -35.67 12.01 -24.12
CA ILE F 78 -35.03 12.44 -22.88
C ILE F 78 -34.20 13.69 -23.05
N SER F 79 -33.67 13.91 -24.23
CA SER F 79 -32.84 15.09 -24.44
C SER F 79 -33.64 16.37 -24.20
N ARG F 80 -34.83 16.42 -24.77
CA ARG F 80 -35.73 17.53 -24.56
C ARG F 80 -36.09 17.64 -23.11
N VAL F 81 -36.54 16.54 -22.50
CA VAL F 81 -37.06 16.60 -21.14
C VAL F 81 -35.96 17.05 -20.17
N ALA F 82 -34.80 16.44 -20.30
CA ALA F 82 -33.63 16.86 -19.53
C ALA F 82 -33.41 18.36 -19.63
N TRP F 83 -33.42 18.87 -20.84
CA TRP F 83 -33.18 20.28 -21.05
C TRP F 83 -34.21 21.08 -20.30
N LEU F 84 -35.50 20.87 -20.56
CA LEU F 84 -36.57 21.61 -19.82
C LEU F 84 -36.41 21.45 -18.32
N THR F 85 -36.10 20.25 -17.84
CA THR F 85 -35.93 19.99 -16.43
C THR F 85 -34.78 20.78 -15.82
N ALA F 86 -33.71 20.97 -16.56
CA ALA F 86 -32.60 21.77 -16.04
C ALA F 86 -32.93 23.23 -16.03
N GLY F 87 -34.10 23.56 -16.50
CA GLY F 87 -34.53 24.94 -16.52
C GLY F 87 -33.90 25.70 -17.65
N LEU F 88 -33.48 24.98 -18.65
CA LEU F 88 -32.88 25.66 -19.77
C LEU F 88 -33.97 26.09 -20.76
N PRO F 89 -33.66 27.01 -21.68
CA PRO F 89 -34.66 27.66 -22.52
C PRO F 89 -35.50 26.72 -23.37
N GLU F 90 -36.82 26.96 -23.37
CA GLU F 90 -37.77 26.11 -24.05
C GLU F 90 -37.71 26.21 -25.58
N HIS F 91 -37.14 27.27 -26.14
CA HIS F 91 -37.08 27.43 -27.59
C HIS F 91 -36.05 26.56 -28.27
N VAL F 92 -35.16 25.93 -27.49
CA VAL F 92 -34.08 25.16 -28.05
C VAL F 92 -34.60 23.78 -28.40
N GLY F 93 -34.51 23.41 -29.66
CA GLY F 93 -35.00 22.08 -30.08
C GLY F 93 -34.12 20.96 -29.60
N ALA F 94 -34.62 19.73 -29.61
CA ALA F 94 -33.82 18.60 -29.17
C ALA F 94 -34.44 17.29 -29.59
N THR F 95 -33.58 16.35 -29.95
CA THR F 95 -33.92 15.03 -30.47
C THR F 95 -33.04 14.01 -29.72
N THR F 96 -33.50 12.78 -29.62
CA THR F 96 -32.78 11.73 -28.92
C THR F 96 -32.56 10.58 -29.91
N VAL F 97 -31.41 9.91 -29.88
CA VAL F 97 -31.08 8.92 -30.91
C VAL F 97 -30.60 7.57 -30.36
N ASP F 98 -30.77 6.54 -31.18
CA ASP F 98 -30.38 5.19 -30.86
C ASP F 98 -29.71 4.53 -32.08
N CYS F 99 -28.40 4.41 -32.01
CA CYS F 99 -27.71 3.33 -32.69
C CYS F 99 -26.90 2.58 -31.64
N GLN F 100 -27.64 2.05 -30.68
CA GLN F 100 -27.10 1.33 -29.51
C GLN F 100 -25.93 2.04 -28.86
N OAS F 101 -24.81 1.35 -28.71
CA OAS F 101 -23.71 1.89 -27.93
CB OAS F 101 -22.82 0.73 -27.47
OG OAS F 101 -23.67 -0.32 -26.96
C OAS F 101 -23.00 2.93 -28.77
O OAS F 101 -22.17 3.72 -28.26
C2A OAS F 101 -22.70 -2.66 -27.63
C1A OAS F 101 -23.85 -1.69 -27.55
OAC OAS F 101 -24.94 -2.09 -27.97
N GLY F 102 -23.38 3.03 -30.03
CA GLY F 102 -22.87 4.10 -30.87
C GLY F 102 -23.61 5.41 -30.74
N SER F 103 -24.68 5.44 -29.98
CA SER F 103 -25.61 6.54 -30.05
C SER F 103 -25.03 7.91 -29.74
N GLY F 104 -24.33 8.00 -28.64
CA GLY F 104 -23.79 9.27 -28.23
C GLY F 104 -22.61 9.70 -29.06
N GLN F 105 -22.05 8.81 -29.85
CA GLN F 105 -21.00 9.20 -30.76
C GLN F 105 -21.67 9.66 -32.02
N GLN F 106 -22.59 8.84 -32.49
CA GLN F 106 -23.41 9.18 -33.64
C GLN F 106 -24.06 10.56 -33.48
N ALA F 107 -24.36 10.94 -32.23
CA ALA F 107 -24.94 12.23 -31.92
C ALA F 107 -24.02 13.38 -32.26
N ASN F 108 -22.72 13.24 -31.99
CA ASN F 108 -21.77 14.29 -32.43
C ASN F 108 -21.67 14.38 -33.93
N HIS F 109 -21.77 13.26 -34.61
CA HIS F 109 -21.77 13.31 -36.08
C HIS F 109 -22.95 14.12 -36.63
N LEU F 110 -24.12 13.96 -35.99
CA LEU F 110 -25.38 14.57 -36.46
C LEU F 110 -25.48 16.08 -36.19
N ILE F 111 -24.95 16.52 -35.06
CA ILE F 111 -24.84 17.94 -34.83
C ILE F 111 -23.83 18.52 -35.79
N ALA F 112 -22.74 17.81 -35.99
CA ALA F 112 -21.74 18.28 -36.92
C ALA F 112 -22.40 18.48 -38.29
N GLY F 113 -23.23 17.53 -38.68
CA GLY F 113 -23.89 17.64 -39.99
C GLY F 113 -24.81 18.84 -40.09
N LEU F 114 -25.61 19.07 -39.07
CA LEU F 114 -26.57 20.15 -39.15
C LEU F 114 -25.84 21.47 -39.22
N ILE F 115 -24.73 21.59 -38.50
CA ILE F 115 -23.91 22.80 -38.64
C ILE F 115 -23.38 22.95 -40.08
N ALA F 116 -22.83 21.86 -40.58
CA ALA F 116 -22.32 21.80 -41.91
C ALA F 116 -23.35 22.25 -42.90
N ALA F 117 -24.58 21.80 -42.73
CA ALA F 117 -25.64 22.04 -43.72
C ALA F 117 -26.22 23.43 -43.55
N GLY F 118 -25.73 24.14 -42.55
CA GLY F 118 -26.21 25.47 -42.29
C GLY F 118 -27.58 25.50 -41.64
N ALA F 119 -27.98 24.38 -41.03
CA ALA F 119 -29.23 24.34 -40.29
C ALA F 119 -29.12 25.07 -38.96
N ILE F 120 -28.00 24.96 -38.26
CA ILE F 120 -27.80 25.66 -36.99
C ILE F 120 -26.39 26.16 -36.84
N ASP F 121 -26.19 27.13 -35.97
CA ASP F 121 -24.83 27.60 -35.67
C ASP F 121 -24.29 27.13 -34.37
N VAL F 122 -25.13 26.63 -33.50
CA VAL F 122 -24.68 26.21 -32.19
C VAL F 122 -25.51 25.01 -31.80
N GLY F 123 -24.86 23.92 -31.48
CA GLY F 123 -25.56 22.70 -31.12
C GLY F 123 -24.90 22.02 -29.95
N ILE F 124 -25.61 21.09 -29.33
CA ILE F 124 -25.04 20.28 -28.25
C ILE F 124 -25.26 18.83 -28.57
N ALA F 125 -24.19 18.08 -28.64
CA ALA F 125 -24.31 16.65 -28.76
C ALA F 125 -24.16 16.12 -27.34
N CYS F 126 -24.88 15.05 -27.01
CA CYS F 126 -24.75 14.51 -25.68
C CYS F 126 -25.24 13.08 -25.59
N GLY F 127 -25.14 12.49 -24.42
CA GLY F 127 -25.57 11.13 -24.28
C GLY F 127 -25.77 10.88 -22.80
N ILE F 128 -26.78 10.06 -22.50
CA ILE F 128 -27.24 9.80 -21.16
C ILE F 128 -27.47 8.30 -21.09
N GLU F 129 -27.11 7.70 -19.98
CA GLU F 129 -27.68 6.39 -19.60
C GLU F 129 -27.65 6.27 -18.08
N ALA F 130 -28.77 5.83 -17.53
CA ALA F 130 -28.97 5.72 -16.09
C ALA F 130 -29.39 4.29 -15.82
N MET F 131 -28.41 3.40 -15.96
CA MET F 131 -28.64 1.97 -16.00
C MET F 131 -29.12 1.52 -14.66
N SER F 132 -28.64 2.18 -13.60
CA SER F 132 -29.24 1.96 -12.28
C SER F 132 -30.76 2.04 -12.33
N ARG F 133 -31.33 2.88 -13.18
CA ARG F 133 -32.76 3.17 -13.15
C ARG F 133 -33.54 2.69 -14.34
N VAL F 134 -32.89 2.51 -15.47
CA VAL F 134 -33.53 1.85 -16.60
C VAL F 134 -32.55 0.83 -17.13
N GLY F 135 -32.80 -0.41 -16.82
CA GLY F 135 -31.84 -1.42 -17.18
C GLY F 135 -32.09 -1.96 -18.56
N LEU F 136 -31.02 -2.49 -19.15
CA LEU F 136 -31.08 -3.09 -20.48
C LEU F 136 -32.28 -4.02 -20.43
N GLY F 137 -33.09 -4.07 -21.48
CA GLY F 137 -34.28 -4.92 -21.49
C GLY F 137 -35.58 -4.22 -21.12
N ALA F 138 -35.48 -3.21 -20.24
CA ALA F 138 -36.66 -2.34 -19.89
C ALA F 138 -37.51 -1.98 -21.08
N ASN F 139 -36.90 -1.92 -22.24
CA ASN F 139 -37.58 -1.43 -23.39
C ASN F 139 -38.21 -2.51 -24.23
N ALA F 140 -38.49 -3.63 -23.62
CA ALA F 140 -39.20 -4.67 -24.32
C ALA F 140 -39.84 -5.57 -23.29
N GLY F 141 -40.87 -6.27 -23.68
CA GLY F 141 -41.50 -7.18 -22.76
C GLY F 141 -40.54 -8.29 -22.41
N PRO F 142 -40.96 -9.21 -21.53
CA PRO F 142 -40.08 -10.28 -21.11
C PRO F 142 -39.85 -11.28 -22.22
N ASP F 143 -40.84 -11.43 -23.11
CA ASP F 143 -40.72 -12.37 -24.25
C ASP F 143 -39.92 -11.77 -25.40
N ARG F 144 -38.61 -11.83 -25.29
CA ARG F 144 -37.76 -11.12 -26.26
C ARG F 144 -37.78 -11.73 -27.66
N SER F 145 -38.44 -12.90 -27.78
CA SER F 145 -38.70 -13.49 -29.07
C SER F 145 -39.59 -12.59 -29.91
N LEU F 146 -40.42 -11.79 -29.25
CA LEU F 146 -41.43 -11.00 -29.92
C LEU F 146 -40.90 -9.73 -30.58
N ILE F 147 -39.71 -9.28 -30.20
CA ILE F 147 -39.23 -8.07 -30.80
C ILE F 147 -38.59 -8.28 -32.18
N ARG F 148 -38.63 -9.50 -32.68
CA ARG F 148 -38.28 -9.74 -34.07
C ARG F 148 -39.44 -10.38 -34.78
N ALA F 149 -39.60 -10.06 -36.07
CA ALA F 149 -40.55 -10.77 -36.91
C ALA F 149 -40.23 -12.25 -36.91
N GLN F 150 -41.24 -13.03 -37.24
CA GLN F 150 -41.16 -14.49 -37.23
C GLN F 150 -40.31 -14.99 -38.39
N SER F 151 -40.11 -14.12 -39.38
CA SER F 151 -39.28 -14.43 -40.53
C SER F 151 -37.81 -14.47 -40.17
N TRP F 152 -37.43 -13.76 -39.12
CA TRP F 152 -36.02 -13.50 -38.85
C TRP F 152 -35.16 -14.76 -38.79
N ASP F 153 -34.17 -14.84 -39.68
CA ASP F 153 -33.13 -15.87 -39.58
C ASP F 153 -31.73 -15.36 -39.91
N ILE F 154 -31.28 -14.43 -39.07
CA ILE F 154 -29.93 -13.96 -39.13
C ILE F 154 -29.26 -14.46 -37.84
N ASP F 155 -28.07 -15.04 -38.01
CA ASP F 155 -27.35 -15.56 -36.88
C ASP F 155 -26.70 -14.39 -36.17
N LEU F 156 -27.51 -13.60 -35.48
CA LEU F 156 -27.02 -12.43 -34.78
C LEU F 156 -26.96 -12.76 -33.29
N PRO F 157 -25.79 -13.14 -32.78
CA PRO F 157 -25.71 -13.66 -31.45
C PRO F 157 -25.90 -12.58 -30.41
N ASN F 158 -26.12 -13.01 -29.18
CA ASN F 158 -26.20 -12.07 -28.10
C ASN F 158 -24.81 -11.53 -27.92
N GLN F 159 -24.64 -10.48 -27.12
CA GLN F 159 -23.34 -9.85 -27.04
C GLN F 159 -22.29 -10.64 -26.25
N PHE F 160 -22.69 -11.37 -25.22
CA PHE F 160 -21.72 -12.20 -24.51
C PHE F 160 -21.17 -13.32 -25.37
N GLU F 161 -22.06 -13.97 -26.12
CA GLU F 161 -21.62 -14.98 -27.07
C GLU F 161 -20.77 -14.35 -28.16
N ALA F 162 -21.13 -13.13 -28.57
CA ALA F 162 -20.36 -12.43 -29.60
C ALA F 162 -18.90 -12.30 -29.18
N ALA F 163 -18.68 -11.93 -27.93
CA ALA F 163 -17.33 -11.72 -27.46
C ALA F 163 -16.54 -13.03 -27.49
N GLU F 164 -17.24 -14.15 -27.33
CA GLU F 164 -16.60 -15.45 -27.44
C GLU F 164 -16.31 -15.81 -28.88
N ARG F 165 -17.29 -15.63 -29.76
CA ARG F 165 -17.10 -15.87 -31.20
C ARG F 165 -15.96 -15.05 -31.78
N ILE F 166 -15.87 -13.80 -31.36
CA ILE F 166 -14.76 -12.94 -31.77
C ILE F 166 -13.46 -13.53 -31.25
N ALA F 167 -13.42 -13.85 -29.96
CA ALA F 167 -12.18 -14.36 -29.33
C ALA F 167 -11.65 -15.56 -30.09
N LYS F 168 -12.54 -16.48 -30.40
CA LYS F 168 -12.17 -17.68 -31.12
C LYS F 168 -11.59 -17.25 -32.46
N ARG F 169 -12.28 -16.37 -33.16
CA ARG F 169 -11.84 -15.95 -34.49
C ARG F 169 -10.37 -15.51 -34.50
N ARG F 170 -9.95 -14.84 -33.44
CA ARG F 170 -8.63 -14.24 -33.41
C ARG F 170 -7.66 -14.98 -32.51
N GLY F 171 -8.08 -16.10 -31.94
CA GLY F 171 -7.26 -16.83 -30.98
C GLY F 171 -6.99 -16.05 -29.72
N ILE F 172 -7.96 -15.31 -29.26
CA ILE F 172 -7.79 -14.60 -28.03
C ILE F 172 -8.06 -15.55 -26.87
N THR F 173 -7.24 -15.49 -25.86
CA THR F 173 -7.33 -16.41 -24.74
C THR F 173 -7.74 -15.73 -23.45
N ARG F 174 -8.08 -16.53 -22.44
CA ARG F 174 -8.45 -16.00 -21.12
C ARG F 174 -7.30 -15.22 -20.51
N GLU F 175 -6.08 -15.64 -20.73
CA GLU F 175 -4.96 -14.81 -20.26
C GLU F 175 -4.95 -13.50 -21.02
N ASP F 176 -5.11 -13.55 -22.33
CA ASP F 176 -5.06 -12.34 -23.16
C ASP F 176 -5.97 -11.27 -22.62
N VAL F 177 -7.24 -11.63 -22.43
CA VAL F 177 -8.21 -10.67 -21.97
C VAL F 177 -7.91 -10.25 -20.54
N ASP F 178 -7.60 -11.19 -19.65
CA ASP F 178 -7.36 -10.82 -18.25
C ASP F 178 -6.26 -9.77 -18.16
N VAL F 179 -5.27 -9.87 -19.03
CA VAL F 179 -4.20 -8.89 -19.09
C VAL F 179 -4.79 -7.52 -19.49
N PHE F 180 -5.46 -7.46 -20.64
CA PHE F 180 -6.04 -6.20 -21.10
C PHE F 180 -6.89 -5.63 -20.01
N GLY F 181 -7.79 -6.47 -19.48
CA GLY F 181 -8.67 -6.08 -18.38
C GLY F 181 -7.89 -5.36 -17.29
N LEU F 182 -6.80 -5.99 -16.85
CA LEU F 182 -6.00 -5.44 -15.79
C LEU F 182 -5.44 -4.10 -16.18
N GLU F 183 -4.94 -3.98 -17.41
CA GLU F 183 -4.31 -2.73 -17.83
C GLU F 183 -5.27 -1.55 -17.81
N SER F 184 -6.52 -1.82 -18.18
CA SER F 184 -7.54 -0.78 -18.18
C SER F 184 -7.66 -0.16 -16.80
N GLN F 185 -7.80 -1.02 -15.78
CA GLN F 185 -7.82 -0.60 -14.36
C GLN F 185 -6.53 0.11 -13.99
N ARG F 186 -5.42 -0.42 -14.47
CA ARG F 186 -4.15 0.19 -14.21
CA ARG F 186 -4.12 0.18 -14.24
C ARG F 186 -4.14 1.60 -14.77
N ARG F 187 -4.52 1.74 -16.04
CA ARG F 187 -4.44 3.04 -16.72
C ARG F 187 -5.48 4.05 -16.26
N ALA F 188 -6.68 3.60 -15.95
CA ALA F 188 -7.65 4.50 -15.33
C ALA F 188 -7.12 5.01 -13.99
N GLN F 189 -6.67 4.07 -13.18
CA GLN F 189 -6.11 4.45 -11.89
C GLN F 189 -4.95 5.42 -12.05
N ARG F 190 -4.19 5.31 -13.14
CA ARG F 190 -3.08 6.20 -13.37
C ARG F 190 -3.62 7.56 -13.69
N ALA F 191 -4.57 7.62 -14.61
CA ALA F 191 -5.12 8.93 -15.03
C ALA F 191 -5.55 9.72 -13.79
N TRP F 192 -6.36 9.06 -12.97
CA TRP F 192 -6.90 9.70 -11.81
C TRP F 192 -5.81 10.16 -10.89
N ALA F 193 -4.81 9.33 -10.67
CA ALA F 193 -3.66 9.72 -9.85
C ALA F 193 -2.97 10.99 -10.35
N GLU F 194 -2.71 11.04 -11.66
CA GLU F 194 -2.10 12.22 -12.26
C GLU F 194 -3.06 13.42 -12.40
N GLY F 195 -4.36 13.17 -12.49
CA GLY F 195 -5.32 14.23 -12.59
C GLY F 195 -5.81 14.47 -13.99
N ARG F 196 -5.65 13.52 -14.86
CA ARG F 196 -5.95 13.74 -16.25
C ARG F 196 -7.40 14.11 -16.46
N PHE F 197 -8.33 13.44 -15.80
CA PHE F 197 -9.79 13.66 -16.04
C PHE F 197 -10.35 14.91 -15.33
N ASP F 198 -9.53 15.59 -14.56
CA ASP F 198 -10.01 16.72 -13.81
C ASP F 198 -10.71 17.75 -14.63
N ARG F 199 -10.11 18.12 -15.76
CA ARG F 199 -10.67 19.17 -16.63
C ARG F 199 -12.00 18.75 -17.22
N GLU F 200 -12.02 17.57 -17.84
CA GLU F 200 -13.25 17.11 -18.50
C GLU F 200 -14.43 16.85 -17.54
N ILE F 201 -14.17 16.57 -16.26
CA ILE F 201 -15.26 16.19 -15.38
C ILE F 201 -15.99 17.36 -14.71
N SER F 202 -17.31 17.27 -14.64
CA SER F 202 -18.12 18.26 -13.98
C SER F 202 -18.73 17.51 -12.83
N PRO F 203 -18.28 17.80 -11.59
CA PRO F 203 -18.91 17.22 -10.40
C PRO F 203 -20.44 17.38 -10.41
N ILE F 204 -21.15 16.34 -10.02
CA ILE F 204 -22.58 16.33 -10.03
C ILE F 204 -23.09 16.12 -8.62
N GLN F 205 -23.94 17.04 -8.14
CA GLN F 205 -24.65 16.86 -6.89
C GLN F 205 -25.64 15.69 -7.03
N ALA F 206 -25.78 14.90 -5.99
CA ALA F 206 -26.61 13.75 -6.10
C ALA F 206 -27.20 13.39 -4.75
N PRO F 207 -28.44 12.86 -4.76
CA PRO F 207 -29.07 12.34 -3.56
C PRO F 207 -28.25 11.23 -2.98
N VAL F 208 -27.92 11.35 -1.70
CA VAL F 208 -27.32 10.24 -0.98
C VAL F 208 -28.41 9.25 -0.62
N LEU F 209 -28.17 7.98 -0.92
CA LEU F 209 -29.09 6.92 -0.57
C LEU F 209 -28.51 6.03 0.52
N ASP F 210 -29.40 5.30 1.20
CA ASP F 210 -29.01 4.43 2.32
C ASP F 210 -28.44 3.09 1.81
N GLU F 211 -28.35 2.09 2.68
CA GLU F 211 -27.90 0.75 2.29
C GLU F 211 -28.96 0.11 1.41
N GLN F 212 -30.22 0.48 1.64
CA GLN F 212 -31.29 0.20 0.70
C GLN F 212 -31.14 1.19 -0.45
N ASN F 213 -32.20 1.39 -1.24
CA ASN F 213 -32.17 2.38 -2.29
C ASN F 213 -33.22 3.44 -2.05
N GLN F 214 -33.15 4.04 -0.86
CA GLN F 214 -34.00 5.15 -0.49
C GLN F 214 -33.10 6.33 -0.13
N PRO F 215 -33.59 7.57 -0.34
CA PRO F 215 -32.77 8.75 -0.08
C PRO F 215 -32.63 9.06 1.41
N THR F 216 -31.42 9.47 1.80
CA THR F 216 -31.12 9.81 3.19
C THR F 216 -31.25 11.31 3.46
N GLY F 217 -31.80 12.06 2.52
CA GLY F 217 -31.91 13.50 2.67
C GLY F 217 -30.66 14.25 2.26
N GLU F 218 -29.50 13.59 2.35
CA GLU F 218 -28.22 14.20 1.97
C GLU F 218 -28.10 14.37 0.46
N ARG F 219 -27.43 15.44 0.05
CA ARG F 219 -27.19 15.75 -1.36
C ARG F 219 -25.68 15.95 -1.65
N ARG F 220 -24.98 14.84 -1.82
CA ARG F 220 -23.50 14.81 -1.91
C ARG F 220 -23.02 15.20 -3.31
N LEU F 221 -21.85 15.81 -3.38
CA LEU F 221 -21.20 16.17 -4.64
C LEU F 221 -20.29 15.02 -5.11
N VAL F 222 -20.52 14.50 -6.30
CA VAL F 222 -19.79 13.37 -6.83
C VAL F 222 -18.87 13.87 -7.92
N PHE F 223 -17.60 13.46 -7.88
CA PHE F 223 -16.66 13.83 -8.95
C PHE F 223 -15.75 12.76 -9.44
N ARG F 224 -15.92 11.52 -9.03
CA ARG F 224 -14.99 10.49 -9.41
C ARG F 224 -15.66 9.30 -9.97
N ASP F 225 -15.04 8.77 -11.01
CA ASP F 225 -15.53 7.57 -11.62
C ASP F 225 -15.49 6.54 -10.51
N GLN F 226 -16.54 5.77 -10.36
CA GLN F 226 -16.68 4.86 -9.24
C GLN F 226 -16.22 3.45 -9.56
N GLY F 227 -15.89 3.16 -10.82
CA GLY F 227 -15.57 1.80 -11.21
C GLY F 227 -14.14 1.40 -10.96
N LEU F 228 -13.29 2.33 -10.59
CA LEU F 228 -11.90 1.96 -10.32
C LEU F 228 -11.87 0.99 -9.14
N ARG F 229 -10.91 0.06 -9.18
CA ARG F 229 -10.89 -1.05 -8.23
C ARG F 229 -9.52 -1.69 -8.21
N GLU F 230 -8.91 -1.81 -7.03
CA GLU F 230 -7.60 -2.45 -6.95
C GLU F 230 -7.79 -3.78 -7.62
N THR F 231 -6.94 -4.07 -8.61
CA THR F 231 -7.10 -5.22 -9.49
C THR F 231 -5.78 -5.91 -9.76
N THR F 232 -5.82 -7.23 -9.93
CA THR F 232 -4.58 -8.04 -10.10
C THR F 232 -4.81 -9.27 -10.98
N MET F 233 -3.76 -9.74 -11.63
CA MET F 233 -3.89 -10.90 -12.51
C MET F 233 -4.41 -12.13 -11.81
N ALA F 234 -4.08 -12.25 -10.52
CA ALA F 234 -4.63 -13.33 -9.70
C ALA F 234 -6.13 -13.10 -9.54
N GLY F 235 -6.48 -11.94 -9.02
CA GLY F 235 -7.87 -11.61 -8.82
C GLY F 235 -8.70 -11.95 -10.03
N LEU F 236 -8.24 -11.50 -11.20
CA LEU F 236 -9.00 -11.67 -12.45
C LEU F 236 -9.09 -13.14 -12.79
N GLY F 237 -8.01 -13.87 -12.53
CA GLY F 237 -8.01 -15.28 -12.77
C GLY F 237 -9.01 -16.03 -11.93
N GLU F 238 -9.30 -15.51 -10.74
CA GLU F 238 -10.24 -16.16 -9.84
CA GLU F 238 -10.25 -16.12 -9.83
C GLU F 238 -11.69 -15.99 -10.33
N LEU F 239 -11.96 -15.02 -11.20
CA LEU F 239 -13.34 -14.71 -11.59
C LEU F 239 -13.99 -15.76 -12.47
N LYS F 240 -15.30 -15.93 -12.33
CA LYS F 240 -16.04 -16.90 -13.12
C LYS F 240 -16.51 -16.29 -14.42
N PRO F 241 -16.37 -17.01 -15.53
CA PRO F 241 -16.90 -16.59 -16.79
C PRO F 241 -18.39 -16.23 -16.76
N VAL F 242 -18.81 -15.32 -17.65
CA VAL F 242 -20.19 -14.98 -17.76
C VAL F 242 -20.94 -16.12 -18.43
N LEU F 243 -20.31 -16.71 -19.46
CA LEU F 243 -20.87 -17.88 -20.13
C LEU F 243 -20.09 -19.12 -19.79
N GLU F 244 -20.78 -20.24 -19.69
CA GLU F 244 -20.11 -21.50 -19.49
C GLU F 244 -19.12 -21.68 -20.64
N GLY F 245 -17.84 -21.82 -20.31
CA GLY F 245 -16.81 -22.04 -21.32
C GLY F 245 -16.29 -20.80 -22.03
N GLY F 246 -16.76 -19.63 -21.62
CA GLY F 246 -16.28 -18.38 -22.20
C GLY F 246 -15.05 -17.90 -21.47
N ILE F 247 -14.37 -16.92 -22.04
CA ILE F 247 -13.17 -16.33 -21.44
C ILE F 247 -13.45 -14.99 -20.76
N HIS F 248 -14.58 -14.35 -21.08
CA HIS F 248 -14.87 -13.04 -20.52
C HIS F 248 -15.59 -13.14 -19.18
N THR F 249 -15.21 -12.24 -18.29
CA THR F 249 -15.78 -12.16 -16.95
C THR F 249 -16.09 -10.71 -16.69
N ALA F 250 -16.69 -10.44 -15.54
CA ALA F 250 -16.88 -9.06 -15.12
C ALA F 250 -15.57 -8.28 -15.14
N GLY F 251 -14.47 -8.96 -14.85
CA GLY F 251 -13.15 -8.38 -14.93
C GLY F 251 -12.71 -7.93 -16.32
N THR F 252 -13.28 -8.53 -17.35
CA THR F 252 -12.86 -8.24 -18.73
C THR F 252 -14.01 -7.87 -19.67
N SER F 253 -15.16 -7.51 -19.08
CA SER F 253 -16.29 -6.90 -19.80
C SER F 253 -16.47 -5.51 -19.23
N SER F 254 -17.32 -4.70 -19.86
CA SER F 254 -17.60 -3.31 -19.38
C SER F 254 -18.46 -3.33 -18.12
N GLN F 255 -18.50 -2.24 -17.39
CA GLN F 255 -19.34 -2.18 -16.18
C GLN F 255 -20.65 -1.47 -16.44
N ILE F 256 -21.70 -1.91 -15.78
CA ILE F 256 -23.01 -1.28 -15.95
C ILE F 256 -23.05 -0.04 -15.10
N SER F 257 -23.35 1.10 -15.73
CA SER F 257 -23.01 2.38 -15.14
C SER F 257 -24.05 3.43 -15.38
N ASP F 258 -23.92 4.54 -14.64
CA ASP F 258 -24.78 5.72 -14.80
C ASP F 258 -23.91 6.91 -15.17
N GLY F 259 -24.25 7.60 -16.26
CA GLY F 259 -23.49 8.76 -16.62
C GLY F 259 -24.06 9.51 -17.77
N ALA F 260 -23.50 10.71 -17.96
CA ALA F 260 -23.89 11.58 -19.06
C ALA F 260 -22.71 12.43 -19.49
N ALA F 261 -22.76 12.87 -20.74
CA ALA F 261 -21.72 13.74 -21.31
C ALA F 261 -22.34 14.66 -22.33
N ALA F 262 -21.68 15.76 -22.62
CA ALA F 262 -22.20 16.71 -23.57
C ALA F 262 -21.06 17.43 -24.21
N VAL F 263 -21.25 17.80 -25.47
CA VAL F 263 -20.21 18.43 -26.27
C VAL F 263 -20.79 19.59 -27.09
N LEU F 264 -20.30 20.80 -26.85
CA LEU F 264 -20.85 22.00 -27.46
C LEU F 264 -20.17 22.27 -28.79
N TRP F 265 -20.96 22.24 -29.88
CA TRP F 265 -20.44 22.49 -31.22
C TRP F 265 -20.85 23.87 -31.70
N MET F 266 -20.07 24.41 -32.65
CA MET F 266 -20.42 25.64 -33.38
C MET F 266 -19.78 25.70 -34.75
N ASP F 267 -20.33 26.54 -35.62
CA ASP F 267 -19.62 26.96 -36.81
C ASP F 267 -18.45 27.76 -36.33
N GLU F 268 -17.26 27.46 -36.86
CA GLU F 268 -16.00 28.08 -36.41
C GLU F 268 -16.07 29.59 -36.33
N ALA F 269 -16.71 30.20 -37.32
CA ALA F 269 -16.84 31.63 -37.34
C ALA F 269 -17.68 32.13 -36.18
N VAL F 270 -18.84 31.52 -35.94
CA VAL F 270 -19.68 31.95 -34.85
C VAL F 270 -18.93 31.83 -33.52
N ALA F 271 -18.17 30.73 -33.37
CA ALA F 271 -17.41 30.49 -32.18
C ALA F 271 -16.46 31.61 -31.93
N ARG F 272 -15.66 31.92 -32.93
CA ARG F 272 -14.70 33.01 -32.80
C ARG F 272 -15.41 34.31 -32.47
N ALA F 273 -16.59 34.50 -33.05
CA ALA F 273 -17.33 35.73 -32.80
C ALA F 273 -17.71 35.86 -31.34
N HIS F 274 -18.16 34.78 -30.73
CA HIS F 274 -18.47 34.82 -29.30
C HIS F 274 -17.20 34.82 -28.47
N GLY F 275 -16.07 34.71 -29.12
CA GLY F 275 -14.82 34.75 -28.40
C GLY F 275 -14.57 33.43 -27.74
N LEU F 276 -15.04 32.34 -28.35
CA LEU F 276 -14.70 30.99 -27.92
C LEU F 276 -13.66 30.44 -28.88
N THR F 277 -12.82 29.54 -28.37
CA THR F 277 -11.73 28.94 -29.14
C THR F 277 -12.12 27.63 -29.84
N PRO F 278 -12.03 27.59 -31.16
CA PRO F 278 -12.27 26.30 -31.79
C PRO F 278 -11.23 25.27 -31.37
N ARG F 279 -11.67 24.14 -30.86
CA ARG F 279 -10.76 23.19 -30.19
C ARG F 279 -10.48 21.91 -30.95
N ALA F 280 -11.41 21.49 -31.77
CA ALA F 280 -11.22 20.32 -32.61
C ALA F 280 -12.30 20.25 -33.70
N ARG F 281 -12.08 19.34 -34.65
CA ARG F 281 -13.03 19.20 -35.70
C ARG F 281 -12.97 17.79 -36.24
N ILE F 282 -14.06 17.33 -36.81
CA ILE F 282 -14.12 15.96 -37.31
C ILE F 282 -13.40 15.94 -38.64
N VAL F 283 -12.43 15.04 -38.78
CA VAL F 283 -11.74 14.77 -40.02
C VAL F 283 -12.54 13.77 -40.87
N ALA F 284 -13.08 12.75 -40.21
CA ALA F 284 -13.90 11.75 -40.89
C ALA F 284 -14.82 11.10 -39.88
N GLN F 285 -16.04 10.74 -40.31
CA GLN F 285 -17.00 10.09 -39.46
C GLN F 285 -17.72 8.97 -40.20
N ALA F 286 -18.20 7.99 -39.45
CA ALA F 286 -18.87 6.87 -40.04
C ALA F 286 -19.66 6.12 -39.01
N LEU F 287 -20.78 5.55 -39.51
CA LEU F 287 -21.52 4.53 -38.80
C LEU F 287 -21.73 3.41 -39.78
N VAL F 288 -20.96 2.34 -39.64
CA VAL F 288 -21.05 1.28 -40.59
C VAL F 288 -21.73 0.08 -39.98
N GLY F 289 -22.33 -0.71 -40.86
CA GLY F 289 -22.85 -2.02 -40.49
C GLY F 289 -21.71 -2.99 -40.36
N ALA F 290 -21.87 -3.96 -39.47
CA ALA F 290 -20.86 -4.99 -39.22
C ALA F 290 -21.43 -6.38 -39.55
N GLU F 291 -20.61 -7.42 -39.34
CA GLU F 291 -20.99 -8.79 -39.69
C GLU F 291 -21.86 -9.33 -38.57
N PRO F 292 -23.12 -9.70 -38.88
CA PRO F 292 -23.97 -10.16 -37.79
C PRO F 292 -23.40 -11.36 -36.98
N TYR F 293 -22.79 -12.33 -37.64
CA TYR F 293 -22.32 -13.48 -36.92
C TYR F 293 -21.48 -13.13 -35.73
N TYR F 294 -20.46 -12.31 -35.94
CA TYR F 294 -19.54 -11.92 -34.87
C TYR F 294 -20.11 -10.76 -34.08
N HIS F 295 -20.95 -9.98 -34.75
CA HIS F 295 -21.79 -8.99 -34.09
C HIS F 295 -21.05 -7.76 -33.56
N LEU F 296 -20.08 -7.92 -32.66
CA LEU F 296 -19.39 -6.77 -32.05
C LEU F 296 -17.99 -6.51 -32.62
N ASP F 297 -17.66 -7.01 -33.80
CA ASP F 297 -16.30 -6.86 -34.34
C ASP F 297 -16.26 -5.70 -35.34
N GLY F 298 -17.31 -4.89 -35.36
CA GLY F 298 -17.38 -3.76 -36.28
C GLY F 298 -16.32 -2.66 -36.19
N PRO F 299 -15.69 -2.49 -35.05
CA PRO F 299 -14.64 -1.48 -34.98
C PRO F 299 -13.58 -1.67 -36.05
N VAL F 300 -13.41 -2.91 -36.52
CA VAL F 300 -12.53 -3.16 -37.67
C VAL F 300 -13.01 -2.41 -38.87
N GLN F 301 -14.31 -2.50 -39.18
CA GLN F 301 -14.89 -1.83 -40.36
C GLN F 301 -15.00 -0.31 -40.23
N SER F 302 -15.45 0.19 -39.09
CA SER F 302 -15.56 1.64 -38.90
C SER F 302 -14.16 2.25 -38.94
N THR F 303 -13.23 1.72 -38.15
CA THR F 303 -11.86 2.20 -38.18
C THR F 303 -11.34 2.26 -39.61
N ALA F 304 -11.64 1.23 -40.37
CA ALA F 304 -11.24 1.16 -41.78
C ALA F 304 -11.80 2.32 -42.60
N LYS F 305 -13.10 2.56 -42.48
CA LYS F 305 -13.77 3.56 -43.32
C LYS F 305 -13.26 4.98 -43.08
N VAL F 306 -13.16 5.37 -41.80
CA VAL F 306 -12.71 6.73 -41.49
C VAL F 306 -11.25 6.93 -41.90
N LEU F 307 -10.42 5.90 -41.72
CA LEU F 307 -9.05 5.99 -42.18
C LEU F 307 -9.10 6.24 -43.66
N GLU F 308 -9.91 5.45 -44.35
CA GLU F 308 -10.01 5.54 -45.79
C GLU F 308 -10.45 6.94 -46.15
N LYS F 309 -11.55 7.37 -45.54
CA LYS F 309 -12.11 8.68 -45.85
C LYS F 309 -11.15 9.78 -45.49
N ALA F 310 -10.47 9.63 -44.36
CA ALA F 310 -9.53 10.65 -43.89
C ALA F 310 -8.27 10.67 -44.69
N GLY F 311 -8.03 9.64 -45.49
CA GLY F 311 -6.80 9.49 -46.22
C GLY F 311 -5.63 9.29 -45.27
N MET F 312 -5.83 8.50 -44.21
CA MET F 312 -4.78 8.27 -43.23
C MET F 312 -4.59 6.81 -42.97
N LYS F 313 -3.53 6.48 -42.25
CA LYS F 313 -3.25 5.13 -41.81
C LYS F 313 -3.09 5.13 -40.31
N ILE F 314 -3.36 4.00 -39.67
CA ILE F 314 -3.50 3.96 -38.21
C ILE F 314 -2.28 4.57 -37.53
N GLY F 315 -1.18 4.55 -38.23
CA GLY F 315 0.01 5.20 -37.76
C GLY F 315 -0.16 6.67 -37.54
N ASP F 316 -1.05 7.31 -38.28
CA ASP F 316 -1.17 8.76 -38.19
C ASP F 316 -1.90 9.21 -36.92
N ILE F 317 -2.67 8.29 -36.32
CA ILE F 317 -3.47 8.60 -35.16
C ILE F 317 -2.61 8.60 -33.90
N ASP F 318 -2.71 9.70 -33.15
CA ASP F 318 -1.97 9.84 -31.90
C ASP F 318 -2.62 9.13 -30.71
N ILE F 319 -3.95 9.10 -30.71
CA ILE F 319 -4.71 8.62 -29.57
C ILE F 319 -5.91 7.88 -30.13
N VAL F 320 -6.12 6.65 -29.67
CA VAL F 320 -7.32 5.91 -29.98
C VAL F 320 -8.18 5.78 -28.76
N GLU F 321 -9.50 5.83 -28.97
CA GLU F 321 -10.48 5.41 -27.98
C GLU F 321 -11.41 4.39 -28.61
N ILE F 322 -11.18 3.11 -28.32
CA ILE F 322 -12.01 2.03 -28.85
C ILE F 322 -12.71 1.42 -27.68
N ASN F 323 -14.04 1.42 -27.67
CA ASN F 323 -14.77 1.15 -26.45
C ASN F 323 -14.59 -0.30 -26.02
N GLU F 324 -14.39 -0.51 -24.72
CA GLU F 324 -14.06 -1.80 -24.19
C GLU F 324 -15.33 -2.49 -23.73
N ALA F 325 -16.26 -2.70 -24.64
CA ALA F 325 -17.44 -3.50 -24.33
C ALA F 325 -16.98 -4.85 -23.76
N PHE F 326 -16.05 -5.45 -24.47
CA PHE F 326 -15.47 -6.69 -24.10
C PHE F 326 -14.05 -6.67 -24.56
N ALA F 327 -13.14 -7.13 -23.70
CA ALA F 327 -11.73 -7.20 -24.01
C ALA F 327 -11.42 -7.74 -25.43
N SER F 328 -12.13 -8.79 -25.84
CA SER F 328 -11.85 -9.42 -27.13
C SER F 328 -12.21 -8.49 -28.29
N VAL F 329 -13.16 -7.59 -28.09
CA VAL F 329 -13.47 -6.60 -29.11
C VAL F 329 -12.27 -5.70 -29.42
N VAL F 330 -11.59 -5.18 -28.38
CA VAL F 330 -10.45 -4.33 -28.57
C VAL F 330 -9.26 -5.11 -29.14
N LEU F 331 -9.06 -6.33 -28.64
CA LEU F 331 -7.94 -7.16 -29.10
C LEU F 331 -8.16 -7.60 -30.55
N SER F 332 -9.38 -7.98 -30.91
CA SER F 332 -9.65 -8.36 -32.29
C SER F 332 -9.27 -7.21 -33.22
N TRP F 333 -9.70 -6.02 -32.84
CA TRP F 333 -9.41 -4.81 -33.59
C TRP F 333 -7.91 -4.62 -33.71
N ALA F 334 -7.23 -4.64 -32.59
CA ALA F 334 -5.78 -4.43 -32.58
C ALA F 334 -5.07 -5.49 -33.43
N ARG F 335 -5.53 -6.72 -33.35
CA ARG F 335 -4.93 -7.77 -34.15
C ARG F 335 -5.06 -7.44 -35.65
N VAL F 336 -6.20 -6.90 -36.07
CA VAL F 336 -6.44 -6.58 -37.46
C VAL F 336 -5.74 -5.30 -37.88
N HIS F 337 -5.83 -4.25 -37.09
CA HIS F 337 -5.29 -2.94 -37.50
C HIS F 337 -3.88 -2.66 -37.00
N GLU F 338 -3.37 -3.50 -36.11
CA GLU F 338 -2.01 -3.39 -35.58
C GLU F 338 -1.59 -1.97 -35.23
N PRO F 339 -2.25 -1.36 -34.24
CA PRO F 339 -1.94 -0.03 -33.75
C PRO F 339 -0.90 -0.10 -32.67
N ASP F 340 -0.48 1.04 -32.13
CA ASP F 340 0.47 1.03 -31.01
C ASP F 340 -0.34 1.07 -29.72
N MET F 341 -0.38 -0.03 -28.98
CA MET F 341 -1.28 -0.07 -27.82
C MET F 341 -0.88 0.89 -26.67
N ASP F 342 0.27 1.51 -26.76
CA ASP F 342 0.54 2.61 -25.88
C ASP F 342 -0.33 3.84 -26.18
N ARG F 343 -0.87 3.90 -27.40
CA ARG F 343 -1.73 5.00 -27.81
C ARG F 343 -3.19 4.60 -27.77
N VAL F 344 -3.51 3.42 -27.25
CA VAL F 344 -4.88 2.92 -27.25
C VAL F 344 -5.47 2.87 -25.84
N ASN F 345 -6.62 3.51 -25.65
CA ASN F 345 -7.21 3.72 -24.31
C ASN F 345 -6.18 4.08 -23.24
N VAL F 346 -5.45 5.17 -23.51
CA VAL F 346 -4.34 5.59 -22.68
C VAL F 346 -4.77 5.98 -21.30
N ASN F 347 -6.03 6.42 -21.12
CA ASN F 347 -6.53 6.78 -19.79
C ASN F 347 -7.51 5.76 -19.17
N GLY F 348 -7.35 4.51 -19.53
CA GLY F 348 -8.28 3.47 -19.10
C GLY F 348 -9.53 3.45 -19.97
N GLY F 349 -10.24 2.33 -19.96
CA GLY F 349 -11.45 2.20 -20.70
C GLY F 349 -12.59 1.67 -19.88
N ALA F 350 -13.73 1.50 -20.56
CA ALA F 350 -14.99 1.14 -19.95
C ALA F 350 -14.91 -0.06 -19.02
N ILE F 351 -14.02 -1.01 -19.27
CA ILE F 351 -13.81 -2.11 -18.32
C ILE F 351 -13.61 -1.57 -16.89
N ALA F 352 -12.88 -0.48 -16.72
CA ALA F 352 -12.64 0.09 -15.40
C ALA F 352 -13.48 1.32 -15.10
N LEU F 353 -13.73 2.16 -16.10
CA LEU F 353 -14.48 3.40 -15.92
C LEU F 353 -15.99 3.20 -16.10
N GLY F 354 -16.40 2.01 -16.57
CA GLY F 354 -17.82 1.74 -16.78
C GLY F 354 -18.38 2.30 -18.08
N HIS F 355 -19.61 1.93 -18.40
CA HIS F 355 -20.11 2.12 -19.76
C HIS F 355 -21.63 2.44 -19.83
N PRO F 356 -22.01 3.62 -19.35
CA PRO F 356 -23.37 4.03 -19.60
C PRO F 356 -23.58 4.17 -21.10
N VAL F 357 -24.36 3.25 -21.64
CA VAL F 357 -24.38 2.93 -23.04
C VAL F 357 -24.66 4.16 -23.91
N GLY F 358 -25.78 4.82 -23.66
CA GLY F 358 -26.13 6.00 -24.44
C GLY F 358 -25.14 7.15 -24.30
N CYS F 359 -24.35 7.13 -23.23
CA CYS F 359 -23.46 8.24 -22.88
C CYS F 359 -22.07 8.09 -23.48
N THR F 360 -21.54 6.87 -23.48
CA THR F 360 -20.14 6.60 -23.77
C THR F 360 -19.61 7.29 -25.02
N GLY F 361 -20.38 7.23 -26.10
CA GLY F 361 -19.95 7.82 -27.36
C GLY F 361 -19.53 9.25 -27.16
N SER F 362 -20.37 10.05 -26.50
CA SER F 362 -19.99 11.41 -26.25
C SER F 362 -18.87 11.47 -25.18
N ARG F 363 -18.85 10.50 -24.29
CA ARG F 363 -17.79 10.49 -23.31
C ARG F 363 -16.42 10.25 -24.00
N LEU F 364 -16.38 9.30 -24.92
CA LEU F 364 -15.15 8.99 -25.58
C LEU F 364 -14.64 10.18 -26.32
N ILE F 365 -15.48 10.79 -27.14
CA ILE F 365 -15.03 12.02 -27.82
C ILE F 365 -14.49 13.02 -26.81
N THR F 366 -15.26 13.24 -25.74
CA THR F 366 -14.79 14.14 -24.70
C THR F 366 -13.39 13.71 -24.23
N THR F 367 -13.28 12.48 -23.73
CA THR F 367 -12.01 12.01 -23.20
C THR F 367 -10.90 12.24 -24.21
N ALA F 368 -11.15 11.91 -25.46
CA ALA F 368 -10.11 12.01 -26.48
C ALA F 368 -9.61 13.48 -26.60
N LEU F 369 -10.56 14.38 -26.85
CA LEU F 369 -10.22 15.75 -27.09
C LEU F 369 -9.28 16.22 -26.01
N HIS F 370 -9.64 15.96 -24.76
CA HIS F 370 -8.87 16.42 -23.61
C HIS F 370 -7.45 15.81 -23.64
N GLU F 371 -7.35 14.54 -24.02
CA GLU F 371 -6.04 13.89 -23.99
C GLU F 371 -5.15 14.51 -25.03
N LEU F 372 -5.68 14.73 -26.24
CA LEU F 372 -4.94 15.38 -27.31
C LEU F 372 -4.44 16.72 -26.79
N GLU F 373 -5.31 17.43 -26.06
CA GLU F 373 -4.92 18.69 -25.52
C GLU F 373 -3.83 18.51 -24.44
N ARG F 374 -4.03 17.56 -23.55
CA ARG F 374 -3.06 17.41 -22.49
C ARG F 374 -1.69 17.14 -23.07
N THR F 375 -1.61 16.25 -24.04
CA THR F 375 -0.36 15.77 -24.59
C THR F 375 0.12 16.61 -25.78
N ASP F 376 -0.66 17.63 -26.11
CA ASP F 376 -0.37 18.50 -27.22
C ASP F 376 -0.21 17.75 -28.52
N GLN F 377 -1.04 16.75 -28.73
CA GLN F 377 -1.02 15.96 -29.97
C GLN F 377 -2.23 16.29 -30.85
N SER F 378 -2.36 15.64 -32.01
CA SER F 378 -3.28 16.16 -33.02
C SER F 378 -4.47 15.30 -33.38
N LEU F 379 -4.22 14.09 -33.85
CA LEU F 379 -5.30 13.25 -34.34
C LEU F 379 -5.72 12.26 -33.28
N ALA F 380 -7.03 12.04 -33.15
CA ALA F 380 -7.56 10.95 -32.33
C ALA F 380 -8.62 10.18 -33.04
N LEU F 381 -8.67 8.88 -32.83
CA LEU F 381 -9.68 8.03 -33.43
C LEU F 381 -10.61 7.53 -32.32
N ILE F 382 -11.91 7.62 -32.56
CA ILE F 382 -12.87 7.02 -31.65
C ILE F 382 -13.70 6.01 -32.44
N THR F 383 -13.81 4.81 -31.90
CA THR F 383 -14.56 3.72 -32.57
C THR F 383 -15.23 2.82 -31.55
N MET F 384 -16.45 2.37 -31.87
CA MET F 384 -17.26 1.56 -30.98
C MET F 384 -18.02 0.48 -31.73
N CYS F 385 -18.03 -0.74 -31.18
CA CYS F 385 -18.98 -1.76 -31.59
C CYS F 385 -20.37 -1.46 -31.01
N ALA F 386 -21.40 -1.99 -31.64
CA ALA F 386 -22.74 -1.73 -31.14
C ALA F 386 -23.78 -2.77 -31.52
N GLY F 387 -24.77 -2.95 -30.66
CA GLY F 387 -25.82 -3.90 -30.93
C GLY F 387 -26.42 -3.75 -32.31
N GLY F 388 -26.97 -4.83 -32.85
CA GLY F 388 -27.46 -4.85 -34.23
C GLY F 388 -26.36 -4.94 -35.29
N ALA F 389 -25.14 -5.17 -34.84
CA ALA F 389 -23.99 -5.25 -35.70
C ALA F 389 -23.76 -3.94 -36.43
N LEU F 390 -23.41 -2.92 -35.66
CA LEU F 390 -23.10 -1.60 -36.18
C LEU F 390 -21.91 -1.03 -35.45
N SER F 391 -21.10 -0.23 -36.12
CA SER F 391 -20.01 0.43 -35.45
C SER F 391 -19.92 1.86 -35.85
N THR F 392 -19.67 2.73 -34.90
CA THR F 392 -19.42 4.12 -35.18
C THR F 392 -17.94 4.36 -35.21
N GLY F 393 -17.54 5.46 -35.86
CA GLY F 393 -16.11 5.79 -36.05
C GLY F 393 -15.93 7.26 -36.31
N THR F 394 -14.94 7.86 -35.66
CA THR F 394 -14.65 9.27 -35.87
C THR F 394 -13.17 9.50 -35.80
N ILE F 395 -12.66 10.39 -36.64
CA ILE F 395 -11.31 10.87 -36.49
C ILE F 395 -11.45 12.34 -36.26
N ILE F 396 -11.10 12.79 -35.07
CA ILE F 396 -11.13 14.21 -34.74
C ILE F 396 -9.72 14.71 -34.77
N GLU F 397 -9.58 16.03 -34.90
CA GLU F 397 -8.29 16.69 -35.12
C GLU F 397 -8.27 18.02 -34.36
N ARG F 398 -7.23 18.27 -33.58
CA ARG F 398 -7.17 19.53 -32.82
C ARG F 398 -6.97 20.70 -33.73
N ILE F 399 -7.42 21.86 -33.31
CA ILE F 399 -7.35 23.04 -34.14
C ILE F 399 -6.41 24.00 -33.42
N GLY G 7 17.05 -39.09 23.57
CA GLY G 7 15.61 -39.42 23.84
C GLY G 7 14.88 -39.98 22.64
N SER G 8 13.66 -39.46 22.38
CA SER G 8 12.86 -39.74 21.17
C SER G 8 11.42 -39.35 21.43
N MET G 9 10.93 -38.25 20.84
CA MET G 9 9.54 -37.76 21.05
C MET G 9 8.56 -38.20 19.97
N GLY G 10 7.31 -37.74 20.05
CA GLY G 10 6.24 -38.30 19.23
C GLY G 10 5.19 -37.33 18.79
N TYR G 11 4.34 -37.83 17.89
CA TYR G 11 3.33 -37.11 17.18
C TYR G 11 1.95 -37.75 17.51
N PRO G 12 1.31 -37.39 18.64
CA PRO G 12 0.10 -38.12 19.05
C PRO G 12 -1.08 -37.88 18.12
N VAL G 13 -1.73 -38.95 17.67
CA VAL G 13 -2.97 -38.83 16.88
C VAL G 13 -4.02 -39.81 17.37
N ILE G 14 -5.29 -39.41 17.23
CA ILE G 14 -6.40 -40.32 17.54
C ILE G 14 -6.51 -41.32 16.39
N VAL G 15 -6.62 -42.58 16.74
CA VAL G 15 -6.67 -43.66 15.77
C VAL G 15 -8.04 -44.34 15.86
N GLU G 16 -8.60 -44.42 17.07
CA GLU G 16 -9.95 -44.92 17.27
C GLU G 16 -10.60 -44.35 18.50
N ALA G 17 -11.91 -44.33 18.50
CA ALA G 17 -12.68 -43.78 19.65
C ALA G 17 -14.05 -44.42 19.73
N THR G 18 -14.48 -44.77 20.92
CA THR G 18 -15.77 -45.41 21.01
C THR G 18 -16.35 -45.18 22.38
N ARG G 19 -17.66 -45.42 22.52
CA ARG G 19 -18.36 -45.19 23.79
C ARG G 19 -19.46 -46.18 23.95
N SER G 20 -19.85 -46.49 25.19
CA SER G 20 -21.04 -47.32 25.41
C SER G 20 -22.19 -46.42 25.18
N PRO G 21 -23.40 -46.97 25.04
CA PRO G 21 -24.52 -46.04 25.17
C PRO G 21 -24.54 -45.58 26.60
N ILE G 22 -25.18 -44.43 26.86
CA ILE G 22 -25.22 -43.82 28.19
C ILE G 22 -26.52 -44.19 28.84
N GLY G 23 -26.43 -44.87 29.97
CA GLY G 23 -27.65 -45.31 30.66
C GLY G 23 -28.17 -44.35 31.70
N LYS G 24 -29.46 -44.47 32.01
CA LYS G 24 -30.06 -43.62 33.02
C LYS G 24 -29.75 -44.21 34.37
N ARG G 25 -30.00 -43.42 35.42
CA ARG G 25 -29.75 -43.85 36.79
C ARG G 25 -30.67 -45.01 37.12
N ASN G 26 -30.10 -46.07 37.65
CA ASN G 26 -30.83 -47.35 37.73
C ASN G 26 -31.44 -47.77 36.40
N GLY G 27 -30.79 -47.42 35.32
CA GLY G 27 -31.28 -47.72 33.99
C GLY G 27 -30.59 -48.91 33.35
N TRP G 28 -30.41 -48.85 32.04
CA TRP G 28 -30.03 -50.04 31.30
C TRP G 28 -28.63 -50.57 31.56
N LEU G 29 -27.74 -49.80 32.15
CA LEU G 29 -26.40 -50.30 32.48
C LEU G 29 -26.14 -50.43 33.96
N SER G 30 -27.15 -50.16 34.76
CA SER G 30 -26.98 -50.13 36.22
C SER G 30 -26.67 -51.53 36.78
N GLY G 31 -26.98 -52.55 36.01
CA GLY G 31 -26.59 -53.91 36.34
C GLY G 31 -25.11 -54.20 36.30
N LEU G 32 -24.32 -53.44 35.54
CA LEU G 32 -22.88 -53.71 35.44
C LEU G 32 -22.05 -53.08 36.57
N HIS G 33 -21.16 -53.87 37.16
CA HIS G 33 -20.16 -53.34 38.06
C HIS G 33 -19.37 -52.28 37.26
N ALA G 34 -19.11 -51.13 37.88
CA ALA G 34 -18.44 -50.02 37.20
C ALA G 34 -17.16 -50.49 36.47
N THR G 35 -16.44 -51.42 37.09
CA THR G 35 -15.26 -51.96 36.45
C THR G 35 -15.56 -52.71 35.19
N GLU G 36 -16.73 -53.36 35.09
CA GLU G 36 -17.09 -54.10 33.88
C GLU G 36 -17.45 -53.17 32.72
N LEU G 37 -18.10 -52.08 33.05
CA LEU G 37 -18.50 -51.17 32.03
C LEU G 37 -17.26 -50.60 31.39
N LEU G 38 -16.32 -50.13 32.22
CA LEU G 38 -15.12 -49.51 31.70
C LEU G 38 -14.31 -50.54 30.92
N GLY G 39 -14.19 -51.74 31.48
CA GLY G 39 -13.48 -52.84 30.82
C GLY G 39 -14.04 -53.13 29.44
N ALA G 40 -15.37 -53.15 29.33
CA ALA G 40 -16.05 -53.44 28.08
C ALA G 40 -15.63 -52.46 27.00
N VAL G 41 -15.54 -51.18 27.36
CA VAL G 41 -15.25 -50.12 26.42
C VAL G 41 -13.75 -50.12 26.09
N GLN G 42 -12.94 -50.38 27.11
CA GLN G 42 -11.49 -50.52 26.91
C GLN G 42 -11.18 -51.62 25.89
N LYS G 43 -11.93 -52.70 26.00
CA LYS G 43 -11.79 -53.77 25.05
C LYS G 43 -12.39 -53.36 23.69
N ALA G 44 -13.48 -52.58 23.73
CA ALA G 44 -14.13 -52.12 22.52
C ALA G 44 -13.15 -51.36 21.61
N VAL G 45 -12.49 -50.31 22.12
CA VAL G 45 -11.60 -49.57 21.24
C VAL G 45 -10.57 -50.51 20.65
N VAL G 46 -9.90 -51.30 21.49
CA VAL G 46 -8.80 -52.11 20.97
C VAL G 46 -9.32 -53.02 19.90
N ASP G 47 -10.46 -53.63 20.15
CA ASP G 47 -11.06 -54.52 19.19
C ASP G 47 -11.35 -53.76 17.93
N LYS G 48 -12.00 -52.61 18.04
CA LYS G 48 -12.29 -51.79 16.88
C LYS G 48 -11.01 -51.65 16.06
N ALA G 49 -9.91 -51.31 16.70
CA ALA G 49 -8.67 -51.06 15.96
C ALA G 49 -8.12 -52.32 15.36
N GLY G 50 -8.52 -53.45 15.90
CA GLY G 50 -8.02 -54.74 15.45
C GLY G 50 -8.65 -55.24 14.19
N ILE G 51 -9.82 -54.71 13.83
CA ILE G 51 -10.47 -55.12 12.60
C ILE G 51 -9.55 -54.96 11.40
N GLN G 52 -8.90 -53.80 11.33
CA GLN G 52 -8.26 -53.35 10.09
C GLN G 52 -6.75 -53.41 10.17
N SER G 53 -6.22 -53.94 11.26
CA SER G 53 -4.79 -53.86 11.53
C SER G 53 -4.33 -55.02 12.40
N GLY G 54 -3.03 -55.04 12.70
CA GLY G 54 -2.47 -56.07 13.55
C GLY G 54 -2.70 -55.79 15.01
N LEU G 55 -2.89 -54.51 15.33
CA LEU G 55 -2.92 -54.03 16.71
C LEU G 55 -3.69 -54.96 17.63
N HIS G 56 -3.08 -55.26 18.78
CA HIS G 56 -3.78 -56.03 19.82
C HIS G 56 -3.54 -55.39 21.16
N ALA G 57 -4.41 -55.72 22.12
CA ALA G 57 -4.45 -55.06 23.44
C ALA G 57 -3.09 -54.96 24.11
N GLY G 58 -2.27 -55.99 23.95
CA GLY G 58 -0.91 -55.98 24.45
C GLY G 58 -0.08 -54.80 23.94
N ASP G 59 -0.44 -54.29 22.77
CA ASP G 59 0.26 -53.17 22.16
C ASP G 59 0.04 -51.82 22.86
N VAL G 60 -1.03 -51.74 23.63
CA VAL G 60 -1.27 -50.56 24.43
C VAL G 60 -0.22 -50.53 25.52
N GLU G 61 0.30 -49.36 25.85
CA GLU G 61 1.37 -49.26 26.85
C GLU G 61 0.91 -48.72 28.16
N GLN G 62 0.12 -47.64 28.08
CA GLN G 62 -0.51 -47.01 29.23
C GLN G 62 -1.99 -46.70 28.98
N VAL G 63 -2.78 -46.84 30.02
CA VAL G 63 -4.16 -46.43 30.01
C VAL G 63 -4.30 -45.36 31.07
N ILE G 64 -5.07 -44.30 30.77
CA ILE G 64 -5.41 -43.29 31.76
C ILE G 64 -6.94 -43.07 31.71
N GLY G 65 -7.62 -43.34 32.83
CA GLY G 65 -9.07 -43.20 32.90
C GLY G 65 -9.51 -42.12 33.86
N GLY G 66 -10.48 -41.30 33.41
CA GLY G 66 -11.13 -40.29 34.25
C GLY G 66 -12.26 -40.91 35.03
N CYS G 67 -12.33 -40.58 36.33
CA CYS G 67 -13.41 -41.03 37.21
C CYS G 67 -13.48 -40.17 38.43
N VAL G 68 -14.66 -39.63 38.69
CA VAL G 68 -14.85 -38.59 39.68
C VAL G 68 -15.04 -39.18 41.06
N THR G 69 -16.07 -39.97 41.31
CA THR G 69 -16.36 -40.38 42.68
C THR G 69 -15.65 -41.66 42.94
N GLN G 70 -14.35 -41.57 43.19
CA GLN G 70 -13.49 -42.75 43.13
C GLN G 70 -13.61 -43.58 44.39
N PHE G 71 -14.80 -44.14 44.60
CA PHE G 71 -15.11 -44.82 45.85
C PHE G 71 -15.64 -46.22 45.61
N GLY G 72 -15.33 -47.13 46.48
CA GLY G 72 -15.88 -48.46 46.31
C GLY G 72 -15.53 -49.02 44.95
N GLU G 73 -16.53 -49.38 44.14
CA GLU G 73 -16.26 -49.99 42.84
C GLU G 73 -15.31 -49.09 42.05
N GLN G 74 -15.31 -47.80 42.37
CA GLN G 74 -14.50 -46.86 41.62
C GLN G 74 -13.27 -46.42 42.39
N SER G 75 -13.03 -47.05 43.52
CA SER G 75 -11.77 -46.89 44.21
C SER G 75 -10.72 -47.77 43.59
N ASN G 76 -9.51 -47.68 44.12
CA ASN G 76 -8.39 -48.47 43.69
C ASN G 76 -8.09 -48.45 42.19
N ASN G 77 -8.00 -47.25 41.66
CA ASN G 77 -7.52 -47.05 40.33
C ASN G 77 -8.32 -47.91 39.36
N ILE G 78 -9.53 -47.46 39.10
CA ILE G 78 -10.49 -48.25 38.32
C ILE G 78 -9.95 -48.63 36.97
N SER G 79 -9.17 -47.73 36.37
CA SER G 79 -8.71 -47.97 35.01
C SER G 79 -7.93 -49.31 34.92
N ARG G 80 -7.04 -49.52 35.89
CA ARG G 80 -6.29 -50.75 36.00
C ARG G 80 -7.20 -51.96 36.22
N VAL G 81 -8.07 -51.85 37.21
CA VAL G 81 -8.90 -52.96 37.56
C VAL G 81 -9.81 -53.31 36.40
N ALA G 82 -10.47 -52.32 35.84
CA ALA G 82 -11.28 -52.53 34.62
C ALA G 82 -10.53 -53.32 33.56
N TRP G 83 -9.30 -52.90 33.26
CA TRP G 83 -8.46 -53.57 32.28
C TRP G 83 -8.27 -55.05 32.67
N LEU G 84 -7.76 -55.29 33.87
CA LEU G 84 -7.54 -56.67 34.30
C LEU G 84 -8.84 -57.47 34.25
N THR G 85 -9.94 -56.86 34.69
CA THR G 85 -11.23 -57.54 34.69
C THR G 85 -11.75 -57.88 33.30
N ALA G 86 -11.42 -57.07 32.30
CA ALA G 86 -11.80 -57.41 30.90
C ALA G 86 -10.94 -58.55 30.34
N GLY G 87 -10.00 -59.01 31.15
CA GLY G 87 -9.06 -60.01 30.71
C GLY G 87 -8.03 -59.47 29.74
N LEU G 88 -7.72 -58.21 29.82
CA LEU G 88 -6.73 -57.66 28.92
C LEU G 88 -5.37 -57.80 29.62
N PRO G 89 -4.28 -57.70 28.84
CA PRO G 89 -2.92 -57.98 29.32
C PRO G 89 -2.47 -57.23 30.56
N GLU G 90 -1.84 -57.96 31.46
CA GLU G 90 -1.43 -57.41 32.73
C GLU G 90 -0.21 -56.50 32.66
N HIS G 91 0.58 -56.57 31.60
CA HIS G 91 1.75 -55.66 31.47
C HIS G 91 1.43 -54.21 31.11
N VAL G 92 0.19 -53.91 30.76
CA VAL G 92 -0.18 -52.59 30.33
C VAL G 92 -0.41 -51.76 31.58
N GLY G 93 0.31 -50.65 31.71
CA GLY G 93 0.16 -49.76 32.86
C GLY G 93 -1.10 -48.96 32.71
N ALA G 94 -1.64 -48.47 33.84
CA ALA G 94 -2.85 -47.66 33.84
C ALA G 94 -2.99 -46.84 35.13
N THR G 95 -3.47 -45.61 34.95
CA THR G 95 -3.66 -44.60 35.99
C THR G 95 -5.09 -44.08 35.87
N THR G 96 -5.64 -43.56 36.97
CA THR G 96 -6.97 -42.97 36.97
C THR G 96 -6.90 -41.51 37.45
N VAL G 97 -7.68 -40.60 36.87
CA VAL G 97 -7.51 -39.17 37.18
C VAL G 97 -8.80 -38.46 37.57
N ASP G 98 -8.63 -37.36 38.29
CA ASP G 98 -9.75 -36.55 38.74
C ASP G 98 -9.39 -35.09 38.58
N CYS G 99 -9.98 -34.45 37.56
CA CYS G 99 -10.27 -33.06 37.65
C CYS G 99 -11.74 -32.94 37.36
N GLN G 100 -12.51 -33.51 38.30
CA GLN G 100 -13.98 -33.56 38.26
C GLN G 100 -14.57 -33.89 36.86
N OAS G 101 -15.39 -33.00 36.30
CA OAS G 101 -16.13 -33.31 35.09
CB OAS G 101 -17.40 -32.46 35.01
OG OAS G 101 -18.07 -32.49 36.31
C OAS G 101 -15.15 -33.19 33.99
O OAS G 101 -15.40 -33.65 32.88
C2A OAS G 101 -19.08 -30.18 36.95
C1A OAS G 101 -18.21 -31.36 37.31
OAC OAS G 101 -17.66 -31.33 38.40
N GLY G 102 -13.98 -32.62 34.27
CA GLY G 102 -12.97 -32.47 33.24
C GLY G 102 -12.15 -33.70 33.05
N SER G 103 -12.37 -34.70 33.91
CA SER G 103 -11.39 -35.80 34.06
C SER G 103 -11.09 -36.53 32.75
N GLY G 104 -12.14 -37.00 32.10
CA GLY G 104 -12.01 -37.84 30.94
C GLY G 104 -11.61 -37.05 29.73
N GLN G 105 -11.67 -35.73 29.81
CA GLN G 105 -11.10 -34.92 28.75
C GLN G 105 -9.60 -34.72 29.07
N GLN G 106 -9.34 -34.34 30.32
CA GLN G 106 -7.97 -34.18 30.79
C GLN G 106 -7.15 -35.48 30.52
N ALA G 107 -7.82 -36.62 30.50
CA ALA G 107 -7.19 -37.89 30.26
C ALA G 107 -6.65 -37.96 28.85
N ASN G 108 -7.39 -37.48 27.87
CA ASN G 108 -6.85 -37.47 26.50
C ASN G 108 -5.66 -36.53 26.41
N HIS G 109 -5.65 -35.44 27.16
CA HIS G 109 -4.49 -34.55 27.12
C HIS G 109 -3.21 -35.29 27.60
N LEU G 110 -3.37 -36.08 28.64
CA LEU G 110 -2.25 -36.67 29.31
C LEU G 110 -1.64 -37.78 28.51
N ILE G 111 -2.47 -38.58 27.84
CA ILE G 111 -1.97 -39.59 26.92
C ILE G 111 -1.29 -38.89 25.75
N ALA G 112 -1.89 -37.82 25.28
CA ALA G 112 -1.28 -37.07 24.19
C ALA G 112 0.10 -36.54 24.59
N GLY G 113 0.22 -36.06 25.83
CA GLY G 113 1.52 -35.64 26.35
C GLY G 113 2.53 -36.79 26.42
N LEU G 114 2.14 -37.96 26.96
CA LEU G 114 3.09 -39.01 27.14
C LEU G 114 3.62 -39.49 25.78
N ILE G 115 2.76 -39.56 24.77
CA ILE G 115 3.20 -39.89 23.42
C ILE G 115 4.20 -38.81 22.94
N ALA G 116 3.79 -37.55 23.12
CA ALA G 116 4.62 -36.44 22.75
C ALA G 116 5.99 -36.55 23.36
N ALA G 117 6.06 -36.91 24.61
CA ALA G 117 7.34 -36.92 25.34
C ALA G 117 8.17 -38.15 24.99
N GLY G 118 7.60 -39.02 24.17
CA GLY G 118 8.22 -40.27 23.82
C GLY G 118 8.15 -41.35 24.89
N ALA G 119 7.29 -41.18 25.88
CA ALA G 119 7.14 -42.16 26.93
C ALA G 119 6.48 -43.40 26.42
N ILE G 120 5.48 -43.26 25.56
CA ILE G 120 4.81 -44.43 24.96
C ILE G 120 4.47 -44.18 23.51
N ASP G 121 4.23 -45.27 22.77
CA ASP G 121 3.74 -45.16 21.39
C ASP G 121 2.29 -45.48 21.18
N VAL G 122 1.66 -46.11 22.17
CA VAL G 122 0.27 -46.48 22.06
C VAL G 122 -0.38 -46.35 23.44
N GLY G 123 -1.42 -45.52 23.50
CA GLY G 123 -2.12 -45.25 24.74
C GLY G 123 -3.63 -45.26 24.57
N ILE G 124 -4.33 -45.47 25.68
CA ILE G 124 -5.76 -45.35 25.69
C ILE G 124 -6.18 -44.33 26.72
N ALA G 125 -6.87 -43.28 26.27
CA ALA G 125 -7.54 -42.36 27.18
C ALA G 125 -8.97 -42.84 27.32
N CYS G 126 -9.51 -42.79 28.52
CA CYS G 126 -10.86 -43.24 28.73
C CYS G 126 -11.47 -42.60 29.97
N GLY G 127 -12.75 -42.87 30.18
CA GLY G 127 -13.47 -42.31 31.30
C GLY G 127 -14.62 -43.23 31.60
N ILE G 128 -14.92 -43.32 32.89
CA ILE G 128 -15.97 -44.20 33.42
C ILE G 128 -16.69 -43.40 34.46
N GLU G 129 -18.01 -43.53 34.48
CA GLU G 129 -18.79 -43.21 35.70
C GLU G 129 -20.04 -44.07 35.73
N ALA G 130 -20.31 -44.65 36.88
CA ALA G 130 -21.41 -45.58 37.08
C ALA G 130 -22.22 -45.04 38.25
N MET G 131 -22.91 -43.94 37.96
CA MET G 131 -23.54 -43.14 39.00
C MET G 131 -24.69 -43.95 39.66
N SER G 132 -25.32 -44.81 38.88
CA SER G 132 -26.25 -45.74 39.48
C SER G 132 -25.62 -46.42 40.67
N ARG G 133 -24.35 -46.70 40.63
CA ARG G 133 -23.72 -47.55 41.63
C ARG G 133 -22.81 -46.84 42.61
N VAL G 134 -22.20 -45.72 42.18
CA VAL G 134 -21.43 -44.88 43.07
C VAL G 134 -21.88 -43.48 42.85
N GLY G 135 -22.69 -42.98 43.74
CA GLY G 135 -23.30 -41.69 43.56
C GLY G 135 -22.39 -40.58 44.04
N LEU G 136 -22.63 -39.40 43.50
CA LEU G 136 -21.88 -38.23 43.91
C LEU G 136 -21.96 -38.18 45.42
N GLY G 137 -20.83 -37.93 46.10
CA GLY G 137 -20.83 -37.89 47.56
C GLY G 137 -20.33 -39.15 48.23
N ALA G 138 -20.56 -40.30 47.58
CA ALA G 138 -20.00 -41.55 48.06
C ALA G 138 -18.58 -41.42 48.59
N ASN G 139 -17.82 -40.47 48.04
CA ASN G 139 -16.42 -40.38 48.34
C ASN G 139 -16.09 -39.49 49.50
N ALA G 140 -17.07 -39.21 50.34
CA ALA G 140 -16.84 -38.41 51.53
C ALA G 140 -17.87 -38.78 52.53
N GLY G 141 -17.58 -38.54 53.80
CA GLY G 141 -18.55 -38.83 54.85
C GLY G 141 -19.75 -37.91 54.69
N PRO G 142 -20.77 -38.10 55.53
CA PRO G 142 -21.98 -37.28 55.42
C PRO G 142 -21.71 -35.84 55.81
N ASP G 143 -20.79 -35.63 56.75
CA ASP G 143 -20.44 -34.29 57.21
C ASP G 143 -19.51 -33.62 56.23
N ARG G 144 -20.06 -33.06 55.16
CA ARG G 144 -19.22 -32.50 54.08
C ARG G 144 -18.48 -31.22 54.46
N SER G 145 -18.76 -30.69 55.64
CA SER G 145 -17.96 -29.62 56.22
C SER G 145 -16.51 -30.07 56.40
N LEU G 146 -16.33 -31.37 56.64
CA LEU G 146 -15.04 -31.90 57.05
C LEU G 146 -14.06 -32.03 55.92
N ILE G 147 -14.53 -32.03 54.68
CA ILE G 147 -13.59 -32.21 53.58
C ILE G 147 -12.86 -30.91 53.17
N ARG G 148 -13.10 -29.82 53.89
CA ARG G 148 -12.29 -28.63 53.78
C ARG G 148 -11.67 -28.31 55.13
N ALA G 149 -10.45 -27.79 55.10
CA ALA G 149 -9.80 -27.26 56.28
C ALA G 149 -10.68 -26.18 56.86
N GLN G 150 -10.48 -25.90 58.15
CA GLN G 150 -11.28 -24.95 58.90
C GLN G 150 -10.93 -23.52 58.48
N SER G 151 -9.80 -23.34 57.83
CA SER G 151 -9.39 -22.03 57.36
C SER G 151 -10.22 -21.55 56.19
N TRP G 152 -10.78 -22.49 55.44
CA TRP G 152 -11.33 -22.22 54.11
C TRP G 152 -12.31 -21.11 54.16
N ASP G 153 -12.05 -20.04 53.41
CA ASP G 153 -13.06 -18.99 53.15
C ASP G 153 -13.02 -18.48 51.70
N ILE G 154 -13.36 -19.37 50.79
CA ILE G 154 -13.55 -19.02 49.42
C ILE G 154 -15.02 -19.19 49.13
N ASP G 155 -15.62 -18.21 48.46
CA ASP G 155 -17.04 -18.29 48.16
C ASP G 155 -17.23 -19.15 46.96
N LEU G 156 -17.06 -20.46 47.16
CA LEU G 156 -17.15 -21.44 46.09
C LEU G 156 -18.48 -22.15 46.23
N PRO G 157 -19.51 -21.68 45.53
CA PRO G 157 -20.84 -22.18 45.75
C PRO G 157 -21.00 -23.58 45.26
N ASN G 158 -22.08 -24.23 45.69
CA ASN G 158 -22.42 -25.54 45.18
C ASN G 158 -22.79 -25.36 43.71
N GLN G 159 -22.97 -26.44 42.99
CA GLN G 159 -23.13 -26.31 41.55
C GLN G 159 -24.48 -25.85 41.14
N PHE G 160 -25.52 -26.24 41.85
CA PHE G 160 -26.84 -25.72 41.52
C PHE G 160 -26.98 -24.22 41.75
N GLU G 161 -26.42 -23.72 42.85
CA GLU G 161 -26.33 -22.29 43.07
C GLU G 161 -25.43 -21.60 42.03
N ALA G 162 -24.38 -22.27 41.59
CA ALA G 162 -23.51 -21.70 40.57
C ALA G 162 -24.28 -21.43 39.28
N ALA G 163 -25.13 -22.38 38.89
CA ALA G 163 -25.89 -22.21 37.66
C ALA G 163 -26.83 -21.02 37.76
N GLU G 164 -27.29 -20.72 38.97
CA GLU G 164 -28.10 -19.51 39.21
C GLU G 164 -27.26 -18.22 39.18
N ARG G 165 -26.17 -18.21 39.93
CA ARG G 165 -25.26 -17.10 39.91
C ARG G 165 -24.79 -16.73 38.53
N ILE G 166 -24.50 -17.74 37.71
CA ILE G 166 -24.09 -17.52 36.34
C ILE G 166 -25.24 -16.92 35.58
N ALA G 167 -26.42 -17.52 35.71
CA ALA G 167 -27.61 -17.03 34.98
C ALA G 167 -27.83 -15.55 35.23
N LYS G 168 -27.79 -15.16 36.51
CA LYS G 168 -27.99 -13.76 36.91
C LYS G 168 -26.94 -12.87 36.26
N ARG G 169 -25.70 -13.32 36.28
CA ARG G 169 -24.61 -12.57 35.68
C ARG G 169 -24.90 -12.20 34.22
N ARG G 170 -25.52 -13.10 33.49
CA ARG G 170 -25.71 -12.92 32.05
C ARG G 170 -27.13 -12.60 31.67
N GLY G 171 -28.00 -12.44 32.66
CA GLY G 171 -29.41 -12.19 32.38
C GLY G 171 -30.04 -13.34 31.64
N ILE G 172 -29.71 -14.56 32.04
CA ILE G 172 -30.34 -15.72 31.47
C ILE G 172 -31.59 -16.05 32.26
N THR G 173 -32.67 -16.30 31.54
CA THR G 173 -33.98 -16.47 32.11
C THR G 173 -34.51 -17.91 32.01
N ARG G 174 -35.56 -18.18 32.74
CA ARG G 174 -36.15 -19.51 32.74
C ARG G 174 -36.58 -19.89 31.33
N GLU G 175 -37.12 -18.94 30.59
CA GLU G 175 -37.48 -19.25 29.22
C GLU G 175 -36.20 -19.60 28.47
N ASP G 176 -35.15 -18.78 28.63
CA ASP G 176 -33.90 -18.99 27.92
C ASP G 176 -33.46 -20.43 28.07
N VAL G 177 -33.30 -20.86 29.30
CA VAL G 177 -32.84 -22.20 29.55
C VAL G 177 -33.81 -23.25 29.04
N ASP G 178 -35.10 -23.09 29.31
CA ASP G 178 -36.07 -24.10 28.89
C ASP G 178 -35.99 -24.32 27.38
N VAL G 179 -35.72 -23.25 26.64
CA VAL G 179 -35.54 -23.35 25.21
C VAL G 179 -34.32 -24.18 24.90
N PHE G 180 -33.16 -23.81 25.43
CA PHE G 180 -31.95 -24.59 25.19
C PHE G 180 -32.19 -26.05 25.56
N GLY G 181 -32.72 -26.25 26.76
CA GLY G 181 -33.04 -27.57 27.25
C GLY G 181 -33.79 -28.35 26.21
N LEU G 182 -34.84 -27.75 25.66
CA LEU G 182 -35.66 -28.41 24.66
C LEU G 182 -34.87 -28.77 23.44
N GLU G 183 -33.99 -27.88 22.98
CA GLU G 183 -33.26 -28.11 21.74
C GLU G 183 -32.35 -29.31 21.86
N SER G 184 -31.75 -29.45 23.04
CA SER G 184 -30.84 -30.56 23.30
C SER G 184 -31.56 -31.87 23.05
N GLN G 185 -32.77 -31.99 23.61
CA GLN G 185 -33.61 -33.17 23.37
C GLN G 185 -33.98 -33.32 21.92
N ARG G 186 -34.23 -32.20 21.27
CA ARG G 186 -34.59 -32.17 19.86
C ARG G 186 -33.41 -32.68 19.02
N ARG G 187 -32.24 -32.12 19.27
CA ARG G 187 -31.04 -32.48 18.52
C ARG G 187 -30.50 -33.88 18.78
N ALA G 188 -30.51 -34.33 20.04
CA ALA G 188 -30.19 -35.71 20.34
C ALA G 188 -31.14 -36.64 19.61
N GLN G 189 -32.44 -36.35 19.71
CA GLN G 189 -33.46 -37.15 19.04
C GLN G 189 -33.28 -37.13 17.53
N ARG G 190 -32.77 -36.02 16.99
CA ARG G 190 -32.51 -36.01 15.57
C ARG G 190 -31.34 -36.90 15.22
N ALA G 191 -30.25 -36.77 15.97
CA ALA G 191 -29.04 -37.55 15.68
C ALA G 191 -29.40 -39.01 15.62
N TRP G 192 -30.07 -39.49 16.66
CA TRP G 192 -30.44 -40.88 16.71
C TRP G 192 -31.34 -41.31 15.53
N ALA G 193 -32.28 -40.44 15.15
CA ALA G 193 -33.13 -40.69 14.00
C ALA G 193 -32.32 -40.86 12.75
N GLU G 194 -31.38 -39.97 12.51
CA GLU G 194 -30.52 -40.08 11.32
C GLU G 194 -29.46 -41.17 11.41
N GLY G 195 -29.04 -41.50 12.62
CA GLY G 195 -28.07 -42.54 12.81
C GLY G 195 -26.73 -42.05 13.17
N ARG G 196 -26.63 -40.81 13.54
CA ARG G 196 -25.31 -40.19 13.72
C ARG G 196 -24.38 -40.91 14.68
N PHE G 197 -24.90 -41.35 15.81
CA PHE G 197 -24.09 -42.02 16.85
C PHE G 197 -23.77 -43.50 16.60
N ASP G 198 -24.35 -44.09 15.54
CA ASP G 198 -24.19 -45.49 15.30
C ASP G 198 -22.74 -45.92 15.30
N ARG G 199 -21.88 -45.18 14.58
CA ARG G 199 -20.48 -45.50 14.44
C ARG G 199 -19.72 -45.46 15.78
N GLU G 200 -19.85 -44.36 16.48
CA GLU G 200 -19.13 -44.21 17.74
C GLU G 200 -19.59 -45.21 18.80
N ILE G 201 -20.83 -45.71 18.74
CA ILE G 201 -21.35 -46.48 19.86
C ILE G 201 -20.99 -47.94 19.76
N SER G 202 -20.65 -48.55 20.89
CA SER G 202 -20.36 -49.95 21.00
C SER G 202 -21.39 -50.53 21.94
N PRO G 203 -22.38 -51.26 21.41
CA PRO G 203 -23.38 -51.95 22.22
C PRO G 203 -22.75 -52.70 23.37
N ILE G 204 -23.36 -52.65 24.54
CA ILE G 204 -22.84 -53.28 25.72
C ILE G 204 -23.85 -54.26 26.23
N GLN G 205 -23.43 -55.51 26.40
CA GLN G 205 -24.25 -56.52 27.08
C GLN G 205 -24.38 -56.20 28.57
N ALA G 206 -25.57 -56.35 29.12
CA ALA G 206 -25.82 -55.93 30.48
C ALA G 206 -26.83 -56.81 31.16
N PRO G 207 -26.67 -57.00 32.47
CA PRO G 207 -27.62 -57.74 33.27
C PRO G 207 -28.95 -57.03 33.22
N VAL G 208 -29.99 -57.77 32.87
CA VAL G 208 -31.34 -57.26 33.00
C VAL G 208 -31.75 -57.37 34.46
N LEU G 209 -32.27 -56.27 34.99
CA LEU G 209 -32.76 -56.22 36.36
C LEU G 209 -34.28 -56.08 36.39
N ASP G 210 -34.88 -56.46 37.51
CA ASP G 210 -36.33 -56.44 37.67
C ASP G 210 -36.84 -55.01 37.97
N GLU G 211 -38.07 -54.90 38.47
CA GLU G 211 -38.64 -53.60 38.88
C GLU G 211 -37.92 -53.09 40.13
N GLN G 212 -37.46 -54.04 40.95
CA GLN G 212 -36.49 -53.77 42.00
C GLN G 212 -35.12 -53.59 41.32
N ASN G 213 -34.04 -53.70 42.08
CA ASN G 213 -32.71 -53.65 41.49
C ASN G 213 -31.96 -54.95 41.73
N GLN G 214 -32.61 -56.04 41.32
CA GLN G 214 -32.02 -57.37 41.40
C GLN G 214 -32.00 -57.96 39.98
N PRO G 215 -31.02 -58.82 39.68
CA PRO G 215 -30.89 -59.36 38.33
C PRO G 215 -31.94 -60.42 38.00
N THR G 216 -32.44 -60.39 36.77
CA THR G 216 -33.45 -61.35 36.32
C THR G 216 -32.84 -62.53 35.57
N GLY G 217 -31.51 -62.65 35.59
CA GLY G 217 -30.82 -63.70 34.86
C GLY G 217 -30.56 -63.36 33.40
N GLU G 218 -31.38 -62.48 32.84
CA GLU G 218 -31.23 -62.04 31.44
C GLU G 218 -30.04 -61.11 31.26
N ARG G 219 -29.37 -61.25 30.11
CA ARG G 219 -28.19 -60.46 29.76
C ARG G 219 -28.39 -59.77 28.39
N ARG G 220 -29.09 -58.64 28.41
CA ARG G 220 -29.52 -57.95 27.19
CA ARG G 220 -29.48 -58.02 27.15
C ARG G 220 -28.42 -57.04 26.66
N LEU G 221 -28.45 -56.82 25.35
CA LEU G 221 -27.54 -55.94 24.64
C LEU G 221 -28.13 -54.52 24.54
N VAL G 222 -27.38 -53.53 25.02
CA VAL G 222 -27.84 -52.15 25.09
C VAL G 222 -27.08 -51.34 24.07
N PHE G 223 -27.77 -50.55 23.26
CA PHE G 223 -27.08 -49.70 22.29
C PHE G 223 -27.54 -48.28 22.15
N ARG G 224 -28.46 -47.85 23.00
CA ARG G 224 -29.04 -46.56 22.85
C ARG G 224 -28.96 -45.76 24.09
N ASP G 225 -28.69 -44.48 23.90
CA ASP G 225 -28.70 -43.53 24.98
C ASP G 225 -30.13 -43.53 25.50
N GLN G 226 -30.26 -43.64 26.81
CA GLN G 226 -31.56 -43.85 27.44
C GLN G 226 -32.21 -42.55 27.87
N GLY G 227 -31.49 -41.43 27.81
CA GLY G 227 -32.00 -40.16 28.30
C GLY G 227 -32.94 -39.42 27.37
N LEU G 228 -33.06 -39.86 26.13
CA LEU G 228 -33.94 -39.18 25.22
C LEU G 228 -35.36 -39.30 25.72
N ARG G 229 -36.16 -38.28 25.48
CA ARG G 229 -37.47 -38.16 26.09
C ARG G 229 -38.30 -37.14 25.31
N GLU G 230 -39.50 -37.56 24.86
CA GLU G 230 -40.36 -36.63 24.15
C GLU G 230 -40.44 -35.46 25.09
N THR G 231 -40.16 -34.27 24.57
CA THR G 231 -40.02 -33.06 25.39
C THR G 231 -40.68 -31.86 24.72
N THR G 232 -41.23 -30.94 25.49
CA THR G 232 -41.91 -29.78 24.93
C THR G 232 -41.79 -28.56 25.84
N MET G 233 -41.93 -27.37 25.24
CA MET G 233 -41.81 -26.11 26.00
C MET G 233 -42.81 -26.05 27.13
N ALA G 234 -43.99 -26.61 26.90
CA ALA G 234 -45.00 -26.70 27.96
C ALA G 234 -44.48 -27.60 29.07
N GLY G 235 -44.10 -28.82 28.69
CA GLY G 235 -43.60 -29.80 29.64
C GLY G 235 -42.53 -29.20 30.51
N LEU G 236 -41.59 -28.50 29.88
CA LEU G 236 -40.45 -27.94 30.62
C LEU G 236 -40.90 -26.82 31.55
N GLY G 237 -41.89 -26.07 31.11
CA GLY G 237 -42.46 -25.01 31.92
C GLY G 237 -43.11 -25.56 33.17
N GLU G 238 -43.65 -26.77 33.07
CA GLU G 238 -44.33 -27.44 34.19
C GLU G 238 -43.38 -27.82 35.32
N LEU G 239 -42.10 -27.99 35.02
CA LEU G 239 -41.16 -28.56 35.94
C LEU G 239 -40.81 -27.60 37.08
N LYS G 240 -40.56 -28.18 38.25
CA LYS G 240 -40.19 -27.40 39.42
C LYS G 240 -38.68 -27.17 39.41
N PRO G 241 -38.23 -25.95 39.77
CA PRO G 241 -36.83 -25.64 39.99
C PRO G 241 -36.13 -26.52 41.00
N VAL G 242 -34.85 -26.75 40.81
CA VAL G 242 -34.07 -27.52 41.76
C VAL G 242 -33.88 -26.73 43.04
N LEU G 243 -33.62 -25.44 42.91
CA LEU G 243 -33.53 -24.53 44.05
C LEU G 243 -34.71 -23.60 44.11
N GLU G 244 -35.11 -23.23 45.31
CA GLU G 244 -36.16 -22.27 45.47
C GLU G 244 -35.73 -20.98 44.80
N GLY G 245 -36.47 -20.57 43.78
CA GLY G 245 -36.20 -19.32 43.10
C GLY G 245 -35.20 -19.42 41.97
N GLY G 246 -34.75 -20.64 41.67
CA GLY G 246 -33.81 -20.85 40.58
C GLY G 246 -34.55 -21.03 39.27
N ILE G 247 -33.80 -21.00 38.15
CA ILE G 247 -34.38 -21.22 36.82
C ILE G 247 -34.11 -22.60 36.27
N HIS G 248 -33.19 -23.33 36.90
CA HIS G 248 -32.83 -24.64 36.39
C HIS G 248 -33.70 -25.74 37.00
N THR G 249 -34.02 -26.69 36.14
CA THR G 249 -34.81 -27.85 36.51
C THR G 249 -34.14 -29.06 35.92
N ALA G 250 -34.68 -30.23 36.24
CA ALA G 250 -34.22 -31.47 35.63
C ALA G 250 -34.31 -31.37 34.11
N GLY G 251 -35.27 -30.61 33.62
CA GLY G 251 -35.36 -30.31 32.19
C GLY G 251 -34.18 -29.54 31.60
N THR G 252 -33.47 -28.78 32.43
CA THR G 252 -32.42 -27.90 31.95
C THR G 252 -31.09 -28.06 32.67
N SER G 253 -30.95 -29.17 33.40
CA SER G 253 -29.66 -29.61 33.96
C SER G 253 -29.26 -30.95 33.32
N SER G 254 -28.05 -31.42 33.57
CA SER G 254 -27.62 -32.71 33.01
C SER G 254 -28.30 -33.87 33.73
N GLN G 255 -28.31 -35.06 33.14
CA GLN G 255 -28.92 -36.21 33.77
C GLN G 255 -27.87 -37.08 34.43
N ILE G 256 -28.25 -37.70 35.54
CA ILE G 256 -27.32 -38.59 36.24
C ILE G 256 -27.34 -39.95 35.56
N SER G 257 -26.15 -40.41 35.18
CA SER G 257 -26.05 -41.44 34.16
C SER G 257 -24.90 -42.41 34.41
N ASP G 258 -24.93 -43.51 33.65
CA ASP G 258 -23.90 -44.52 33.69
C ASP G 258 -23.31 -44.66 32.31
N GLY G 259 -21.98 -44.61 32.20
CA GLY G 259 -21.37 -44.77 30.90
C GLY G 259 -19.88 -44.79 30.92
N ALA G 260 -19.31 -45.15 29.79
CA ALA G 260 -17.86 -45.15 29.61
C ALA G 260 -17.46 -44.88 28.15
N ALA G 261 -16.25 -44.36 27.99
CA ALA G 261 -15.75 -44.09 26.65
C ALA G 261 -14.25 -44.24 26.63
N ALA G 262 -13.70 -44.52 25.45
CA ALA G 262 -12.29 -44.77 25.33
C ALA G 262 -11.79 -44.36 23.98
N VAL G 263 -10.55 -43.88 23.95
CA VAL G 263 -9.99 -43.27 22.75
C VAL G 263 -8.58 -43.77 22.60
N LEU G 264 -8.29 -44.43 21.49
CA LEU G 264 -7.00 -45.05 21.28
C LEU G 264 -6.08 -44.05 20.60
N TRP G 265 -5.00 -43.66 21.28
CA TRP G 265 -3.95 -42.80 20.69
C TRP G 265 -2.68 -43.55 20.24
N MET G 266 -1.97 -42.94 19.31
CA MET G 266 -0.63 -43.40 18.90
C MET G 266 0.22 -42.28 18.33
N ASP G 267 1.53 -42.52 18.33
CA ASP G 267 2.40 -41.71 17.51
C ASP G 267 2.02 -41.98 16.07
N GLU G 268 1.84 -40.92 15.29
CA GLU G 268 1.37 -41.04 13.92
C GLU G 268 2.17 -42.11 13.17
N ALA G 269 3.49 -42.12 13.34
CA ALA G 269 4.30 -43.06 12.59
C ALA G 269 3.99 -44.49 12.97
N VAL G 270 3.90 -44.79 14.25
CA VAL G 270 3.57 -46.13 14.68
C VAL G 270 2.23 -46.52 14.11
N ALA G 271 1.27 -45.60 14.12
CA ALA G 271 -0.09 -45.88 13.64
C ALA G 271 -0.02 -46.34 12.22
N ARG G 272 0.62 -45.53 11.39
CA ARG G 272 0.74 -45.85 10.00
C ARG G 272 1.43 -47.19 9.84
N ALA G 273 2.42 -47.48 10.67
CA ALA G 273 3.13 -48.73 10.56
C ALA G 273 2.19 -49.92 10.77
N HIS G 274 1.32 -49.84 11.79
CA HIS G 274 0.34 -50.91 11.99
C HIS G 274 -0.73 -50.88 10.90
N GLY G 275 -0.71 -49.85 10.08
CA GLY G 275 -1.70 -49.73 9.03
C GLY G 275 -2.99 -49.15 9.53
N LEU G 276 -2.90 -48.35 10.57
CA LEU G 276 -4.04 -47.63 11.10
C LEU G 276 -3.97 -46.19 10.60
N THR G 277 -5.14 -45.58 10.43
CA THR G 277 -5.26 -44.25 9.84
C THR G 277 -5.27 -43.18 10.92
N PRO G 278 -4.30 -42.28 10.91
CA PRO G 278 -4.41 -41.16 11.83
C PRO G 278 -5.63 -40.34 11.52
N ARG G 279 -6.46 -40.09 12.52
CA ARG G 279 -7.77 -39.53 12.31
C ARG G 279 -7.95 -38.10 12.79
N ALA G 280 -7.25 -37.75 13.86
CA ALA G 280 -7.28 -36.39 14.38
C ALA G 280 -6.11 -36.11 15.30
N ARG G 281 -5.92 -34.86 15.64
CA ARG G 281 -4.84 -34.48 16.51
C ARG G 281 -5.23 -33.25 17.31
N ILE G 282 -4.64 -33.09 18.49
CA ILE G 282 -4.94 -31.94 19.31
C ILE G 282 -4.18 -30.75 18.78
N VAL G 283 -4.89 -29.66 18.53
CA VAL G 283 -4.28 -28.41 18.09
C VAL G 283 -3.86 -27.60 19.30
N ALA G 284 -4.71 -27.62 20.32
CA ALA G 284 -4.40 -26.96 21.57
C ALA G 284 -5.16 -27.61 22.71
N GLN G 285 -4.58 -27.63 23.90
CA GLN G 285 -5.27 -28.18 25.07
C GLN G 285 -5.04 -27.32 26.29
N ALA G 286 -5.98 -27.41 27.23
CA ALA G 286 -5.87 -26.62 28.43
C ALA G 286 -6.75 -27.16 29.52
N LEU G 287 -6.28 -26.97 30.75
CA LEU G 287 -7.11 -27.14 31.92
C LEU G 287 -6.84 -25.94 32.75
N VAL G 288 -7.78 -24.99 32.76
CA VAL G 288 -7.59 -23.75 33.44
C VAL G 288 -8.41 -23.73 34.68
N GLY G 289 -7.95 -22.92 35.63
CA GLY G 289 -8.74 -22.51 36.77
C GLY G 289 -9.76 -21.44 36.40
N ALA G 290 -10.91 -21.49 37.07
CA ALA G 290 -12.00 -20.54 36.85
C ALA G 290 -12.29 -19.68 38.10
N GLU G 291 -13.31 -18.82 38.02
CA GLU G 291 -13.61 -17.91 39.13
C GLU G 291 -14.45 -18.65 40.15
N PRO G 292 -13.96 -18.78 41.41
CA PRO G 292 -14.72 -19.59 42.35
C PRO G 292 -16.13 -19.11 42.51
N TYR G 293 -16.35 -17.80 42.58
CA TYR G 293 -17.70 -17.30 42.86
C TYR G 293 -18.79 -17.87 41.96
N TYR G 294 -18.53 -17.85 40.65
CA TYR G 294 -19.48 -18.36 39.65
C TYR G 294 -19.24 -19.82 39.45
N HIS G 295 -18.03 -20.26 39.74
CA HIS G 295 -17.77 -21.70 39.83
C HIS G 295 -17.77 -22.46 38.51
N LEU G 296 -18.90 -22.52 37.79
CA LEU G 296 -19.00 -23.30 36.57
C LEU G 296 -18.96 -22.44 35.28
N ASP G 297 -18.39 -21.25 35.33
CA ASP G 297 -18.36 -20.42 34.15
C ASP G 297 -16.97 -20.48 33.48
N GLY G 298 -16.16 -21.47 33.86
CA GLY G 298 -14.82 -21.68 33.30
C GLY G 298 -14.68 -21.96 31.81
N PRO G 299 -15.72 -22.52 31.16
CA PRO G 299 -15.64 -22.68 29.73
C PRO G 299 -15.35 -21.38 28.95
N VAL G 300 -15.65 -20.23 29.54
CA VAL G 300 -15.21 -18.97 28.95
C VAL G 300 -13.70 -18.92 28.90
N GLN G 301 -13.07 -19.28 30.01
CA GLN G 301 -11.62 -19.17 30.14
C GLN G 301 -10.89 -20.22 29.34
N SER G 302 -11.32 -21.48 29.43
CA SER G 302 -10.66 -22.54 28.71
C SER G 302 -10.79 -22.33 27.22
N THR G 303 -12.01 -22.03 26.75
CA THR G 303 -12.23 -21.73 25.33
C THR G 303 -11.29 -20.61 24.87
N ALA G 304 -11.15 -19.59 25.70
CA ALA G 304 -10.23 -18.52 25.42
C ALA G 304 -8.81 -19.03 25.22
N LYS G 305 -8.28 -19.77 26.18
CA LYS G 305 -6.89 -20.16 26.16
C LYS G 305 -6.55 -20.97 24.90
N VAL G 306 -7.34 -22.02 24.63
CA VAL G 306 -7.00 -22.86 23.51
C VAL G 306 -7.09 -22.11 22.20
N LEU G 307 -8.06 -21.20 22.06
CA LEU G 307 -8.14 -20.32 20.89
C LEU G 307 -6.87 -19.50 20.81
N GLU G 308 -6.47 -18.93 21.93
CA GLU G 308 -5.24 -18.15 21.98
C GLU G 308 -4.05 -19.01 21.55
N LYS G 309 -3.92 -20.17 22.20
CA LYS G 309 -2.82 -21.05 21.92
C LYS G 309 -2.86 -21.53 20.48
N ALA G 310 -4.05 -21.87 19.98
CA ALA G 310 -4.20 -22.37 18.62
C ALA G 310 -4.03 -21.27 17.58
N GLY G 311 -4.03 -20.04 18.04
CA GLY G 311 -4.01 -18.93 17.12
C GLY G 311 -5.25 -18.84 16.25
N MET G 312 -6.40 -19.14 16.83
CA MET G 312 -7.67 -19.15 16.11
C MET G 312 -8.71 -18.31 16.81
N LYS G 313 -9.82 -18.09 16.13
CA LYS G 313 -10.96 -17.39 16.69
C LYS G 313 -12.15 -18.31 16.55
N ILE G 314 -13.17 -18.09 17.36
CA ILE G 314 -14.27 -19.06 17.48
C ILE G 314 -14.89 -19.36 16.12
N GLY G 315 -14.77 -18.39 15.23
CA GLY G 315 -15.18 -18.55 13.86
C GLY G 315 -14.50 -19.72 13.15
N ASP G 316 -13.29 -20.04 13.53
CA ASP G 316 -12.57 -21.06 12.82
C ASP G 316 -13.10 -22.44 13.13
N ILE G 317 -13.77 -22.58 14.27
CA ILE G 317 -14.21 -23.90 14.76
C ILE G 317 -15.49 -24.33 14.05
N ASP G 318 -15.49 -25.54 13.52
CA ASP G 318 -16.63 -26.07 12.80
C ASP G 318 -17.68 -26.64 13.74
N ILE G 319 -17.24 -27.20 14.86
CA ILE G 319 -18.09 -27.99 15.72
C ILE G 319 -17.61 -27.74 17.11
N VAL G 320 -18.54 -27.37 18.00
CA VAL G 320 -18.25 -27.22 19.41
C VAL G 320 -18.97 -28.25 20.23
N GLU G 321 -18.31 -28.74 21.26
CA GLU G 321 -18.97 -29.56 22.26
C GLU G 321 -18.66 -28.94 23.60
N ILE G 322 -19.64 -28.23 24.16
CA ILE G 322 -19.49 -27.59 25.45
C ILE G 322 -20.47 -28.26 26.39
N ASN G 323 -19.98 -28.90 27.45
CA ASN G 323 -20.82 -29.81 28.20
C ASN G 323 -21.95 -29.11 28.88
N GLU G 324 -23.15 -29.68 28.82
CA GLU G 324 -24.37 -29.03 29.28
C GLU G 324 -24.66 -29.42 30.73
N ALA G 325 -23.74 -29.11 31.62
CA ALA G 325 -23.94 -29.36 33.05
C ALA G 325 -25.22 -28.67 33.46
N PHE G 326 -25.33 -27.43 33.00
CA PHE G 326 -26.48 -26.61 33.24
C PHE G 326 -26.65 -25.69 32.05
N ALA G 327 -27.88 -25.56 31.55
CA ALA G 327 -28.17 -24.69 30.44
C ALA G 327 -27.45 -23.35 30.55
N SER G 328 -27.45 -22.75 31.73
CA SER G 328 -26.86 -21.41 31.88
C SER G 328 -25.34 -21.40 31.62
N VAL G 329 -24.71 -22.52 31.90
CA VAL G 329 -23.29 -22.62 31.61
C VAL G 329 -23.03 -22.47 30.13
N VAL G 330 -23.79 -23.16 29.29
CA VAL G 330 -23.61 -23.06 27.83
C VAL G 330 -23.96 -21.66 27.34
N LEU G 331 -25.09 -21.13 27.82
CA LEU G 331 -25.57 -19.81 27.38
C LEU G 331 -24.62 -18.72 27.81
N SER G 332 -24.14 -18.73 29.06
CA SER G 332 -23.15 -17.74 29.48
C SER G 332 -21.96 -17.75 28.52
N TRP G 333 -21.47 -18.94 28.21
CA TRP G 333 -20.35 -19.11 27.31
C TRP G 333 -20.70 -18.45 26.00
N ALA G 334 -21.85 -18.79 25.44
CA ALA G 334 -22.25 -18.32 24.12
C ALA G 334 -22.40 -16.82 24.10
N ARG G 335 -22.90 -16.29 25.20
CA ARG G 335 -23.03 -14.84 25.32
C ARG G 335 -21.66 -14.15 25.27
N VAL G 336 -20.66 -14.75 25.89
CA VAL G 336 -19.32 -14.19 25.91
C VAL G 336 -18.64 -14.40 24.57
N HIS G 337 -18.63 -15.62 24.07
CA HIS G 337 -17.84 -15.99 22.89
C HIS G 337 -18.58 -15.90 21.56
N GLU G 338 -19.88 -15.66 21.62
CA GLU G 338 -20.71 -15.43 20.43
C GLU G 338 -20.37 -16.35 19.26
N PRO G 339 -20.57 -17.66 19.45
CA PRO G 339 -20.36 -18.66 18.41
C PRO G 339 -21.62 -18.78 17.56
N ASP G 340 -21.60 -19.65 16.57
CA ASP G 340 -22.81 -19.95 15.81
C ASP G 340 -23.47 -21.18 16.44
N MET G 341 -24.59 -20.97 17.11
CA MET G 341 -25.20 -22.07 17.86
C MET G 341 -25.70 -23.23 16.96
N ASP G 342 -25.70 -23.07 15.65
CA ASP G 342 -25.96 -24.20 14.80
C ASP G 342 -24.81 -25.16 14.82
N ARG G 343 -23.65 -24.68 15.28
CA ARG G 343 -22.44 -25.50 15.33
C ARG G 343 -22.17 -25.96 16.74
N VAL G 344 -23.06 -25.66 17.68
CA VAL G 344 -22.82 -25.96 19.10
C VAL G 344 -23.71 -27.10 19.57
N ASN G 345 -23.12 -28.15 20.14
CA ASN G 345 -23.83 -29.39 20.51
C ASN G 345 -24.82 -29.83 19.42
N VAL G 346 -24.32 -29.97 18.21
CA VAL G 346 -25.15 -30.31 17.06
C VAL G 346 -25.87 -31.66 17.22
N ASN G 347 -25.31 -32.59 18.00
CA ASN G 347 -25.97 -33.87 18.19
C ASN G 347 -26.65 -34.03 19.56
N GLY G 348 -27.08 -32.93 20.15
CA GLY G 348 -27.64 -32.99 21.49
C GLY G 348 -26.53 -32.97 22.51
N GLY G 349 -26.83 -32.54 23.72
CA GLY G 349 -25.88 -32.57 24.82
C GLY G 349 -26.33 -33.33 26.04
N ALA G 350 -25.54 -33.23 27.10
CA ALA G 350 -25.79 -34.00 28.32
C ALA G 350 -27.17 -33.79 28.96
N ILE G 351 -27.79 -32.63 28.73
CA ILE G 351 -29.17 -32.44 29.18
C ILE G 351 -30.09 -33.58 28.72
N ALA G 352 -29.93 -34.03 27.47
CA ALA G 352 -30.71 -35.15 26.93
C ALA G 352 -29.96 -36.51 26.96
N LEU G 353 -28.64 -36.49 26.69
CA LEU G 353 -27.85 -37.71 26.60
C LEU G 353 -27.22 -38.12 27.93
N GLY G 354 -27.40 -37.31 28.96
CA GLY G 354 -26.91 -37.66 30.28
C GLY G 354 -25.45 -37.38 30.46
N HIS G 355 -24.96 -37.52 31.68
CA HIS G 355 -23.63 -37.02 31.97
C HIS G 355 -22.89 -37.87 33.04
N PRO G 356 -22.44 -39.07 32.65
CA PRO G 356 -21.54 -39.81 33.52
C PRO G 356 -20.21 -39.06 33.63
N VAL G 357 -20.02 -38.50 34.81
CA VAL G 357 -19.10 -37.38 35.03
C VAL G 357 -17.70 -37.74 34.57
N GLY G 358 -17.13 -38.80 35.11
CA GLY G 358 -15.78 -39.22 34.73
C GLY G 358 -15.64 -39.67 33.28
N CYS G 359 -16.77 -39.92 32.61
CA CYS G 359 -16.80 -40.43 31.23
C CYS G 359 -16.96 -39.35 30.17
N THR G 360 -17.79 -38.35 30.45
CA THR G 360 -18.18 -37.34 29.46
C THR G 360 -17.03 -36.76 28.65
N GLY G 361 -15.94 -36.38 29.32
CA GLY G 361 -14.81 -35.77 28.63
C GLY G 361 -14.34 -36.60 27.45
N SER G 362 -14.16 -37.89 27.67
CA SER G 362 -13.74 -38.76 26.58
C SER G 362 -14.89 -38.95 25.64
N ARG G 363 -16.11 -38.88 26.16
CA ARG G 363 -17.26 -39.01 25.30
C ARG G 363 -17.28 -37.86 24.30
N LEU G 364 -17.11 -36.64 24.82
CA LEU G 364 -17.25 -35.45 24.00
C LEU G 364 -16.23 -35.45 22.89
N ILE G 365 -14.97 -35.74 23.23
CA ILE G 365 -13.98 -35.85 22.16
C ILE G 365 -14.45 -36.89 21.15
N THR G 366 -14.91 -38.05 21.63
CA THR G 366 -15.37 -39.10 20.72
C THR G 366 -16.49 -38.58 19.81
N THR G 367 -17.55 -38.03 20.41
CA THR G 367 -18.65 -37.48 19.65
C THR G 367 -18.15 -36.44 18.63
N ALA G 368 -17.30 -35.53 19.06
CA ALA G 368 -16.79 -34.50 18.17
C ALA G 368 -16.07 -35.11 16.97
N LEU G 369 -15.09 -35.97 17.21
CA LEU G 369 -14.31 -36.54 16.13
C LEU G 369 -15.25 -37.13 15.05
N HIS G 370 -16.22 -37.91 15.50
CA HIS G 370 -17.12 -38.55 14.60
C HIS G 370 -17.94 -37.55 13.78
N GLU G 371 -18.38 -36.47 14.41
CA GLU G 371 -19.19 -35.48 13.71
C GLU G 371 -18.36 -34.76 12.65
N LEU G 372 -17.13 -34.39 12.99
CA LEU G 372 -16.22 -33.81 12.01
C LEU G 372 -16.09 -34.75 10.85
N GLU G 373 -15.96 -36.03 11.13
CA GLU G 373 -15.85 -36.99 10.06
C GLU G 373 -17.17 -37.05 9.25
N ARG G 374 -18.31 -37.07 9.92
CA ARG G 374 -19.55 -37.26 9.20
C ARG G 374 -19.74 -36.12 8.24
N THR G 375 -19.45 -34.92 8.71
CA THR G 375 -19.73 -33.73 7.95
C THR G 375 -18.54 -33.32 7.12
N ASP G 376 -17.50 -34.12 7.17
CA ASP G 376 -16.28 -33.80 6.48
C ASP G 376 -15.80 -32.42 6.77
N GLN G 377 -15.80 -32.03 8.04
CA GLN G 377 -15.25 -30.74 8.49
C GLN G 377 -13.94 -30.93 9.27
N SER G 378 -13.38 -29.85 9.80
CA SER G 378 -11.98 -29.91 10.25
C SER G 378 -11.70 -29.67 11.71
N LEU G 379 -12.11 -28.52 12.21
CA LEU G 379 -11.76 -28.17 13.58
C LEU G 379 -12.92 -28.40 14.47
N ALA G 380 -12.67 -28.91 15.68
CA ALA G 380 -13.67 -28.99 16.74
C ALA G 380 -13.13 -28.51 18.05
N LEU G 381 -14.00 -27.88 18.84
CA LEU G 381 -13.64 -27.41 20.17
C LEU G 381 -14.43 -28.23 21.15
N ILE G 382 -13.74 -28.74 22.17
CA ILE G 382 -14.39 -29.36 23.32
C ILE G 382 -14.02 -28.56 24.57
N THR G 383 -15.03 -28.18 25.35
CA THR G 383 -14.81 -27.44 26.61
C THR G 383 -15.82 -27.84 27.70
N MET G 384 -15.39 -27.89 28.96
CA MET G 384 -16.26 -28.28 30.05
C MET G 384 -15.97 -27.43 31.28
N CYS G 385 -17.01 -27.06 31.99
CA CYS G 385 -16.90 -26.58 33.37
C CYS G 385 -16.66 -27.77 34.30
N ALA G 386 -16.11 -27.52 35.47
CA ALA G 386 -15.88 -28.59 36.44
C ALA G 386 -15.76 -28.13 37.90
N GLY G 387 -16.20 -28.99 38.79
CA GLY G 387 -16.13 -28.70 40.21
C GLY G 387 -14.75 -28.24 40.65
N GLY G 388 -14.69 -27.44 41.72
CA GLY G 388 -13.45 -26.77 42.14
C GLY G 388 -13.05 -25.60 41.25
N ALA G 389 -13.97 -25.16 40.41
CA ALA G 389 -13.75 -24.02 39.50
C ALA G 389 -12.57 -24.26 38.56
N LEU G 390 -12.78 -25.23 37.68
CA LEU G 390 -11.79 -25.62 36.67
C LEU G 390 -12.51 -25.89 35.39
N SER G 391 -11.81 -25.65 34.28
CA SER G 391 -12.38 -25.99 32.98
C SER G 391 -11.34 -26.57 32.09
N THR G 392 -11.71 -27.64 31.40
CA THR G 392 -10.85 -28.22 30.38
C THR G 392 -11.25 -27.65 29.02
N GLY G 393 -10.32 -27.73 28.09
CA GLY G 393 -10.52 -27.23 26.74
C GLY G 393 -9.58 -27.86 25.73
N THR G 394 -10.12 -28.28 24.60
CA THR G 394 -9.31 -28.90 23.55
C THR G 394 -9.79 -28.42 22.22
N ILE G 395 -8.88 -28.22 21.29
CA ILE G 395 -9.22 -28.01 19.92
C ILE G 395 -8.55 -29.15 19.21
N ILE G 396 -9.35 -30.05 18.65
CA ILE G 396 -8.85 -31.15 17.83
C ILE G 396 -9.06 -30.79 16.38
N GLU G 397 -8.32 -31.50 15.53
CA GLU G 397 -8.26 -31.21 14.09
C GLU G 397 -8.20 -32.54 13.34
N ARG G 398 -9.05 -32.73 12.33
CA ARG G 398 -8.98 -33.96 11.53
C ARG G 398 -7.72 -34.02 10.72
N ILE G 399 -7.28 -35.23 10.43
CA ILE G 399 -6.06 -35.44 9.67
C ILE G 399 -6.41 -36.08 8.32
N HIS H 6 -10.56 14.51 -44.74
CA HIS H 6 -11.50 15.65 -44.92
C HIS H 6 -12.44 15.36 -46.08
N GLY H 7 -13.40 14.47 -45.85
CA GLY H 7 -14.38 14.11 -46.88
C GLY H 7 -15.06 15.33 -47.48
N SER H 8 -14.63 15.71 -48.68
CA SER H 8 -15.21 16.86 -49.39
C SER H 8 -16.74 16.90 -49.24
N MET H 9 -17.26 17.99 -48.69
CA MET H 9 -18.69 18.17 -48.44
C MET H 9 -19.60 17.87 -49.63
N GLY H 10 -20.90 18.06 -49.45
CA GLY H 10 -21.91 17.62 -50.44
C GLY H 10 -23.18 18.46 -50.63
N TYR H 11 -23.94 18.17 -51.68
CA TYR H 11 -25.17 18.91 -51.99
CA TYR H 11 -25.14 18.91 -52.02
C TYR H 11 -26.32 17.94 -52.01
N PRO H 12 -26.94 17.74 -50.84
CA PRO H 12 -27.98 16.73 -50.69
C PRO H 12 -29.20 17.02 -51.53
N VAL H 13 -29.64 16.03 -52.30
CA VAL H 13 -30.88 16.16 -53.06
C VAL H 13 -31.74 14.89 -52.96
N ILE H 14 -33.05 15.06 -52.95
CA ILE H 14 -33.95 13.92 -52.95
C ILE H 14 -33.89 13.28 -54.33
N VAL H 15 -33.76 11.97 -54.36
CA VAL H 15 -33.65 11.24 -55.59
C VAL H 15 -34.87 10.34 -55.75
N GLU H 16 -35.38 9.84 -54.63
CA GLU H 16 -36.62 9.08 -54.62
C GLU H 16 -37.34 9.21 -53.29
N ALA H 17 -38.65 8.98 -53.30
CA ALA H 17 -39.43 8.97 -52.07
C ALA H 17 -40.63 8.09 -52.28
N THR H 18 -40.99 7.31 -51.26
CA THR H 18 -42.16 6.43 -51.34
C THR H 18 -42.73 6.13 -49.94
N ARG H 19 -43.93 5.58 -49.92
CA ARG H 19 -44.63 5.30 -48.68
C ARG H 19 -45.56 4.10 -48.87
N SER H 20 -45.81 3.42 -47.77
CA SER H 20 -46.82 2.38 -47.79
C SER H 20 -48.13 3.09 -47.75
N PRO H 21 -49.22 2.38 -48.09
CA PRO H 21 -50.48 3.01 -47.73
C PRO H 21 -50.51 3.04 -46.21
N ILE H 22 -51.33 3.92 -45.66
CA ILE H 22 -51.44 4.08 -44.22
C ILE H 22 -52.62 3.31 -43.75
N GLY H 23 -52.42 2.34 -42.87
CA GLY H 23 -53.52 1.48 -42.37
C GLY H 23 -54.16 2.00 -41.10
N LYS H 24 -55.40 1.58 -40.88
CA LYS H 24 -56.09 1.95 -39.65
C LYS H 24 -55.63 1.05 -38.53
N ARG H 25 -55.97 1.43 -37.30
CA ARG H 25 -55.61 0.67 -36.09
C ARG H 25 -56.31 -0.67 -36.14
N ASN H 26 -55.55 -1.74 -35.95
CA ASN H 26 -55.99 -3.08 -36.26
C ASN H 26 -56.57 -3.18 -37.64
N GLY H 27 -56.00 -2.41 -38.57
CA GLY H 27 -56.49 -2.35 -39.95
C GLY H 27 -55.68 -3.20 -40.89
N TRP H 28 -55.57 -2.76 -42.15
CA TRP H 28 -54.98 -3.57 -43.20
C TRP H 28 -53.52 -3.92 -43.06
N LEU H 29 -52.74 -3.15 -42.28
CA LEU H 29 -51.32 -3.46 -42.08
C LEU H 29 -50.98 -3.97 -40.70
N SER H 30 -52.01 -4.16 -39.87
CA SER H 30 -51.78 -4.54 -38.46
C SER H 30 -51.22 -5.95 -38.31
N GLY H 31 -51.37 -6.75 -39.35
CA GLY H 31 -50.73 -8.05 -39.42
C GLY H 31 -49.20 -8.01 -39.53
N LEU H 32 -48.59 -6.95 -40.03
CA LEU H 32 -47.15 -6.96 -40.17
C LEU H 32 -46.41 -6.52 -38.90
N HIS H 33 -45.38 -7.26 -38.51
CA HIS H 33 -44.44 -6.85 -37.48
C HIS H 33 -43.89 -5.50 -37.91
N ALA H 34 -43.79 -4.56 -36.97
CA ALA H 34 -43.36 -3.18 -37.28
C ALA H 34 -42.07 -3.13 -38.06
N THR H 35 -41.15 -4.06 -37.77
CA THR H 35 -39.90 -4.19 -38.52
C THR H 35 -40.08 -4.56 -39.99
N GLU H 36 -41.09 -5.37 -40.27
CA GLU H 36 -41.40 -5.78 -41.66
C GLU H 36 -41.95 -4.64 -42.50
N LEU H 37 -42.79 -3.82 -41.88
CA LEU H 37 -43.40 -2.71 -42.57
C LEU H 37 -42.30 -1.79 -43.00
N LEU H 38 -41.45 -1.39 -42.04
CA LEU H 38 -40.39 -0.43 -42.34
C LEU H 38 -39.43 -1.02 -43.35
N GLY H 39 -39.14 -2.31 -43.20
CA GLY H 39 -38.24 -2.98 -44.12
C GLY H 39 -38.75 -2.90 -45.52
N ALA H 40 -40.05 -3.10 -45.68
CA ALA H 40 -40.70 -3.16 -47.00
C ALA H 40 -40.53 -1.87 -47.74
N VAL H 41 -40.70 -0.77 -47.02
CA VAL H 41 -40.63 0.54 -47.59
C VAL H 41 -39.16 0.90 -47.84
N GLN H 42 -38.26 0.58 -46.93
CA GLN H 42 -36.82 0.74 -47.15
C GLN H 42 -36.42 0.07 -48.43
N LYS H 43 -36.93 -1.13 -48.67
CA LYS H 43 -36.58 -1.84 -49.88
C LYS H 43 -37.28 -1.15 -51.02
N ALA H 44 -38.51 -0.72 -50.79
CA ALA H 44 -39.26 -0.02 -51.84
C ALA H 44 -38.46 1.15 -52.46
N VAL H 45 -37.99 2.11 -51.65
CA VAL H 45 -37.26 3.23 -52.25
C VAL H 45 -36.05 2.76 -53.05
N VAL H 46 -35.25 1.87 -52.49
CA VAL H 46 -34.05 1.46 -53.22
C VAL H 46 -34.45 0.80 -54.54
N ASP H 47 -35.43 -0.08 -54.49
CA ASP H 47 -35.91 -0.73 -55.69
C ASP H 47 -36.37 0.33 -56.67
N LYS H 48 -37.20 1.25 -56.22
CA LYS H 48 -37.70 2.30 -57.10
C LYS H 48 -36.55 2.96 -57.84
N ALA H 49 -35.47 3.27 -57.11
CA ALA H 49 -34.33 3.96 -57.70
C ALA H 49 -33.57 3.04 -58.65
N GLY H 50 -33.68 1.74 -58.41
CA GLY H 50 -32.98 0.75 -59.23
C GLY H 50 -33.54 0.53 -60.62
N ILE H 51 -34.79 0.92 -60.84
CA ILE H 51 -35.43 0.78 -62.14
C ILE H 51 -34.55 1.45 -63.20
N GLN H 52 -34.16 2.68 -62.92
CA GLN H 52 -33.67 3.57 -63.95
C GLN H 52 -32.15 3.77 -63.90
N SER H 53 -31.48 3.05 -63.00
CA SER H 53 -30.09 3.31 -62.69
C SER H 53 -29.41 2.07 -62.20
N GLY H 54 -28.13 2.20 -61.85
CA GLY H 54 -27.36 1.08 -61.33
C GLY H 54 -27.57 0.87 -59.84
N LEU H 55 -28.05 1.92 -59.18
CA LEU H 55 -28.14 1.97 -57.71
C LEU H 55 -28.67 0.69 -57.10
N HIS H 56 -27.96 0.20 -56.10
CA HIS H 56 -28.44 -0.97 -55.38
CA HIS H 56 -28.28 -1.03 -55.37
C HIS H 56 -28.34 -0.71 -53.90
N ALA H 57 -29.05 -1.52 -53.11
CA ALA H 57 -29.16 -1.27 -51.65
C ALA H 57 -27.81 -1.10 -50.94
N GLY H 58 -26.84 -1.88 -51.36
CA GLY H 58 -25.50 -1.74 -50.83
C GLY H 58 -24.95 -0.35 -50.97
N ASP H 59 -25.40 0.39 -51.98
CA ASP H 59 -24.95 1.78 -52.23
C ASP H 59 -25.42 2.80 -51.18
N VAL H 60 -26.45 2.45 -50.42
CA VAL H 60 -26.83 3.26 -49.26
C VAL H 60 -25.74 3.16 -48.21
N GLU H 61 -25.46 4.24 -47.53
CA GLU H 61 -24.38 4.24 -46.53
C GLU H 61 -24.90 4.30 -45.12
N GLN H 62 -25.88 5.16 -44.89
CA GLN H 62 -26.57 5.26 -43.62
C GLN H 62 -28.06 5.38 -43.86
N VAL H 63 -28.82 4.81 -42.93
CA VAL H 63 -30.27 4.99 -42.82
C VAL H 63 -30.59 5.65 -41.50
N ILE H 64 -31.50 6.61 -41.49
CA ILE H 64 -31.99 7.17 -40.23
C ILE H 64 -33.52 7.13 -40.19
N GLY H 65 -34.07 6.40 -39.23
CA GLY H 65 -35.52 6.26 -39.13
C GLY H 65 -36.13 6.99 -37.94
N GLY H 66 -37.24 7.67 -38.17
CA GLY H 66 -38.06 8.18 -37.07
C GLY H 66 -38.98 7.13 -36.51
N CYS H 67 -39.07 7.09 -35.20
CA CYS H 67 -40.06 6.23 -34.54
C CYS H 67 -40.28 6.75 -33.13
N VAL H 68 -41.53 6.88 -32.74
CA VAL H 68 -41.87 7.51 -31.49
C VAL H 68 -41.95 6.58 -30.29
N THR H 69 -42.77 5.56 -30.33
CA THR H 69 -42.91 4.68 -29.17
C THR H 69 -41.94 3.54 -29.34
N GLN H 70 -40.69 3.76 -29.01
CA GLN H 70 -39.66 2.81 -29.39
C GLN H 70 -39.57 1.65 -28.40
N PHE H 71 -40.60 0.82 -28.41
CA PHE H 71 -40.72 -0.22 -27.41
C PHE H 71 -41.06 -1.54 -28.05
N GLY H 72 -40.56 -2.63 -27.50
CA GLY H 72 -40.87 -3.95 -28.06
C GLY H 72 -40.46 -4.11 -29.50
N GLU H 73 -41.40 -4.31 -30.41
CA GLU H 73 -41.07 -4.42 -31.83
C GLU H 73 -40.37 -3.14 -32.31
N GLN H 74 -40.56 -2.02 -31.63
CA GLN H 74 -39.93 -0.80 -32.06
C GLN H 74 -38.75 -0.39 -31.20
N SER H 75 -38.37 -1.26 -30.27
CA SER H 75 -37.16 -1.06 -29.51
C SER H 75 -35.99 -1.53 -30.34
N ASN H 76 -34.79 -1.37 -29.80
CA ASN H 76 -33.56 -1.79 -30.45
C ASN H 76 -33.34 -1.28 -31.87
N ASN H 77 -33.46 0.04 -32.00
CA ASN H 77 -33.07 0.71 -33.21
C ASN H 77 -33.71 0.04 -34.40
N ILE H 78 -35.01 0.29 -34.55
CA ILE H 78 -35.84 -0.40 -35.54
C ILE H 78 -35.31 -0.25 -36.95
N SER H 79 -34.68 0.90 -37.21
CA SER H 79 -34.21 1.22 -38.55
C SER H 79 -33.23 0.20 -39.04
N ARG H 80 -32.26 -0.14 -38.19
CA ARG H 80 -31.32 -1.26 -38.43
C ARG H 80 -32.03 -2.58 -38.57
N VAL H 81 -32.89 -2.89 -37.62
CA VAL H 81 -33.51 -4.24 -37.60
C VAL H 81 -34.35 -4.43 -38.86
N ALA H 82 -35.14 -3.41 -39.16
CA ALA H 82 -35.98 -3.43 -40.37
C ALA H 82 -35.14 -3.71 -41.57
N TRP H 83 -34.00 -3.03 -41.66
CA TRP H 83 -33.12 -3.21 -42.80
C TRP H 83 -32.63 -4.66 -42.88
N LEU H 84 -32.04 -5.15 -41.80
CA LEU H 84 -31.55 -6.54 -41.80
C LEU H 84 -32.69 -7.49 -42.14
N THR H 85 -33.86 -7.29 -41.54
CA THR H 85 -35.02 -8.14 -41.78
C THR H 85 -35.54 -8.15 -43.23
N ALA H 86 -35.41 -7.05 -43.94
CA ALA H 86 -35.75 -7.02 -45.34
C ALA H 86 -34.67 -7.74 -46.17
N GLY H 87 -33.65 -8.25 -45.52
CA GLY H 87 -32.59 -8.90 -46.24
C GLY H 87 -31.72 -7.92 -47.02
N LEU H 88 -31.68 -6.67 -46.57
CA LEU H 88 -30.79 -5.72 -47.19
C LEU H 88 -29.36 -5.76 -46.53
N PRO H 89 -28.35 -5.25 -47.27
CA PRO H 89 -26.95 -5.42 -46.88
C PRO H 89 -26.58 -5.00 -45.47
N GLU H 90 -25.84 -5.85 -44.78
CA GLU H 90 -25.50 -5.63 -43.38
C GLU H 90 -24.51 -4.49 -43.15
N HIS H 91 -23.76 -4.11 -44.17
CA HIS H 91 -22.72 -3.05 -44.02
C HIS H 91 -23.28 -1.66 -43.94
N VAL H 92 -24.58 -1.51 -44.22
CA VAL H 92 -25.20 -0.19 -44.23
C VAL H 92 -25.53 0.20 -42.79
N GLY H 93 -24.98 1.30 -42.33
CA GLY H 93 -25.33 1.76 -41.01
C GLY H 93 -26.76 2.28 -40.92
N ALA H 94 -27.30 2.38 -39.70
CA ALA H 94 -28.62 2.92 -39.49
C ALA H 94 -28.86 3.29 -38.05
N THR H 95 -29.54 4.41 -37.85
CA THR H 95 -29.85 4.99 -36.54
C THR H 95 -31.36 5.24 -36.54
N THR H 96 -31.96 5.35 -35.35
CA THR H 96 -33.38 5.64 -35.21
C THR H 96 -33.49 6.87 -34.34
N VAL H 97 -34.49 7.75 -34.58
CA VAL H 97 -34.61 9.04 -33.88
C VAL H 97 -35.98 9.38 -33.37
N ASP H 98 -36.01 10.21 -32.33
CA ASP H 98 -37.23 10.64 -31.66
C ASP H 98 -37.15 12.11 -31.36
N CYS H 99 -37.86 12.91 -32.15
CA CYS H 99 -38.40 14.15 -31.65
C CYS H 99 -39.88 14.11 -31.87
N GLN H 100 -40.50 13.13 -31.21
CA GLN H 100 -41.94 12.82 -31.29
C GLN H 100 -42.48 12.78 -32.71
N OAS H 101 -43.47 13.63 -33.01
CA OAS H 101 -44.19 13.55 -34.27
CB OAS H 101 -45.57 14.14 -34.12
OG OAS H 101 -46.12 13.58 -32.88
C OAS H 101 -43.36 14.21 -35.28
O OAS H 101 -43.61 14.04 -36.46
C2A OAS H 101 -47.61 15.38 -31.72
C1A OAS H 101 -46.53 14.33 -31.67
OAC OAS H 101 -46.01 14.06 -30.63
N GLY H 102 -42.32 14.91 -34.86
CA GLY H 102 -41.34 15.50 -35.79
C GLY H 102 -40.27 14.53 -36.29
N SER H 103 -40.27 13.30 -35.77
CA SER H 103 -39.11 12.44 -35.94
C SER H 103 -38.74 12.18 -37.41
N GLY H 104 -39.73 11.74 -38.18
CA GLY H 104 -39.46 11.30 -39.53
C GLY H 104 -39.22 12.45 -40.46
N GLN H 105 -39.53 13.65 -40.00
CA GLN H 105 -39.17 14.83 -40.76
C GLN H 105 -37.74 15.20 -40.36
N GLN H 106 -37.53 15.24 -39.04
CA GLN H 106 -36.21 15.47 -38.49
C GLN H 106 -35.15 14.50 -39.09
N ALA H 107 -35.60 13.32 -39.50
CA ALA H 107 -34.76 12.33 -40.11
C ALA H 107 -34.26 12.76 -41.49
N ASN H 108 -35.11 13.41 -42.29
CA ASN H 108 -34.63 13.91 -43.56
C ASN H 108 -33.67 15.05 -43.38
N HIS H 109 -33.84 15.83 -42.32
CA HIS H 109 -32.86 16.89 -42.03
C HIS H 109 -31.48 16.32 -41.75
N LEU H 110 -31.43 15.22 -41.00
CA LEU H 110 -30.17 14.67 -40.52
C LEU H 110 -29.39 13.95 -41.63
N ILE H 111 -30.09 13.26 -42.51
CA ILE H 111 -29.43 12.69 -43.69
C ILE H 111 -28.91 13.80 -44.62
N ALA H 112 -29.72 14.85 -44.76
CA ALA H 112 -29.30 15.99 -45.53
C ALA H 112 -28.03 16.59 -44.93
N GLY H 113 -27.96 16.65 -43.61
CA GLY H 113 -26.75 17.13 -42.96
C GLY H 113 -25.53 16.23 -43.24
N LEU H 114 -25.68 14.92 -43.10
CA LEU H 114 -24.52 14.04 -43.22
C LEU H 114 -23.99 14.13 -44.61
N ILE H 115 -24.87 14.26 -45.59
CA ILE H 115 -24.42 14.41 -46.97
C ILE H 115 -23.65 15.72 -47.09
N ALA H 116 -24.26 16.76 -46.55
CA ALA H 116 -23.67 18.08 -46.56
C ALA H 116 -22.26 18.04 -46.00
N ALA H 117 -22.08 17.34 -44.89
CA ALA H 117 -20.82 17.35 -44.19
C ALA H 117 -19.80 16.47 -44.86
N GLY H 118 -20.24 15.75 -45.88
CA GLY H 118 -19.38 14.84 -46.62
C GLY H 118 -19.19 13.52 -45.94
N ALA H 119 -20.05 13.19 -44.97
CA ALA H 119 -19.99 11.91 -44.26
C ALA H 119 -20.45 10.76 -45.13
N ILE H 120 -21.48 10.98 -45.93
CA ILE H 120 -21.99 9.95 -46.85
C ILE H 120 -22.49 10.56 -48.16
N ASP H 121 -22.53 9.74 -49.21
CA ASP H 121 -23.02 10.17 -50.51
C ASP H 121 -24.41 9.65 -50.82
N VAL H 122 -24.87 8.66 -50.08
CA VAL H 122 -26.19 8.08 -50.33
C VAL H 122 -26.80 7.69 -49.02
N GLY H 123 -27.97 8.21 -48.75
CA GLY H 123 -28.60 7.95 -47.46
C GLY H 123 -30.07 7.79 -47.65
N ILE H 124 -30.71 7.17 -46.65
CA ILE H 124 -32.16 6.97 -46.65
C ILE H 124 -32.71 7.54 -45.38
N ALA H 125 -33.61 8.50 -45.49
CA ALA H 125 -34.37 8.97 -44.35
C ALA H 125 -35.64 8.23 -44.40
N CYS H 126 -36.16 7.84 -43.24
CA CYS H 126 -37.43 7.11 -43.19
C CYS H 126 -38.11 7.21 -41.82
N GLY H 127 -39.32 6.70 -41.75
CA GLY H 127 -40.08 6.77 -40.51
C GLY H 127 -41.06 5.63 -40.52
N ILE H 128 -41.29 5.07 -39.32
CA ILE H 128 -42.12 3.90 -39.10
C ILE H 128 -42.97 4.16 -37.88
N GLU H 129 -44.23 3.79 -37.95
CA GLU H 129 -45.01 3.59 -36.72
C GLU H 129 -46.09 2.53 -36.96
N ALA H 130 -46.18 1.60 -36.04
CA ALA H 130 -47.08 0.50 -36.14
C ALA H 130 -47.92 0.57 -34.88
N MET H 131 -48.86 1.51 -34.87
CA MET H 131 -49.58 1.85 -33.68
C MET H 131 -50.46 0.72 -33.31
N SER H 132 -50.98 0.00 -34.30
CA SER H 132 -51.72 -1.23 -34.04
C SER H 132 -50.98 -2.17 -33.11
N ARG H 133 -49.66 -2.17 -33.17
CA ARG H 133 -48.85 -3.12 -32.45
C ARG H 133 -48.03 -2.58 -31.28
N VAL H 134 -47.67 -1.31 -31.35
CA VAL H 134 -47.04 -0.64 -30.24
C VAL H 134 -47.78 0.65 -30.05
N GLY H 135 -48.62 0.70 -29.05
CA GLY H 135 -49.41 1.89 -28.88
C GLY H 135 -48.67 2.94 -28.10
N LEU H 136 -49.15 4.18 -28.23
CA LEU H 136 -48.63 5.30 -27.46
C LEU H 136 -48.68 4.87 -26.01
N GLY H 137 -47.65 5.17 -25.25
CA GLY H 137 -47.62 4.76 -23.84
C GLY H 137 -46.83 3.48 -23.57
N ALA H 138 -46.84 2.55 -24.53
CA ALA H 138 -46.07 1.32 -24.44
C ALA H 138 -44.68 1.51 -23.88
N ASN H 139 -44.12 2.70 -24.09
CA ASN H 139 -42.74 2.96 -23.76
C ASN H 139 -42.54 3.54 -22.38
N ALA H 140 -43.52 3.37 -21.51
CA ALA H 140 -43.40 3.83 -20.14
C ALA H 140 -44.31 2.99 -19.30
N GLY H 141 -44.02 2.88 -18.03
CA GLY H 141 -44.90 2.12 -17.15
C GLY H 141 -46.26 2.80 -17.06
N PRO H 142 -47.19 2.19 -16.31
CA PRO H 142 -48.52 2.76 -16.21
C PRO H 142 -48.52 4.03 -15.39
N ASP H 143 -47.60 4.12 -14.42
CA ASP H 143 -47.48 5.33 -13.58
C ASP H 143 -46.73 6.43 -14.30
N ARG H 144 -47.42 7.18 -15.16
CA ARG H 144 -46.75 8.15 -16.01
C ARG H 144 -46.19 9.35 -15.24
N SER H 145 -46.55 9.47 -13.97
CA SER H 145 -45.94 10.46 -13.10
C SER H 145 -44.44 10.24 -13.01
N LEU H 146 -44.03 9.00 -13.17
CA LEU H 146 -42.65 8.62 -12.92
C LEU H 146 -41.68 8.98 -14.03
N ILE H 147 -42.16 9.28 -15.22
CA ILE H 147 -41.24 9.58 -16.28
C ILE H 147 -40.73 11.03 -16.22
N ARG H 148 -41.19 11.80 -15.25
CA ARG H 148 -40.63 13.14 -14.99
C ARG H 148 -40.05 13.20 -13.60
N ALA H 149 -38.93 13.91 -13.46
CA ALA H 149 -38.36 14.17 -12.15
C ALA H 149 -39.41 14.85 -11.29
N GLN H 150 -39.20 14.76 -9.98
CA GLN H 150 -40.14 15.29 -9.01
C GLN H 150 -40.09 16.80 -8.99
N SER H 151 -39.01 17.36 -9.55
CA SER H 151 -38.85 18.80 -9.63
C SER H 151 -39.75 19.45 -10.65
N TRP H 152 -40.21 18.67 -11.60
CA TRP H 152 -40.85 19.22 -12.77
C TRP H 152 -42.03 20.09 -12.40
N ASP H 153 -41.97 21.36 -12.81
CA ASP H 153 -43.15 22.24 -12.78
C ASP H 153 -43.21 23.13 -14.01
N ILE H 154 -43.44 22.50 -15.14
CA ILE H 154 -43.75 23.21 -16.35
C ILE H 154 -45.18 22.86 -16.70
N ASP H 155 -45.98 23.87 -17.04
CA ASP H 155 -47.39 23.63 -17.40
C ASP H 155 -47.44 23.15 -18.85
N LEU H 156 -47.04 21.89 -19.02
CA LEU H 156 -46.98 21.27 -20.33
C LEU H 156 -48.15 20.31 -20.46
N PRO H 157 -49.30 20.79 -20.97
CA PRO H 157 -50.51 20.00 -20.95
C PRO H 157 -50.42 18.77 -21.83
N ASN H 158 -51.36 17.87 -21.66
CA ASN H 158 -51.46 16.72 -22.55
C ASN H 158 -51.95 17.26 -23.88
N GLN H 159 -51.92 16.43 -24.91
CA GLN H 159 -52.13 16.96 -26.26
C GLN H 159 -53.55 17.25 -26.57
N PHE H 160 -54.48 16.52 -25.98
CA PHE H 160 -55.90 16.83 -26.15
C PHE H 160 -56.32 18.13 -25.49
N GLU H 161 -55.81 18.37 -24.27
CA GLU H 161 -55.99 19.67 -23.64
C GLU H 161 -55.28 20.77 -24.43
N ALA H 162 -54.13 20.46 -25.03
CA ALA H 162 -53.39 21.45 -25.82
C ALA H 162 -54.22 21.96 -26.98
N ALA H 163 -54.91 21.05 -27.66
CA ALA H 163 -55.72 21.45 -28.80
C ALA H 163 -56.86 22.38 -28.37
N GLU H 164 -57.36 22.20 -27.14
CA GLU H 164 -58.35 23.11 -26.59
C GLU H 164 -57.74 24.46 -26.22
N ARG H 165 -56.63 24.45 -25.51
CA ARG H 165 -55.94 25.68 -25.15
C ARG H 165 -55.59 26.53 -26.35
N ILE H 166 -55.18 25.85 -27.43
CA ILE H 166 -54.86 26.54 -28.67
C ILE H 166 -56.13 27.11 -29.31
N ALA H 167 -57.18 26.29 -29.34
CA ALA H 167 -58.46 26.77 -29.89
C ALA H 167 -58.93 28.05 -29.21
N LYS H 168 -58.90 28.04 -27.88
CA LYS H 168 -59.35 29.20 -27.08
C LYS H 168 -58.51 30.40 -27.41
N ARG H 169 -57.19 30.21 -27.50
CA ARG H 169 -56.28 31.28 -27.82
C ARG H 169 -56.63 31.99 -29.09
N ARG H 170 -57.12 31.25 -30.08
CA ARG H 170 -57.39 31.82 -31.41
C ARG H 170 -58.88 32.02 -31.73
N GLY H 171 -59.75 31.71 -30.76
CA GLY H 171 -61.19 31.74 -30.94
C GLY H 171 -61.66 30.74 -31.97
N ILE H 172 -61.06 29.56 -31.97
CA ILE H 172 -61.49 28.53 -32.89
C ILE H 172 -62.65 27.80 -32.24
N THR H 173 -63.68 27.55 -33.05
CA THR H 173 -64.92 26.97 -32.59
C THR H 173 -65.19 25.57 -33.13
N ARG H 174 -66.18 24.91 -32.53
CA ARG H 174 -66.51 23.55 -32.90
C ARG H 174 -66.91 23.51 -34.36
N GLU H 175 -67.63 24.51 -34.82
CA GLU H 175 -67.94 24.57 -36.25
C GLU H 175 -66.66 24.72 -37.08
N ASP H 176 -65.76 25.59 -36.64
CA ASP H 176 -64.51 25.84 -37.35
C ASP H 176 -63.84 24.52 -37.62
N VAL H 177 -63.55 23.79 -36.56
CA VAL H 177 -62.81 22.54 -36.70
C VAL H 177 -63.61 21.53 -37.54
N ASP H 178 -64.91 21.38 -37.26
CA ASP H 178 -65.71 20.38 -37.99
C ASP H 178 -65.67 20.62 -39.48
N VAL H 179 -65.56 21.89 -39.86
CA VAL H 179 -65.42 22.26 -41.26
C VAL H 179 -64.06 21.82 -41.79
N PHE H 180 -62.98 22.21 -41.13
CA PHE H 180 -61.65 21.77 -41.54
C PHE H 180 -61.61 20.25 -41.64
N GLY H 181 -62.07 19.62 -40.55
CA GLY H 181 -62.16 18.17 -40.50
C GLY H 181 -62.76 17.63 -41.77
N LEU H 182 -63.94 18.13 -42.11
CA LEU H 182 -64.65 17.64 -43.28
C LEU H 182 -63.85 17.81 -44.56
N GLU H 183 -63.16 18.95 -44.70
CA GLU H 183 -62.42 19.25 -45.92
C GLU H 183 -61.29 18.26 -46.10
N SER H 184 -60.67 17.87 -45.01
CA SER H 184 -59.58 16.90 -45.06
C SER H 184 -60.04 15.61 -45.74
N GLN H 185 -61.14 15.09 -45.27
CA GLN H 185 -61.77 13.90 -45.86
C GLN H 185 -62.13 14.15 -47.31
N ARG H 186 -62.68 15.33 -47.58
CA ARG H 186 -63.08 15.67 -48.93
C ARG H 186 -61.89 15.67 -49.86
N ARG H 187 -60.81 16.34 -49.44
CA ARG H 187 -59.61 16.48 -50.26
C ARG H 187 -58.85 15.14 -50.44
N ALA H 188 -58.69 14.38 -49.35
CA ALA H 188 -58.09 13.07 -49.46
C ALA H 188 -58.90 12.25 -50.43
N GLN H 189 -60.23 12.25 -50.26
CA GLN H 189 -61.09 11.49 -51.16
C GLN H 189 -60.92 11.97 -52.59
N ARG H 190 -60.67 13.25 -52.78
CA ARG H 190 -60.47 13.76 -54.13
C ARG H 190 -59.18 13.22 -54.68
N ALA H 191 -58.09 13.35 -53.92
CA ALA H 191 -56.78 12.93 -54.38
C ALA H 191 -56.88 11.49 -54.89
N TRP H 192 -57.40 10.62 -54.06
CA TRP H 192 -57.54 9.22 -54.40
C TRP H 192 -58.40 8.98 -55.65
N ALA H 193 -59.47 9.77 -55.80
CA ALA H 193 -60.30 9.70 -56.99
C ALA H 193 -59.47 10.02 -58.22
N GLU H 194 -58.73 11.13 -58.19
CA GLU H 194 -57.94 11.55 -59.34
C GLU H 194 -56.68 10.68 -59.54
N GLY H 195 -56.22 10.05 -58.47
CA GLY H 195 -55.05 9.19 -58.57
C GLY H 195 -53.77 9.86 -58.16
N ARG H 196 -53.86 10.91 -57.36
CA ARG H 196 -52.70 11.69 -56.99
C ARG H 196 -51.63 10.90 -56.25
N PHE H 197 -52.05 10.09 -55.30
CA PHE H 197 -51.09 9.28 -54.49
C PHE H 197 -50.49 8.03 -55.16
N ASP H 198 -50.98 7.67 -56.34
CA ASP H 198 -50.55 6.46 -57.01
C ASP H 198 -49.04 6.35 -57.07
N ARG H 199 -48.40 7.43 -57.52
CA ARG H 199 -46.96 7.40 -57.76
C ARG H 199 -46.24 7.17 -56.47
N GLU H 200 -46.52 8.00 -55.48
CA GLU H 200 -45.80 7.91 -54.20
C GLU H 200 -46.02 6.58 -53.44
N ILE H 201 -47.14 5.89 -53.67
CA ILE H 201 -47.45 4.73 -52.85
C ILE H 201 -46.76 3.49 -53.37
N SER H 202 -46.30 2.64 -52.44
CA SER H 202 -45.78 1.34 -52.75
C SER H 202 -46.66 0.32 -52.09
N PRO H 203 -47.44 -0.46 -52.86
CA PRO H 203 -48.31 -1.49 -52.29
C PRO H 203 -47.54 -2.42 -51.39
N ILE H 204 -48.14 -2.81 -50.28
CA ILE H 204 -47.47 -3.64 -49.31
C ILE H 204 -48.29 -4.90 -49.13
N GLN H 205 -47.66 -6.05 -49.31
CA GLN H 205 -48.27 -7.33 -49.00
C GLN H 205 -48.43 -7.44 -47.49
N ALA H 206 -49.53 -8.00 -47.04
CA ALA H 206 -49.79 -8.06 -45.63
C ALA H 206 -50.61 -9.30 -45.25
N PRO H 207 -50.35 -9.86 -44.06
CA PRO H 207 -51.12 -10.96 -43.53
C PRO H 207 -52.54 -10.52 -43.38
N VAL H 208 -53.46 -11.26 -43.99
CA VAL H 208 -54.87 -11.06 -43.72
C VAL H 208 -55.20 -11.67 -42.37
N LEU H 209 -55.88 -10.89 -41.52
CA LEU H 209 -56.34 -11.36 -40.21
C LEU H 209 -57.86 -11.47 -40.16
N ASP H 210 -58.34 -12.29 -39.22
CA ASP H 210 -59.76 -12.59 -39.10
C ASP H 210 -60.51 -11.45 -38.39
N GLU H 211 -61.72 -11.71 -37.92
CA GLU H 211 -62.50 -10.72 -37.16
C GLU H 211 -61.84 -10.50 -35.81
N GLN H 212 -61.19 -11.54 -35.32
CA GLN H 212 -60.27 -11.40 -34.20
C GLN H 212 -58.99 -10.80 -34.77
N ASN H 213 -57.88 -10.92 -34.06
CA ASN H 213 -56.61 -10.45 -34.58
C ASN H 213 -55.63 -11.60 -34.73
N GLN H 214 -56.07 -12.63 -35.45
CA GLN H 214 -55.24 -13.78 -35.75
C GLN H 214 -55.19 -13.94 -37.27
N PRO H 215 -54.08 -14.47 -37.78
CA PRO H 215 -53.89 -14.56 -39.23
C PRO H 215 -54.74 -15.64 -39.88
N THR H 216 -55.28 -15.35 -41.05
CA THR H 216 -56.12 -16.28 -41.81
C THR H 216 -55.33 -17.02 -42.88
N GLY H 217 -54.00 -16.90 -42.87
CA GLY H 217 -53.16 -17.56 -43.86
C GLY H 217 -53.04 -16.78 -45.14
N GLU H 218 -54.00 -15.91 -45.42
CA GLU H 218 -53.97 -15.06 -46.62
C GLU H 218 -52.98 -13.93 -46.50
N ARG H 219 -52.34 -13.60 -47.63
CA ARG H 219 -51.34 -12.54 -47.70
C ARG H 219 -51.74 -11.52 -48.79
N ARG H 220 -52.63 -10.59 -48.42
CA ARG H 220 -53.21 -9.61 -49.35
C ARG H 220 -52.32 -8.39 -49.58
N LEU H 221 -52.41 -7.85 -50.80
CA LEU H 221 -51.66 -6.67 -51.21
C LEU H 221 -52.48 -5.44 -50.91
N VAL H 222 -51.93 -4.52 -50.12
CA VAL H 222 -52.62 -3.30 -49.68
C VAL H 222 -52.04 -2.09 -50.37
N PHE H 223 -52.89 -1.27 -50.96
CA PHE H 223 -52.40 -0.05 -51.64
C PHE H 223 -53.20 1.21 -51.38
N ARG H 224 -54.11 1.18 -50.42
CA ARG H 224 -54.94 2.33 -50.18
C ARG H 224 -54.94 2.76 -48.75
N ASP H 225 -54.91 4.06 -48.56
CA ASP H 225 -55.02 4.62 -47.26
C ASP H 225 -56.39 4.22 -46.81
N GLN H 226 -56.47 3.72 -45.59
CA GLN H 226 -57.70 3.11 -45.06
C GLN H 226 -58.59 4.11 -44.32
N GLY H 227 -58.07 5.30 -44.04
CA GLY H 227 -58.77 6.23 -43.19
C GLY H 227 -59.84 7.06 -43.88
N LEU H 228 -59.94 6.97 -45.21
CA LEU H 228 -60.99 7.70 -45.91
C LEU H 228 -62.36 7.18 -45.53
N ARG H 229 -63.33 8.06 -45.43
CA ARG H 229 -64.61 7.74 -44.83
C ARG H 229 -65.62 8.76 -45.29
N GLU H 230 -66.75 8.30 -45.85
CA GLU H 230 -67.79 9.22 -46.26
C GLU H 230 -68.07 10.03 -45.00
N THR H 231 -68.01 11.36 -45.15
CA THR H 231 -68.08 12.27 -44.02
C THR H 231 -69.02 13.42 -44.34
N THR H 232 -69.67 13.98 -43.33
CA THR H 232 -70.57 15.13 -43.54
C THR H 232 -70.65 16.04 -42.34
N MET H 233 -71.02 17.29 -42.55
CA MET H 233 -71.07 18.27 -41.46
C MET H 233 -72.00 17.82 -40.37
N ALA H 234 -73.07 17.14 -40.75
CA ALA H 234 -74.02 16.57 -39.79
C ALA H 234 -73.33 15.47 -38.99
N GLY H 235 -72.76 14.51 -39.69
CA GLY H 235 -72.04 13.43 -39.05
C GLY H 235 -71.06 13.95 -38.02
N LEU H 236 -70.27 14.95 -38.40
CA LEU H 236 -69.22 15.44 -37.52
C LEU H 236 -69.84 16.12 -36.33
N GLY H 237 -70.96 16.79 -36.55
CA GLY H 237 -71.66 17.47 -35.48
C GLY H 237 -72.16 16.52 -34.44
N GLU H 238 -72.49 15.31 -34.85
CA GLU H 238 -73.02 14.34 -33.91
C GLU H 238 -71.97 13.71 -33.02
N LEU H 239 -70.69 13.83 -33.39
CA LEU H 239 -69.62 13.18 -32.63
C LEU H 239 -69.38 13.81 -31.26
N LYS H 240 -69.02 12.97 -30.30
CA LYS H 240 -68.78 13.43 -28.95
C LYS H 240 -67.33 13.91 -28.82
N PRO H 241 -67.11 15.04 -28.15
CA PRO H 241 -65.78 15.51 -27.85
C PRO H 241 -64.91 14.51 -27.15
N VAL H 242 -63.61 14.58 -27.35
CA VAL H 242 -62.68 13.71 -26.62
C VAL H 242 -62.61 14.12 -25.16
N LEU H 243 -62.53 15.43 -24.91
CA LEU H 243 -62.57 15.98 -23.55
C LEU H 243 -63.89 16.69 -23.27
N GLU H 244 -64.35 16.57 -22.02
CA GLU H 244 -65.58 17.21 -21.59
C GLU H 244 -65.41 18.69 -21.83
N GLY H 245 -66.28 19.24 -22.68
CA GLY H 245 -66.25 20.67 -22.98
C GLY H 245 -65.27 21.07 -24.09
N GLY H 246 -64.61 20.10 -24.70
CA GLY H 246 -63.68 20.40 -25.79
C GLY H 246 -64.41 20.48 -27.10
N ILE H 247 -63.73 20.97 -28.13
CA ILE H 247 -64.30 21.05 -29.47
C ILE H 247 -63.80 19.92 -30.40
N HIS H 248 -62.72 19.26 -30.02
CA HIS H 248 -62.15 18.27 -30.90
C HIS H 248 -62.75 16.91 -30.66
N THR H 249 -62.94 16.19 -31.76
CA THR H 249 -63.50 14.85 -31.74
C THR H 249 -62.68 14.02 -32.69
N ALA H 250 -62.98 12.73 -32.75
CA ALA H 250 -62.29 11.85 -33.67
C ALA H 250 -62.39 12.38 -35.08
N GLY H 251 -63.51 13.01 -35.35
CA GLY H 251 -63.71 13.67 -36.64
C GLY H 251 -62.81 14.83 -36.95
N THR H 252 -62.17 15.41 -35.93
CA THR H 252 -61.30 16.58 -36.09
C THR H 252 -59.95 16.49 -35.43
N SER H 253 -59.55 15.27 -35.07
CA SER H 253 -58.21 14.94 -34.59
C SER H 253 -57.64 13.96 -35.61
N SER H 254 -56.36 13.61 -35.48
CA SER H 254 -55.70 12.65 -36.41
C SER H 254 -56.19 11.22 -36.08
N GLN H 255 -55.97 10.28 -37.00
CA GLN H 255 -56.32 8.88 -36.74
C GLN H 255 -55.12 8.10 -36.28
N ILE H 256 -55.34 7.10 -35.45
CA ILE H 256 -54.26 6.23 -35.03
C ILE H 256 -54.03 5.21 -36.09
N SER H 257 -52.80 5.13 -36.57
CA SER H 257 -52.51 4.44 -37.84
C SER H 257 -51.20 3.64 -37.85
N ASP H 258 -51.04 2.85 -38.91
CA ASP H 258 -49.84 2.06 -39.15
C ASP H 258 -49.27 2.49 -40.47
N GLY H 259 -48.00 2.84 -40.52
CA GLY H 259 -47.40 3.19 -41.77
C GLY H 259 -45.90 3.45 -41.75
N ALA H 260 -45.35 3.51 -42.96
CA ALA H 260 -43.96 3.76 -43.09
C ALA H 260 -43.69 4.49 -44.36
N ALA H 261 -42.59 5.26 -44.36
CA ALA H 261 -42.17 6.02 -45.54
C ALA H 261 -40.66 6.15 -45.54
N ALA H 262 -40.10 6.30 -46.73
CA ALA H 262 -38.66 6.38 -46.92
C ALA H 262 -38.31 7.32 -48.08
N VAL H 263 -37.18 7.99 -47.95
CA VAL H 263 -36.77 8.99 -48.91
C VAL H 263 -35.28 8.84 -49.18
N LEU H 264 -34.91 8.57 -50.43
CA LEU H 264 -33.54 8.29 -50.77
C LEU H 264 -32.81 9.58 -51.08
N TRP H 265 -31.82 9.94 -50.29
CA TRP H 265 -31.02 11.15 -50.58
C TRP H 265 -29.65 10.86 -51.21
N MET H 266 -29.10 11.83 -51.95
CA MET H 266 -27.71 11.74 -52.44
C MET H 266 -27.09 13.10 -52.63
N ASP H 267 -25.77 13.13 -52.65
CA ASP H 267 -25.07 14.26 -53.18
C ASP H 267 -25.40 14.37 -54.66
N GLU H 268 -25.80 15.56 -55.10
CA GLU H 268 -26.32 15.77 -56.47
C GLU H 268 -25.41 15.14 -57.50
N ALA H 269 -24.10 15.29 -57.31
CA ALA H 269 -23.12 14.79 -58.26
C ALA H 269 -23.15 13.27 -58.34
N VAL H 270 -23.19 12.62 -57.19
CA VAL H 270 -23.23 11.17 -57.16
C VAL H 270 -24.51 10.73 -57.86
N ALA H 271 -25.60 11.42 -57.59
CA ALA H 271 -26.89 11.05 -58.17
C ALA H 271 -26.80 11.02 -59.67
N ARG H 272 -26.31 12.13 -60.22
CA ARG H 272 -26.16 12.29 -61.66
C ARG H 272 -25.23 11.25 -62.21
N ALA H 273 -24.21 10.88 -61.45
CA ALA H 273 -23.28 9.84 -61.88
C ALA H 273 -23.98 8.50 -62.04
N HIS H 274 -24.82 8.10 -61.08
CA HIS H 274 -25.61 6.89 -61.22
C HIS H 274 -26.72 7.03 -62.29
N GLY H 275 -26.91 8.24 -62.78
CA GLY H 275 -27.93 8.48 -63.78
C GLY H 275 -29.28 8.65 -63.14
N LEU H 276 -29.29 9.10 -61.90
CA LEU H 276 -30.53 9.41 -61.21
C LEU H 276 -30.74 10.92 -61.27
N THR H 277 -32.01 11.33 -61.29
CA THR H 277 -32.40 12.72 -61.44
C THR H 277 -32.58 13.38 -60.09
N PRO H 278 -31.77 14.42 -59.80
CA PRO H 278 -32.04 15.20 -58.58
C PRO H 278 -33.43 15.83 -58.66
N ARG H 279 -34.24 15.60 -57.66
CA ARG H 279 -35.66 15.96 -57.74
C ARG H 279 -36.07 17.13 -56.86
N ALA H 280 -35.40 17.29 -55.73
CA ALA H 280 -35.65 18.41 -54.83
C ALA H 280 -34.50 18.60 -53.88
N ARG H 281 -34.55 19.67 -53.11
CA ARG H 281 -33.55 19.88 -52.06
C ARG H 281 -34.07 20.84 -51.03
N ILE H 282 -33.44 20.80 -49.87
CA ILE H 282 -33.96 21.56 -48.75
C ILE H 282 -33.45 22.98 -48.92
N VAL H 283 -34.36 23.94 -48.87
CA VAL H 283 -34.01 25.34 -48.89
C VAL H 283 -33.68 25.81 -47.48
N ALA H 284 -34.51 25.38 -46.53
CA ALA H 284 -34.31 25.68 -45.11
C ALA H 284 -34.90 24.57 -44.21
N GLN H 285 -34.28 24.33 -43.07
CA GLN H 285 -34.80 23.34 -42.11
C GLN H 285 -34.68 23.81 -40.66
N ALA H 286 -35.56 23.30 -39.83
CA ALA H 286 -35.56 23.70 -38.48
C ALA H 286 -36.32 22.73 -37.62
N LEU H 287 -35.83 22.59 -36.39
CA LEU H 287 -36.55 21.94 -35.32
C LEU H 287 -36.47 22.91 -34.16
N VAL H 288 -37.55 23.62 -33.90
CA VAL H 288 -37.54 24.64 -32.86
C VAL H 288 -38.32 24.14 -31.68
N GLY H 289 -38.00 24.73 -30.54
CA GLY H 289 -38.83 24.61 -29.33
C GLY H 289 -40.05 25.53 -29.37
N ALA H 290 -41.16 25.06 -28.80
CA ALA H 290 -42.42 25.79 -28.79
C ALA H 290 -42.81 26.10 -27.35
N GLU H 291 -43.93 26.78 -27.17
CA GLU H 291 -44.35 27.28 -25.85
C GLU H 291 -45.04 26.15 -25.10
N PRO H 292 -44.50 25.77 -23.95
CA PRO H 292 -45.07 24.58 -23.33
C PRO H 292 -46.58 24.70 -23.11
N TYR H 293 -47.00 25.83 -22.58
CA TYR H 293 -48.42 25.98 -22.20
C TYR H 293 -49.40 25.53 -23.27
N TYR H 294 -49.20 26.00 -24.50
CA TYR H 294 -50.07 25.64 -25.58
C TYR H 294 -49.58 24.38 -26.21
N HIS H 295 -48.28 24.10 -26.06
CA HIS H 295 -47.74 22.78 -26.38
C HIS H 295 -47.65 22.46 -27.88
N LEU H 296 -48.78 22.42 -28.59
CA LEU H 296 -48.81 22.01 -30.01
C LEU H 296 -48.94 23.15 -31.01
N ASP H 297 -48.62 24.36 -30.59
CA ASP H 297 -48.78 25.53 -31.45
C ASP H 297 -47.43 25.90 -32.12
N GLY H 298 -46.44 25.02 -32.03
CA GLY H 298 -45.13 25.29 -32.59
C GLY H 298 -45.02 25.51 -34.08
N PRO H 299 -45.95 24.98 -34.86
CA PRO H 299 -45.85 25.24 -36.28
C PRO H 299 -45.78 26.69 -36.62
N VAL H 300 -46.28 27.56 -35.75
CA VAL H 300 -46.09 28.99 -35.93
C VAL H 300 -44.60 29.32 -35.94
N GLN H 301 -43.88 28.78 -34.97
CA GLN H 301 -42.46 29.10 -34.78
C GLN H 301 -41.56 28.44 -35.81
N SER H 302 -41.79 27.17 -36.10
CA SER H 302 -40.97 26.51 -37.09
C SER H 302 -41.22 27.14 -38.45
N THR H 303 -42.49 27.33 -38.84
CA THR H 303 -42.79 28.00 -40.12
C THR H 303 -42.08 29.35 -40.20
N ALA H 304 -42.06 30.04 -39.07
CA ALA H 304 -41.39 31.31 -38.99
C ALA H 304 -39.92 31.21 -39.32
N LYS H 305 -39.25 30.29 -38.66
CA LYS H 305 -37.79 30.19 -38.76
C LYS H 305 -37.36 29.87 -40.17
N VAL H 306 -37.96 28.85 -40.77
CA VAL H 306 -37.53 28.45 -42.12
C VAL H 306 -37.83 29.54 -43.16
N LEU H 307 -38.95 30.23 -43.00
CA LEU H 307 -39.21 31.36 -43.86
C LEU H 307 -38.05 32.33 -43.69
N GLU H 308 -37.73 32.64 -42.43
CA GLU H 308 -36.68 33.60 -42.11
C GLU H 308 -35.38 33.14 -42.74
N LYS H 309 -35.01 31.90 -42.46
CA LYS H 309 -33.76 31.36 -42.99
C LYS H 309 -33.78 31.34 -44.52
N ALA H 310 -34.91 30.96 -45.11
CA ALA H 310 -35.02 30.85 -46.56
C ALA H 310 -35.07 32.21 -47.22
N GLY H 311 -35.31 33.24 -46.43
CA GLY H 311 -35.51 34.56 -46.97
C GLY H 311 -36.77 34.63 -47.80
N MET H 312 -37.83 33.98 -47.35
CA MET H 312 -39.09 33.95 -48.08
C MET H 312 -40.22 34.37 -47.19
N LYS H 313 -41.38 34.54 -47.82
CA LYS H 313 -42.63 34.84 -47.12
C LYS H 313 -43.63 33.79 -47.54
N ILE H 314 -44.63 33.55 -46.69
CA ILE H 314 -45.52 32.42 -46.88
C ILE H 314 -46.09 32.45 -48.29
N GLY H 315 -46.24 33.65 -48.84
CA GLY H 315 -46.68 33.83 -50.20
C GLY H 315 -45.83 33.11 -51.22
N ASP H 316 -44.56 32.90 -50.92
CA ASP H 316 -43.68 32.27 -51.89
C ASP H 316 -43.89 30.77 -51.99
N ILE H 317 -44.51 30.18 -50.97
CA ILE H 317 -44.72 28.72 -50.92
C ILE H 317 -45.90 28.34 -51.78
N ASP H 318 -45.69 27.35 -52.64
CA ASP H 318 -46.74 26.84 -53.53
C ASP H 318 -47.66 25.81 -52.83
N ILE H 319 -47.09 25.02 -51.92
CA ILE H 319 -47.74 23.88 -51.31
C ILE H 319 -47.28 23.79 -49.87
N VAL H 320 -48.26 23.72 -48.95
CA VAL H 320 -47.97 23.50 -47.55
C VAL H 320 -48.46 22.14 -47.13
N GLU H 321 -47.67 21.49 -46.27
CA GLU H 321 -48.12 20.33 -45.54
C GLU H 321 -47.88 20.62 -44.07
N ILE H 322 -48.95 20.89 -43.34
CA ILE H 322 -48.88 21.13 -41.91
C ILE H 322 -49.69 20.07 -41.25
N ASN H 323 -49.08 19.28 -40.39
CA ASN H 323 -49.71 18.04 -39.96
C ASN H 323 -50.93 18.26 -39.09
N GLU H 324 -51.99 17.53 -39.39
CA GLU H 324 -53.30 17.76 -38.78
C GLU H 324 -53.45 16.87 -37.55
N ALA H 325 -52.56 17.07 -36.58
CA ALA H 325 -52.70 16.40 -35.29
C ALA H 325 -54.09 16.76 -34.75
N PHE H 326 -54.40 18.03 -34.82
CA PHE H 326 -55.67 18.49 -34.37
C PHE H 326 -56.04 19.69 -35.26
N ALA H 327 -57.30 19.74 -35.69
CA ALA H 327 -57.77 20.82 -36.50
C ALA H 327 -57.31 22.20 -36.01
N SER H 328 -57.38 22.44 -34.69
CA SER H 328 -57.04 23.75 -34.13
C SER H 328 -55.56 24.08 -34.31
N VAL H 329 -54.72 23.07 -34.40
CA VAL H 329 -53.32 23.31 -34.66
C VAL H 329 -53.14 23.97 -36.04
N VAL H 330 -53.78 23.41 -37.07
CA VAL H 330 -53.64 23.96 -38.40
C VAL H 330 -54.29 25.33 -38.49
N LEU H 331 -55.46 25.49 -37.87
CA LEU H 331 -56.19 26.75 -37.90
C LEU H 331 -55.45 27.85 -37.13
N SER H 332 -54.90 27.52 -35.96
CA SER H 332 -54.09 28.49 -35.23
C SER H 332 -52.94 29.01 -36.11
N TRP H 333 -52.23 28.08 -36.74
CA TRP H 333 -51.14 28.40 -37.66
C TRP H 333 -51.61 29.32 -38.77
N ALA H 334 -52.68 28.91 -39.45
CA ALA H 334 -53.26 29.72 -40.54
C ALA H 334 -53.68 31.11 -40.09
N ARG H 335 -54.26 31.22 -38.89
CA ARG H 335 -54.65 32.50 -38.34
C ARG H 335 -53.44 33.39 -38.15
N VAL H 336 -52.32 32.82 -37.74
CA VAL H 336 -51.11 33.60 -37.52
C VAL H 336 -50.38 33.93 -38.80
N HIS H 337 -50.21 32.94 -39.66
CA HIS H 337 -49.42 33.10 -40.89
C HIS H 337 -50.24 33.46 -42.15
N GLU H 338 -51.55 33.39 -42.05
CA GLU H 338 -52.44 33.82 -43.14
C GLU H 338 -51.99 33.37 -44.53
N PRO H 339 -51.95 32.04 -44.74
CA PRO H 339 -51.58 31.44 -46.02
C PRO H 339 -52.80 31.33 -46.89
N ASP H 340 -52.65 30.81 -48.09
CA ASP H 340 -53.81 30.51 -48.95
C ASP H 340 -54.18 29.06 -48.72
N MET H 341 -55.33 28.84 -48.04
CA MET H 341 -55.73 27.48 -47.66
C MET H 341 -56.09 26.57 -48.83
N ASP H 342 -56.18 27.12 -50.04
CA ASP H 342 -56.21 26.27 -51.22
C ASP H 342 -54.86 25.58 -51.49
N ARG H 343 -53.79 26.12 -50.90
CA ARG H 343 -52.46 25.56 -51.03
C ARG H 343 -52.05 24.74 -49.81
N VAL H 344 -52.96 24.58 -48.85
CA VAL H 344 -52.65 23.95 -47.58
C VAL H 344 -53.30 22.57 -47.49
N ASN H 345 -52.49 21.52 -47.25
CA ASN H 345 -52.97 20.12 -47.27
C ASN H 345 -53.92 19.86 -48.45
N VAL H 346 -53.44 20.15 -49.65
CA VAL H 346 -54.25 20.06 -50.86
C VAL H 346 -54.72 18.62 -51.17
N ASN H 347 -54.02 17.61 -50.65
CA ASN H 347 -54.40 16.22 -50.88
C ASN H 347 -55.00 15.55 -49.63
N GLY H 348 -55.58 16.35 -48.73
CA GLY H 348 -56.04 15.82 -47.46
C GLY H 348 -54.91 15.72 -46.45
N GLY H 349 -55.25 15.69 -45.16
CA GLY H 349 -54.27 15.48 -44.15
C GLY H 349 -54.56 14.30 -43.20
N ALA H 350 -53.75 14.21 -42.17
CA ALA H 350 -53.80 13.15 -41.22
C ALA H 350 -55.19 12.93 -40.62
N ILE H 351 -56.02 13.96 -40.48
CA ILE H 351 -57.40 13.72 -40.02
C ILE H 351 -58.10 12.59 -40.81
N ALA H 352 -57.89 12.55 -42.12
CA ALA H 352 -58.48 11.55 -43.00
C ALA H 352 -57.51 10.46 -43.42
N LEU H 353 -56.25 10.80 -43.61
CA LEU H 353 -55.25 9.81 -44.03
C LEU H 353 -54.50 9.15 -42.87
N GLY H 354 -54.77 9.58 -41.64
CA GLY H 354 -54.21 8.95 -40.44
C GLY H 354 -52.84 9.46 -40.15
N HIS H 355 -52.26 9.04 -39.04
CA HIS H 355 -51.02 9.65 -38.57
C HIS H 355 -50.09 8.70 -37.81
N PRO H 356 -49.45 7.76 -38.51
CA PRO H 356 -48.40 6.95 -37.86
C PRO H 356 -47.23 7.86 -37.51
N VAL H 357 -47.08 8.07 -36.21
CA VAL H 357 -46.39 9.22 -35.65
C VAL H 357 -44.96 9.29 -36.13
N GLY H 358 -44.21 8.23 -35.96
CA GLY H 358 -42.84 8.21 -36.41
C GLY H 358 -42.67 8.33 -37.91
N CYS H 359 -43.71 8.00 -38.67
CA CYS H 359 -43.67 7.92 -40.14
C CYS H 359 -44.03 9.25 -40.82
N THR H 360 -45.06 9.92 -40.30
CA THR H 360 -45.66 11.09 -40.95
C THR H 360 -44.67 12.09 -41.52
N GLY H 361 -43.67 12.45 -40.72
CA GLY H 361 -42.68 13.41 -41.16
C GLY H 361 -42.05 13.06 -42.49
N SER H 362 -41.69 11.78 -42.66
CA SER H 362 -41.17 11.38 -43.95
C SER H 362 -42.28 11.25 -44.97
N ARG H 363 -43.48 10.94 -44.49
CA ARG H 363 -44.63 10.87 -45.39
C ARG H 363 -44.93 12.27 -45.98
N LEU H 364 -44.96 13.29 -45.12
CA LEU H 364 -45.30 14.64 -45.56
C LEU H 364 -44.33 15.10 -46.62
N ILE H 365 -43.05 14.98 -46.34
CA ILE H 365 -42.07 15.37 -47.36
C ILE H 365 -42.42 14.62 -48.63
N THR H 366 -42.67 13.30 -48.54
CA THR H 366 -42.94 12.50 -49.74
C THR H 366 -44.14 13.07 -50.48
N THR H 367 -45.26 13.16 -49.76
CA THR H 367 -46.47 13.72 -50.34
C THR H 367 -46.17 15.08 -51.02
N ALA H 368 -45.48 15.97 -50.33
CA ALA H 368 -45.24 17.29 -50.86
C ALA H 368 -44.50 17.24 -52.19
N LEU H 369 -43.33 16.57 -52.19
CA LEU H 369 -42.48 16.50 -53.38
C LEU H 369 -43.33 16.07 -54.59
N HIS H 370 -44.12 15.02 -54.38
CA HIS H 370 -44.94 14.50 -55.46
C HIS H 370 -45.98 15.51 -55.95
N GLU H 371 -46.55 16.29 -55.04
CA GLU H 371 -47.55 17.27 -55.43
C GLU H 371 -46.88 18.39 -56.22
N LEU H 372 -45.71 18.84 -55.77
CA LEU H 372 -44.95 19.84 -56.52
C LEU H 372 -44.72 19.33 -57.90
N GLU H 373 -44.39 18.06 -58.01
CA GLU H 373 -44.12 17.47 -59.32
C GLU H 373 -45.37 17.35 -60.14
N ARG H 374 -46.48 16.96 -59.52
CA ARG H 374 -47.73 16.82 -60.29
C ARG H 374 -48.16 18.15 -60.88
N THR H 375 -48.07 19.20 -60.08
CA THR H 375 -48.59 20.51 -60.43
C THR H 375 -47.52 21.37 -61.08
N ASP H 376 -46.35 20.79 -61.24
CA ASP H 376 -45.22 21.49 -61.81
C ASP H 376 -44.96 22.81 -61.11
N GLN H 377 -45.02 22.79 -59.79
CA GLN H 377 -44.72 23.96 -58.96
C GLN H 377 -43.38 23.76 -58.23
N SER H 378 -42.95 24.73 -57.42
CA SER H 378 -41.56 24.80 -56.96
C SER H 378 -41.31 24.66 -55.49
N LEU H 379 -41.87 25.55 -54.69
CA LEU H 379 -41.57 25.55 -53.26
C LEU H 379 -42.65 24.86 -52.47
N ALA H 380 -42.24 24.05 -51.50
CA ALA H 380 -43.19 23.46 -50.53
C ALA H 380 -42.68 23.64 -49.10
N LEU H 381 -43.63 23.84 -48.18
CA LEU H 381 -43.32 23.94 -46.75
C LEU H 381 -43.92 22.76 -46.04
N ILE H 382 -43.14 22.13 -45.18
CA ILE H 382 -43.65 21.06 -44.32
C ILE H 382 -43.37 21.45 -42.89
N THR H 383 -44.37 21.37 -42.03
CA THR H 383 -44.22 21.79 -40.64
C THR H 383 -45.10 20.93 -39.77
N MET H 384 -44.63 20.61 -38.56
CA MET H 384 -45.37 19.74 -37.63
C MET H 384 -45.22 20.19 -36.19
N CYS H 385 -46.30 20.15 -35.43
CA CYS H 385 -46.23 20.24 -33.98
C CYS H 385 -45.81 18.91 -33.43
N ALA H 386 -45.25 18.91 -32.23
CA ALA H 386 -44.78 17.68 -31.62
C ALA H 386 -44.72 17.72 -30.09
N GLY H 387 -44.94 16.55 -29.50
CA GLY H 387 -44.86 16.42 -28.06
C GLY H 387 -43.56 17.00 -27.49
N GLY H 388 -43.61 17.42 -26.23
CA GLY H 388 -42.50 18.12 -25.60
C GLY H 388 -42.36 19.55 -26.07
N ALA H 389 -43.38 20.04 -26.78
CA ALA H 389 -43.41 21.40 -27.31
C ALA H 389 -42.23 21.65 -28.23
N LEU H 390 -42.26 20.96 -29.37
CA LEU H 390 -41.26 21.09 -30.42
C LEU H 390 -41.95 21.08 -31.76
N SER H 391 -41.38 21.81 -32.72
CA SER H 391 -41.92 21.74 -34.06
C SER H 391 -40.79 21.65 -35.02
N THR H 392 -40.98 20.79 -36.03
CA THR H 392 -40.09 20.68 -37.17
C THR H 392 -40.61 21.55 -38.31
N GLY H 393 -39.69 21.91 -39.21
CA GLY H 393 -40.03 22.74 -40.35
C GLY H 393 -39.07 22.52 -41.49
N THR H 394 -39.57 22.48 -42.72
CA THR H 394 -38.71 22.35 -43.87
C THR H 394 -39.35 23.15 -44.96
N ILE H 395 -38.50 23.77 -45.80
CA ILE H 395 -38.89 24.28 -47.08
C ILE H 395 -38.05 23.54 -48.08
N ILE H 396 -38.69 22.71 -48.92
CA ILE H 396 -38.01 21.99 -50.01
C ILE H 396 -38.33 22.72 -51.31
N GLU H 397 -37.53 22.43 -52.32
CA GLU H 397 -37.61 23.14 -53.60
C GLU H 397 -37.34 22.15 -54.73
N ARG H 398 -38.16 22.16 -55.76
CA ARG H 398 -37.90 21.23 -56.86
C ARG H 398 -36.69 21.65 -57.66
N ILE H 399 -36.01 20.67 -58.24
CA ILE H 399 -34.79 20.90 -59.00
C ILE H 399 -35.08 20.68 -60.48
N1A COA I . 30.11 5.13 -9.68
C2A COA I . 31.01 4.70 -10.58
N3A COA I . 31.07 3.42 -10.97
C4A COA I . 30.23 2.48 -10.46
C5A COA I . 29.23 2.88 -9.47
C6A COA I . 29.20 4.32 -9.08
N6A COA I . 28.32 4.80 -8.19
N7A COA I . 28.54 1.75 -9.16
C8A COA I . 29.07 0.73 -9.89
N9A COA I . 30.09 1.17 -10.66
C1B COA I . 30.94 0.44 -11.63
C2B COA I . 32.40 0.23 -11.24
O2B COA I . 33.14 1.45 -11.39
C3B COA I . 32.84 -0.88 -12.16
O3B COA I . 33.80 -0.48 -13.14
P3B COA I . 35.36 -0.19 -12.82
O7A COA I . 35.42 0.08 -11.34
O8A COA I . 35.65 1.02 -13.69
O9A COA I . 36.08 -1.44 -13.28
C4B COA I . 31.56 -1.30 -12.87
O4B COA I . 30.50 -0.87 -12.01
C5B COA I . 31.48 -2.77 -13.22
O5B COA I . 32.77 -3.37 -13.35
P1A COA I . 33.05 -4.80 -12.66
O1A COA I . 32.68 -4.68 -11.19
O2A COA I . 34.44 -5.26 -13.05
O3A COA I . 31.98 -5.74 -13.41
P2A COA I . 32.32 -6.28 -14.89
O4A COA I . 33.30 -7.43 -14.75
O5A COA I . 32.69 -5.08 -15.73
O6A COA I . 30.93 -6.85 -15.45
CBP COA I . 29.15 -8.54 -15.27
CCP COA I . 29.97 -7.44 -14.58
CDP COA I . 27.87 -7.93 -15.85
CEP COA I . 29.93 -9.21 -16.38
CAP COA I . 28.81 -9.55 -14.15
OAP COA I . 28.05 -8.84 -13.16
C9P COA I . 28.05 -10.76 -14.62
O9P COA I . 28.53 -11.44 -15.50
N8P COA I . 26.89 -11.02 -14.01
C7P COA I . 26.01 -12.12 -14.37
C6P COA I . 26.71 -13.41 -14.83
C5P COA I . 25.74 -14.55 -15.04
O5P COA I . 25.55 -14.94 -16.20
N4P COA I . 25.20 -15.08 -13.93
C3P COA I . 24.32 -16.25 -13.93
C2P COA I . 25.05 -17.49 -13.45
S1P COA I . 24.37 -19.01 -14.17
N1A COA J . 14.98 11.88 -6.25
C2A COA J . 15.78 12.90 -6.62
N3A COA J . 15.64 14.14 -6.13
C4A COA J . 14.67 14.44 -5.22
C5A COA J . 13.77 13.39 -4.76
C6A COA J . 13.97 12.03 -5.35
N6A COA J . 13.21 10.98 -5.01
N7A COA J . 12.93 13.98 -3.88
C8A COA J . 13.28 15.29 -3.78
N9A COA J . 14.31 15.57 -4.60
C1B COA J . 15.05 16.85 -4.82
C2B COA J . 14.87 17.53 -6.16
O2B COA J . 15.62 16.87 -7.19
C3B COA J . 15.35 18.94 -5.90
O3B COA J . 16.54 19.28 -6.58
P3B COA J . 16.63 19.60 -8.17
O7A COA J . 15.39 18.98 -8.77
O8A COA J . 17.92 18.92 -8.55
O9A COA J . 16.67 21.11 -8.26
C4B COA J . 15.62 18.95 -4.40
O4B COA J . 14.81 17.89 -3.88
C5B COA J . 15.36 20.28 -3.71
O5B COA J . 15.46 21.38 -4.62
P1A COA J . 14.32 22.52 -4.59
O1A COA J . 12.97 21.86 -4.75
O2A COA J . 14.73 23.61 -5.55
O3A COA J . 14.41 23.12 -3.10
P2A COA J . 15.60 24.15 -2.79
O4A COA J . 15.19 25.52 -3.29
O5A COA J . 16.90 23.52 -3.27
O6A COA J . 15.66 24.22 -1.18
CBP COA J . 14.58 24.84 0.94
CCP COA J . 14.51 24.05 -0.38
CDP COA J . 15.14 23.94 2.04
CEP COA J . 15.47 26.07 0.80
CAP COA J . 13.12 25.22 1.24
OAP COA J . 12.37 24.02 1.40
C9P COA J . 12.92 26.07 2.45
O9P COA J . 13.50 27.12 2.54
N8P COA J . 12.08 25.62 3.39
C7P COA J . 11.85 26.29 4.66
C6P COA J . 11.90 27.82 4.62
C5P COA J . 11.50 28.42 5.95
O5P COA J . 12.37 28.98 6.62
N4P COA J . 10.19 28.34 6.28
C3P COA J . 9.60 28.97 7.45
C2P COA J . 8.80 30.24 7.11
S1P COA J . 8.84 31.51 8.44
N1A COA K . 3.28 79.65 13.37
C2A COA K . 4.15 79.32 12.39
N3A COA K . 4.25 78.06 11.91
C4A COA K . 3.47 77.06 12.40
C5A COA K . 2.49 77.34 13.46
C6A COA K . 2.44 78.75 13.95
N6A COA K . 1.59 79.14 14.92
N7A COA K . 1.88 76.18 13.73
C8A COA K . 2.42 75.23 12.91
N9A COA K . 3.38 75.76 12.12
C1B COA K . 4.20 75.14 11.04
C2B COA K . 5.68 74.97 11.35
O2B COA K . 6.37 76.22 11.23
C3B COA K . 6.12 73.93 10.33
O3B COA K . 7.01 74.43 9.33
P3B COA K . 8.56 74.77 9.60
O7A COA K . 8.68 74.95 11.10
O8A COA K . 8.74 76.05 8.81
O9A COA K . 9.31 73.59 9.04
C4B COA K . 4.82 73.51 9.66
O4B COA K . 3.80 73.84 10.61
C5B COA K . 4.78 72.05 9.22
O5B COA K . 6.08 71.56 8.94
P1A COA K . 6.44 70.10 9.53
O1A COA K . 6.13 70.09 11.01
O2A COA K . 7.83 69.74 9.04
O3A COA K . 5.38 69.16 8.78
P2A COA K . 5.67 68.70 7.26
O4A COA K . 6.69 67.58 7.29
O5A COA K . 5.97 69.98 6.50
O6A COA K . 4.27 68.09 6.73
CBP COA K . 2.56 66.34 6.91
CCP COA K . 3.38 67.42 7.61
CDP COA K . 1.23 66.92 6.43
CEP COA K . 3.33 65.78 5.71
CAP COA K . 2.31 65.25 7.97
OAP COA K . 1.56 65.85 9.03
C9P COA K . 1.59 64.02 7.48
O9P COA K . 2.04 63.40 6.55
N8P COA K . 0.48 63.67 8.12
C7P COA K . -0.36 62.55 7.74
C6P COA K . 0.35 61.35 7.13
C5P COA K . -0.60 60.20 6.88
O5P COA K . -0.87 59.89 5.71
N4P COA K . -1.06 59.57 7.98
C3P COA K . -1.89 58.36 7.94
C2P COA K . -1.08 57.12 8.28
S1P COA K . -1.72 55.66 7.41
N1A COA L . 40.02 -64.08 -24.31
C2A COA L . 40.89 -63.12 -24.71
N3A COA L . 40.77 -61.84 -24.29
C4A COA L . 39.77 -61.45 -23.46
C5A COA L . 38.80 -62.45 -22.98
C6A COA L . 38.99 -63.84 -23.48
N6A COA L . 38.17 -64.86 -23.11
N7A COA L . 37.95 -61.77 -22.18
C8A COA L . 38.34 -60.47 -22.14
N9A COA L . 39.42 -60.28 -22.92
C1B COA L . 40.23 -59.04 -23.17
C2B COA L . 40.14 -58.45 -24.57
O2B COA L . 40.91 -59.20 -25.53
C3B COA L . 40.65 -57.03 -24.37
O3B COA L . 41.90 -56.76 -25.01
P3B COA L . 42.07 -56.58 -26.61
O7A COA L . 40.85 -57.21 -27.21
O8A COA L . 43.38 -57.30 -26.91
O9A COA L . 42.16 -55.08 -26.78
C4B COA L . 40.84 -56.94 -22.85
O4B COA L . 39.97 -57.94 -22.31
C5B COA L . 40.62 -55.56 -22.27
O5B COA L . 40.82 -54.54 -23.23
P1A COA L . 39.73 -53.35 -23.31
O1A COA L . 38.35 -53.96 -23.46
O2A COA L . 40.22 -52.28 -24.28
O3A COA L . 39.83 -52.71 -21.86
P2A COA L . 41.01 -51.67 -21.57
O4A COA L . 40.70 -50.35 -22.26
O5A COA L . 42.30 -52.37 -21.93
O6A COA L . 40.98 -51.53 -19.95
CBP COA L . 39.77 -50.71 -17.93
CCP COA L . 39.76 -51.58 -19.20
CDP COA L . 40.23 -51.55 -16.75
CEP COA L . 40.72 -49.52 -18.09
CAP COA L . 38.32 -50.25 -17.74
OAP COA L . 37.52 -51.42 -17.55
C9P COA L . 38.08 -49.33 -16.58
O9P COA L . 38.71 -48.30 -16.54
N8P COA L . 37.19 -49.68 -15.67
C7P COA L . 36.89 -48.92 -14.45
C6P COA L . 37.01 -47.41 -14.59
C5P COA L . 36.57 -46.71 -13.31
O5P COA L . 37.43 -46.15 -12.63
N4P COA L . 35.26 -46.73 -13.06
C3P COA L . 34.62 -46.00 -11.95
C2P COA L . 33.89 -44.74 -12.43
S1P COA L . 33.93 -43.43 -11.17
N1A COA M . 17.03 1.12 27.21
C2A COA M . 16.93 0.47 28.38
N3A COA M . 18.00 0.26 29.17
C4A COA M . 19.24 0.71 28.84
C5A COA M . 19.43 1.45 27.58
C6A COA M . 18.19 1.64 26.75
N6A COA M . 18.24 2.31 25.57
N7A COA M . 20.73 1.77 27.52
C8A COA M . 21.33 1.30 28.64
N9A COA M . 20.43 0.64 29.42
C1B COA M . 20.61 -0.02 30.75
C2B COA M . 20.50 -1.54 30.77
O2B COA M . 19.14 -1.95 30.68
C3B COA M . 21.16 -1.90 32.08
O3B COA M . 20.26 -2.44 33.06
P3B COA M . 19.64 -3.93 33.00
O7A COA M . 19.78 -4.36 31.56
O8A COA M . 18.22 -3.70 33.46
O9A COA M . 20.49 -4.72 33.97
C4B COA M . 21.71 -0.57 32.60
O4B COA M . 21.84 0.25 31.43
C5B COA M . 22.99 -0.69 33.40
O5B COA M . 23.12 -1.98 33.99
P1A COA M . 24.52 -2.73 33.87
O1A COA M . 24.90 -2.77 32.41
O2A COA M . 24.47 -4.01 34.68
O3A COA M . 25.52 -1.72 34.66
P2A COA M . 25.57 -1.73 36.28
O4A COA M . 26.38 -2.90 36.78
O5A COA M . 24.12 -1.58 36.73
O6A COA M . 26.34 -0.35 36.68
CBP COA M . 28.41 0.97 36.68
CCP COA M . 27.37 0.22 35.86
CDP COA M . 28.05 2.45 36.74
CEP COA M . 28.51 0.43 38.11
CAP COA M . 29.74 0.79 35.92
OAP COA M . 29.55 1.36 34.61
C9P COA M . 30.95 1.41 36.58
O9P COA M . 31.23 1.12 37.72
N8P COA M . 31.67 2.26 35.86
C7P COA M . 32.83 2.97 36.36
C6P COA M . 33.68 2.21 37.38
C5P COA M . 34.91 3.00 37.75
O5P COA M . 34.98 3.45 38.90
N4P COA M . 35.87 3.07 36.78
C3P COA M . 37.20 3.63 36.99
C2P COA M . 38.30 2.57 37.16
S1P COA M . 39.65 3.06 38.32
C1 GOL N . 28.24 -3.74 12.03
O1 GOL N . 28.68 -4.95 11.49
C2 GOL N . 28.13 -3.59 13.54
O2 GOL N . 27.53 -4.68 14.18
C3 GOL N . 27.69 -2.21 14.08
O3 GOL N . 26.36 -1.90 14.45
N1A COA O . -10.25 -9.52 -6.74
C2A COA O . -11.44 -10.09 -6.45
N3A COA O . -12.56 -9.83 -7.16
C4A COA O . -12.53 -8.98 -8.23
C5A COA O . -11.27 -8.33 -8.61
C6A COA O . -10.07 -8.67 -7.78
N6A COA O . -8.85 -8.14 -8.02
N7A COA O . -11.56 -7.57 -9.69
C8A COA O . -12.89 -7.72 -9.97
N9A COA O . -13.46 -8.55 -9.08
C1B COA O . -14.87 -9.04 -8.99
C2B COA O . -15.69 -8.53 -7.82
O2B COA O . -15.33 -9.21 -6.61
C3B COA O . -17.12 -8.81 -8.26
O3B COA O . -17.77 -9.80 -7.49
P3B COA O . -18.32 -9.57 -5.99
O7A COA O . -17.57 -8.38 -5.46
O8A COA O . -17.97 -10.88 -5.32
O9A COA O . -19.81 -9.36 -6.17
C4B COA O . -16.96 -9.31 -9.69
O4B COA O . -15.70 -8.78 -10.12
C5B COA O . -18.11 -8.95 -10.61
O5B COA O . -19.33 -8.75 -9.89
P1A COA O . -20.23 -7.47 -10.24
O1A COA O . -19.37 -6.21 -10.17
O2A COA O . -21.51 -7.56 -9.45
O3A COA O . -20.61 -7.74 -11.79
P2A COA O . -21.81 -8.75 -12.15
O4A COA O . -23.14 -8.04 -11.95
O5A COA O . -21.47 -10.02 -11.39
O6A COA O . -21.63 -9.05 -13.73
CBP COA O . -21.71 -8.20 -16.05
CCP COA O . -21.13 -8.07 -14.63
CDP COA O . -20.77 -9.05 -16.89
CEP COA O . -23.09 -8.85 -16.01
CAP COA O . -21.78 -6.77 -16.60
OAP COA O . -20.44 -6.25 -16.64
C9P COA O . -22.36 -6.64 -17.97
O9P COA O . -23.47 -7.06 -18.17
N8P COA O . -21.65 -6.05 -18.92
C7P COA O . -22.07 -5.91 -20.31
C6P COA O . -23.57 -5.71 -20.53
C5P COA O . -23.87 -5.42 -21.99
O5P COA O . -24.46 -6.25 -22.66
N4P COA O . -23.51 -4.20 -22.45
C3P COA O . -23.85 -3.72 -23.78
C2P COA O . -24.97 -2.68 -23.75
S1P COA O . -26.02 -2.73 -25.27
N1A COA P . -43.30 -33.49 30.38
C2A COA P . -43.40 -33.86 31.69
N3A COA P . -42.31 -34.07 32.46
C4A COA P . -41.06 -33.92 31.97
C5A COA P . -40.86 -33.52 30.57
C6A COA P . -42.11 -33.30 29.77
N6A COA P . -42.07 -32.94 28.47
N7A COA P . -39.54 -33.45 30.38
C8A COA P . -38.92 -33.77 31.55
N9A COA P . -39.84 -34.06 32.49
C1B COA P . -39.66 -34.44 33.93
C2B COA P . -40.00 -35.88 34.29
O2B COA P . -41.42 -36.06 34.36
C3B COA P . -39.30 -36.06 35.63
O3B COA P . -40.18 -36.21 36.74
P3B COA P . -41.03 -37.54 37.06
O7A COA P . -41.08 -38.31 35.75
O8A COA P . -42.37 -36.98 37.51
O9A COA P . -40.25 -38.24 38.15
C4B COA P . -38.51 -34.77 35.80
O4B COA P . -38.36 -34.24 34.48
C5B COA P . -37.19 -34.93 36.53
O5B COA P . -37.21 -36.05 37.40
P1A COA P . -35.95 -37.03 37.41
O1A COA P . -35.67 -37.47 35.99
O2A COA P . -36.16 -38.06 38.49
O3A COA P . -34.78 -36.03 37.88
P2A COA P . -34.61 -35.70 39.44
O4A COA P . -33.93 -36.88 40.11
O5A COA P . -35.96 -35.20 39.92
O6A COA P . -33.60 -34.45 39.50
CBP COA P . -31.32 -33.58 39.11
CCP COA P . -32.55 -34.29 38.54
CDP COA P . -31.44 -32.09 38.84
CEP COA P . -31.21 -33.80 40.62
CAP COA P . -30.13 -34.15 38.37
OAP COA P . -30.34 -33.82 37.00
C9P COA P . -28.78 -33.65 38.80
O9P COA P . -28.44 -33.77 39.96
N8P COA P . -28.00 -33.09 37.89
C7P COA P . -26.70 -32.50 38.17
C6P COA P . -25.89 -33.18 39.28
C5P COA P . -24.50 -32.59 39.40
O5P COA P . -24.25 -31.90 40.39
N4P COA P . -23.63 -32.88 38.41
C3P COA P . -22.24 -32.48 38.41
C2P COA P . -21.33 -33.66 38.73
S1P COA P . -19.81 -33.13 39.59
C1 GOL Q . -37.20 -49.51 30.03
O1 GOL Q . -36.98 -50.57 29.14
C2 GOL Q . -37.57 -48.14 29.47
O2 GOL Q . -37.44 -48.03 28.09
C3 GOL Q . -37.09 -46.93 30.29
O3 GOL Q . -36.06 -46.10 29.83
C1 GOL R . -30.99 -18.39 43.13
O1 GOL R . -30.62 -17.34 43.97
C2 GOL R . -32.26 -19.08 43.50
O2 GOL R . -33.32 -18.18 43.54
C3 GOL R . -32.14 -19.94 44.75
O3 GOL R . -30.92 -20.07 45.39
N1A COA S . -71.04 9.80 -39.47
C2A COA S . -71.03 9.05 -38.34
N3A COA S . -69.89 8.83 -37.63
C4A COA S . -68.71 9.36 -38.02
C5A COA S . -68.63 10.17 -39.25
C6A COA S . -69.91 10.37 -39.97
N6A COA S . -69.97 11.12 -41.11
N7A COA S . -67.35 10.54 -39.37
C8A COA S . -66.65 10.01 -38.33
N9A COA S . -67.47 9.28 -37.54
C1B COA S . -67.17 8.54 -36.27
C2B COA S . -67.24 7.01 -36.35
O2B COA S . -68.61 6.57 -36.35
C3B COA S . -66.47 6.58 -35.13
O3B COA S . -67.28 5.94 -34.13
P3B COA S . -67.85 4.44 -34.25
O7A COA S . -67.81 4.12 -35.72
O8A COA S . -69.25 4.60 -33.69
O9A COA S . -66.93 3.61 -33.39
C4B COA S . -65.92 7.88 -34.56
O4B COA S . -65.90 8.78 -35.66
C5B COA S . -64.57 7.75 -33.88
O5B COA S . -64.33 6.43 -33.40
P1A COA S . -62.89 5.74 -33.64
O1A COA S . -62.57 5.80 -35.11
O2A COA S . -62.87 4.40 -32.92
O3A COA S . -61.91 6.75 -32.85
P2A COA S . -61.77 6.64 -31.25
O4A COA S . -60.88 5.45 -30.93
O5A COA S . -63.17 6.70 -30.68
O6A COA S . -61.02 8.00 -30.81
CBP COA S . -58.96 9.34 -30.88
CCP COA S . -60.06 8.61 -31.67
CDP COA S . -59.36 10.80 -30.69
CEP COA S . -58.75 8.71 -29.51
CAP COA S . -57.71 9.25 -31.77
OAP COA S . -58.00 9.89 -33.02
C9P COA S . -56.45 9.84 -31.15
O9P COA S . -56.07 9.45 -30.07
N8P COA S . -55.80 10.77 -31.87
C7P COA S . -54.63 11.48 -31.39
C6P COA S . -53.68 10.66 -30.49
C5P COA S . -52.43 11.44 -30.15
O5P COA S . -52.27 11.82 -29.00
N4P COA S . -51.56 11.61 -31.16
C3P COA S . -50.24 12.22 -31.00
C2P COA S . -49.11 11.17 -31.01
S1P COA S . -47.67 11.60 -29.98
C1 GOL T . -30.45 22.86 -58.16
O1 GOL T . -29.56 21.84 -57.78
C2 GOL T . -31.43 23.44 -57.16
O2 GOL T . -32.77 23.42 -57.52
C3 GOL T . -31.02 24.76 -56.54
O3 GOL T . -31.84 25.84 -56.77
#